data_7KAA
#
_entry.id   7KAA
#
loop_
_entity.id
_entity.type
_entity.pdbx_description
1 polymer 'Troponin C, skeletal muscle,Troponin I, fast skeletal muscle chimera'
2 non-polymer 'CALCIUM ION'
3 non-polymer 6-ethynyl-1-(pentan-3-yl)-1H-imidazo[4,5-b]pyrazin-2-ol
#
_entity_poly.entity_id   1
_entity_poly.type   'polypeptide(L)'
_entity_poly.pdbx_seq_one_letter_code
;MASMTDQQAEARSYLSEEMIAEFKAAFDMFDADGGGDISVKELGTVMRMLGQTPTKEELDAIIEEVDEDGSGTIDFEEFL
VMMVRQMKEDAGGAGGKLFDLRGKFKRPPLRRVRMSADAMLKALLGSKHKVCMDLRANLKQVKKEDHHHHHH
;
_entity_poly.pdbx_strand_id   A
#
# COMPACT_ATOMS: atom_id res chain seq x y z
N MET A 1 -15.49 -3.67 16.05
CA MET A 1 -15.56 -3.10 14.70
C MET A 1 -16.28 -1.75 14.70
N ALA A 2 -16.92 -1.40 15.82
CA ALA A 2 -17.64 -0.14 15.92
C ALA A 2 -16.71 0.98 16.38
N SER A 3 -15.86 0.68 17.35
CA SER A 3 -14.93 1.67 17.88
C SER A 3 -13.72 1.81 16.96
N MET A 4 -13.88 2.59 15.90
CA MET A 4 -12.82 2.80 14.93
C MET A 4 -11.67 3.59 15.52
N THR A 5 -10.62 2.88 15.90
CA THR A 5 -9.45 3.48 16.50
C THR A 5 -8.18 2.90 15.90
N ASP A 6 -8.36 2.13 14.85
CA ASP A 6 -7.28 1.44 14.18
C ASP A 6 -6.94 2.08 12.84
N GLN A 7 -5.91 1.56 12.19
CA GLN A 7 -5.46 2.09 10.90
C GLN A 7 -6.29 1.50 9.74
N GLN A 8 -6.89 0.35 9.97
CA GLN A 8 -7.69 -0.32 8.93
C GLN A 8 -8.93 0.49 8.62
N ALA A 9 -9.60 0.95 9.68
CA ALA A 9 -10.79 1.77 9.55
C ALA A 9 -10.50 3.01 8.71
N GLU A 10 -9.32 3.59 8.91
CA GLU A 10 -8.89 4.75 8.16
C GLU A 10 -8.77 4.38 6.68
N ALA A 11 -8.11 3.26 6.41
CA ALA A 11 -7.91 2.78 5.04
C ALA A 11 -9.25 2.60 4.33
N ARG A 12 -10.17 1.96 5.03
CA ARG A 12 -11.51 1.71 4.51
C ARG A 12 -12.25 3.03 4.22
N SER A 13 -11.96 4.05 5.00
CA SER A 13 -12.63 5.33 4.87
C SER A 13 -11.93 6.25 3.87
N TYR A 14 -10.70 5.93 3.48
CA TYR A 14 -9.96 6.76 2.54
C TYR A 14 -10.21 6.33 1.11
N LEU A 15 -10.99 5.28 0.94
CA LEU A 15 -11.25 4.74 -0.37
C LEU A 15 -12.67 5.03 -0.82
N SER A 16 -13.04 4.45 -1.96
CA SER A 16 -14.35 4.62 -2.52
C SER A 16 -14.95 3.26 -2.85
N GLU A 17 -16.27 3.19 -2.88
CA GLU A 17 -17.00 1.93 -3.06
C GLU A 17 -16.57 1.12 -4.29
N GLU A 18 -16.56 1.75 -5.47
CA GLU A 18 -16.22 1.04 -6.71
C GLU A 18 -14.76 0.60 -6.70
N MET A 19 -13.90 1.43 -6.13
CA MET A 19 -12.48 1.13 -6.04
C MET A 19 -12.25 -0.09 -5.15
N ILE A 20 -12.98 -0.16 -4.05
CA ILE A 20 -12.89 -1.31 -3.16
C ILE A 20 -13.37 -2.59 -3.88
N ALA A 21 -14.34 -2.43 -4.77
CA ALA A 21 -14.86 -3.55 -5.55
C ALA A 21 -13.78 -4.11 -6.49
N GLU A 22 -12.86 -3.25 -6.88
CA GLU A 22 -11.77 -3.65 -7.75
C GLU A 22 -10.68 -4.34 -6.92
N PHE A 23 -10.47 -3.81 -5.71
CA PHE A 23 -9.49 -4.36 -4.77
C PHE A 23 -9.85 -5.81 -4.38
N LYS A 24 -11.10 -6.18 -4.59
CA LYS A 24 -11.57 -7.53 -4.32
C LYS A 24 -10.74 -8.56 -5.10
N ALA A 25 -10.28 -8.16 -6.28
CA ALA A 25 -9.51 -9.03 -7.15
C ALA A 25 -8.05 -9.16 -6.67
N ALA A 26 -7.65 -8.30 -5.74
CA ALA A 26 -6.28 -8.28 -5.20
C ALA A 26 -5.83 -9.66 -4.71
N PHE A 27 -6.76 -10.43 -4.16
CA PHE A 27 -6.42 -11.76 -3.65
C PHE A 27 -5.83 -12.65 -4.77
N ASP A 28 -6.25 -12.38 -6.00
CA ASP A 28 -5.81 -13.16 -7.17
C ASP A 28 -4.38 -12.81 -7.57
N MET A 29 -3.91 -11.62 -7.16
CA MET A 29 -2.55 -11.17 -7.48
C MET A 29 -1.50 -12.24 -7.18
N PHE A 30 -1.60 -12.85 -6.00
CA PHE A 30 -0.72 -13.95 -5.66
C PHE A 30 -1.49 -15.26 -5.66
N ASP A 31 -2.60 -15.26 -4.90
CA ASP A 31 -3.42 -16.46 -4.69
C ASP A 31 -2.64 -17.52 -3.92
N ALA A 32 -2.73 -17.47 -2.60
CA ALA A 32 -2.04 -18.42 -1.74
C ALA A 32 -2.54 -19.85 -1.96
N ASP A 33 -3.77 -20.11 -1.58
CA ASP A 33 -4.34 -21.46 -1.74
C ASP A 33 -5.87 -21.38 -1.86
N GLY A 34 -6.37 -20.20 -2.18
CA GLY A 34 -7.81 -20.00 -2.31
C GLY A 34 -8.46 -19.64 -0.99
N GLY A 35 -7.65 -19.27 0.00
CA GLY A 35 -8.18 -18.89 1.30
C GLY A 35 -7.14 -19.02 2.38
N GLY A 36 -6.40 -17.96 2.62
CA GLY A 36 -5.35 -18.01 3.61
C GLY A 36 -4.71 -16.65 3.82
N ASP A 37 -3.79 -16.59 4.77
CA ASP A 37 -3.09 -15.34 5.07
C ASP A 37 -1.82 -15.27 4.24
N ILE A 38 -1.45 -14.08 3.86
CA ILE A 38 -0.26 -13.89 3.06
C ILE A 38 0.89 -13.41 3.95
N SER A 39 2.09 -13.85 3.64
CA SER A 39 3.26 -13.43 4.38
C SER A 39 4.22 -12.68 3.46
N VAL A 40 5.39 -12.33 4.00
CA VAL A 40 6.41 -11.58 3.28
C VAL A 40 6.85 -12.29 1.99
N LYS A 41 6.82 -13.61 2.00
CA LYS A 41 7.24 -14.40 0.85
C LYS A 41 6.26 -14.24 -0.31
N GLU A 42 5.03 -14.64 -0.07
CA GLU A 42 3.95 -14.52 -1.03
C GLU A 42 3.85 -13.10 -1.58
N LEU A 43 3.84 -12.13 -0.66
CA LEU A 43 3.75 -10.72 -1.03
C LEU A 43 4.97 -10.31 -1.86
N GLY A 44 6.15 -10.70 -1.39
CA GLY A 44 7.37 -10.38 -2.07
C GLY A 44 7.39 -10.90 -3.49
N THR A 45 6.73 -12.02 -3.72
CA THR A 45 6.67 -12.62 -5.03
C THR A 45 5.94 -11.73 -6.03
N VAL A 46 4.75 -11.30 -5.66
CA VAL A 46 3.96 -10.42 -6.49
C VAL A 46 4.69 -9.11 -6.76
N MET A 47 5.20 -8.48 -5.71
CA MET A 47 5.84 -7.17 -5.86
C MET A 47 7.14 -7.23 -6.69
N ARG A 48 7.90 -8.33 -6.57
CA ARG A 48 9.13 -8.48 -7.37
C ARG A 48 8.78 -8.76 -8.82
N MET A 49 7.57 -9.26 -9.03
CA MET A 49 7.08 -9.56 -10.37
C MET A 49 6.91 -8.29 -11.21
N LEU A 50 6.79 -7.14 -10.57
CA LEU A 50 6.65 -5.89 -11.31
C LEU A 50 8.01 -5.31 -11.71
N GLY A 51 9.08 -6.03 -11.37
CA GLY A 51 10.39 -5.58 -11.76
C GLY A 51 11.26 -5.16 -10.59
N GLN A 52 10.63 -4.76 -9.50
CA GLN A 52 11.37 -4.36 -8.31
C GLN A 52 12.06 -5.55 -7.67
N THR A 53 13.12 -5.29 -6.93
CA THR A 53 13.86 -6.36 -6.28
C THR A 53 14.50 -5.86 -4.96
N PRO A 54 13.71 -5.82 -3.88
CA PRO A 54 14.16 -5.40 -2.57
C PRO A 54 14.65 -6.57 -1.73
N THR A 55 14.52 -6.44 -0.42
CA THR A 55 14.89 -7.50 0.49
C THR A 55 13.72 -7.83 1.40
N LYS A 56 13.81 -8.95 2.11
CA LYS A 56 12.77 -9.38 3.02
C LYS A 56 12.59 -8.33 4.13
N GLU A 57 13.67 -7.63 4.45
CA GLU A 57 13.66 -6.58 5.46
C GLU A 57 12.72 -5.44 5.03
N GLU A 58 12.69 -5.18 3.72
CA GLU A 58 11.82 -4.15 3.14
C GLU A 58 10.37 -4.56 3.28
N LEU A 59 10.11 -5.81 2.93
CA LEU A 59 8.77 -6.38 2.95
C LEU A 59 8.21 -6.38 4.36
N ASP A 60 9.03 -6.81 5.31
CA ASP A 60 8.63 -6.88 6.69
C ASP A 60 8.35 -5.48 7.24
N ALA A 61 9.24 -4.54 6.93
CA ALA A 61 9.13 -3.17 7.42
C ALA A 61 7.82 -2.52 7.01
N ILE A 62 7.48 -2.61 5.72
CA ILE A 62 6.25 -1.99 5.21
C ILE A 62 4.99 -2.64 5.81
N ILE A 63 5.09 -3.92 6.14
CA ILE A 63 3.96 -4.62 6.73
C ILE A 63 3.90 -4.35 8.24
N GLU A 64 5.06 -4.31 8.87
CA GLU A 64 5.19 -4.08 10.31
C GLU A 64 4.67 -2.71 10.72
N GLU A 65 5.01 -1.69 9.93
CA GLU A 65 4.60 -0.32 10.24
C GLU A 65 3.07 -0.14 10.20
N VAL A 66 2.36 -1.12 9.66
CA VAL A 66 0.90 -1.05 9.58
C VAL A 66 0.25 -2.19 10.36
N ASP A 67 1.06 -3.16 10.74
CA ASP A 67 0.55 -4.33 11.44
C ASP A 67 0.37 -4.07 12.93
N GLU A 68 -0.88 -3.91 13.34
CA GLU A 68 -1.21 -3.63 14.74
C GLU A 68 -1.23 -4.90 15.58
N ASP A 69 -1.23 -6.04 14.92
CA ASP A 69 -1.30 -7.33 15.60
C ASP A 69 0.10 -7.87 15.98
N GLY A 70 1.14 -7.18 15.53
CA GLY A 70 2.50 -7.57 15.89
C GLY A 70 2.93 -8.84 15.18
N SER A 71 2.43 -9.02 13.98
CA SER A 71 2.73 -10.18 13.18
C SER A 71 2.49 -9.82 11.74
N GLY A 72 3.53 -9.63 10.93
CA GLY A 72 3.18 -9.22 9.63
C GLY A 72 2.51 -10.33 8.91
N THR A 73 1.28 -10.08 8.62
CA THR A 73 0.40 -10.96 7.96
C THR A 73 -0.53 -10.16 7.15
N ILE A 74 -0.84 -10.57 5.96
CA ILE A 74 -1.84 -9.88 5.23
C ILE A 74 -3.17 -10.61 5.45
N ASP A 75 -4.26 -9.89 5.33
CA ASP A 75 -5.58 -10.45 5.60
C ASP A 75 -6.62 -9.58 4.93
N PHE A 76 -7.86 -9.66 5.37
CA PHE A 76 -8.93 -8.87 4.77
C PHE A 76 -8.63 -7.37 4.86
N GLU A 77 -8.58 -6.85 6.08
CA GLU A 77 -8.30 -5.43 6.30
C GLU A 77 -6.80 -5.16 6.26
N GLU A 78 -5.99 -6.15 6.64
CA GLU A 78 -4.53 -6.00 6.61
C GLU A 78 -4.05 -5.76 5.16
N PHE A 79 -4.79 -6.33 4.19
CA PHE A 79 -4.46 -6.16 2.76
C PHE A 79 -4.78 -4.74 2.34
N LEU A 80 -5.92 -4.25 2.79
CA LEU A 80 -6.40 -2.92 2.45
C LEU A 80 -5.41 -1.83 2.82
N VAL A 81 -4.87 -1.91 4.03
CA VAL A 81 -3.92 -0.91 4.53
C VAL A 81 -2.65 -0.88 3.66
N MET A 82 -2.27 -2.03 3.14
CA MET A 82 -1.10 -2.14 2.29
C MET A 82 -1.29 -1.32 1.01
N MET A 83 -2.41 -1.54 0.35
CA MET A 83 -2.72 -0.88 -0.92
C MET A 83 -2.80 0.64 -0.73
N VAL A 84 -3.43 1.06 0.37
CA VAL A 84 -3.57 2.49 0.65
C VAL A 84 -2.23 3.13 0.99
N ARG A 85 -1.30 2.35 1.55
CA ARG A 85 0.01 2.88 1.94
C ARG A 85 0.72 3.57 0.79
N GLN A 86 0.82 2.90 -0.35
CA GLN A 86 1.53 3.47 -1.49
C GLN A 86 0.85 4.75 -2.00
N MET A 87 -0.46 4.72 -2.11
CA MET A 87 -1.21 5.89 -2.58
C MET A 87 -1.23 7.00 -1.52
N LYS A 88 -1.20 6.59 -0.25
CA LYS A 88 -1.20 7.54 0.85
C LYS A 88 0.04 8.43 0.82
N GLU A 89 1.21 7.82 0.72
CA GLU A 89 2.46 8.58 0.72
C GLU A 89 2.66 9.35 -0.58
N ASP A 90 2.08 8.84 -1.66
CA ASP A 90 2.15 9.50 -2.96
C ASP A 90 1.32 10.78 -2.96
N ALA A 91 0.23 10.77 -2.21
CA ALA A 91 -0.65 11.92 -2.11
C ALA A 91 -0.21 12.85 -0.98
N GLY A 92 0.12 12.27 0.16
CA GLY A 92 0.53 13.05 1.30
C GLY A 92 1.61 12.35 2.11
N GLY A 93 2.84 12.47 1.66
CA GLY A 93 3.94 11.84 2.35
C GLY A 93 5.08 12.80 2.59
N ALA A 94 5.99 12.42 3.46
CA ALA A 94 7.15 13.23 3.79
C ALA A 94 8.41 12.44 3.57
N GLY A 95 9.11 12.72 2.48
CA GLY A 95 10.33 12.01 2.17
C GLY A 95 10.09 10.96 1.11
N GLY A 96 8.91 10.36 1.13
CA GLY A 96 8.55 9.37 0.14
C GLY A 96 8.59 9.93 -1.25
N LYS A 97 9.30 9.28 -2.15
CA LYS A 97 9.45 9.75 -3.49
C LYS A 97 9.45 8.60 -4.47
N LEU A 98 8.84 8.84 -5.62
CA LEU A 98 8.75 7.85 -6.68
C LEU A 98 9.98 7.94 -7.57
N PHE A 99 10.87 8.85 -7.20
CA PHE A 99 12.11 9.11 -7.91
C PHE A 99 11.84 9.85 -9.23
N ASP A 100 10.58 10.20 -9.44
CA ASP A 100 10.19 10.93 -10.63
C ASP A 100 10.67 12.37 -10.55
N LEU A 101 11.45 12.74 -11.52
CA LEU A 101 12.01 14.08 -11.57
C LEU A 101 11.62 14.76 -12.87
N ARG A 102 10.68 14.17 -13.59
CA ARG A 102 10.25 14.74 -14.86
C ARG A 102 8.75 14.54 -15.08
N GLY A 103 7.98 15.52 -14.65
CA GLY A 103 6.54 15.46 -14.82
C GLY A 103 6.12 15.93 -16.19
N LYS A 104 6.44 15.14 -17.20
CA LYS A 104 6.12 15.46 -18.58
C LYS A 104 5.69 14.20 -19.31
N PHE A 105 5.50 14.32 -20.61
CA PHE A 105 5.12 13.17 -21.43
C PHE A 105 6.34 12.32 -21.73
N LYS A 106 7.43 12.98 -22.13
CA LYS A 106 8.69 12.30 -22.44
C LYS A 106 9.45 12.00 -21.15
N ARG A 107 8.72 11.49 -20.19
CA ARG A 107 9.25 11.18 -18.87
C ARG A 107 9.94 9.82 -18.89
N PRO A 108 10.77 9.52 -17.85
CA PRO A 108 11.45 8.22 -17.73
C PRO A 108 10.46 7.04 -17.68
N PRO A 109 10.95 5.82 -18.00
CA PRO A 109 10.12 4.60 -18.00
C PRO A 109 9.79 4.11 -16.58
N LEU A 110 9.45 2.83 -16.47
CA LEU A 110 9.12 2.23 -15.16
C LEU A 110 10.35 2.26 -14.28
N ARG A 111 11.51 1.94 -14.87
CA ARG A 111 12.82 1.99 -14.18
C ARG A 111 12.93 0.96 -13.02
N ARG A 112 11.86 0.19 -12.79
CA ARG A 112 11.82 -0.82 -11.70
C ARG A 112 11.91 -0.12 -10.34
N VAL A 113 11.46 1.12 -10.29
CA VAL A 113 11.52 1.91 -9.07
C VAL A 113 10.14 1.91 -8.38
N ARG A 114 10.05 2.54 -7.22
CA ARG A 114 8.80 2.64 -6.48
C ARG A 114 7.86 3.60 -7.21
N MET A 115 7.00 3.07 -8.06
CA MET A 115 6.09 3.91 -8.80
C MET A 115 4.74 4.05 -8.10
N SER A 116 3.85 4.81 -8.72
CA SER A 116 2.54 5.10 -8.18
C SER A 116 1.70 3.83 -7.96
N ALA A 117 0.79 3.90 -6.99
CA ALA A 117 -0.09 2.77 -6.68
C ALA A 117 -0.96 2.45 -7.89
N ASP A 118 -1.26 3.48 -8.67
CA ASP A 118 -2.06 3.31 -9.87
C ASP A 118 -1.33 2.46 -10.89
N ALA A 119 -0.07 2.80 -11.14
CA ALA A 119 0.77 2.08 -12.09
C ALA A 119 0.92 0.62 -11.68
N MET A 120 1.20 0.39 -10.40
CA MET A 120 1.35 -0.97 -9.92
C MET A 120 0.05 -1.75 -10.00
N LEU A 121 -1.06 -1.16 -9.54
CA LEU A 121 -2.35 -1.85 -9.59
C LEU A 121 -2.72 -2.22 -11.01
N LYS A 122 -2.28 -1.41 -11.95
CA LYS A 122 -2.54 -1.68 -13.35
C LYS A 122 -1.82 -2.97 -13.78
N ALA A 123 -0.62 -3.17 -13.24
CA ALA A 123 0.17 -4.34 -13.55
C ALA A 123 -0.26 -5.56 -12.72
N LEU A 124 -0.47 -5.35 -11.41
CA LEU A 124 -0.88 -6.42 -10.51
C LEU A 124 -2.23 -7.01 -10.90
N LEU A 125 -3.19 -6.14 -11.18
CA LEU A 125 -4.52 -6.58 -11.56
C LEU A 125 -4.59 -7.03 -13.02
N GLY A 126 -3.52 -6.76 -13.76
CA GLY A 126 -3.48 -7.14 -15.16
C GLY A 126 -4.45 -6.37 -16.03
N SER A 127 -4.33 -5.05 -15.99
CA SER A 127 -5.16 -4.13 -16.80
C SER A 127 -6.66 -4.17 -16.42
N LYS A 128 -6.99 -4.83 -15.31
CA LYS A 128 -8.38 -4.85 -14.85
C LYS A 128 -8.70 -3.54 -14.15
N HIS A 129 -7.65 -2.85 -13.72
CA HIS A 129 -7.77 -1.58 -13.04
C HIS A 129 -8.43 -0.53 -13.94
N LYS A 130 -9.56 -0.04 -13.51
CA LYS A 130 -10.31 0.96 -14.25
C LYS A 130 -10.90 2.00 -13.33
N VAL A 131 -10.98 1.69 -12.05
CA VAL A 131 -11.57 2.59 -11.07
C VAL A 131 -10.70 3.82 -10.87
N CYS A 132 -11.34 4.89 -10.43
CA CYS A 132 -10.64 6.12 -10.15
C CYS A 132 -9.97 6.03 -8.79
N MET A 133 -8.67 6.19 -8.76
CA MET A 133 -7.90 6.11 -7.54
C MET A 133 -7.96 7.43 -6.76
N ASP A 134 -8.84 7.47 -5.78
CA ASP A 134 -9.01 8.66 -4.96
C ASP A 134 -8.61 8.39 -3.52
N LEU A 135 -7.48 8.95 -3.11
CA LEU A 135 -7.03 8.81 -1.74
C LEU A 135 -7.45 10.06 -0.97
N ARG A 136 -8.31 9.86 0.02
CA ARG A 136 -8.84 10.98 0.78
C ARG A 136 -7.81 11.55 1.75
N ALA A 137 -7.12 12.58 1.29
CA ALA A 137 -6.13 13.28 2.09
C ALA A 137 -5.95 14.69 1.55
N ASN A 138 -5.26 15.53 2.30
CA ASN A 138 -5.04 16.89 1.88
C ASN A 138 -3.62 17.29 2.26
N LEU A 139 -3.33 18.56 2.17
CA LEU A 139 -2.00 19.08 2.48
C LEU A 139 -1.81 19.23 4.00
N LYS A 140 -2.20 18.21 4.73
CA LYS A 140 -2.09 18.19 6.17
C LYS A 140 -1.68 16.82 6.64
N GLN A 141 -0.67 16.78 7.48
CA GLN A 141 -0.16 15.53 8.02
C GLN A 141 0.74 15.82 9.20
N VAL A 142 1.03 14.82 9.99
CA VAL A 142 1.87 15.00 11.15
C VAL A 142 2.61 13.70 11.49
N LYS A 143 3.45 13.74 12.50
CA LYS A 143 4.22 12.59 12.94
C LYS A 143 3.31 11.60 13.66
N LYS A 144 3.46 10.34 13.35
CA LYS A 144 2.64 9.31 13.98
C LYS A 144 3.36 8.77 15.21
N GLU A 145 2.60 8.17 16.11
CA GLU A 145 3.14 7.63 17.34
C GLU A 145 3.45 6.15 17.18
N ASP A 146 3.44 5.68 15.95
CA ASP A 146 3.67 4.28 15.67
C ASP A 146 5.15 3.97 15.55
N HIS A 147 5.63 3.15 16.45
CA HIS A 147 7.01 2.71 16.44
C HIS A 147 7.12 1.41 17.22
N HIS A 148 7.37 0.32 16.52
CA HIS A 148 7.41 -1.00 17.14
C HIS A 148 8.83 -1.44 17.43
N HIS A 149 8.99 -2.34 18.39
CA HIS A 149 10.30 -2.92 18.73
C HIS A 149 10.18 -4.39 19.01
N HIS A 150 10.48 -5.22 18.02
CA HIS A 150 10.44 -6.67 18.17
C HIS A 150 10.97 -7.34 16.92
N HIS A 151 11.69 -8.42 17.09
CA HIS A 151 12.26 -9.13 15.96
C HIS A 151 11.79 -10.57 15.97
N HIS A 152 11.28 -11.03 14.83
CA HIS A 152 10.82 -12.39 14.71
C HIS A 152 11.69 -13.15 13.72
N MET A 1 -5.51 10.35 8.32
CA MET A 1 -5.07 9.56 7.15
C MET A 1 -4.02 8.54 7.55
N ALA A 2 -3.38 8.75 8.69
CA ALA A 2 -2.35 7.85 9.17
C ALA A 2 -2.16 7.97 10.67
N SER A 3 -2.39 6.88 11.37
CA SER A 3 -2.23 6.85 12.80
C SER A 3 -1.04 5.96 13.17
N MET A 4 -0.80 5.79 14.46
CA MET A 4 0.28 4.93 14.95
C MET A 4 -0.30 3.57 15.31
N THR A 5 -1.59 3.44 15.07
CA THR A 5 -2.31 2.22 15.30
C THR A 5 -2.80 1.69 13.98
N ASP A 6 -3.44 0.53 13.99
CA ASP A 6 -4.00 -0.02 12.76
C ASP A 6 -5.08 0.94 12.25
N GLN A 7 -5.10 1.17 10.96
CA GLN A 7 -6.04 2.12 10.39
C GLN A 7 -6.97 1.48 9.38
N GLN A 8 -7.48 0.29 9.69
CA GLN A 8 -8.43 -0.38 8.81
C GLN A 8 -9.69 0.46 8.67
N ALA A 9 -10.02 1.20 9.73
CA ALA A 9 -11.18 2.07 9.74
C ALA A 9 -10.97 3.29 8.84
N GLU A 10 -9.73 3.78 8.80
CA GLU A 10 -9.42 4.94 7.97
C GLU A 10 -9.43 4.53 6.49
N ALA A 11 -8.65 3.50 6.17
CA ALA A 11 -8.51 3.02 4.80
C ALA A 11 -9.87 2.68 4.18
N ARG A 12 -10.68 1.96 4.93
CA ARG A 12 -12.01 1.54 4.45
C ARG A 12 -12.92 2.75 4.19
N SER A 13 -12.65 3.87 4.84
CA SER A 13 -13.48 5.04 4.71
C SER A 13 -12.99 5.96 3.57
N TYR A 14 -11.69 5.91 3.28
CA TYR A 14 -11.12 6.79 2.24
C TYR A 14 -11.37 6.23 0.85
N LEU A 15 -11.62 4.94 0.81
CA LEU A 15 -11.82 4.26 -0.46
C LEU A 15 -13.30 3.98 -0.67
N SER A 16 -13.76 4.18 -1.87
CA SER A 16 -15.12 3.86 -2.21
C SER A 16 -15.25 2.35 -2.39
N GLU A 17 -16.39 1.80 -2.04
CA GLU A 17 -16.56 0.34 -2.13
C GLU A 17 -16.49 -0.17 -3.56
N GLU A 18 -16.64 0.73 -4.54
CA GLU A 18 -16.51 0.34 -5.94
C GLU A 18 -15.05 0.06 -6.30
N MET A 19 -14.15 0.90 -5.77
CA MET A 19 -12.73 0.71 -6.02
C MET A 19 -12.22 -0.46 -5.18
N ILE A 20 -12.88 -0.69 -4.06
CA ILE A 20 -12.56 -1.83 -3.21
C ILE A 20 -12.99 -3.12 -3.91
N ALA A 21 -14.08 -3.03 -4.66
CA ALA A 21 -14.57 -4.17 -5.40
C ALA A 21 -13.58 -4.59 -6.49
N GLU A 22 -12.81 -3.62 -6.97
CA GLU A 22 -11.79 -3.89 -7.96
C GLU A 22 -10.57 -4.53 -7.29
N PHE A 23 -10.31 -4.08 -6.05
CA PHE A 23 -9.22 -4.62 -5.25
C PHE A 23 -9.44 -6.10 -4.92
N LYS A 24 -10.68 -6.55 -5.02
CA LYS A 24 -11.01 -7.96 -4.77
C LYS A 24 -10.20 -8.87 -5.69
N ALA A 25 -9.91 -8.37 -6.90
CA ALA A 25 -9.15 -9.11 -7.89
C ALA A 25 -7.69 -9.31 -7.45
N ALA A 26 -7.26 -8.54 -6.44
CA ALA A 26 -5.90 -8.63 -5.87
C ALA A 26 -5.53 -10.07 -5.53
N PHE A 27 -6.51 -10.87 -5.15
CA PHE A 27 -6.29 -12.29 -4.84
C PHE A 27 -5.53 -13.00 -5.97
N ASP A 28 -5.80 -12.60 -7.21
CA ASP A 28 -5.18 -13.23 -8.37
C ASP A 28 -3.67 -12.93 -8.43
N MET A 29 -3.28 -11.81 -7.84
CA MET A 29 -1.87 -11.40 -7.82
C MET A 29 -1.01 -12.45 -7.13
N PHE A 30 -1.36 -12.79 -5.90
CA PHE A 30 -0.58 -13.75 -5.13
C PHE A 30 -1.07 -15.19 -5.33
N ASP A 31 -2.39 -15.38 -5.27
CA ASP A 31 -3.01 -16.72 -5.35
C ASP A 31 -2.28 -17.72 -4.45
N ALA A 32 -2.32 -17.46 -3.15
CA ALA A 32 -1.61 -18.31 -2.20
C ALA A 32 -2.53 -19.39 -1.64
N ASP A 33 -3.81 -19.09 -1.56
CA ASP A 33 -4.78 -20.02 -1.00
C ASP A 33 -6.19 -19.64 -1.42
N GLY A 34 -6.69 -18.58 -0.81
CA GLY A 34 -8.05 -18.14 -1.08
C GLY A 34 -8.71 -17.60 0.17
N GLY A 35 -8.51 -18.30 1.27
CA GLY A 35 -9.08 -17.88 2.53
C GLY A 35 -8.03 -17.79 3.62
N GLY A 36 -6.78 -17.70 3.21
CA GLY A 36 -5.69 -17.62 4.14
C GLY A 36 -5.02 -16.25 4.12
N ASP A 37 -4.10 -16.06 5.04
CA ASP A 37 -3.38 -14.79 5.17
C ASP A 37 -2.07 -14.83 4.38
N ILE A 38 -1.68 -13.69 3.87
CA ILE A 38 -0.44 -13.58 3.09
C ILE A 38 0.72 -13.23 4.01
N SER A 39 1.90 -13.72 3.68
CA SER A 39 3.09 -13.40 4.45
C SER A 39 4.04 -12.54 3.62
N VAL A 40 5.20 -12.22 4.18
CA VAL A 40 6.19 -11.40 3.49
C VAL A 40 6.65 -12.07 2.18
N LYS A 41 6.67 -13.39 2.18
CA LYS A 41 7.11 -14.16 1.02
C LYS A 41 6.17 -13.98 -0.17
N GLU A 42 4.91 -14.32 0.05
CA GLU A 42 3.88 -14.23 -0.97
C GLU A 42 3.73 -12.79 -1.47
N LEU A 43 3.79 -11.82 -0.54
CA LEU A 43 3.68 -10.41 -0.91
C LEU A 43 4.90 -9.98 -1.72
N GLY A 44 6.08 -10.35 -1.23
CA GLY A 44 7.31 -10.02 -1.92
C GLY A 44 7.32 -10.56 -3.33
N THR A 45 6.65 -11.69 -3.53
CA THR A 45 6.56 -12.31 -4.82
C THR A 45 5.80 -11.41 -5.82
N VAL A 46 4.65 -10.90 -5.39
CA VAL A 46 3.83 -10.04 -6.24
C VAL A 46 4.58 -8.79 -6.66
N MET A 47 5.15 -8.09 -5.70
CA MET A 47 5.87 -6.86 -5.99
C MET A 47 7.13 -7.13 -6.82
N ARG A 48 7.73 -8.30 -6.62
CA ARG A 48 8.91 -8.68 -7.37
C ARG A 48 8.52 -9.01 -8.81
N MET A 49 7.30 -9.48 -8.96
CA MET A 49 6.75 -9.86 -10.25
C MET A 49 6.71 -8.67 -11.22
N LEU A 50 6.60 -7.46 -10.70
CA LEU A 50 6.56 -6.28 -11.54
C LEU A 50 7.94 -5.94 -12.10
N GLY A 51 8.99 -6.35 -11.39
CA GLY A 51 10.33 -6.08 -11.87
C GLY A 51 11.29 -5.68 -10.77
N GLN A 52 10.76 -5.11 -9.70
CA GLN A 52 11.60 -4.68 -8.58
C GLN A 52 11.85 -5.85 -7.65
N THR A 53 12.90 -5.73 -6.85
CA THR A 53 13.24 -6.79 -5.94
C THR A 53 13.93 -6.25 -4.69
N PRO A 54 13.17 -6.11 -3.60
CA PRO A 54 13.66 -5.62 -2.33
C PRO A 54 14.16 -6.76 -1.43
N THR A 55 14.31 -6.46 -0.16
CA THR A 55 14.73 -7.42 0.83
C THR A 55 13.56 -7.75 1.76
N LYS A 56 13.68 -8.82 2.55
CA LYS A 56 12.63 -9.20 3.49
C LYS A 56 12.41 -8.08 4.50
N GLU A 57 13.50 -7.37 4.82
CA GLU A 57 13.46 -6.23 5.74
C GLU A 57 12.43 -5.20 5.28
N GLU A 58 12.41 -4.98 3.97
CA GLU A 58 11.50 -4.03 3.34
C GLU A 58 10.06 -4.48 3.55
N LEU A 59 9.82 -5.75 3.26
CA LEU A 59 8.50 -6.35 3.35
C LEU A 59 8.03 -6.35 4.80
N ASP A 60 8.92 -6.73 5.68
CA ASP A 60 8.64 -6.78 7.10
C ASP A 60 8.33 -5.38 7.65
N ALA A 61 9.18 -4.42 7.33
CA ALA A 61 9.06 -3.06 7.85
C ALA A 61 7.72 -2.43 7.49
N ILE A 62 7.34 -2.50 6.22
CA ILE A 62 6.10 -1.90 5.75
C ILE A 62 4.88 -2.53 6.43
N ILE A 63 4.95 -3.84 6.70
CA ILE A 63 3.84 -4.54 7.33
C ILE A 63 3.90 -4.37 8.87
N GLU A 64 5.09 -4.21 9.39
CA GLU A 64 5.33 -4.11 10.83
C GLU A 64 4.74 -2.83 11.44
N GLU A 65 4.99 -1.71 10.80
CA GLU A 65 4.53 -0.41 11.31
C GLU A 65 3.01 -0.25 11.22
N VAL A 66 2.34 -1.21 10.61
CA VAL A 66 0.91 -1.15 10.47
C VAL A 66 0.22 -2.31 11.17
N ASP A 67 0.99 -3.36 11.45
CA ASP A 67 0.43 -4.55 12.08
C ASP A 67 0.44 -4.43 13.59
N GLU A 68 -0.70 -4.66 14.20
CA GLU A 68 -0.80 -4.63 15.64
C GLU A 68 -1.24 -5.97 16.20
N ASP A 69 -1.39 -6.97 15.34
CA ASP A 69 -1.82 -8.28 15.82
C ASP A 69 -0.61 -9.12 16.20
N GLY A 70 0.56 -8.67 15.78
CA GLY A 70 1.80 -9.33 16.15
C GLY A 70 2.26 -10.33 15.13
N SER A 71 2.08 -10.01 13.86
CA SER A 71 2.46 -10.88 12.78
C SER A 71 2.23 -10.17 11.50
N GLY A 72 3.22 -9.97 10.67
CA GLY A 72 2.83 -9.40 9.44
C GLY A 72 2.08 -10.44 8.70
N THR A 73 0.84 -10.18 8.51
CA THR A 73 -0.06 -11.10 7.90
C THR A 73 -1.07 -10.36 7.13
N ILE A 74 -1.01 -10.41 5.84
CA ILE A 74 -1.94 -9.63 5.08
C ILE A 74 -3.31 -10.32 5.05
N ASP A 75 -4.32 -9.52 4.88
CA ASP A 75 -5.71 -9.97 4.87
C ASP A 75 -6.53 -8.87 4.23
N PHE A 76 -7.82 -9.08 4.02
CA PHE A 76 -8.69 -8.07 3.39
C PHE A 76 -8.50 -6.67 4.01
N GLU A 77 -8.33 -6.64 5.32
CA GLU A 77 -8.13 -5.37 6.03
C GLU A 77 -6.67 -4.87 5.92
N GLU A 78 -5.70 -5.71 6.27
CA GLU A 78 -4.28 -5.32 6.18
C GLU A 78 -3.87 -5.01 4.72
N PHE A 79 -4.47 -5.73 3.77
CA PHE A 79 -4.17 -5.56 2.34
C PHE A 79 -4.64 -4.19 1.88
N LEU A 80 -5.84 -3.81 2.33
CA LEU A 80 -6.42 -2.54 1.96
C LEU A 80 -5.49 -1.40 2.38
N VAL A 81 -5.04 -1.44 3.63
CA VAL A 81 -4.13 -0.44 4.17
C VAL A 81 -2.85 -0.35 3.34
N MET A 82 -2.38 -1.50 2.87
CA MET A 82 -1.18 -1.58 2.04
C MET A 82 -1.32 -0.76 0.77
N MET A 83 -2.47 -0.88 0.11
CA MET A 83 -2.70 -0.20 -1.16
C MET A 83 -2.85 1.30 -0.91
N VAL A 84 -3.47 1.63 0.23
CA VAL A 84 -3.66 3.01 0.61
C VAL A 84 -2.34 3.65 0.95
N ARG A 85 -1.43 2.87 1.54
CA ARG A 85 -0.15 3.40 1.98
C ARG A 85 0.56 4.12 0.87
N GLN A 86 0.71 3.45 -0.25
CA GLN A 86 1.45 4.02 -1.36
C GLN A 86 0.75 5.27 -1.89
N MET A 87 -0.56 5.17 -2.16
CA MET A 87 -1.32 6.31 -2.67
C MET A 87 -1.35 7.45 -1.64
N LYS A 88 -1.35 7.09 -0.37
CA LYS A 88 -1.35 8.05 0.71
C LYS A 88 -0.06 8.90 0.72
N GLU A 89 1.09 8.24 0.62
CA GLU A 89 2.35 8.97 0.66
C GLU A 89 2.75 9.53 -0.70
N ASP A 90 2.20 8.96 -1.78
CA ASP A 90 2.42 9.52 -3.12
C ASP A 90 1.76 10.88 -3.22
N ALA A 91 0.61 10.98 -2.55
CA ALA A 91 -0.16 12.21 -2.51
C ALA A 91 0.10 12.97 -1.22
N GLY A 92 1.11 12.52 -0.48
CA GLY A 92 1.43 13.13 0.78
C GLY A 92 2.53 14.16 0.68
N GLY A 93 3.57 13.98 1.48
CA GLY A 93 4.67 14.91 1.49
C GLY A 93 4.37 16.13 2.33
N ALA A 94 3.48 16.98 1.81
CA ALA A 94 3.03 18.21 2.49
C ALA A 94 4.20 19.16 2.75
N GLY A 95 5.23 19.05 1.93
CA GLY A 95 6.40 19.89 2.10
C GLY A 95 7.35 19.32 3.13
N GLY A 96 7.82 18.12 2.89
CA GLY A 96 8.73 17.49 3.81
C GLY A 96 8.84 16.01 3.56
N LYS A 97 9.27 15.64 2.36
CA LYS A 97 9.44 14.24 2.01
C LYS A 97 10.87 13.81 2.31
N LEU A 98 11.01 12.81 3.14
CA LEU A 98 12.33 12.36 3.61
C LEU A 98 13.10 11.60 2.53
N PHE A 99 12.38 11.05 1.59
CA PHE A 99 12.99 10.26 0.54
C PHE A 99 12.24 10.41 -0.77
N ASP A 100 12.96 10.84 -1.80
CA ASP A 100 12.40 10.99 -3.12
C ASP A 100 13.51 10.80 -4.14
N LEU A 101 13.16 10.44 -5.36
CA LEU A 101 14.16 10.18 -6.39
C LEU A 101 13.97 11.09 -7.60
N ARG A 102 13.11 12.08 -7.48
CA ARG A 102 12.87 12.96 -8.59
C ARG A 102 12.86 14.43 -8.16
N GLY A 103 11.85 14.81 -7.39
CA GLY A 103 11.70 16.21 -6.97
C GLY A 103 11.63 17.16 -8.16
N LYS A 104 10.98 16.74 -9.23
CA LYS A 104 10.88 17.52 -10.46
C LYS A 104 9.66 17.11 -11.27
N PHE A 105 9.39 17.84 -12.33
CA PHE A 105 8.25 17.57 -13.21
C PHE A 105 8.56 16.44 -14.17
N LYS A 106 9.79 16.42 -14.68
CA LYS A 106 10.21 15.38 -15.61
C LYS A 106 10.52 14.08 -14.88
N ARG A 107 9.52 13.23 -14.72
CA ARG A 107 9.70 11.96 -14.04
C ARG A 107 10.30 10.91 -14.98
N PRO A 108 11.03 9.93 -14.42
CA PRO A 108 11.67 8.85 -15.19
C PRO A 108 10.65 7.98 -15.96
N PRO A 109 11.15 7.12 -16.89
CA PRO A 109 10.30 6.21 -17.67
C PRO A 109 9.66 5.11 -16.82
N LEU A 110 9.12 4.11 -17.50
CA LEU A 110 8.49 2.97 -16.82
C LEU A 110 9.55 1.98 -16.34
N ARG A 111 10.66 2.52 -15.85
CA ARG A 111 11.72 1.72 -15.27
C ARG A 111 11.18 0.87 -14.11
N ARG A 112 11.54 -0.41 -14.12
CA ARG A 112 11.13 -1.31 -13.06
C ARG A 112 11.84 -0.92 -11.76
N VAL A 113 11.17 -0.13 -10.96
CA VAL A 113 11.71 0.35 -9.70
C VAL A 113 10.53 0.75 -8.79
N ARG A 114 10.83 1.35 -7.65
CA ARG A 114 9.79 1.78 -6.71
C ARG A 114 8.98 2.94 -7.31
N MET A 115 7.81 2.64 -7.86
CA MET A 115 6.98 3.66 -8.48
C MET A 115 5.69 3.91 -7.67
N SER A 116 4.84 4.79 -8.19
CA SER A 116 3.61 5.19 -7.51
C SER A 116 2.55 4.09 -7.49
N ALA A 117 1.58 4.26 -6.60
CA ALA A 117 0.45 3.32 -6.45
C ALA A 117 -0.33 3.21 -7.75
N ASP A 118 -0.49 4.33 -8.42
CA ASP A 118 -1.23 4.37 -9.68
C ASP A 118 -0.58 3.45 -10.71
N ALA A 119 0.74 3.49 -10.77
CA ALA A 119 1.49 2.68 -11.71
C ALA A 119 1.49 1.21 -11.32
N MET A 120 1.65 0.93 -10.02
CA MET A 120 1.69 -0.46 -9.57
C MET A 120 0.31 -1.11 -9.61
N LEU A 121 -0.73 -0.31 -9.38
CA LEU A 121 -2.11 -0.80 -9.46
C LEU A 121 -2.40 -1.19 -10.90
N LYS A 122 -1.83 -0.42 -11.82
CA LYS A 122 -1.98 -0.66 -13.23
C LYS A 122 -1.27 -1.94 -13.64
N ALA A 123 -0.10 -2.16 -13.06
CA ALA A 123 0.70 -3.33 -13.37
C ALA A 123 0.11 -4.60 -12.75
N LEU A 124 -0.43 -4.47 -11.53
CA LEU A 124 -1.04 -5.59 -10.83
C LEU A 124 -2.27 -6.11 -11.56
N LEU A 125 -3.17 -5.21 -11.91
CA LEU A 125 -4.43 -5.59 -12.55
C LEU A 125 -4.31 -5.63 -14.07
N GLY A 126 -3.23 -5.08 -14.60
CA GLY A 126 -3.00 -5.09 -16.03
C GLY A 126 -4.01 -4.25 -16.79
N SER A 127 -5.09 -4.89 -17.20
CA SER A 127 -6.14 -4.22 -17.95
C SER A 127 -7.46 -4.21 -17.18
N LYS A 128 -7.44 -4.77 -15.97
CA LYS A 128 -8.66 -4.87 -15.16
C LYS A 128 -8.88 -3.63 -14.30
N HIS A 129 -7.91 -2.73 -14.29
CA HIS A 129 -8.03 -1.48 -13.53
C HIS A 129 -8.86 -0.49 -14.31
N LYS A 130 -10.05 -0.20 -13.83
CA LYS A 130 -10.97 0.68 -14.53
C LYS A 130 -11.53 1.79 -13.64
N VAL A 131 -11.45 1.60 -12.32
CA VAL A 131 -11.95 2.63 -11.40
C VAL A 131 -10.91 3.72 -11.18
N CYS A 132 -11.34 4.80 -10.55
CA CYS A 132 -10.44 5.91 -10.24
C CYS A 132 -9.77 5.61 -8.90
N MET A 133 -8.70 6.33 -8.59
CA MET A 133 -7.99 6.10 -7.35
C MET A 133 -7.34 7.36 -6.80
N ASP A 134 -8.13 8.15 -6.10
CA ASP A 134 -7.62 9.33 -5.44
C ASP A 134 -7.98 9.29 -3.97
N LEU A 135 -7.00 9.56 -3.13
CA LEU A 135 -7.20 9.52 -1.70
C LEU A 135 -7.69 10.87 -1.19
N ARG A 136 -8.55 10.84 -0.19
CA ARG A 136 -9.07 12.06 0.40
C ARG A 136 -8.19 12.52 1.54
N ALA A 137 -7.61 13.69 1.39
CA ALA A 137 -6.74 14.24 2.39
C ALA A 137 -7.08 15.69 2.65
N ASN A 138 -6.64 16.20 3.77
CA ASN A 138 -6.91 17.56 4.15
C ASN A 138 -5.65 18.17 4.76
N LEU A 139 -5.18 19.24 4.15
CA LEU A 139 -3.97 19.91 4.62
C LEU A 139 -4.27 20.83 5.81
N LYS A 140 -5.54 20.98 6.13
CA LYS A 140 -5.96 21.81 7.23
C LYS A 140 -6.64 20.99 8.30
N GLN A 141 -6.06 20.98 9.49
CA GLN A 141 -6.59 20.22 10.59
C GLN A 141 -5.93 20.64 11.90
N VAL A 142 -6.47 20.17 13.01
CA VAL A 142 -5.96 20.53 14.31
C VAL A 142 -5.88 19.28 15.21
N LYS A 143 -5.26 19.43 16.37
CA LYS A 143 -5.14 18.33 17.33
C LYS A 143 -6.50 17.85 17.80
N LYS A 144 -6.58 16.60 18.18
CA LYS A 144 -7.83 16.02 18.62
C LYS A 144 -7.64 15.32 19.97
N GLU A 145 -8.73 15.19 20.71
CA GLU A 145 -8.68 14.54 22.02
C GLU A 145 -9.23 13.12 21.92
N ASP A 146 -9.33 12.62 20.70
CA ASP A 146 -9.89 11.30 20.45
C ASP A 146 -8.87 10.19 20.70
N HIS A 147 -8.43 10.09 21.95
CA HIS A 147 -7.47 9.07 22.36
C HIS A 147 -7.20 9.20 23.86
N HIS A 148 -7.83 8.34 24.64
CA HIS A 148 -7.65 8.36 26.08
C HIS A 148 -7.55 6.95 26.65
N HIS A 149 -6.80 6.81 27.71
CA HIS A 149 -6.64 5.54 28.39
C HIS A 149 -6.55 5.77 29.89
N HIS A 150 -7.13 4.85 30.65
CA HIS A 150 -7.08 4.97 32.10
C HIS A 150 -7.38 3.62 32.73
N HIS A 151 -6.77 3.36 33.85
CA HIS A 151 -6.98 2.13 34.58
C HIS A 151 -7.84 2.43 35.80
N HIS A 152 -7.99 1.46 36.67
CA HIS A 152 -8.80 1.65 37.86
C HIS A 152 -7.89 1.77 39.08
N MET A 1 -10.24 -6.61 15.50
CA MET A 1 -8.80 -6.33 15.65
C MET A 1 -8.60 -4.95 16.28
N ALA A 2 -7.92 -4.91 17.41
CA ALA A 2 -7.65 -3.66 18.10
C ALA A 2 -6.16 -3.34 18.03
N SER A 3 -5.84 -2.17 17.53
CA SER A 3 -4.46 -1.74 17.39
C SER A 3 -4.37 -0.21 17.47
N MET A 4 -3.17 0.32 17.39
CA MET A 4 -2.97 1.76 17.44
C MET A 4 -3.09 2.33 16.04
N THR A 5 -3.40 3.64 15.96
CA THR A 5 -3.62 4.35 14.68
C THR A 5 -4.65 3.63 13.80
N ASP A 6 -5.84 4.18 13.75
CA ASP A 6 -6.96 3.57 13.02
C ASP A 6 -6.82 3.73 11.51
N GLN A 7 -5.66 3.32 10.97
CA GLN A 7 -5.43 3.37 9.54
C GLN A 7 -6.40 2.44 8.82
N GLN A 8 -6.75 1.35 9.49
CA GLN A 8 -7.71 0.39 8.99
C GLN A 8 -9.02 1.09 8.67
N ALA A 9 -9.47 1.90 9.61
CA ALA A 9 -10.70 2.64 9.47
C ALA A 9 -10.57 3.70 8.38
N GLU A 10 -9.42 4.36 8.34
CA GLU A 10 -9.17 5.40 7.36
C GLU A 10 -9.31 4.86 5.94
N ALA A 11 -8.76 3.68 5.71
CA ALA A 11 -8.79 3.07 4.39
C ALA A 11 -10.20 2.60 4.02
N ARG A 12 -10.81 1.84 4.90
CA ARG A 12 -12.12 1.26 4.62
C ARG A 12 -13.23 2.31 4.57
N SER A 13 -13.05 3.39 5.32
CA SER A 13 -14.04 4.45 5.34
C SER A 13 -13.95 5.32 4.10
N TYR A 14 -12.81 5.24 3.41
CA TYR A 14 -12.59 6.08 2.24
C TYR A 14 -12.92 5.33 0.96
N LEU A 15 -12.45 4.11 0.86
CA LEU A 15 -12.64 3.31 -0.35
C LEU A 15 -14.08 2.87 -0.47
N SER A 16 -14.70 3.20 -1.57
CA SER A 16 -16.07 2.80 -1.83
C SER A 16 -16.10 1.34 -2.27
N GLU A 17 -17.30 0.75 -2.28
CA GLU A 17 -17.44 -0.66 -2.64
C GLU A 17 -16.90 -0.94 -4.03
N GLU A 18 -17.12 -0.01 -4.97
CA GLU A 18 -16.62 -0.17 -6.33
C GLU A 18 -15.08 -0.24 -6.35
N MET A 19 -14.44 0.59 -5.53
CA MET A 19 -12.99 0.62 -5.46
C MET A 19 -12.47 -0.65 -4.80
N ILE A 20 -13.17 -1.11 -3.78
CA ILE A 20 -12.82 -2.33 -3.09
C ILE A 20 -13.11 -3.55 -3.99
N ALA A 21 -14.11 -3.43 -4.84
CA ALA A 21 -14.52 -4.50 -5.75
C ALA A 21 -13.40 -4.88 -6.71
N GLU A 22 -12.53 -3.93 -7.01
CA GLU A 22 -11.42 -4.20 -7.91
C GLU A 22 -10.33 -4.96 -7.18
N PHE A 23 -10.22 -4.71 -5.86
CA PHE A 23 -9.25 -5.39 -5.02
C PHE A 23 -9.54 -6.90 -4.97
N LYS A 24 -10.76 -7.26 -5.34
CA LYS A 24 -11.15 -8.66 -5.39
C LYS A 24 -10.22 -9.43 -6.33
N ALA A 25 -9.83 -8.79 -7.42
CA ALA A 25 -8.94 -9.39 -8.40
C ALA A 25 -7.49 -9.39 -7.90
N ALA A 26 -7.20 -8.50 -6.95
CA ALA A 26 -5.88 -8.42 -6.34
C ALA A 26 -5.50 -9.72 -5.64
N PHE A 27 -6.51 -10.43 -5.13
CA PHE A 27 -6.29 -11.71 -4.46
C PHE A 27 -5.56 -12.70 -5.40
N ASP A 28 -5.79 -12.54 -6.69
CA ASP A 28 -5.20 -13.43 -7.70
C ASP A 28 -3.70 -13.15 -7.89
N MET A 29 -3.26 -11.94 -7.49
CA MET A 29 -1.85 -11.53 -7.64
C MET A 29 -0.93 -12.54 -6.96
N PHE A 30 -1.10 -12.68 -5.65
CA PHE A 30 -0.30 -13.60 -4.87
C PHE A 30 -0.77 -15.03 -5.06
N ASP A 31 -2.09 -15.21 -5.04
CA ASP A 31 -2.70 -16.53 -5.23
C ASP A 31 -2.21 -17.54 -4.19
N ALA A 32 -2.78 -17.47 -3.01
CA ALA A 32 -2.41 -18.37 -1.93
C ALA A 32 -3.22 -19.66 -1.97
N ASP A 33 -4.54 -19.51 -2.12
CA ASP A 33 -5.46 -20.66 -2.13
C ASP A 33 -6.87 -20.21 -2.48
N GLY A 34 -7.40 -19.33 -1.67
CA GLY A 34 -8.77 -18.84 -1.86
C GLY A 34 -9.22 -17.97 -0.71
N GLY A 35 -8.74 -18.30 0.47
CA GLY A 35 -9.06 -17.53 1.65
C GLY A 35 -7.97 -17.70 2.68
N GLY A 36 -6.88 -16.98 2.50
CA GLY A 36 -5.77 -17.09 3.43
C GLY A 36 -5.08 -15.77 3.65
N ASP A 37 -4.14 -15.76 4.57
CA ASP A 37 -3.39 -14.56 4.90
C ASP A 37 -2.12 -14.49 4.08
N ILE A 38 -1.71 -13.28 3.75
CA ILE A 38 -0.49 -13.09 2.98
C ILE A 38 0.63 -12.72 3.92
N SER A 39 1.83 -13.15 3.60
CA SER A 39 2.97 -12.80 4.40
C SER A 39 4.05 -12.22 3.51
N VAL A 40 5.24 -12.07 4.03
CA VAL A 40 6.35 -11.47 3.27
C VAL A 40 6.70 -12.32 2.04
N LYS A 41 6.40 -13.61 2.11
CA LYS A 41 6.68 -14.53 1.03
C LYS A 41 5.75 -14.27 -0.16
N GLU A 42 4.45 -14.40 0.09
CA GLU A 42 3.44 -14.21 -0.93
C GLU A 42 3.44 -12.76 -1.44
N LEU A 43 3.66 -11.82 -0.53
CA LEU A 43 3.72 -10.40 -0.88
C LEU A 43 4.94 -10.14 -1.75
N GLY A 44 6.06 -10.76 -1.37
CA GLY A 44 7.28 -10.62 -2.12
C GLY A 44 7.09 -11.06 -3.55
N THR A 45 6.28 -12.08 -3.76
CA THR A 45 5.98 -12.59 -5.09
C THR A 45 5.38 -11.50 -5.97
N VAL A 46 4.38 -10.82 -5.44
CA VAL A 46 3.68 -9.79 -6.18
C VAL A 46 4.59 -8.61 -6.47
N MET A 47 5.27 -8.11 -5.45
CA MET A 47 6.11 -6.93 -5.61
C MET A 47 7.31 -7.20 -6.52
N ARG A 48 7.87 -8.41 -6.47
CA ARG A 48 9.00 -8.76 -7.33
C ARG A 48 8.51 -8.97 -8.75
N MET A 49 7.23 -9.26 -8.89
CA MET A 49 6.61 -9.49 -10.18
C MET A 49 6.64 -8.22 -11.04
N LEU A 50 6.54 -7.05 -10.40
CA LEU A 50 6.58 -5.80 -11.14
C LEU A 50 8.00 -5.52 -11.64
N GLY A 51 9.00 -5.81 -10.80
CA GLY A 51 10.37 -5.61 -11.20
C GLY A 51 11.32 -5.44 -10.04
N GLN A 52 10.91 -4.68 -9.04
CA GLN A 52 11.75 -4.41 -7.88
C GLN A 52 11.89 -5.62 -6.97
N THR A 53 13.06 -5.77 -6.38
CA THR A 53 13.35 -6.87 -5.48
C THR A 53 14.57 -6.54 -4.60
N PRO A 54 14.32 -6.00 -3.39
CA PRO A 54 15.36 -5.64 -2.46
C PRO A 54 15.74 -6.78 -1.49
N THR A 55 14.90 -7.01 -0.48
CA THR A 55 15.14 -8.03 0.51
C THR A 55 13.90 -8.22 1.38
N LYS A 56 13.83 -9.35 2.08
CA LYS A 56 12.71 -9.64 2.97
C LYS A 56 12.64 -8.60 4.07
N GLU A 57 13.82 -8.09 4.46
CA GLU A 57 13.93 -7.08 5.51
C GLU A 57 13.07 -5.85 5.20
N GLU A 58 12.99 -5.52 3.92
CA GLU A 58 12.20 -4.40 3.45
C GLU A 58 10.72 -4.73 3.54
N LEU A 59 10.38 -5.93 3.13
CA LEU A 59 8.99 -6.40 3.12
C LEU A 59 8.49 -6.52 4.54
N ASP A 60 9.33 -7.09 5.38
CA ASP A 60 9.00 -7.30 6.78
C ASP A 60 8.76 -5.98 7.50
N ALA A 61 9.68 -5.04 7.31
CA ALA A 61 9.61 -3.74 7.98
C ALA A 61 8.34 -2.96 7.62
N ILE A 62 8.07 -2.82 6.32
CA ILE A 62 6.91 -2.06 5.85
C ILE A 62 5.59 -2.65 6.40
N ILE A 63 5.57 -3.96 6.62
CA ILE A 63 4.41 -4.62 7.17
C ILE A 63 4.42 -4.54 8.72
N GLU A 64 5.59 -4.72 9.29
CA GLU A 64 5.79 -4.75 10.74
C GLU A 64 5.46 -3.43 11.44
N GLU A 65 5.82 -2.32 10.80
CA GLU A 65 5.59 -1.01 11.41
C GLU A 65 4.10 -0.69 11.58
N VAL A 66 3.24 -1.49 10.96
CA VAL A 66 1.81 -1.26 11.04
C VAL A 66 1.07 -2.49 11.62
N ASP A 67 1.60 -3.68 11.39
CA ASP A 67 0.98 -4.90 11.88
C ASP A 67 1.15 -5.03 13.39
N GLU A 68 0.04 -5.12 14.11
CA GLU A 68 0.09 -5.26 15.56
C GLU A 68 -0.62 -6.51 16.05
N ASP A 69 -0.84 -7.47 15.16
CA ASP A 69 -1.51 -8.70 15.57
C ASP A 69 -0.47 -9.78 15.88
N GLY A 70 0.79 -9.38 15.88
CA GLY A 70 1.87 -10.29 16.19
C GLY A 70 2.26 -11.13 15.01
N SER A 71 2.55 -10.48 13.91
CA SER A 71 2.90 -11.14 12.70
C SER A 71 3.21 -10.09 11.68
N GLY A 72 3.44 -10.54 10.50
CA GLY A 72 3.28 -9.69 9.40
C GLY A 72 2.31 -10.40 8.52
N THR A 73 1.17 -9.83 8.35
CA THR A 73 0.12 -10.45 7.60
C THR A 73 -0.68 -9.48 6.83
N ILE A 74 -1.07 -9.84 5.65
CA ILE A 74 -2.02 -9.06 4.96
C ILE A 74 -3.37 -9.77 5.15
N ASP A 75 -4.45 -9.03 5.10
CA ASP A 75 -5.79 -9.57 5.36
C ASP A 75 -6.79 -8.67 4.68
N PHE A 76 -8.06 -9.03 4.70
CA PHE A 76 -9.10 -8.20 4.10
C PHE A 76 -8.97 -6.75 4.58
N GLU A 77 -8.72 -6.59 5.87
CA GLU A 77 -8.54 -5.27 6.45
C GLU A 77 -7.10 -4.75 6.26
N GLU A 78 -6.11 -5.58 6.63
CA GLU A 78 -4.69 -5.21 6.52
C GLU A 78 -4.29 -4.88 5.05
N PHE A 79 -4.99 -5.48 4.09
CA PHE A 79 -4.71 -5.27 2.65
C PHE A 79 -4.98 -3.83 2.23
N LEU A 80 -6.13 -3.29 2.65
CA LEU A 80 -6.55 -1.95 2.26
C LEU A 80 -5.52 -0.90 2.65
N VAL A 81 -4.93 -1.06 3.82
CA VAL A 81 -3.96 -0.09 4.31
C VAL A 81 -2.68 -0.14 3.49
N MET A 82 -2.37 -1.31 2.94
CA MET A 82 -1.18 -1.50 2.12
C MET A 82 -1.25 -0.59 0.88
N MET A 83 -2.40 -0.57 0.26
CA MET A 83 -2.59 0.20 -0.97
C MET A 83 -2.73 1.69 -0.71
N VAL A 84 -3.50 2.07 0.32
CA VAL A 84 -3.72 3.49 0.61
C VAL A 84 -2.44 4.19 1.07
N ARG A 85 -1.57 3.46 1.76
CA ARG A 85 -0.33 4.04 2.28
C ARG A 85 0.56 4.58 1.17
N GLN A 86 0.59 3.89 0.04
CA GLN A 86 1.41 4.34 -1.08
C GLN A 86 0.91 5.67 -1.62
N MET A 87 -0.40 5.78 -1.86
CA MET A 87 -0.94 7.03 -2.35
C MET A 87 -0.97 8.08 -1.25
N LYS A 88 -1.11 7.65 -0.01
CA LYS A 88 -1.12 8.57 1.13
C LYS A 88 0.16 9.43 1.15
N GLU A 89 1.31 8.79 1.01
CA GLU A 89 2.59 9.50 1.03
C GLU A 89 2.89 10.14 -0.33
N ASP A 90 2.30 9.58 -1.38
CA ASP A 90 2.50 10.10 -2.73
C ASP A 90 1.66 11.36 -2.95
N ALA A 91 0.55 11.46 -2.22
CA ALA A 91 -0.33 12.60 -2.32
C ALA A 91 0.05 13.68 -1.31
N GLY A 92 0.59 13.26 -0.16
CA GLY A 92 0.99 14.23 0.85
C GLY A 92 1.89 13.64 1.91
N GLY A 93 3.03 13.13 1.49
CA GLY A 93 3.98 12.55 2.43
C GLY A 93 5.11 13.50 2.77
N ALA A 94 5.12 14.66 2.09
CA ALA A 94 6.14 15.72 2.29
C ALA A 94 7.51 15.31 1.74
N GLY A 95 8.10 14.28 2.32
CA GLY A 95 9.41 13.84 1.90
C GLY A 95 10.01 12.84 2.87
N GLY A 96 11.17 13.17 3.42
CA GLY A 96 11.81 12.29 4.36
C GLY A 96 13.20 12.76 4.73
N LYS A 97 14.00 11.85 5.27
CA LYS A 97 15.37 12.17 5.68
C LYS A 97 16.36 11.30 4.93
N LEU A 98 17.54 11.84 4.69
CA LEU A 98 18.58 11.12 3.97
C LEU A 98 19.43 10.31 4.93
N PHE A 99 20.27 9.44 4.39
CA PHE A 99 21.11 8.58 5.19
C PHE A 99 22.35 8.14 4.41
N ASP A 100 22.11 7.64 3.21
CA ASP A 100 23.17 7.15 2.35
C ASP A 100 23.47 8.18 1.25
N LEU A 101 24.61 8.03 0.58
CA LEU A 101 24.99 8.95 -0.50
C LEU A 101 24.09 8.79 -1.71
N ARG A 102 23.26 7.76 -1.70
CA ARG A 102 22.29 7.52 -2.77
C ARG A 102 20.99 8.27 -2.46
N GLY A 103 20.86 8.71 -1.21
CA GLY A 103 19.67 9.40 -0.78
C GLY A 103 19.22 8.90 0.57
N LYS A 104 18.21 8.04 0.58
CA LYS A 104 17.72 7.46 1.81
C LYS A 104 18.58 6.26 2.22
N PHE A 105 18.11 5.48 3.18
CA PHE A 105 18.88 4.34 3.68
C PHE A 105 19.18 3.31 2.58
N LYS A 106 18.23 3.08 1.70
CA LYS A 106 18.39 2.09 0.64
C LYS A 106 18.26 2.75 -0.73
N ARG A 107 18.98 2.23 -1.70
CA ARG A 107 18.93 2.73 -3.06
C ARG A 107 17.56 2.47 -3.69
N PRO A 108 17.17 3.25 -4.70
CA PRO A 108 15.91 3.08 -5.41
C PRO A 108 15.93 1.85 -6.33
N PRO A 109 14.76 1.43 -6.85
CA PRO A 109 14.65 0.25 -7.74
C PRO A 109 15.26 0.49 -9.13
N LEU A 110 14.98 -0.43 -10.05
CA LEU A 110 15.48 -0.35 -11.43
C LEU A 110 15.01 0.93 -12.12
N ARG A 111 13.87 1.45 -11.66
CA ARG A 111 13.29 2.67 -12.23
C ARG A 111 13.96 3.91 -11.62
N ARG A 112 14.75 3.67 -10.57
CA ARG A 112 15.44 4.72 -9.80
C ARG A 112 14.44 5.63 -9.07
N VAL A 113 13.19 5.20 -9.05
CA VAL A 113 12.13 5.91 -8.39
C VAL A 113 10.96 4.96 -8.16
N ARG A 114 10.10 5.28 -7.23
CA ARG A 114 8.94 4.45 -6.94
C ARG A 114 7.81 4.79 -7.89
N MET A 115 6.84 3.92 -7.96
CA MET A 115 5.67 4.16 -8.76
C MET A 115 4.51 4.49 -7.84
N SER A 116 3.57 5.27 -8.31
CA SER A 116 2.43 5.63 -7.49
C SER A 116 1.48 4.45 -7.37
N ALA A 117 0.51 4.56 -6.48
CA ALA A 117 -0.47 3.50 -6.26
C ALA A 117 -1.19 3.17 -7.55
N ASP A 118 -1.54 4.20 -8.31
CA ASP A 118 -2.21 4.03 -9.59
C ASP A 118 -1.35 3.21 -10.55
N ALA A 119 -0.09 3.60 -10.66
CA ALA A 119 0.85 2.91 -11.53
C ALA A 119 1.10 1.48 -11.05
N MET A 120 1.13 1.32 -9.74
CA MET A 120 1.34 0.03 -9.13
C MET A 120 0.18 -0.91 -9.48
N LEU A 121 -1.06 -0.45 -9.29
CA LEU A 121 -2.24 -1.23 -9.65
C LEU A 121 -2.32 -1.43 -11.16
N LYS A 122 -1.80 -0.45 -11.88
CA LYS A 122 -1.77 -0.49 -13.33
C LYS A 122 -0.89 -1.65 -13.81
N ALA A 123 0.23 -1.86 -13.13
CA ALA A 123 1.13 -2.94 -13.45
C ALA A 123 0.66 -4.26 -12.84
N LEU A 124 0.02 -4.16 -11.68
CA LEU A 124 -0.53 -5.32 -10.99
C LEU A 124 -1.61 -5.98 -11.82
N LEU A 125 -2.64 -5.21 -12.14
CA LEU A 125 -3.76 -5.71 -12.92
C LEU A 125 -3.51 -5.55 -14.39
N GLY A 126 -3.50 -4.31 -14.85
CA GLY A 126 -3.35 -4.03 -16.27
C GLY A 126 -4.63 -4.30 -17.03
N SER A 127 -5.24 -3.24 -17.57
CA SER A 127 -6.48 -3.33 -18.35
C SER A 127 -7.72 -3.59 -17.46
N LYS A 128 -7.54 -4.41 -16.42
CA LYS A 128 -8.63 -4.75 -15.51
C LYS A 128 -8.93 -3.56 -14.57
N HIS A 129 -7.95 -2.68 -14.42
CA HIS A 129 -8.10 -1.51 -13.56
C HIS A 129 -9.14 -0.56 -14.14
N LYS A 130 -10.22 -0.35 -13.41
CA LYS A 130 -11.32 0.48 -13.86
C LYS A 130 -11.61 1.62 -12.89
N VAL A 131 -11.31 1.40 -11.61
CA VAL A 131 -11.60 2.40 -10.60
C VAL A 131 -10.51 3.46 -10.56
N CYS A 132 -10.76 4.52 -9.83
CA CYS A 132 -9.80 5.60 -9.72
C CYS A 132 -9.46 5.83 -8.26
N MET A 133 -8.25 5.47 -7.89
CA MET A 133 -7.79 5.63 -6.52
C MET A 133 -7.35 7.05 -6.26
N ASP A 134 -8.29 7.87 -5.87
CA ASP A 134 -8.00 9.26 -5.57
C ASP A 134 -8.23 9.55 -4.12
N LEU A 135 -7.15 9.56 -3.38
CA LEU A 135 -7.17 9.84 -1.96
C LEU A 135 -7.09 11.34 -1.72
N ARG A 136 -7.36 11.76 -0.49
CA ARG A 136 -7.25 13.16 -0.14
C ARG A 136 -6.21 13.32 0.97
N ALA A 137 -5.31 14.25 0.78
CA ALA A 137 -4.26 14.50 1.74
C ALA A 137 -3.97 16.00 1.81
N ASN A 138 -2.90 16.36 2.49
CA ASN A 138 -2.52 17.74 2.63
C ASN A 138 -1.03 17.86 2.28
N LEU A 139 -0.38 18.88 2.79
CA LEU A 139 1.04 19.07 2.55
C LEU A 139 1.84 18.19 3.50
N LYS A 140 1.35 18.09 4.73
CA LYS A 140 1.96 17.28 5.76
C LYS A 140 1.00 17.11 6.94
N GLN A 141 1.43 16.38 7.94
CA GLN A 141 0.63 16.16 9.13
C GLN A 141 1.53 15.92 10.32
N VAL A 142 0.96 15.76 11.49
CA VAL A 142 1.73 15.53 12.70
C VAL A 142 0.99 14.53 13.59
N LYS A 143 1.71 13.96 14.56
CA LYS A 143 1.12 13.00 15.46
C LYS A 143 0.16 13.68 16.43
N LYS A 144 -0.84 12.95 16.87
CA LYS A 144 -1.82 13.48 17.78
C LYS A 144 -1.55 13.01 19.21
N GLU A 145 -2.52 13.18 20.08
CA GLU A 145 -2.37 12.81 21.47
C GLU A 145 -3.47 11.84 21.89
N ASP A 146 -4.12 11.24 20.91
CA ASP A 146 -5.22 10.36 21.22
C ASP A 146 -4.73 8.99 21.58
N HIS A 147 -4.62 8.76 22.87
CA HIS A 147 -4.17 7.50 23.41
C HIS A 147 -4.52 7.44 24.88
N HIS A 148 -5.74 7.07 25.15
CA HIS A 148 -6.23 7.00 26.51
C HIS A 148 -5.89 5.66 27.15
N HIS A 149 -4.78 5.63 27.85
CA HIS A 149 -4.37 4.43 28.55
C HIS A 149 -5.25 4.23 29.77
N HIS A 150 -5.73 3.03 29.95
CA HIS A 150 -6.61 2.74 31.08
C HIS A 150 -6.42 1.32 31.56
N HIS A 151 -5.91 1.19 32.77
CA HIS A 151 -5.70 -0.11 33.36
C HIS A 151 -5.68 0.01 34.88
N HIS A 152 -6.75 -0.42 35.50
CA HIS A 152 -6.87 -0.38 36.94
C HIS A 152 -7.63 -1.60 37.41
N MET A 1 -18.35 -9.98 12.22
CA MET A 1 -18.32 -8.54 11.90
C MET A 1 -18.85 -7.72 13.07
N ALA A 2 -18.11 -6.71 13.46
CA ALA A 2 -18.51 -5.86 14.57
C ALA A 2 -17.85 -4.49 14.46
N SER A 3 -18.24 -3.59 15.34
CA SER A 3 -17.70 -2.25 15.37
C SER A 3 -16.22 -2.29 15.73
N MET A 4 -15.41 -1.52 15.02
CA MET A 4 -13.99 -1.47 15.27
C MET A 4 -13.46 -0.06 15.20
N THR A 5 -12.26 0.11 15.72
CA THR A 5 -11.56 1.38 15.68
C THR A 5 -10.15 1.12 15.17
N ASP A 6 -10.03 0.00 14.48
CA ASP A 6 -8.77 -0.48 13.93
C ASP A 6 -8.30 0.39 12.75
N GLN A 7 -7.03 0.23 12.39
CA GLN A 7 -6.42 1.00 11.31
C GLN A 7 -7.07 0.68 9.96
N GLN A 8 -7.53 -0.57 9.79
CA GLN A 8 -8.15 -0.97 8.53
C GLN A 8 -9.43 -0.18 8.27
N ALA A 9 -10.07 0.27 9.34
CA ALA A 9 -11.30 1.03 9.21
C ALA A 9 -11.00 2.40 8.61
N GLU A 10 -9.86 2.98 8.97
CA GLU A 10 -9.45 4.27 8.46
C GLU A 10 -9.13 4.19 6.98
N ALA A 11 -8.42 3.14 6.59
CA ALA A 11 -8.03 2.93 5.21
C ALA A 11 -9.26 2.78 4.31
N ARG A 12 -10.23 2.01 4.79
CA ARG A 12 -11.45 1.77 4.04
C ARG A 12 -12.32 3.02 3.98
N SER A 13 -12.14 3.92 4.94
CA SER A 13 -12.92 5.15 4.98
C SER A 13 -12.47 6.15 3.91
N TYR A 14 -11.29 5.93 3.36
CA TYR A 14 -10.76 6.82 2.33
C TYR A 14 -11.13 6.34 0.93
N LEU A 15 -11.62 5.12 0.84
CA LEU A 15 -11.86 4.51 -0.45
C LEU A 15 -13.34 4.32 -0.71
N SER A 16 -13.74 4.48 -1.97
CA SER A 16 -15.08 4.21 -2.39
C SER A 16 -15.23 2.72 -2.62
N GLU A 17 -16.45 2.19 -2.52
CA GLU A 17 -16.69 0.76 -2.68
C GLU A 17 -16.17 0.26 -4.04
N GLU A 18 -16.27 1.10 -5.05
CA GLU A 18 -15.80 0.76 -6.39
C GLU A 18 -14.27 0.55 -6.39
N MET A 19 -13.56 1.40 -5.66
CA MET A 19 -12.11 1.31 -5.57
C MET A 19 -11.72 0.11 -4.72
N ILE A 20 -12.54 -0.18 -3.73
CA ILE A 20 -12.33 -1.34 -2.88
C ILE A 20 -12.54 -2.62 -3.68
N ALA A 21 -13.55 -2.62 -4.53
CA ALA A 21 -13.84 -3.76 -5.40
C ALA A 21 -12.66 -3.99 -6.35
N GLU A 22 -12.04 -2.89 -6.75
CA GLU A 22 -10.88 -2.93 -7.63
C GLU A 22 -9.69 -3.55 -6.90
N PHE A 23 -9.45 -3.08 -5.69
CA PHE A 23 -8.33 -3.56 -4.89
C PHE A 23 -8.53 -5.01 -4.44
N LYS A 24 -9.78 -5.43 -4.33
CA LYS A 24 -10.11 -6.79 -3.90
C LYS A 24 -9.41 -7.84 -4.77
N ALA A 25 -9.24 -7.52 -6.05
CA ALA A 25 -8.61 -8.42 -7.00
C ALA A 25 -7.13 -8.66 -6.67
N ALA A 26 -6.57 -7.80 -5.82
CA ALA A 26 -5.17 -7.90 -5.42
C ALA A 26 -4.86 -9.23 -4.70
N PHE A 27 -5.83 -9.74 -3.96
CA PHE A 27 -5.62 -10.99 -3.22
C PHE A 27 -5.37 -12.17 -4.18
N ASP A 28 -5.93 -12.10 -5.37
CA ASP A 28 -5.81 -13.16 -6.36
C ASP A 28 -4.43 -13.14 -7.04
N MET A 29 -3.76 -11.98 -6.99
CA MET A 29 -2.42 -11.81 -7.61
C MET A 29 -1.51 -12.96 -7.26
N PHE A 30 -1.42 -13.26 -5.98
CA PHE A 30 -0.62 -14.39 -5.55
C PHE A 30 -1.48 -15.62 -5.42
N ASP A 31 -2.63 -15.45 -4.75
CA ASP A 31 -3.55 -16.55 -4.45
C ASP A 31 -2.84 -17.62 -3.62
N ALA A 32 -2.76 -17.37 -2.32
CA ALA A 32 -2.07 -18.26 -1.41
C ALA A 32 -2.82 -19.56 -1.20
N ASP A 33 -4.02 -19.46 -0.65
CA ASP A 33 -4.81 -20.66 -0.35
C ASP A 33 -6.29 -20.37 -0.48
N GLY A 34 -6.67 -19.14 -0.15
CA GLY A 34 -8.06 -18.73 -0.22
C GLY A 34 -8.52 -18.17 1.09
N GLY A 35 -8.51 -19.00 2.10
CA GLY A 35 -8.86 -18.58 3.43
C GLY A 35 -7.64 -18.49 4.30
N GLY A 36 -6.61 -17.86 3.77
CA GLY A 36 -5.37 -17.75 4.47
C GLY A 36 -4.78 -16.36 4.38
N ASP A 37 -3.72 -16.13 5.10
CA ASP A 37 -3.06 -14.84 5.14
C ASP A 37 -1.78 -14.84 4.31
N ILE A 38 -1.46 -13.69 3.74
CA ILE A 38 -0.27 -13.56 2.94
C ILE A 38 0.88 -13.04 3.82
N SER A 39 2.10 -13.46 3.53
CA SER A 39 3.26 -13.02 4.27
C SER A 39 4.30 -12.38 3.34
N VAL A 40 5.48 -12.07 3.88
CA VAL A 40 6.54 -11.40 3.12
C VAL A 40 6.93 -12.15 1.86
N LYS A 41 6.88 -13.46 1.90
CA LYS A 41 7.27 -14.29 0.77
C LYS A 41 6.23 -14.24 -0.33
N GLU A 42 5.01 -14.50 0.05
CA GLU A 42 3.88 -14.47 -0.86
C GLU A 42 3.74 -13.10 -1.52
N LEU A 43 3.85 -12.05 -0.70
CA LEU A 43 3.75 -10.68 -1.19
C LEU A 43 4.95 -10.37 -2.09
N GLY A 44 6.13 -10.79 -1.63
CA GLY A 44 7.34 -10.57 -2.38
C GLY A 44 7.28 -11.17 -3.77
N THR A 45 6.54 -12.26 -3.90
CA THR A 45 6.38 -12.92 -5.18
C THR A 45 5.67 -12.00 -6.18
N VAL A 46 4.49 -11.52 -5.80
CA VAL A 46 3.71 -10.64 -6.66
C VAL A 46 4.47 -9.38 -7.03
N MET A 47 5.07 -8.72 -6.04
CA MET A 47 5.79 -7.49 -6.30
C MET A 47 7.03 -7.74 -7.18
N ARG A 48 7.67 -8.90 -7.00
CA ARG A 48 8.81 -9.29 -7.81
C ARG A 48 8.37 -9.57 -9.25
N MET A 49 7.11 -10.00 -9.38
CA MET A 49 6.53 -10.29 -10.68
C MET A 49 6.47 -9.05 -11.58
N LEU A 50 6.47 -7.87 -10.98
CA LEU A 50 6.46 -6.64 -11.76
C LEU A 50 7.87 -6.30 -12.25
N GLY A 51 8.88 -6.83 -11.59
CA GLY A 51 10.24 -6.60 -11.99
C GLY A 51 11.11 -6.05 -10.87
N GLN A 52 10.55 -5.14 -10.10
CA GLN A 52 11.28 -4.52 -9.00
C GLN A 52 11.12 -5.31 -7.71
N THR A 53 12.24 -5.53 -7.03
CA THR A 53 12.24 -6.31 -5.80
C THR A 53 13.56 -6.08 -5.01
N PRO A 54 13.48 -5.25 -3.95
CA PRO A 54 14.65 -4.93 -3.13
C PRO A 54 15.12 -6.10 -2.23
N THR A 55 14.46 -6.28 -1.09
CA THR A 55 14.86 -7.29 -0.13
C THR A 55 13.70 -7.65 0.81
N LYS A 56 13.82 -8.79 1.47
CA LYS A 56 12.81 -9.25 2.44
C LYS A 56 12.72 -8.24 3.56
N GLU A 57 13.83 -7.58 3.85
CA GLU A 57 13.89 -6.55 4.90
C GLU A 57 12.85 -5.47 4.64
N GLU A 58 12.74 -5.04 3.38
CA GLU A 58 11.78 -4.03 2.97
C GLU A 58 10.36 -4.55 3.14
N LEU A 59 10.15 -5.80 2.76
CA LEU A 59 8.84 -6.44 2.82
C LEU A 59 8.39 -6.59 4.26
N ASP A 60 9.29 -7.06 5.09
CA ASP A 60 8.99 -7.28 6.49
C ASP A 60 8.73 -5.95 7.19
N ALA A 61 9.52 -4.95 6.84
CA ALA A 61 9.40 -3.62 7.43
C ALA A 61 8.10 -2.93 7.04
N ILE A 62 7.78 -2.94 5.73
CA ILE A 62 6.56 -2.29 5.23
C ILE A 62 5.31 -2.88 5.88
N ILE A 63 5.38 -4.16 6.21
CA ILE A 63 4.28 -4.83 6.86
C ILE A 63 4.28 -4.52 8.36
N GLU A 64 5.45 -4.56 8.96
CA GLU A 64 5.61 -4.33 10.40
C GLU A 64 5.16 -2.92 10.81
N GLU A 65 5.51 -1.92 10.01
CA GLU A 65 5.17 -0.53 10.31
C GLU A 65 3.65 -0.30 10.35
N VAL A 66 2.89 -1.18 9.73
CA VAL A 66 1.44 -1.05 9.70
C VAL A 66 0.75 -2.16 10.49
N ASP A 67 1.45 -3.26 10.67
CA ASP A 67 0.91 -4.41 11.37
C ASP A 67 0.97 -4.19 12.87
N GLU A 68 -0.16 -4.01 13.48
CA GLU A 68 -0.21 -3.78 14.91
C GLU A 68 -0.87 -4.93 15.63
N ASP A 69 -1.21 -5.96 14.88
CA ASP A 69 -1.85 -7.15 15.43
C ASP A 69 -0.80 -8.11 15.99
N GLY A 70 0.48 -7.78 15.79
CA GLY A 70 1.55 -8.59 16.33
C GLY A 70 1.84 -9.81 15.51
N SER A 71 1.68 -9.69 14.21
CA SER A 71 1.90 -10.78 13.29
C SER A 71 1.91 -10.21 11.92
N GLY A 72 3.07 -10.16 11.24
CA GLY A 72 2.94 -9.57 9.94
C GLY A 72 2.18 -10.51 9.07
N THR A 73 1.02 -10.05 8.71
CA THR A 73 0.09 -10.77 7.94
C THR A 73 -0.65 -9.85 7.07
N ILE A 74 -0.90 -10.25 5.86
CA ILE A 74 -1.75 -9.47 5.02
C ILE A 74 -3.09 -10.21 4.90
N ASP A 75 -4.14 -9.48 4.66
CA ASP A 75 -5.49 -10.04 4.57
C ASP A 75 -6.36 -9.04 3.84
N PHE A 76 -7.62 -9.35 3.63
CA PHE A 76 -8.52 -8.42 2.94
C PHE A 76 -8.62 -7.10 3.71
N GLU A 77 -8.53 -7.18 5.01
CA GLU A 77 -8.55 -5.99 5.85
C GLU A 77 -7.15 -5.34 5.95
N GLU A 78 -6.14 -6.17 6.23
CA GLU A 78 -4.78 -5.67 6.41
C GLU A 78 -4.13 -5.18 5.08
N PHE A 79 -4.53 -5.77 3.95
CA PHE A 79 -3.96 -5.42 2.63
C PHE A 79 -4.38 -4.03 2.19
N LEU A 80 -5.55 -3.61 2.62
CA LEU A 80 -6.11 -2.34 2.24
C LEU A 80 -5.19 -1.20 2.69
N VAL A 81 -4.59 -1.38 3.86
CA VAL A 81 -3.66 -0.40 4.40
C VAL A 81 -2.39 -0.34 3.55
N MET A 82 -2.02 -1.48 2.96
CA MET A 82 -0.82 -1.59 2.14
C MET A 82 -0.97 -0.74 0.87
N MET A 83 -2.16 -0.79 0.30
CA MET A 83 -2.45 -0.05 -0.94
C MET A 83 -2.50 1.45 -0.70
N VAL A 84 -3.18 1.86 0.36
CA VAL A 84 -3.32 3.28 0.66
C VAL A 84 -1.99 3.96 0.96
N ARG A 85 -1.02 3.20 1.48
CA ARG A 85 0.28 3.77 1.88
C ARG A 85 0.92 4.57 0.76
N GLN A 86 1.04 3.98 -0.41
CA GLN A 86 1.71 4.64 -1.52
C GLN A 86 0.99 5.91 -1.94
N MET A 87 -0.32 5.80 -2.17
CA MET A 87 -1.12 6.95 -2.60
C MET A 87 -1.18 8.01 -1.50
N LYS A 88 -1.11 7.56 -0.26
CA LYS A 88 -1.16 8.46 0.88
C LYS A 88 0.12 9.30 0.97
N GLU A 89 1.26 8.70 0.65
CA GLU A 89 2.51 9.44 0.68
C GLU A 89 2.74 10.19 -0.62
N ASP A 90 2.19 9.68 -1.73
CA ASP A 90 2.25 10.39 -3.02
C ASP A 90 1.58 11.74 -2.88
N ALA A 91 0.47 11.74 -2.16
CA ALA A 91 -0.33 12.93 -1.96
C ALA A 91 -0.07 13.53 -0.57
N GLY A 92 1.10 13.27 -0.02
CA GLY A 92 1.40 13.80 1.30
C GLY A 92 2.85 14.16 1.49
N GLY A 93 3.74 13.20 1.28
CA GLY A 93 5.15 13.42 1.50
C GLY A 93 5.57 12.92 2.86
N ALA A 94 6.82 12.50 2.98
CA ALA A 94 7.32 11.96 4.25
C ALA A 94 8.67 12.57 4.61
N GLY A 95 9.00 13.68 3.96
CA GLY A 95 10.28 14.31 4.21
C GLY A 95 11.31 13.89 3.19
N GLY A 96 11.43 12.59 2.99
CA GLY A 96 12.35 12.08 2.00
C GLY A 96 11.63 11.68 0.74
N LYS A 97 12.39 11.50 -0.34
CA LYS A 97 11.85 11.11 -1.65
C LYS A 97 11.12 12.24 -2.32
N LEU A 98 11.39 13.42 -1.87
CA LEU A 98 10.77 14.61 -2.41
C LEU A 98 11.45 15.06 -3.70
N PHE A 99 11.23 14.29 -4.73
CA PHE A 99 11.74 14.60 -6.05
C PHE A 99 10.58 15.02 -6.94
N ASP A 100 9.44 15.26 -6.32
CA ASP A 100 8.23 15.61 -7.04
C ASP A 100 8.25 17.05 -7.48
N LEU A 101 8.18 17.23 -8.77
CA LEU A 101 8.11 18.54 -9.38
C LEU A 101 6.92 18.60 -10.31
N ARG A 102 6.01 17.65 -10.12
CA ARG A 102 4.83 17.51 -10.96
C ARG A 102 3.92 18.72 -10.84
N GLY A 103 3.72 19.37 -11.97
CA GLY A 103 2.88 20.54 -12.00
C GLY A 103 2.23 20.71 -13.36
N LYS A 104 2.49 21.83 -14.00
CA LYS A 104 1.92 22.11 -15.31
C LYS A 104 2.83 21.66 -16.43
N PHE A 105 4.07 22.13 -16.40
CA PHE A 105 5.02 21.81 -17.46
C PHE A 105 6.09 20.83 -16.98
N LYS A 106 5.90 20.27 -15.81
CA LYS A 106 6.87 19.34 -15.23
C LYS A 106 6.16 18.13 -14.62
N ARG A 107 6.76 16.95 -14.75
CA ARG A 107 6.21 15.73 -14.20
C ARG A 107 7.29 14.64 -14.11
N PRO A 108 7.15 13.71 -13.13
CA PRO A 108 8.14 12.63 -12.88
C PRO A 108 8.44 11.78 -14.12
N PRO A 109 9.62 11.14 -14.14
CA PRO A 109 10.05 10.29 -15.26
C PRO A 109 9.37 8.93 -15.26
N LEU A 110 9.72 8.11 -16.24
CA LEU A 110 9.16 6.76 -16.37
C LEU A 110 10.03 5.73 -15.65
N ARG A 111 10.77 6.19 -14.65
CA ARG A 111 11.66 5.33 -13.90
C ARG A 111 10.88 4.27 -13.12
N ARG A 112 11.17 3.01 -13.39
CA ARG A 112 10.49 1.91 -12.72
C ARG A 112 11.17 1.56 -11.41
N VAL A 113 10.65 2.13 -10.32
CA VAL A 113 11.14 1.85 -8.97
C VAL A 113 10.37 2.65 -7.93
N ARG A 114 9.67 1.94 -7.04
CA ARG A 114 8.91 2.57 -5.94
C ARG A 114 7.95 3.64 -6.47
N MET A 115 7.36 3.40 -7.63
CA MET A 115 6.48 4.36 -8.27
C MET A 115 5.11 4.42 -7.59
N SER A 116 4.33 5.43 -7.97
CA SER A 116 3.02 5.70 -7.39
C SER A 116 2.05 4.51 -7.54
N ALA A 117 1.03 4.50 -6.68
CA ALA A 117 0.03 3.42 -6.63
C ALA A 117 -0.73 3.25 -7.94
N ASP A 118 -0.90 4.33 -8.70
CA ASP A 118 -1.62 4.25 -9.97
C ASP A 118 -0.91 3.32 -10.95
N ALA A 119 0.39 3.51 -11.09
CA ALA A 119 1.19 2.66 -11.96
C ALA A 119 1.36 1.28 -11.36
N MET A 120 1.46 1.24 -10.04
CA MET A 120 1.63 0.00 -9.30
C MET A 120 0.43 -0.91 -9.50
N LEU A 121 -0.76 -0.40 -9.21
CA LEU A 121 -2.00 -1.17 -9.36
C LEU A 121 -2.25 -1.49 -10.83
N LYS A 122 -1.79 -0.63 -11.71
CA LYS A 122 -1.97 -0.83 -13.14
C LYS A 122 -1.13 -2.02 -13.62
N ALA A 123 0.02 -2.23 -12.98
CA ALA A 123 0.88 -3.34 -13.33
C ALA A 123 0.29 -4.66 -12.82
N LEU A 124 -0.30 -4.60 -11.63
CA LEU A 124 -0.94 -5.77 -11.02
C LEU A 124 -2.23 -6.15 -11.74
N LEU A 125 -3.17 -5.21 -11.77
CA LEU A 125 -4.50 -5.44 -12.36
C LEU A 125 -4.46 -5.43 -13.88
N GLY A 126 -3.53 -4.68 -14.43
CA GLY A 126 -3.40 -4.60 -15.86
C GLY A 126 -4.60 -3.96 -16.51
N SER A 127 -5.24 -4.69 -17.41
CA SER A 127 -6.39 -4.19 -18.13
C SER A 127 -7.69 -4.35 -17.32
N LYS A 128 -7.59 -4.84 -16.10
CA LYS A 128 -8.76 -5.01 -15.25
C LYS A 128 -9.09 -3.73 -14.51
N HIS A 129 -8.10 -2.86 -14.38
CA HIS A 129 -8.26 -1.60 -13.65
C HIS A 129 -9.30 -0.70 -14.31
N LYS A 130 -10.09 -0.01 -13.50
CA LYS A 130 -11.14 0.87 -14.01
C LYS A 130 -11.33 2.14 -13.17
N VAL A 131 -10.98 2.08 -11.88
CA VAL A 131 -11.21 3.22 -10.99
C VAL A 131 -10.11 4.28 -11.08
N CYS A 132 -10.36 5.43 -10.49
CA CYS A 132 -9.42 6.54 -10.49
C CYS A 132 -8.50 6.47 -9.26
N MET A 133 -7.48 7.29 -9.25
CA MET A 133 -6.53 7.33 -8.14
C MET A 133 -6.39 8.74 -7.58
N ASP A 134 -7.32 9.14 -6.74
CA ASP A 134 -7.25 10.43 -6.10
C ASP A 134 -7.69 10.35 -4.65
N LEU A 135 -6.72 10.51 -3.77
CA LEU A 135 -6.99 10.49 -2.35
C LEU A 135 -7.31 11.89 -1.86
N ARG A 136 -8.58 12.15 -1.61
CA ARG A 136 -9.03 13.47 -1.17
C ARG A 136 -8.86 13.65 0.32
N ALA A 137 -8.69 12.57 1.02
CA ALA A 137 -8.57 12.59 2.46
C ALA A 137 -7.23 12.06 2.92
N ASN A 138 -6.40 12.95 3.39
CA ASN A 138 -5.09 12.58 3.88
C ASN A 138 -4.59 13.62 4.87
N LEU A 139 -4.41 13.20 6.10
CA LEU A 139 -3.97 14.10 7.15
C LEU A 139 -2.45 14.08 7.28
N LYS A 140 -1.94 12.98 7.82
CA LYS A 140 -0.51 12.80 8.02
C LYS A 140 -0.20 11.37 8.42
N GLN A 141 1.07 11.08 8.58
CA GLN A 141 1.50 9.77 8.99
C GLN A 141 2.18 9.85 10.36
N VAL A 142 2.49 8.72 10.93
CA VAL A 142 3.17 8.68 12.20
C VAL A 142 4.24 7.60 12.18
N LYS A 143 5.21 7.73 13.05
CA LYS A 143 6.27 6.74 13.15
C LYS A 143 5.77 5.52 13.89
N LYS A 144 6.41 4.40 13.66
CA LYS A 144 6.06 3.17 14.33
C LYS A 144 7.30 2.63 15.02
N GLU A 145 7.14 1.59 15.82
CA GLU A 145 8.27 0.97 16.51
C GLU A 145 9.04 0.06 15.55
N ASP A 146 9.35 0.60 14.38
CA ASP A 146 10.07 -0.12 13.34
C ASP A 146 11.49 -0.44 13.80
N HIS A 147 11.77 -1.73 13.93
CA HIS A 147 13.07 -2.20 14.34
C HIS A 147 13.40 -3.50 13.64
N HIS A 148 14.68 -3.81 13.55
CA HIS A 148 15.09 -5.07 12.94
C HIS A 148 14.85 -6.22 13.91
N HIS A 149 13.63 -6.70 13.91
CA HIS A 149 13.25 -7.80 14.78
C HIS A 149 13.63 -9.13 14.13
N HIS A 150 13.91 -10.13 14.94
CA HIS A 150 14.31 -11.43 14.44
C HIS A 150 13.11 -12.21 13.92
N HIS A 151 12.99 -12.27 12.61
CA HIS A 151 11.90 -12.98 11.98
C HIS A 151 12.23 -14.47 11.94
N HIS A 152 11.21 -15.33 12.00
CA HIS A 152 11.38 -16.79 12.05
C HIS A 152 11.92 -17.21 13.42
N MET A 1 -15.68 -7.25 14.59
CA MET A 1 -15.47 -5.79 14.62
C MET A 1 -16.23 -5.17 15.78
N ALA A 2 -15.52 -4.73 16.81
CA ALA A 2 -16.15 -4.11 17.96
C ALA A 2 -16.01 -2.60 17.89
N SER A 3 -14.80 -2.15 17.63
CA SER A 3 -14.53 -0.75 17.53
C SER A 3 -14.29 -0.36 16.08
N MET A 4 -14.87 0.74 15.66
CA MET A 4 -14.70 1.23 14.31
C MET A 4 -13.74 2.40 14.30
N THR A 5 -12.96 2.49 15.35
CA THR A 5 -11.97 3.54 15.51
C THR A 5 -10.61 3.08 14.99
N ASP A 6 -10.48 1.77 14.77
CA ASP A 6 -9.24 1.19 14.26
C ASP A 6 -9.00 1.65 12.83
N GLN A 7 -7.74 1.59 12.39
CA GLN A 7 -7.38 2.04 11.05
C GLN A 7 -8.00 1.15 9.98
N GLN A 8 -8.47 -0.03 10.40
CA GLN A 8 -9.18 -0.95 9.54
C GLN A 8 -10.39 -0.25 8.93
N ALA A 9 -11.08 0.53 9.75
CA ALA A 9 -12.25 1.27 9.31
C ALA A 9 -11.83 2.48 8.50
N GLU A 10 -10.67 3.04 8.82
CA GLU A 10 -10.16 4.21 8.12
C GLU A 10 -9.90 3.90 6.66
N ALA A 11 -9.19 2.80 6.42
CA ALA A 11 -8.82 2.40 5.07
C ALA A 11 -10.05 2.27 4.17
N ARG A 12 -11.07 1.57 4.64
CA ARG A 12 -12.29 1.37 3.87
C ARG A 12 -13.08 2.67 3.75
N SER A 13 -12.86 3.59 4.67
CA SER A 13 -13.53 4.87 4.62
C SER A 13 -12.79 5.84 3.69
N TYR A 14 -11.53 5.53 3.37
CA TYR A 14 -10.74 6.36 2.49
C TYR A 14 -11.12 6.09 1.06
N LEU A 15 -11.32 4.83 0.77
CA LEU A 15 -11.56 4.36 -0.57
C LEU A 15 -13.05 4.30 -0.88
N SER A 16 -13.38 4.59 -2.13
CA SER A 16 -14.74 4.49 -2.59
C SER A 16 -15.09 3.02 -2.78
N GLU A 17 -16.38 2.68 -2.61
CA GLU A 17 -16.83 1.29 -2.72
C GLU A 17 -16.46 0.67 -4.07
N GLU A 18 -16.66 1.42 -5.14
CA GLU A 18 -16.31 0.94 -6.48
C GLU A 18 -14.82 0.61 -6.56
N MET A 19 -14.02 1.50 -6.00
CA MET A 19 -12.58 1.34 -5.99
C MET A 19 -12.16 0.12 -5.18
N ILE A 20 -12.78 -0.06 -4.03
CA ILE A 20 -12.53 -1.22 -3.17
C ILE A 20 -12.90 -2.51 -3.90
N ALA A 21 -13.99 -2.46 -4.66
CA ALA A 21 -14.47 -3.60 -5.41
C ALA A 21 -13.47 -4.03 -6.48
N GLU A 22 -12.66 -3.09 -6.97
CA GLU A 22 -11.65 -3.42 -7.96
C GLU A 22 -10.45 -4.07 -7.28
N PHE A 23 -10.18 -3.64 -6.05
CA PHE A 23 -9.09 -4.20 -5.27
C PHE A 23 -9.35 -5.67 -4.94
N LYS A 24 -10.60 -6.08 -5.07
CA LYS A 24 -10.99 -7.47 -4.85
C LYS A 24 -10.14 -8.41 -5.72
N ALA A 25 -9.76 -7.93 -6.91
CA ALA A 25 -8.98 -8.71 -7.85
C ALA A 25 -7.51 -8.78 -7.43
N ALA A 26 -7.10 -7.92 -6.50
CA ALA A 26 -5.72 -7.87 -6.03
C ALA A 26 -5.32 -9.17 -5.34
N PHE A 27 -6.28 -9.81 -4.67
CA PHE A 27 -6.02 -11.08 -3.99
C PHE A 27 -5.49 -12.13 -4.98
N ASP A 28 -5.87 -11.98 -6.25
CA ASP A 28 -5.44 -12.90 -7.31
C ASP A 28 -3.94 -12.76 -7.59
N MET A 29 -3.41 -11.57 -7.31
CA MET A 29 -1.98 -11.27 -7.50
C MET A 29 -1.11 -12.23 -6.74
N PHE A 30 -1.33 -12.32 -5.44
CA PHE A 30 -0.52 -13.15 -4.57
C PHE A 30 -0.96 -14.59 -4.67
N ASP A 31 -2.27 -14.80 -4.63
CA ASP A 31 -2.89 -16.12 -4.65
C ASP A 31 -2.49 -16.94 -3.44
N ALA A 32 -3.22 -16.74 -2.37
CA ALA A 32 -3.02 -17.49 -1.13
C ALA A 32 -3.99 -18.64 -1.10
N ASP A 33 -4.63 -18.85 -2.24
CA ASP A 33 -5.63 -19.90 -2.44
C ASP A 33 -6.98 -19.51 -1.85
N GLY A 34 -6.99 -19.01 -0.63
CA GLY A 34 -8.25 -18.59 -0.03
C GLY A 34 -8.20 -18.61 1.49
N GLY A 35 -7.61 -19.64 2.04
CA GLY A 35 -7.56 -19.77 3.47
C GLY A 35 -6.17 -19.56 4.00
N GLY A 36 -5.56 -18.46 3.59
CA GLY A 36 -4.23 -18.17 4.02
C GLY A 36 -3.95 -16.69 4.08
N ASP A 37 -3.09 -16.31 5.00
CA ASP A 37 -2.68 -14.91 5.16
C ASP A 37 -1.44 -14.66 4.33
N ILE A 38 -1.31 -13.46 3.81
CA ILE A 38 -0.16 -13.14 3.00
C ILE A 38 1.00 -12.73 3.89
N SER A 39 2.20 -13.06 3.48
CA SER A 39 3.39 -12.70 4.20
C SER A 39 4.48 -12.26 3.23
N VAL A 40 5.70 -12.14 3.72
CA VAL A 40 6.84 -11.71 2.92
C VAL A 40 7.03 -12.55 1.66
N LYS A 41 6.59 -13.80 1.71
CA LYS A 41 6.69 -14.71 0.60
C LYS A 41 5.74 -14.32 -0.52
N GLU A 42 4.46 -14.48 -0.24
CA GLU A 42 3.39 -14.16 -1.16
C GLU A 42 3.45 -12.70 -1.63
N LEU A 43 3.71 -11.79 -0.70
CA LEU A 43 3.79 -10.36 -1.01
C LEU A 43 5.02 -10.09 -1.86
N GLY A 44 6.13 -10.70 -1.47
CA GLY A 44 7.38 -10.54 -2.18
C GLY A 44 7.30 -11.06 -3.60
N THR A 45 6.43 -12.02 -3.83
CA THR A 45 6.26 -12.58 -5.15
C THR A 45 5.64 -11.55 -6.10
N VAL A 46 4.54 -10.94 -5.66
CA VAL A 46 3.86 -9.94 -6.48
C VAL A 46 4.75 -8.76 -6.79
N MET A 47 5.39 -8.20 -5.76
CA MET A 47 6.26 -7.05 -5.98
C MET A 47 7.42 -7.39 -6.89
N ARG A 48 7.90 -8.63 -6.81
CA ARG A 48 8.98 -9.12 -7.65
C ARG A 48 8.50 -9.21 -9.10
N MET A 49 7.22 -9.52 -9.26
CA MET A 49 6.61 -9.65 -10.57
C MET A 49 6.66 -8.34 -11.38
N LEU A 50 6.69 -7.20 -10.69
CA LEU A 50 6.78 -5.91 -11.38
C LEU A 50 8.21 -5.61 -11.83
N GLY A 51 9.18 -6.36 -11.32
CA GLY A 51 10.55 -6.17 -11.72
C GLY A 51 11.51 -6.09 -10.55
N GLN A 52 11.32 -5.11 -9.70
CA GLN A 52 12.19 -4.90 -8.56
C GLN A 52 11.92 -5.90 -7.45
N THR A 53 12.98 -6.32 -6.78
CA THR A 53 12.87 -7.29 -5.71
C THR A 53 14.16 -7.32 -4.85
N PRO A 54 14.10 -6.73 -3.65
CA PRO A 54 15.22 -6.70 -2.73
C PRO A 54 15.27 -7.97 -1.84
N THR A 55 15.64 -7.79 -0.59
CA THR A 55 15.78 -8.89 0.34
C THR A 55 14.49 -9.06 1.16
N LYS A 56 14.35 -10.21 1.80
CA LYS A 56 13.20 -10.48 2.64
C LYS A 56 13.15 -9.49 3.78
N GLU A 57 14.33 -9.08 4.25
CA GLU A 57 14.46 -8.12 5.35
C GLU A 57 13.71 -6.82 5.05
N GLU A 58 13.80 -6.39 3.79
CA GLU A 58 13.12 -5.18 3.35
C GLU A 58 11.61 -5.40 3.40
N LEU A 59 11.19 -6.53 2.84
CA LEU A 59 9.77 -6.90 2.81
C LEU A 59 9.21 -6.99 4.22
N ASP A 60 9.97 -7.64 5.09
CA ASP A 60 9.59 -7.85 6.48
C ASP A 60 9.43 -6.51 7.20
N ALA A 61 10.29 -5.56 6.86
CA ALA A 61 10.27 -4.25 7.49
C ALA A 61 9.17 -3.36 6.94
N ILE A 62 8.99 -3.36 5.63
CA ILE A 62 7.94 -2.54 5.01
C ILE A 62 6.57 -3.02 5.48
N ILE A 63 6.44 -4.32 5.70
CA ILE A 63 5.20 -4.87 6.19
C ILE A 63 5.05 -4.62 7.70
N GLU A 64 6.18 -4.50 8.40
CA GLU A 64 6.14 -4.33 9.85
C GLU A 64 5.75 -2.90 10.23
N GLU A 65 5.97 -1.95 9.33
CA GLU A 65 5.61 -0.58 9.60
C GLU A 65 4.14 -0.33 9.28
N VAL A 66 3.59 -1.13 8.39
CA VAL A 66 2.18 -1.00 8.02
C VAL A 66 1.32 -1.87 8.92
N ASP A 67 1.94 -2.89 9.51
CA ASP A 67 1.26 -3.80 10.40
C ASP A 67 1.37 -3.30 11.84
N GLU A 68 0.39 -3.62 12.65
CA GLU A 68 0.40 -3.21 14.03
C GLU A 68 -0.16 -4.29 14.95
N ASP A 69 -0.24 -5.51 14.44
CA ASP A 69 -0.77 -6.63 15.23
C ASP A 69 0.35 -7.55 15.70
N GLY A 70 1.59 -7.11 15.52
CA GLY A 70 2.74 -7.88 16.00
C GLY A 70 3.07 -9.06 15.12
N SER A 71 2.73 -8.96 13.86
CA SER A 71 2.98 -10.00 12.90
C SER A 71 2.81 -9.41 11.54
N GLY A 72 3.82 -9.36 10.69
CA GLY A 72 3.49 -8.82 9.42
C GLY A 72 2.65 -9.83 8.71
N THR A 73 1.42 -9.45 8.50
CA THR A 73 0.44 -10.30 7.90
C THR A 73 -0.50 -9.48 7.11
N ILE A 74 -0.90 -9.95 5.97
CA ILE A 74 -1.95 -9.29 5.25
C ILE A 74 -3.20 -10.15 5.37
N ASP A 75 -4.36 -9.55 5.29
CA ASP A 75 -5.62 -10.25 5.47
C ASP A 75 -6.71 -9.43 4.81
N PHE A 76 -7.96 -9.79 5.02
CA PHE A 76 -9.07 -9.06 4.44
C PHE A 76 -9.06 -7.60 4.85
N GLU A 77 -8.88 -7.34 6.15
CA GLU A 77 -8.82 -5.97 6.64
C GLU A 77 -7.44 -5.36 6.46
N GLU A 78 -6.40 -6.15 6.75
CA GLU A 78 -5.02 -5.68 6.66
C GLU A 78 -4.64 -5.27 5.22
N PHE A 79 -5.27 -5.93 4.24
CA PHE A 79 -5.04 -5.64 2.82
C PHE A 79 -5.38 -4.19 2.49
N LEU A 80 -6.50 -3.71 3.03
CA LEU A 80 -6.96 -2.34 2.80
C LEU A 80 -5.90 -1.31 3.21
N VAL A 81 -5.26 -1.56 4.35
CA VAL A 81 -4.28 -0.64 4.89
C VAL A 81 -3.01 -0.59 4.02
N MET A 82 -2.68 -1.73 3.41
CA MET A 82 -1.49 -1.83 2.56
C MET A 82 -1.61 -0.89 1.37
N MET A 83 -2.78 -0.89 0.76
CA MET A 83 -3.02 -0.09 -0.41
C MET A 83 -3.13 1.41 -0.08
N VAL A 84 -3.86 1.74 1.00
CA VAL A 84 -4.03 3.13 1.40
C VAL A 84 -2.71 3.76 1.87
N ARG A 85 -1.83 2.92 2.44
CA ARG A 85 -0.55 3.40 2.96
C ARG A 85 0.23 4.16 1.91
N GLN A 86 0.41 3.56 0.75
CA GLN A 86 1.19 4.18 -0.31
C GLN A 86 0.49 5.41 -0.89
N MET A 87 -0.82 5.35 -1.04
CA MET A 87 -1.55 6.47 -1.64
C MET A 87 -1.74 7.63 -0.67
N LYS A 88 -1.86 7.36 0.63
CA LYS A 88 -2.07 8.45 1.59
C LYS A 88 -0.78 9.27 1.79
N GLU A 89 0.37 8.63 1.63
CA GLU A 89 1.64 9.35 1.77
C GLU A 89 2.00 10.04 0.45
N ASP A 90 1.65 9.40 -0.65
CA ASP A 90 1.92 9.94 -1.99
C ASP A 90 0.96 11.07 -2.32
N ALA A 91 -0.04 11.25 -1.45
CA ALA A 91 -1.01 12.33 -1.60
C ALA A 91 -0.37 13.67 -1.31
N GLY A 92 0.87 13.64 -0.84
CA GLY A 92 1.60 14.84 -0.56
C GLY A 92 2.32 15.35 -1.79
N GLY A 93 3.64 15.47 -1.69
CA GLY A 93 4.42 15.95 -2.81
C GLY A 93 4.20 17.42 -3.05
N ALA A 94 4.43 18.21 -2.00
CA ALA A 94 4.21 19.65 -2.07
C ALA A 94 5.52 20.40 -2.34
N GLY A 95 6.53 19.67 -2.81
CA GLY A 95 7.82 20.28 -3.09
C GLY A 95 7.84 21.06 -4.40
N GLY A 96 7.00 22.09 -4.49
CA GLY A 96 6.95 22.91 -5.68
C GLY A 96 6.15 22.28 -6.79
N LYS A 97 5.68 23.10 -7.72
CA LYS A 97 4.93 22.60 -8.85
C LYS A 97 5.47 23.17 -10.14
N LEU A 98 5.89 22.30 -11.01
CA LEU A 98 6.44 22.69 -12.29
C LEU A 98 5.48 22.29 -13.39
N PHE A 99 5.95 22.31 -14.63
CA PHE A 99 5.13 21.91 -15.75
C PHE A 99 5.11 20.39 -15.85
N ASP A 100 4.17 19.79 -15.15
CA ASP A 100 4.04 18.34 -15.14
C ASP A 100 3.41 17.83 -16.41
N LEU A 101 4.24 17.29 -17.28
CA LEU A 101 3.80 16.75 -18.56
C LEU A 101 3.24 15.34 -18.39
N ARG A 102 2.81 15.04 -17.18
CA ARG A 102 2.26 13.72 -16.88
C ARG A 102 0.74 13.74 -16.97
N GLY A 103 0.16 14.94 -16.88
CA GLY A 103 -1.28 15.07 -16.95
C GLY A 103 -1.86 15.48 -15.62
N LYS A 104 -1.38 14.86 -14.56
CA LYS A 104 -1.84 15.18 -13.22
C LYS A 104 -0.87 16.17 -12.56
N PHE A 105 -1.09 16.43 -11.28
CA PHE A 105 -0.25 17.38 -10.56
C PHE A 105 0.96 16.66 -9.94
N LYS A 106 1.15 15.43 -10.33
CA LYS A 106 2.28 14.65 -9.85
C LYS A 106 2.80 13.79 -10.99
N ARG A 107 4.07 13.46 -10.94
CA ARG A 107 4.65 12.62 -11.96
C ARG A 107 5.75 11.75 -11.38
N PRO A 108 5.67 10.42 -11.59
CA PRO A 108 6.69 9.49 -11.12
C PRO A 108 8.03 9.74 -11.80
N PRO A 109 9.12 9.21 -11.23
CA PRO A 109 10.46 9.41 -11.76
C PRO A 109 10.71 8.58 -13.02
N LEU A 110 11.89 8.75 -13.59
CA LEU A 110 12.27 8.02 -14.80
C LEU A 110 12.94 6.71 -14.44
N ARG A 111 12.88 6.36 -13.17
CA ARG A 111 13.49 5.15 -12.68
C ARG A 111 12.43 4.12 -12.34
N ARG A 112 12.83 2.85 -12.38
CA ARG A 112 11.92 1.75 -12.10
C ARG A 112 11.91 1.45 -10.59
N VAL A 113 12.06 2.49 -9.80
CA VAL A 113 12.05 2.38 -8.35
C VAL A 113 10.59 2.28 -7.86
N ARG A 114 10.39 2.04 -6.56
CA ARG A 114 9.04 1.92 -5.99
C ARG A 114 8.22 3.18 -6.26
N MET A 115 7.24 3.05 -7.13
CA MET A 115 6.40 4.16 -7.52
C MET A 115 5.10 4.21 -6.71
N SER A 116 4.29 5.23 -6.99
CA SER A 116 3.02 5.47 -6.31
C SER A 116 2.05 4.30 -6.43
N ALA A 117 1.12 4.20 -5.45
CA ALA A 117 0.11 3.13 -5.42
C ALA A 117 -0.70 3.05 -6.70
N ASP A 118 -1.10 4.19 -7.23
CA ASP A 118 -1.89 4.23 -8.45
C ASP A 118 -1.15 3.57 -9.61
N ALA A 119 0.12 3.85 -9.73
CA ALA A 119 0.96 3.24 -10.76
C ALA A 119 1.20 1.77 -10.44
N MET A 120 1.39 1.48 -9.16
CA MET A 120 1.62 0.12 -8.69
C MET A 120 0.42 -0.77 -9.01
N LEU A 121 -0.77 -0.30 -8.66
CA LEU A 121 -2.00 -1.03 -8.95
C LEU A 121 -2.24 -1.08 -10.45
N LYS A 122 -1.79 -0.06 -11.16
CA LYS A 122 -1.96 0.00 -12.60
C LYS A 122 -1.13 -1.11 -13.27
N ALA A 123 0.00 -1.45 -12.67
CA ALA A 123 0.82 -2.53 -13.17
C ALA A 123 0.28 -3.87 -12.66
N LEU A 124 -0.18 -3.87 -11.41
CA LEU A 124 -0.75 -5.05 -10.77
C LEU A 124 -1.99 -5.55 -11.52
N LEU A 125 -2.99 -4.68 -11.60
CA LEU A 125 -4.25 -5.01 -12.24
C LEU A 125 -4.13 -4.97 -13.76
N GLY A 126 -3.20 -4.17 -14.25
CA GLY A 126 -2.99 -4.06 -15.67
C GLY A 126 -4.20 -3.53 -16.40
N SER A 127 -4.85 -4.40 -17.16
CA SER A 127 -6.00 -4.03 -17.94
C SER A 127 -7.29 -4.05 -17.10
N LYS A 128 -7.19 -4.59 -15.88
CA LYS A 128 -8.34 -4.70 -15.00
C LYS A 128 -8.59 -3.39 -14.24
N HIS A 129 -7.59 -2.53 -14.22
CA HIS A 129 -7.67 -1.26 -13.51
C HIS A 129 -8.52 -0.26 -14.29
N LYS A 130 -9.65 0.14 -13.73
CA LYS A 130 -10.54 1.09 -14.37
C LYS A 130 -10.88 2.24 -13.44
N VAL A 131 -10.80 2.00 -12.14
CA VAL A 131 -11.11 3.03 -11.14
C VAL A 131 -9.96 3.99 -10.96
N CYS A 132 -10.19 5.07 -10.23
CA CYS A 132 -9.18 6.06 -9.98
C CYS A 132 -9.00 6.27 -8.49
N MET A 133 -7.75 6.25 -8.04
CA MET A 133 -7.43 6.47 -6.64
C MET A 133 -7.88 7.83 -6.19
N ASP A 134 -8.90 7.85 -5.36
CA ASP A 134 -9.44 9.09 -4.87
C ASP A 134 -9.32 9.19 -3.37
N LEU A 135 -8.40 10.02 -2.93
CA LEU A 135 -8.21 10.28 -1.53
C LEU A 135 -8.00 11.76 -1.36
N ARG A 136 -8.98 12.43 -0.80
CA ARG A 136 -8.95 13.88 -0.71
C ARG A 136 -8.69 14.38 0.71
N ALA A 137 -8.30 13.49 1.60
CA ALA A 137 -8.04 13.89 2.97
C ALA A 137 -7.08 12.97 3.67
N ASN A 138 -6.13 13.58 4.36
CA ASN A 138 -5.15 12.88 5.18
C ASN A 138 -4.41 13.91 6.01
N LEU A 139 -4.87 14.13 7.22
CA LEU A 139 -4.29 15.13 8.10
C LEU A 139 -2.99 14.63 8.70
N LYS A 140 -3.08 13.55 9.44
CA LYS A 140 -1.91 12.97 10.12
C LYS A 140 -2.18 11.55 10.57
N GLN A 141 -1.19 10.92 11.14
CA GLN A 141 -1.33 9.58 11.66
C GLN A 141 -0.72 9.50 13.06
N VAL A 142 -1.52 9.08 14.01
CA VAL A 142 -1.09 8.97 15.39
C VAL A 142 -2.11 8.17 16.17
N LYS A 143 -1.72 7.66 17.33
CA LYS A 143 -2.62 6.90 18.16
C LYS A 143 -3.70 7.81 18.74
N LYS A 144 -4.94 7.38 18.65
CA LYS A 144 -6.05 8.13 19.20
C LYS A 144 -6.39 7.62 20.59
N GLU A 145 -5.44 6.85 21.15
CA GLU A 145 -5.54 6.26 22.50
C GLU A 145 -6.89 5.59 22.76
N ASP A 146 -7.49 5.10 21.70
CA ASP A 146 -8.76 4.40 21.80
C ASP A 146 -8.50 2.91 21.94
N HIS A 147 -8.61 2.43 23.16
CA HIS A 147 -8.32 1.03 23.45
C HIS A 147 -9.52 0.36 24.11
N HIS A 148 -10.65 1.05 24.13
CA HIS A 148 -11.85 0.51 24.73
C HIS A 148 -12.52 -0.47 23.76
N HIS A 149 -11.93 -1.64 23.65
CA HIS A 149 -12.42 -2.67 22.74
C HIS A 149 -13.28 -3.64 23.54
N HIS A 150 -14.55 -3.30 23.69
CA HIS A 150 -15.46 -4.09 24.48
C HIS A 150 -16.84 -4.11 23.83
N HIS A 151 -17.41 -5.29 23.67
CA HIS A 151 -18.72 -5.42 23.07
C HIS A 151 -19.54 -6.47 23.78
N HIS A 152 -20.49 -6.02 24.58
CA HIS A 152 -21.40 -6.89 25.31
C HIS A 152 -22.81 -6.38 25.16
N MET A 1 -3.75 13.50 10.62
CA MET A 1 -2.62 12.55 10.77
C MET A 1 -3.15 11.14 10.83
N ALA A 2 -2.25 10.16 10.90
CA ALA A 2 -2.65 8.77 10.97
C ALA A 2 -2.88 8.36 12.41
N SER A 3 -3.76 7.40 12.62
CA SER A 3 -4.09 6.93 13.96
C SER A 3 -2.93 6.11 14.53
N MET A 4 -2.13 5.50 13.64
CA MET A 4 -0.97 4.66 14.03
C MET A 4 -1.43 3.37 14.71
N THR A 5 -2.73 3.16 14.69
CA THR A 5 -3.36 1.99 15.24
C THR A 5 -4.85 2.07 14.92
N ASP A 6 -5.46 0.91 14.67
CA ASP A 6 -6.87 0.83 14.28
C ASP A 6 -7.06 1.54 12.95
N GLN A 7 -5.95 1.72 12.22
CA GLN A 7 -5.96 2.42 10.96
C GLN A 7 -6.50 1.52 9.85
N GLN A 8 -6.92 0.33 10.23
CA GLN A 8 -7.58 -0.57 9.31
C GLN A 8 -8.89 0.07 8.85
N ALA A 9 -9.44 0.91 9.72
CA ALA A 9 -10.63 1.66 9.41
C ALA A 9 -10.31 2.79 8.44
N GLU A 10 -9.11 3.38 8.61
CA GLU A 10 -8.64 4.47 7.74
C GLU A 10 -8.69 4.06 6.28
N ALA A 11 -8.06 2.93 5.97
CA ALA A 11 -8.00 2.43 4.61
C ALA A 11 -9.40 2.23 4.02
N ARG A 12 -10.27 1.62 4.80
CA ARG A 12 -11.64 1.33 4.37
C ARG A 12 -12.43 2.63 4.16
N SER A 13 -12.06 3.67 4.88
CA SER A 13 -12.77 4.95 4.80
C SER A 13 -12.23 5.81 3.65
N TYR A 14 -11.01 5.54 3.21
CA TYR A 14 -10.39 6.32 2.14
C TYR A 14 -10.72 5.76 0.77
N LEU A 15 -11.50 4.70 0.74
CA LEU A 15 -11.81 4.05 -0.51
C LEU A 15 -13.31 3.90 -0.72
N SER A 16 -13.76 4.18 -1.92
CA SER A 16 -15.16 4.05 -2.28
C SER A 16 -15.44 2.62 -2.74
N GLU A 17 -16.72 2.23 -2.77
CA GLU A 17 -17.11 0.87 -3.17
C GLU A 17 -16.58 0.53 -4.55
N GLU A 18 -16.58 1.51 -5.45
CA GLU A 18 -16.06 1.33 -6.80
C GLU A 18 -14.62 0.84 -6.75
N MET A 19 -13.79 1.57 -6.01
CA MET A 19 -12.37 1.26 -5.87
C MET A 19 -12.16 -0.05 -5.10
N ILE A 20 -12.96 -0.27 -4.06
CA ILE A 20 -12.87 -1.48 -3.26
C ILE A 20 -13.27 -2.72 -4.08
N ALA A 21 -14.25 -2.57 -4.95
CA ALA A 21 -14.71 -3.68 -5.78
C ALA A 21 -13.61 -4.17 -6.72
N GLU A 22 -12.63 -3.32 -6.97
CA GLU A 22 -11.53 -3.67 -7.85
C GLU A 22 -10.45 -4.46 -7.10
N PHE A 23 -10.16 -4.05 -5.86
CA PHE A 23 -9.11 -4.70 -5.06
C PHE A 23 -9.40 -6.19 -4.82
N LYS A 24 -10.67 -6.56 -4.98
CA LYS A 24 -11.08 -7.95 -4.82
C LYS A 24 -10.29 -8.87 -5.76
N ALA A 25 -9.94 -8.37 -6.93
CA ALA A 25 -9.21 -9.15 -7.92
C ALA A 25 -7.72 -9.27 -7.55
N ALA A 26 -7.26 -8.40 -6.67
CA ALA A 26 -5.85 -8.38 -6.23
C ALA A 26 -5.42 -9.69 -5.58
N PHE A 27 -6.35 -10.34 -4.88
CA PHE A 27 -6.06 -11.63 -4.22
C PHE A 27 -5.54 -12.67 -5.24
N ASP A 28 -5.92 -12.50 -6.50
CA ASP A 28 -5.52 -13.40 -7.59
C ASP A 28 -4.03 -13.24 -7.92
N MET A 29 -3.49 -12.06 -7.64
CA MET A 29 -2.09 -11.76 -7.91
C MET A 29 -1.15 -12.70 -7.15
N PHE A 30 -1.35 -12.80 -5.85
CA PHE A 30 -0.47 -13.61 -5.01
C PHE A 30 -0.83 -15.08 -5.17
N ASP A 31 -2.11 -15.39 -5.02
CA ASP A 31 -2.62 -16.76 -5.08
C ASP A 31 -1.93 -17.66 -4.07
N ALA A 32 -2.41 -17.61 -2.83
CA ALA A 32 -1.86 -18.44 -1.78
C ALA A 32 -2.81 -19.59 -1.47
N ASP A 33 -4.03 -19.24 -1.08
CA ASP A 33 -5.06 -20.24 -0.77
C ASP A 33 -6.42 -19.71 -1.19
N GLY A 34 -6.81 -18.61 -0.59
CA GLY A 34 -8.08 -17.99 -0.88
C GLY A 34 -8.55 -17.18 0.30
N GLY A 35 -8.91 -17.86 1.37
CA GLY A 35 -9.32 -17.21 2.58
C GLY A 35 -8.28 -17.39 3.65
N GLY A 36 -7.06 -17.02 3.30
CA GLY A 36 -5.94 -17.20 4.19
C GLY A 36 -5.08 -15.96 4.26
N ASP A 37 -4.09 -15.99 5.12
CA ASP A 37 -3.21 -14.84 5.32
C ASP A 37 -2.01 -14.91 4.39
N ILE A 38 -1.56 -13.77 3.95
CA ILE A 38 -0.41 -13.67 3.08
C ILE A 38 0.82 -13.26 3.91
N SER A 39 1.98 -13.72 3.54
CA SER A 39 3.19 -13.40 4.26
C SER A 39 4.18 -12.63 3.36
N VAL A 40 5.33 -12.24 3.92
CA VAL A 40 6.36 -11.49 3.17
C VAL A 40 6.77 -12.21 1.89
N LYS A 41 6.72 -13.54 1.92
CA LYS A 41 7.07 -14.35 0.75
C LYS A 41 6.09 -14.10 -0.38
N GLU A 42 4.83 -14.44 -0.15
CA GLU A 42 3.78 -14.28 -1.14
C GLU A 42 3.64 -12.82 -1.56
N LEU A 43 3.73 -11.91 -0.59
CA LEU A 43 3.64 -10.48 -0.85
C LEU A 43 4.80 -10.04 -1.73
N GLY A 44 6.00 -10.42 -1.34
CA GLY A 44 7.17 -10.07 -2.10
C GLY A 44 7.12 -10.63 -3.49
N THR A 45 6.51 -11.79 -3.63
CA THR A 45 6.42 -12.45 -4.93
C THR A 45 5.75 -11.57 -5.97
N VAL A 46 4.56 -11.05 -5.63
CA VAL A 46 3.82 -10.19 -6.55
C VAL A 46 4.62 -8.97 -6.97
N MET A 47 5.19 -8.25 -6.02
CA MET A 47 5.94 -7.04 -6.35
C MET A 47 7.20 -7.38 -7.17
N ARG A 48 7.80 -8.54 -6.88
CA ARG A 48 8.98 -9.00 -7.61
C ARG A 48 8.60 -9.41 -9.02
N MET A 49 7.33 -9.75 -9.20
CA MET A 49 6.80 -10.14 -10.48
C MET A 49 6.82 -8.96 -11.46
N LEU A 50 6.68 -7.74 -10.93
CA LEU A 50 6.73 -6.55 -11.75
C LEU A 50 8.17 -6.11 -11.98
N GLY A 51 9.11 -6.83 -11.36
CA GLY A 51 10.51 -6.52 -11.53
C GLY A 51 11.13 -5.91 -10.28
N GLN A 52 10.32 -5.24 -9.49
CA GLN A 52 10.80 -4.58 -8.29
C GLN A 52 11.15 -5.60 -7.22
N THR A 53 12.32 -5.46 -6.66
CA THR A 53 12.79 -6.35 -5.63
C THR A 53 13.79 -5.65 -4.69
N PRO A 54 13.28 -5.12 -3.55
CA PRO A 54 14.11 -4.45 -2.58
C PRO A 54 14.79 -5.41 -1.60
N THR A 55 14.03 -5.86 -0.60
CA THR A 55 14.53 -6.79 0.40
C THR A 55 13.42 -7.15 1.37
N LYS A 56 13.57 -8.29 2.04
CA LYS A 56 12.60 -8.74 3.04
C LYS A 56 12.58 -7.73 4.18
N GLU A 57 13.71 -7.09 4.41
CA GLU A 57 13.87 -6.09 5.45
C GLU A 57 12.85 -4.97 5.29
N GLU A 58 12.61 -4.57 4.03
CA GLU A 58 11.65 -3.52 3.74
C GLU A 58 10.23 -4.05 3.94
N LEU A 59 10.03 -5.28 3.50
CA LEU A 59 8.73 -5.94 3.60
C LEU A 59 8.30 -6.05 5.05
N ASP A 60 9.20 -6.57 5.87
CA ASP A 60 8.94 -6.76 7.29
C ASP A 60 8.67 -5.42 7.99
N ALA A 61 9.27 -4.35 7.49
CA ALA A 61 9.10 -3.02 8.07
C ALA A 61 7.79 -2.37 7.63
N ILE A 62 7.51 -2.40 6.34
CA ILE A 62 6.29 -1.81 5.82
C ILE A 62 5.05 -2.55 6.35
N ILE A 63 5.16 -3.85 6.51
CA ILE A 63 4.06 -4.64 7.02
C ILE A 63 3.94 -4.47 8.54
N GLU A 64 5.04 -4.10 9.19
CA GLU A 64 5.06 -3.89 10.62
C GLU A 64 4.16 -2.71 11.02
N GLU A 65 4.35 -1.58 10.36
CA GLU A 65 3.58 -0.38 10.69
C GLU A 65 2.09 -0.52 10.35
N VAL A 66 1.75 -1.50 9.53
CA VAL A 66 0.36 -1.71 9.14
C VAL A 66 -0.27 -2.86 9.90
N ASP A 67 0.56 -3.76 10.41
CA ASP A 67 0.09 -4.93 11.13
C ASP A 67 -0.17 -4.58 12.59
N GLU A 68 -1.27 -5.05 13.13
CA GLU A 68 -1.61 -4.77 14.51
C GLU A 68 -1.68 -6.03 15.35
N ASP A 69 -1.41 -7.17 14.75
CA ASP A 69 -1.49 -8.43 15.47
C ASP A 69 -0.11 -8.99 15.79
N GLY A 70 0.90 -8.15 15.59
CA GLY A 70 2.27 -8.54 15.92
C GLY A 70 2.81 -9.60 15.02
N SER A 71 2.78 -9.35 13.74
CA SER A 71 3.22 -10.26 12.76
C SER A 71 3.38 -9.49 11.49
N GLY A 72 3.61 -10.18 10.44
CA GLY A 72 3.34 -9.59 9.21
C GLY A 72 2.42 -10.52 8.51
N THR A 73 1.22 -10.06 8.33
CA THR A 73 0.20 -10.84 7.72
C THR A 73 -0.72 -9.98 6.92
N ILE A 74 -1.11 -10.42 5.76
CA ILE A 74 -2.12 -9.71 5.05
C ILE A 74 -3.45 -10.41 5.32
N ASP A 75 -4.53 -9.67 5.26
CA ASP A 75 -5.86 -10.21 5.55
C ASP A 75 -6.87 -9.36 4.81
N PHE A 76 -8.13 -9.44 5.17
CA PHE A 76 -9.15 -8.64 4.50
C PHE A 76 -8.96 -7.15 4.81
N GLU A 77 -8.75 -6.84 6.08
CA GLU A 77 -8.52 -5.45 6.48
C GLU A 77 -7.06 -5.05 6.24
N GLU A 78 -6.13 -5.92 6.64
CA GLU A 78 -4.70 -5.66 6.49
C GLU A 78 -4.32 -5.44 5.00
N PHE A 79 -5.07 -6.07 4.09
CA PHE A 79 -4.83 -5.95 2.64
C PHE A 79 -5.02 -4.50 2.19
N LEU A 80 -6.13 -3.89 2.60
CA LEU A 80 -6.45 -2.52 2.23
C LEU A 80 -5.35 -1.58 2.69
N VAL A 81 -4.87 -1.79 3.91
CA VAL A 81 -3.85 -0.95 4.49
C VAL A 81 -2.56 -1.00 3.68
N MET A 82 -2.30 -2.15 3.09
CA MET A 82 -1.12 -2.36 2.27
C MET A 82 -1.16 -1.48 1.03
N MET A 83 -2.27 -1.55 0.31
CA MET A 83 -2.41 -0.85 -0.95
C MET A 83 -2.53 0.65 -0.77
N VAL A 84 -3.21 1.06 0.28
CA VAL A 84 -3.40 2.48 0.56
C VAL A 84 -2.10 3.16 0.93
N ARG A 85 -1.16 2.40 1.51
CA ARG A 85 0.09 2.97 2.03
C ARG A 85 0.85 3.82 1.01
N GLN A 86 1.03 3.33 -0.20
CA GLN A 86 1.78 4.09 -1.20
C GLN A 86 1.05 5.41 -1.54
N MET A 87 -0.22 5.33 -1.83
CA MET A 87 -1.01 6.52 -2.16
C MET A 87 -1.17 7.42 -0.93
N LYS A 88 -1.19 6.81 0.24
CA LYS A 88 -1.32 7.52 1.52
C LYS A 88 -0.09 8.40 1.76
N GLU A 89 1.10 7.85 1.49
CA GLU A 89 2.33 8.60 1.69
C GLU A 89 2.56 9.59 0.56
N ASP A 90 2.09 9.24 -0.65
CA ASP A 90 2.18 10.14 -1.81
C ASP A 90 1.42 11.43 -1.54
N ALA A 91 0.37 11.31 -0.74
CA ALA A 91 -0.46 12.44 -0.39
C ALA A 91 -0.03 13.05 0.95
N GLY A 92 1.08 12.57 1.48
CA GLY A 92 1.55 13.05 2.76
C GLY A 92 2.50 14.23 2.64
N GLY A 93 3.66 14.11 3.25
CA GLY A 93 4.64 15.18 3.21
C GLY A 93 4.34 16.28 4.21
N ALA A 94 5.39 16.87 4.77
CA ALA A 94 5.26 17.96 5.73
C ALA A 94 6.44 18.91 5.61
N GLY A 95 6.21 20.06 4.99
CA GLY A 95 7.29 21.00 4.78
C GLY A 95 7.22 22.20 5.68
N GLY A 96 8.18 23.10 5.54
CA GLY A 96 8.23 24.29 6.35
C GLY A 96 7.72 25.50 5.63
N LYS A 97 7.86 25.51 4.32
CA LYS A 97 7.42 26.62 3.51
C LYS A 97 6.39 26.17 2.52
N LEU A 98 5.48 27.07 2.20
CA LEU A 98 4.42 26.78 1.25
C LEU A 98 4.79 27.28 -0.13
N PHE A 99 5.97 27.86 -0.23
CA PHE A 99 6.48 28.37 -1.48
C PHE A 99 7.46 27.38 -2.07
N ASP A 100 7.63 27.44 -3.38
CA ASP A 100 8.51 26.53 -4.08
C ASP A 100 9.41 27.29 -5.02
N LEU A 101 10.52 26.67 -5.39
CA LEU A 101 11.47 27.26 -6.32
C LEU A 101 11.27 26.67 -7.70
N ARG A 102 10.48 25.61 -7.76
CA ARG A 102 10.20 24.90 -9.01
C ARG A 102 9.49 25.82 -10.01
N GLY A 103 8.72 26.74 -9.49
CA GLY A 103 8.02 27.68 -10.34
C GLY A 103 8.95 28.65 -11.05
N LYS A 104 10.24 28.66 -10.68
CA LYS A 104 11.18 29.58 -11.28
C LYS A 104 12.45 28.88 -11.78
N PHE A 105 12.32 28.26 -12.96
CA PHE A 105 13.45 27.59 -13.66
C PHE A 105 14.06 26.41 -12.88
N LYS A 106 13.42 25.97 -11.83
CA LYS A 106 13.93 24.87 -11.03
C LYS A 106 13.01 23.67 -11.10
N ARG A 107 13.56 22.49 -10.91
CA ARG A 107 12.79 21.26 -10.87
C ARG A 107 13.68 20.11 -10.42
N PRO A 108 13.08 19.06 -9.84
CA PRO A 108 13.82 17.86 -9.47
C PRO A 108 14.15 17.00 -10.69
N PRO A 109 15.12 16.08 -10.56
CA PRO A 109 15.52 15.21 -11.65
C PRO A 109 14.46 14.15 -11.94
N LEU A 110 14.53 13.56 -13.11
CA LEU A 110 13.61 12.50 -13.46
C LEU A 110 14.22 11.16 -13.04
N ARG A 111 14.53 11.08 -11.75
CA ARG A 111 15.08 9.87 -11.15
C ARG A 111 14.12 8.69 -11.34
N ARG A 112 14.65 7.54 -11.74
CA ARG A 112 13.83 6.35 -11.88
C ARG A 112 13.63 5.70 -10.52
N VAL A 113 12.54 6.05 -9.87
CA VAL A 113 12.23 5.52 -8.56
C VAL A 113 10.98 4.65 -8.65
N ARG A 114 10.69 3.89 -7.58
CA ARG A 114 9.51 3.05 -7.53
C ARG A 114 8.26 3.89 -7.70
N MET A 115 7.51 3.62 -8.77
CA MET A 115 6.31 4.37 -9.10
C MET A 115 5.23 4.20 -8.03
N SER A 116 4.22 5.05 -8.13
CA SER A 116 3.14 5.09 -7.17
C SER A 116 2.14 3.94 -7.36
N ALA A 117 1.18 3.86 -6.44
CA ALA A 117 0.17 2.80 -6.43
C ALA A 117 -0.65 2.78 -7.71
N ASP A 118 -0.92 3.95 -8.28
CA ASP A 118 -1.74 4.04 -9.48
C ASP A 118 -1.12 3.29 -10.64
N ALA A 119 0.18 3.40 -10.78
CA ALA A 119 0.90 2.72 -11.84
C ALA A 119 1.03 1.22 -11.57
N MET A 120 1.49 0.87 -10.36
CA MET A 120 1.68 -0.53 -9.99
C MET A 120 0.38 -1.33 -10.04
N LEU A 121 -0.72 -0.76 -9.53
CA LEU A 121 -2.01 -1.46 -9.54
C LEU A 121 -2.43 -1.77 -10.96
N LYS A 122 -2.09 -0.86 -11.85
CA LYS A 122 -2.39 -1.01 -13.27
C LYS A 122 -1.62 -2.19 -13.87
N ALA A 123 -0.41 -2.42 -13.37
CA ALA A 123 0.41 -3.52 -13.82
C ALA A 123 -0.04 -4.83 -13.18
N LEU A 124 -0.34 -4.79 -11.87
CA LEU A 124 -0.84 -5.95 -11.13
C LEU A 124 -2.07 -6.53 -11.79
N LEU A 125 -3.02 -5.66 -12.12
CA LEU A 125 -4.26 -6.08 -12.74
C LEU A 125 -4.10 -6.29 -14.24
N GLY A 126 -2.94 -5.96 -14.76
CA GLY A 126 -2.69 -6.12 -16.18
C GLY A 126 -3.65 -5.34 -17.03
N SER A 127 -3.73 -4.04 -16.78
CA SER A 127 -4.62 -3.13 -17.52
C SER A 127 -6.11 -3.34 -17.18
N LYS A 128 -6.37 -4.24 -16.23
CA LYS A 128 -7.74 -4.47 -15.75
C LYS A 128 -8.15 -3.37 -14.78
N HIS A 129 -7.17 -2.54 -14.43
CA HIS A 129 -7.39 -1.41 -13.55
C HIS A 129 -8.38 -0.44 -14.20
N LYS A 130 -9.50 -0.22 -13.53
CA LYS A 130 -10.58 0.57 -14.07
C LYS A 130 -10.92 1.77 -13.20
N VAL A 131 -10.74 1.63 -11.90
CA VAL A 131 -11.12 2.68 -10.97
C VAL A 131 -10.10 3.81 -10.92
N CYS A 132 -10.48 4.91 -10.31
CA CYS A 132 -9.60 6.04 -10.16
C CYS A 132 -9.10 6.10 -8.73
N MET A 133 -7.85 5.77 -8.54
CA MET A 133 -7.25 5.73 -7.22
C MET A 133 -6.50 7.02 -6.93
N ASP A 134 -7.22 8.12 -6.93
CA ASP A 134 -6.63 9.41 -6.71
C ASP A 134 -6.88 9.88 -5.28
N LEU A 135 -6.08 9.38 -4.37
CA LEU A 135 -6.16 9.76 -2.98
C LEU A 135 -5.11 10.83 -2.72
N ARG A 136 -5.49 12.09 -2.84
CA ARG A 136 -4.55 13.20 -2.64
C ARG A 136 -5.24 14.55 -2.63
N ALA A 137 -4.62 15.50 -1.96
CA ALA A 137 -5.13 16.86 -1.88
C ALA A 137 -4.10 17.84 -2.41
N ASN A 138 -2.84 17.62 -2.01
CA ASN A 138 -1.69 18.44 -2.46
C ASN A 138 -1.77 19.88 -1.93
N LEU A 139 -1.23 20.09 -0.74
CA LEU A 139 -1.17 21.42 -0.14
C LEU A 139 0.27 21.80 0.19
N LYS A 140 1.17 20.83 0.00
CA LYS A 140 2.59 21.00 0.27
C LYS A 140 3.35 19.77 -0.23
N GLN A 141 4.67 19.90 -0.31
CA GLN A 141 5.51 18.82 -0.81
C GLN A 141 6.91 18.91 -0.21
N VAL A 142 7.51 17.75 0.10
CA VAL A 142 8.86 17.70 0.63
C VAL A 142 9.22 16.23 0.96
N LYS A 143 10.48 15.99 1.24
CA LYS A 143 10.97 14.67 1.58
C LYS A 143 10.82 14.42 3.09
N LYS A 144 10.97 13.16 3.50
CA LYS A 144 10.91 12.80 4.91
C LYS A 144 12.00 11.77 5.23
N GLU A 145 12.16 11.50 6.51
CA GLU A 145 13.20 10.59 6.99
C GLU A 145 12.60 9.25 7.45
N ASP A 146 11.45 8.92 6.92
CA ASP A 146 10.75 7.70 7.34
C ASP A 146 11.48 6.44 6.92
N HIS A 147 12.24 5.90 7.85
CA HIS A 147 12.98 4.66 7.65
C HIS A 147 13.28 4.06 9.02
N HIS A 148 12.24 3.93 9.82
CA HIS A 148 12.38 3.41 11.18
C HIS A 148 12.35 1.88 11.17
N HIS A 149 13.33 1.27 11.79
CA HIS A 149 13.40 -0.19 11.87
C HIS A 149 13.65 -0.62 13.30
N HIS A 150 12.63 -1.14 13.94
CA HIS A 150 12.73 -1.61 15.30
C HIS A 150 11.71 -2.71 15.53
N HIS A 151 12.04 -3.92 15.11
CA HIS A 151 11.13 -5.04 15.21
C HIS A 151 11.81 -6.23 15.90
N HIS A 152 11.48 -6.42 17.17
CA HIS A 152 11.98 -7.53 17.97
C HIS A 152 11.20 -7.63 19.27
N MET A 1 0.86 2.97 10.91
CA MET A 1 1.71 3.81 10.04
C MET A 1 1.76 5.24 10.56
N ALA A 2 2.90 5.59 11.18
CA ALA A 2 3.12 6.93 11.76
C ALA A 2 2.21 7.18 12.97
N SER A 3 0.93 7.38 12.70
CA SER A 3 -0.04 7.63 13.74
C SER A 3 -0.38 6.33 14.47
N MET A 4 -0.77 6.45 15.73
CA MET A 4 -1.13 5.29 16.55
C MET A 4 -2.65 5.15 16.62
N THR A 5 -3.32 5.61 15.58
CA THR A 5 -4.76 5.55 15.49
C THR A 5 -5.21 4.39 14.61
N ASP A 6 -6.51 4.27 14.40
CA ASP A 6 -7.07 3.24 13.55
C ASP A 6 -6.66 3.49 12.10
N GLN A 7 -6.09 2.48 11.47
CA GLN A 7 -5.64 2.61 10.09
C GLN A 7 -6.59 1.90 9.13
N GLN A 8 -7.31 0.91 9.63
CA GLN A 8 -8.21 0.12 8.80
C GLN A 8 -9.49 0.87 8.51
N ALA A 9 -9.93 1.68 9.47
CA ALA A 9 -11.12 2.49 9.31
C ALA A 9 -10.92 3.48 8.17
N GLU A 10 -9.72 4.07 8.11
CA GLU A 10 -9.38 5.02 7.05
C GLU A 10 -9.56 4.40 5.68
N ALA A 11 -8.95 3.23 5.50
CA ALA A 11 -8.99 2.53 4.24
C ALA A 11 -10.42 2.18 3.82
N ARG A 12 -11.16 1.58 4.73
CA ARG A 12 -12.51 1.13 4.44
C ARG A 12 -13.50 2.29 4.24
N SER A 13 -13.21 3.43 4.84
CA SER A 13 -14.13 4.56 4.76
C SER A 13 -13.86 5.45 3.54
N TYR A 14 -12.63 5.45 3.04
CA TYR A 14 -12.31 6.34 1.93
C TYR A 14 -12.61 5.68 0.59
N LEU A 15 -12.33 4.41 0.49
CA LEU A 15 -12.52 3.69 -0.76
C LEU A 15 -14.01 3.51 -1.03
N SER A 16 -14.42 3.81 -2.25
CA SER A 16 -15.81 3.69 -2.65
C SER A 16 -16.22 2.22 -2.72
N GLU A 17 -17.51 1.96 -2.66
CA GLU A 17 -18.06 0.60 -2.70
C GLU A 17 -17.58 -0.15 -3.95
N GLU A 18 -17.78 0.46 -5.11
CA GLU A 18 -17.36 -0.11 -6.38
C GLU A 18 -15.83 -0.18 -6.45
N MET A 19 -15.22 0.82 -5.89
CA MET A 19 -13.77 0.94 -5.84
C MET A 19 -13.15 -0.22 -5.04
N ILE A 20 -13.69 -0.47 -3.86
CA ILE A 20 -13.29 -1.60 -3.02
C ILE A 20 -13.45 -2.94 -3.76
N ALA A 21 -14.51 -3.03 -4.56
CA ALA A 21 -14.80 -4.24 -5.33
C ALA A 21 -13.67 -4.59 -6.29
N GLU A 22 -12.97 -3.56 -6.76
CA GLU A 22 -11.86 -3.78 -7.68
C GLU A 22 -10.64 -4.32 -6.92
N PHE A 23 -10.37 -3.74 -5.75
CA PHE A 23 -9.24 -4.18 -4.93
C PHE A 23 -9.45 -5.61 -4.45
N LYS A 24 -10.68 -6.08 -4.52
CA LYS A 24 -10.99 -7.46 -4.20
C LYS A 24 -10.18 -8.38 -5.12
N ALA A 25 -10.01 -7.95 -6.37
CA ALA A 25 -9.24 -8.69 -7.36
C ALA A 25 -7.75 -8.56 -7.10
N ALA A 26 -7.39 -7.59 -6.27
CA ALA A 26 -6.00 -7.38 -5.91
C ALA A 26 -5.47 -8.55 -5.09
N PHE A 27 -6.34 -9.14 -4.28
CA PHE A 27 -5.96 -10.29 -3.49
C PHE A 27 -5.52 -11.43 -4.41
N ASP A 28 -6.06 -11.43 -5.63
CA ASP A 28 -5.77 -12.44 -6.63
C ASP A 28 -4.37 -12.24 -7.23
N MET A 29 -3.83 -11.00 -7.13
CA MET A 29 -2.47 -10.70 -7.61
C MET A 29 -1.50 -11.68 -7.01
N PHE A 30 -1.58 -11.80 -5.70
CA PHE A 30 -0.71 -12.69 -4.95
C PHE A 30 -1.34 -14.06 -4.90
N ASP A 31 -2.53 -14.12 -4.29
CA ASP A 31 -3.27 -15.36 -4.08
C ASP A 31 -2.40 -16.43 -3.42
N ALA A 32 -2.39 -16.42 -2.11
CA ALA A 32 -1.60 -17.36 -1.34
C ALA A 32 -2.31 -18.69 -1.21
N ASP A 33 -3.61 -18.68 -1.51
CA ASP A 33 -4.45 -19.86 -1.36
C ASP A 33 -5.87 -19.57 -1.78
N GLY A 34 -6.32 -18.38 -1.40
CA GLY A 34 -7.67 -17.98 -1.66
C GLY A 34 -8.38 -17.70 -0.37
N GLY A 35 -8.18 -18.59 0.59
CA GLY A 35 -8.77 -18.42 1.91
C GLY A 35 -7.70 -18.42 2.98
N GLY A 36 -6.52 -17.94 2.62
CA GLY A 36 -5.42 -17.89 3.54
C GLY A 36 -4.77 -16.54 3.58
N ASP A 37 -3.83 -16.36 4.49
CA ASP A 37 -3.12 -15.10 4.67
C ASP A 37 -1.85 -15.05 3.85
N ILE A 38 -1.50 -13.87 3.36
CA ILE A 38 -0.29 -13.69 2.59
C ILE A 38 0.87 -13.36 3.53
N SER A 39 2.05 -13.82 3.19
CA SER A 39 3.22 -13.55 4.01
C SER A 39 4.27 -12.80 3.16
N VAL A 40 5.44 -12.60 3.73
CA VAL A 40 6.53 -11.90 3.05
C VAL A 40 6.93 -12.61 1.76
N LYS A 41 6.74 -13.92 1.74
CA LYS A 41 7.07 -14.74 0.58
C LYS A 41 6.12 -14.45 -0.58
N GLU A 42 4.85 -14.71 -0.37
CA GLU A 42 3.83 -14.51 -1.40
C GLU A 42 3.79 -13.07 -1.87
N LEU A 43 3.94 -12.14 -0.93
CA LEU A 43 3.95 -10.73 -1.26
C LEU A 43 5.19 -10.39 -2.07
N GLY A 44 6.33 -10.82 -1.56
CA GLY A 44 7.60 -10.54 -2.20
C GLY A 44 7.67 -11.06 -3.61
N THR A 45 6.93 -12.12 -3.90
CA THR A 45 6.90 -12.67 -5.23
C THR A 45 6.23 -11.71 -6.22
N VAL A 46 5.03 -11.24 -5.86
CA VAL A 46 4.30 -10.33 -6.71
C VAL A 46 5.05 -9.03 -6.91
N MET A 47 5.56 -8.46 -5.83
CA MET A 47 6.29 -7.21 -5.95
C MET A 47 7.58 -7.39 -6.78
N ARG A 48 8.16 -8.58 -6.70
CA ARG A 48 9.36 -8.91 -7.48
C ARG A 48 8.99 -9.12 -8.94
N MET A 49 7.75 -9.52 -9.16
CA MET A 49 7.24 -9.77 -10.50
C MET A 49 7.26 -8.48 -11.35
N LEU A 50 7.16 -7.32 -10.70
CA LEU A 50 7.19 -6.06 -11.44
C LEU A 50 8.64 -5.66 -11.75
N GLY A 51 9.59 -6.45 -11.27
CA GLY A 51 11.00 -6.17 -11.54
C GLY A 51 11.75 -5.72 -10.32
N GLN A 52 11.03 -5.45 -9.24
CA GLN A 52 11.64 -5.00 -8.00
C GLN A 52 12.38 -6.14 -7.33
N THR A 53 13.46 -5.83 -6.63
CA THR A 53 14.24 -6.83 -5.95
C THR A 53 14.86 -6.27 -4.66
N PRO A 54 14.10 -6.29 -3.56
CA PRO A 54 14.54 -5.84 -2.27
C PRO A 54 15.01 -7.00 -1.38
N THR A 55 15.03 -6.76 -0.09
CA THR A 55 15.38 -7.76 0.88
C THR A 55 14.17 -8.08 1.75
N LYS A 56 14.21 -9.21 2.47
CA LYS A 56 13.11 -9.63 3.33
C LYS A 56 12.90 -8.58 4.42
N GLU A 57 13.98 -7.97 4.87
CA GLU A 57 13.94 -6.95 5.91
C GLU A 57 12.99 -5.83 5.53
N GLU A 58 13.00 -5.45 4.27
CA GLU A 58 12.15 -4.39 3.77
C GLU A 58 10.69 -4.83 3.82
N LEU A 59 10.46 -6.07 3.39
CA LEU A 59 9.12 -6.63 3.35
C LEU A 59 8.56 -6.75 4.77
N ASP A 60 9.37 -7.29 5.65
CA ASP A 60 8.98 -7.52 7.03
C ASP A 60 8.70 -6.19 7.75
N ALA A 61 9.51 -5.17 7.45
CA ALA A 61 9.37 -3.86 8.08
C ALA A 61 8.14 -3.11 7.55
N ILE A 62 7.94 -3.11 6.22
CA ILE A 62 6.80 -2.40 5.64
C ILE A 62 5.48 -3.01 6.14
N ILE A 63 5.47 -4.31 6.31
CA ILE A 63 4.29 -4.99 6.82
C ILE A 63 4.17 -4.71 8.32
N GLU A 64 5.30 -4.66 9.01
CA GLU A 64 5.34 -4.47 10.45
C GLU A 64 4.70 -3.16 10.92
N GLU A 65 4.98 -2.06 10.22
CA GLU A 65 4.46 -0.75 10.62
C GLU A 65 2.93 -0.70 10.61
N VAL A 66 2.32 -1.62 9.89
CA VAL A 66 0.86 -1.69 9.84
C VAL A 66 0.36 -2.94 10.54
N ASP A 67 1.29 -3.85 10.80
CA ASP A 67 0.97 -5.10 11.44
C ASP A 67 1.34 -5.07 12.90
N GLU A 68 0.41 -4.71 13.73
CA GLU A 68 0.63 -4.64 15.15
C GLU A 68 -0.08 -5.80 15.85
N ASP A 69 -0.53 -6.74 15.04
CA ASP A 69 -1.20 -7.95 15.55
C ASP A 69 -0.19 -9.01 15.94
N GLY A 70 1.09 -8.69 15.76
CA GLY A 70 2.16 -9.60 16.19
C GLY A 70 2.36 -10.75 15.24
N SER A 71 2.06 -10.52 13.98
CA SER A 71 2.19 -11.55 12.97
C SER A 71 2.11 -10.90 11.63
N GLY A 72 3.23 -10.73 10.90
CA GLY A 72 3.04 -10.06 9.66
C GLY A 72 2.28 -10.96 8.75
N THR A 73 1.10 -10.52 8.47
CA THR A 73 0.16 -11.23 7.68
C THR A 73 -0.64 -10.27 6.91
N ILE A 74 -0.94 -10.57 5.69
CA ILE A 74 -1.86 -9.75 4.95
C ILE A 74 -3.18 -10.52 4.88
N ASP A 75 -4.30 -9.83 4.77
CA ASP A 75 -5.60 -10.52 4.76
C ASP A 75 -6.70 -9.66 4.13
N PHE A 76 -7.48 -8.99 4.95
CA PHE A 76 -8.52 -8.12 4.47
C PHE A 76 -8.19 -6.68 4.83
N GLU A 77 -8.23 -6.37 6.11
CA GLU A 77 -7.89 -5.04 6.57
C GLU A 77 -6.39 -4.83 6.45
N GLU A 78 -5.63 -5.90 6.71
CA GLU A 78 -4.19 -5.83 6.60
C GLU A 78 -3.80 -5.61 5.13
N PHE A 79 -4.65 -6.13 4.25
CA PHE A 79 -4.46 -6.01 2.81
C PHE A 79 -4.83 -4.62 2.31
N LEU A 80 -6.00 -4.17 2.69
CA LEU A 80 -6.54 -2.88 2.25
C LEU A 80 -5.62 -1.72 2.64
N VAL A 81 -5.16 -1.73 3.89
CA VAL A 81 -4.27 -0.68 4.37
C VAL A 81 -2.97 -0.62 3.54
N MET A 82 -2.52 -1.79 3.07
CA MET A 82 -1.32 -1.89 2.25
C MET A 82 -1.40 -0.98 1.02
N MET A 83 -2.47 -1.13 0.26
CA MET A 83 -2.64 -0.40 -0.99
C MET A 83 -2.90 1.10 -0.75
N VAL A 84 -3.64 1.42 0.31
CA VAL A 84 -3.90 2.83 0.63
C VAL A 84 -2.62 3.55 1.06
N ARG A 85 -1.66 2.80 1.63
CA ARG A 85 -0.39 3.39 2.09
C ARG A 85 0.28 4.20 0.99
N GLN A 86 0.49 3.56 -0.16
CA GLN A 86 1.23 4.19 -1.25
C GLN A 86 0.50 5.41 -1.78
N MET A 87 -0.81 5.31 -1.89
CA MET A 87 -1.60 6.41 -2.40
C MET A 87 -1.70 7.56 -1.37
N LYS A 88 -1.69 7.22 -0.07
CA LYS A 88 -1.78 8.26 0.95
C LYS A 88 -0.42 8.98 1.12
N GLU A 89 0.69 8.23 0.98
CA GLU A 89 2.01 8.84 1.13
C GLU A 89 2.42 9.58 -0.14
N ASP A 90 1.77 9.27 -1.24
CA ASP A 90 2.02 9.96 -2.51
C ASP A 90 1.29 11.30 -2.52
N ALA A 91 0.21 11.36 -1.75
CA ALA A 91 -0.63 12.54 -1.70
C ALA A 91 0.03 13.68 -0.93
N GLY A 92 0.79 13.34 0.10
CA GLY A 92 1.44 14.37 0.88
C GLY A 92 2.58 13.86 1.72
N GLY A 93 3.37 12.97 1.16
CA GLY A 93 4.50 12.43 1.88
C GLY A 93 5.80 12.68 1.16
N ALA A 94 6.76 11.79 1.36
CA ALA A 94 8.07 11.91 0.74
C ALA A 94 8.76 10.55 0.70
N GLY A 95 9.45 10.29 -0.39
CA GLY A 95 10.15 9.03 -0.53
C GLY A 95 11.04 9.02 -1.75
N GLY A 96 12.28 9.45 -1.57
CA GLY A 96 13.19 9.55 -2.69
C GLY A 96 13.08 10.91 -3.34
N LYS A 97 13.90 11.84 -2.86
CA LYS A 97 13.88 13.24 -3.32
C LYS A 97 12.58 13.90 -2.90
N LEU A 98 12.32 15.08 -3.44
CA LEU A 98 11.10 15.79 -3.13
C LEU A 98 10.29 15.98 -4.39
N PHE A 99 9.01 16.22 -4.23
CA PHE A 99 8.15 16.45 -5.37
C PHE A 99 8.41 17.84 -5.92
N ASP A 100 9.15 17.88 -7.02
CA ASP A 100 9.54 19.14 -7.64
C ASP A 100 8.59 19.52 -8.76
N LEU A 101 7.48 18.79 -8.83
CA LEU A 101 6.45 18.98 -9.85
C LEU A 101 7.04 19.18 -11.24
N ARG A 102 7.72 18.16 -11.73
CA ARG A 102 8.31 18.19 -13.05
C ARG A 102 7.25 18.01 -14.13
N GLY A 103 6.81 19.12 -14.70
CA GLY A 103 5.84 19.09 -15.76
C GLY A 103 6.45 19.51 -17.07
N LYS A 104 7.70 19.13 -17.26
CA LYS A 104 8.42 19.45 -18.47
C LYS A 104 8.61 18.19 -19.30
N PHE A 105 8.91 18.36 -20.58
CA PHE A 105 9.11 17.22 -21.49
C PHE A 105 10.28 16.36 -21.01
N LYS A 106 11.22 16.98 -20.33
CA LYS A 106 12.39 16.27 -19.80
C LYS A 106 12.05 15.56 -18.51
N ARG A 107 11.24 14.54 -18.61
CA ARG A 107 10.85 13.75 -17.45
C ARG A 107 11.82 12.58 -17.26
N PRO A 108 11.98 12.13 -16.00
CA PRO A 108 12.88 11.02 -15.67
C PRO A 108 12.47 9.71 -16.35
N PRO A 109 13.42 8.75 -16.47
CA PRO A 109 13.17 7.46 -17.09
C PRO A 109 12.36 6.54 -16.19
N LEU A 110 11.82 5.48 -16.77
CA LEU A 110 11.05 4.50 -16.02
C LEU A 110 11.98 3.48 -15.34
N ARG A 111 13.04 4.02 -14.72
CA ARG A 111 14.01 3.21 -13.98
C ARG A 111 13.32 2.37 -12.90
N ARG A 112 13.86 1.18 -12.63
CA ARG A 112 13.29 0.27 -11.64
C ARG A 112 13.48 0.81 -10.21
N VAL A 113 12.58 1.66 -9.79
CA VAL A 113 12.61 2.23 -8.43
C VAL A 113 11.20 2.18 -7.86
N ARG A 114 10.95 2.95 -6.81
CA ARG A 114 9.65 3.01 -6.19
C ARG A 114 8.64 3.71 -7.08
N MET A 115 7.66 2.96 -7.53
CA MET A 115 6.60 3.50 -8.35
C MET A 115 5.41 3.81 -7.46
N SER A 116 4.55 4.71 -7.91
CA SER A 116 3.39 5.09 -7.13
C SER A 116 2.29 4.04 -7.26
N ALA A 117 1.22 4.23 -6.50
CA ALA A 117 0.12 3.29 -6.47
C ALA A 117 -0.57 3.19 -7.83
N ASP A 118 -0.70 4.32 -8.51
CA ASP A 118 -1.36 4.35 -9.81
C ASP A 118 -0.56 3.57 -10.84
N ALA A 119 0.76 3.70 -10.76
CA ALA A 119 1.65 3.00 -11.67
C ALA A 119 1.70 1.51 -11.38
N MET A 120 1.80 1.15 -10.10
CA MET A 120 1.85 -0.25 -9.73
C MET A 120 0.52 -0.96 -9.97
N LEU A 121 -0.59 -0.32 -9.63
CA LEU A 121 -1.92 -0.90 -9.87
C LEU A 121 -2.10 -1.24 -11.34
N LYS A 122 -1.47 -0.43 -12.18
CA LYS A 122 -1.52 -0.63 -13.62
C LYS A 122 -0.78 -1.90 -14.02
N ALA A 123 0.30 -2.21 -13.31
CA ALA A 123 1.08 -3.38 -13.60
C ALA A 123 0.49 -4.64 -12.95
N LEU A 124 0.15 -4.54 -11.66
CA LEU A 124 -0.41 -5.67 -10.91
C LEU A 124 -1.77 -6.10 -11.44
N LEU A 125 -2.70 -5.15 -11.58
CA LEU A 125 -4.04 -5.47 -12.09
C LEU A 125 -4.06 -5.50 -13.61
N GLY A 126 -3.24 -4.68 -14.23
CA GLY A 126 -3.20 -4.63 -15.67
C GLY A 126 -4.48 -4.04 -16.24
N SER A 127 -5.27 -4.87 -16.88
CA SER A 127 -6.53 -4.44 -17.48
C SER A 127 -7.70 -4.65 -16.53
N LYS A 128 -7.40 -5.02 -15.28
CA LYS A 128 -8.43 -5.23 -14.28
C LYS A 128 -8.82 -3.91 -13.60
N HIS A 129 -7.90 -2.94 -13.64
CA HIS A 129 -8.15 -1.63 -13.05
C HIS A 129 -9.06 -0.80 -13.94
N LYS A 130 -10.16 -0.35 -13.39
CA LYS A 130 -11.14 0.43 -14.13
C LYS A 130 -11.72 1.57 -13.28
N VAL A 131 -11.70 1.42 -11.96
CA VAL A 131 -12.25 2.47 -11.08
C VAL A 131 -11.26 3.60 -10.86
N CYS A 132 -11.71 4.61 -10.17
CA CYS A 132 -10.89 5.74 -9.84
C CYS A 132 -10.13 5.46 -8.54
N MET A 133 -8.88 5.87 -8.49
CA MET A 133 -8.07 5.66 -7.31
C MET A 133 -7.49 6.96 -6.78
N ASP A 134 -8.21 7.58 -5.87
CA ASP A 134 -7.79 8.84 -5.26
C ASP A 134 -8.29 8.93 -3.83
N LEU A 135 -7.48 9.52 -2.97
CA LEU A 135 -7.85 9.72 -1.60
C LEU A 135 -7.18 11.00 -1.09
N ARG A 136 -6.89 11.90 -2.02
CA ARG A 136 -6.13 13.10 -1.73
C ARG A 136 -6.96 14.15 -1.00
N ALA A 137 -7.00 14.03 0.32
CA ALA A 137 -7.69 14.98 1.17
C ALA A 137 -6.84 15.33 2.36
N ASN A 138 -6.42 16.57 2.44
CA ASN A 138 -5.58 17.02 3.52
C ASN A 138 -5.58 18.54 3.59
N LEU A 139 -5.82 19.06 4.77
CA LEU A 139 -5.82 20.50 4.99
C LEU A 139 -4.66 20.90 5.89
N LYS A 140 -4.86 20.79 7.18
CA LYS A 140 -3.87 21.14 8.17
C LYS A 140 -3.91 20.19 9.34
N GLN A 141 -2.75 19.77 9.80
CA GLN A 141 -2.66 18.87 10.94
C GLN A 141 -1.28 18.92 11.55
N VAL A 142 -1.18 18.51 12.81
CA VAL A 142 0.08 18.53 13.52
C VAL A 142 0.05 17.51 14.66
N LYS A 143 1.19 17.28 15.29
CA LYS A 143 1.31 16.32 16.38
C LYS A 143 0.57 16.83 17.62
N LYS A 144 0.08 15.92 18.43
CA LYS A 144 -0.61 16.25 19.65
C LYS A 144 -0.10 15.39 20.76
N GLU A 145 0.38 16.01 21.81
CA GLU A 145 0.93 15.27 22.92
C GLU A 145 -0.13 14.80 23.88
N ASP A 146 -0.71 13.66 23.59
CA ASP A 146 -1.65 13.06 24.52
C ASP A 146 -0.97 11.91 25.25
N HIS A 147 -0.53 12.19 26.44
CA HIS A 147 0.13 11.20 27.28
C HIS A 147 -0.21 11.44 28.74
N HIS A 148 -1.27 10.80 29.20
CA HIS A 148 -1.73 10.99 30.56
C HIS A 148 -2.18 9.66 31.17
N HIS A 149 -1.77 9.42 32.41
CA HIS A 149 -2.13 8.19 33.10
C HIS A 149 -3.24 8.44 34.12
N HIS A 150 -3.94 7.40 34.49
CA HIS A 150 -5.04 7.50 35.44
C HIS A 150 -4.57 7.12 36.83
N HIS A 151 -5.21 7.70 37.83
CA HIS A 151 -4.94 7.39 39.23
C HIS A 151 -5.89 8.15 40.13
N HIS A 152 -6.08 7.66 41.33
CA HIS A 152 -6.92 8.33 42.30
C HIS A 152 -6.18 9.53 42.87
N MET A 1 -11.99 -12.89 10.17
CA MET A 1 -12.83 -11.86 9.52
C MET A 1 -13.46 -10.96 10.57
N ALA A 2 -12.77 -9.86 10.88
CA ALA A 2 -13.24 -8.91 11.87
C ALA A 2 -12.74 -7.51 11.55
N SER A 3 -13.59 -6.54 11.73
CA SER A 3 -13.23 -5.16 11.48
C SER A 3 -13.19 -4.39 12.79
N MET A 4 -12.26 -3.47 12.90
CA MET A 4 -12.10 -2.68 14.11
C MET A 4 -11.82 -1.23 13.75
N THR A 5 -12.21 -0.33 14.62
CA THR A 5 -12.02 1.10 14.40
C THR A 5 -10.58 1.54 14.71
N ASP A 6 -9.64 0.77 14.21
CA ASP A 6 -8.23 1.05 14.43
C ASP A 6 -7.61 1.53 13.12
N GLN A 7 -6.29 1.39 12.98
CA GLN A 7 -5.60 1.82 11.76
C GLN A 7 -6.15 1.08 10.56
N GLN A 8 -6.61 -0.13 10.79
CA GLN A 8 -7.18 -0.98 9.76
C GLN A 8 -8.41 -0.32 9.13
N ALA A 9 -9.15 0.44 9.94
CA ALA A 9 -10.36 1.10 9.49
C ALA A 9 -10.05 2.35 8.67
N GLU A 10 -8.91 2.99 8.94
CA GLU A 10 -8.53 4.20 8.22
C GLU A 10 -8.45 3.96 6.73
N ALA A 11 -7.91 2.82 6.34
CA ALA A 11 -7.78 2.48 4.94
C ALA A 11 -9.14 2.46 4.27
N ARG A 12 -10.11 1.80 4.90
CA ARG A 12 -11.46 1.72 4.36
C ARG A 12 -12.11 3.12 4.31
N SER A 13 -11.68 3.97 5.22
CA SER A 13 -12.22 5.32 5.31
C SER A 13 -11.67 6.24 4.20
N TYR A 14 -10.46 5.95 3.73
CA TYR A 14 -9.84 6.80 2.72
C TYR A 14 -10.05 6.27 1.31
N LEU A 15 -10.55 5.05 1.23
CA LEU A 15 -10.81 4.43 -0.05
C LEU A 15 -12.31 4.36 -0.30
N SER A 16 -12.71 4.62 -1.52
CA SER A 16 -14.11 4.56 -1.88
C SER A 16 -14.52 3.09 -2.10
N GLU A 17 -15.78 2.77 -1.85
CA GLU A 17 -16.29 1.40 -2.01
C GLU A 17 -16.01 0.88 -3.41
N GLU A 18 -16.06 1.77 -4.38
CA GLU A 18 -15.79 1.46 -5.78
C GLU A 18 -14.42 0.79 -5.93
N MET A 19 -13.40 1.47 -5.42
CA MET A 19 -12.04 0.98 -5.54
C MET A 19 -11.78 -0.21 -4.61
N ILE A 20 -12.46 -0.23 -3.47
CA ILE A 20 -12.32 -1.33 -2.52
C ILE A 20 -12.81 -2.64 -3.15
N ALA A 21 -13.90 -2.54 -3.89
CA ALA A 21 -14.49 -3.70 -4.56
C ALA A 21 -13.51 -4.29 -5.59
N GLU A 22 -12.66 -3.44 -6.14
CA GLU A 22 -11.71 -3.88 -7.14
C GLU A 22 -10.49 -4.54 -6.48
N PHE A 23 -10.08 -4.01 -5.34
CA PHE A 23 -8.92 -4.53 -4.60
C PHE A 23 -9.16 -5.96 -4.11
N LYS A 24 -10.42 -6.36 -4.04
CA LYS A 24 -10.78 -7.72 -3.63
C LYS A 24 -10.10 -8.79 -4.51
N ALA A 25 -9.88 -8.44 -5.78
CA ALA A 25 -9.27 -9.36 -6.74
C ALA A 25 -7.78 -9.61 -6.46
N ALA A 26 -7.19 -8.78 -5.59
CA ALA A 26 -5.77 -8.87 -5.22
C ALA A 26 -5.35 -10.28 -4.79
N PHE A 27 -6.28 -11.03 -4.20
CA PHE A 27 -5.99 -12.40 -3.74
C PHE A 27 -5.49 -13.29 -4.92
N ASP A 28 -5.91 -12.94 -6.14
CA ASP A 28 -5.54 -13.72 -7.33
C ASP A 28 -4.08 -13.49 -7.73
N MET A 29 -3.55 -12.31 -7.38
CA MET A 29 -2.17 -11.94 -7.71
C MET A 29 -1.17 -13.03 -7.37
N PHE A 30 -1.15 -13.47 -6.12
CA PHE A 30 -0.25 -14.53 -5.74
C PHE A 30 -0.95 -15.87 -5.89
N ASP A 31 -2.21 -15.92 -5.43
CA ASP A 31 -3.01 -17.14 -5.44
C ASP A 31 -2.36 -18.25 -4.61
N ALA A 32 -2.36 -18.06 -3.29
CA ALA A 32 -1.79 -19.04 -2.37
C ALA A 32 -2.80 -20.13 -2.06
N ASP A 33 -4.06 -19.73 -1.97
CA ASP A 33 -5.14 -20.66 -1.65
C ASP A 33 -6.49 -20.02 -1.94
N GLY A 34 -6.80 -18.99 -1.18
CA GLY A 34 -8.06 -18.30 -1.33
C GLY A 34 -8.57 -17.82 -0.01
N GLY A 35 -8.50 -18.68 0.99
CA GLY A 35 -8.94 -18.33 2.32
C GLY A 35 -7.82 -18.45 3.31
N GLY A 36 -6.76 -17.69 3.08
CA GLY A 36 -5.62 -17.73 3.95
C GLY A 36 -4.94 -16.38 4.04
N ASP A 37 -4.01 -16.26 4.96
CA ASP A 37 -3.29 -15.01 5.17
C ASP A 37 -2.00 -15.01 4.38
N ILE A 38 -1.61 -13.84 3.91
CA ILE A 38 -0.42 -13.68 3.11
C ILE A 38 0.70 -13.07 3.95
N SER A 39 1.94 -13.46 3.69
CA SER A 39 3.08 -12.91 4.40
C SER A 39 4.04 -12.21 3.44
N VAL A 40 5.17 -11.75 3.98
CA VAL A 40 6.19 -11.07 3.19
C VAL A 40 6.69 -11.93 2.03
N LYS A 41 6.70 -13.23 2.22
CA LYS A 41 7.17 -14.16 1.20
C LYS A 41 6.24 -14.15 -0.01
N GLU A 42 4.98 -14.41 0.24
CA GLU A 42 3.97 -14.43 -0.81
C GLU A 42 3.82 -13.05 -1.45
N LEU A 43 3.78 -12.02 -0.61
CA LEU A 43 3.62 -10.65 -1.08
C LEU A 43 4.82 -10.23 -1.92
N GLY A 44 6.01 -10.57 -1.43
CA GLY A 44 7.23 -10.25 -2.13
C GLY A 44 7.27 -10.83 -3.53
N THR A 45 6.63 -11.97 -3.71
CA THR A 45 6.58 -12.63 -5.00
C THR A 45 5.82 -11.78 -6.02
N VAL A 46 4.65 -11.31 -5.63
CA VAL A 46 3.83 -10.50 -6.50
C VAL A 46 4.53 -9.20 -6.87
N MET A 47 5.11 -8.52 -5.88
CA MET A 47 5.77 -7.25 -6.13
C MET A 47 7.01 -7.40 -7.02
N ARG A 48 7.76 -8.49 -6.86
CA ARG A 48 8.94 -8.71 -7.70
C ARG A 48 8.54 -9.15 -9.09
N MET A 49 7.30 -9.56 -9.23
CA MET A 49 6.77 -9.96 -10.52
C MET A 49 6.63 -8.75 -11.46
N LEU A 50 6.45 -7.55 -10.89
CA LEU A 50 6.35 -6.35 -11.71
C LEU A 50 7.73 -5.77 -12.02
N GLY A 51 8.66 -5.92 -11.08
CA GLY A 51 10.01 -5.43 -11.32
C GLY A 51 10.77 -5.16 -10.03
N GLN A 52 10.11 -4.61 -9.04
CA GLN A 52 10.75 -4.29 -7.78
C GLN A 52 10.98 -5.52 -6.94
N THR A 53 12.17 -5.63 -6.42
CA THR A 53 12.53 -6.75 -5.58
C THR A 53 13.71 -6.36 -4.67
N PRO A 54 13.38 -5.86 -3.48
CA PRO A 54 14.34 -5.42 -2.51
C PRO A 54 14.63 -6.51 -1.46
N THR A 55 14.86 -6.10 -0.25
CA THR A 55 15.19 -7.00 0.83
C THR A 55 13.93 -7.45 1.58
N LYS A 56 14.03 -8.56 2.28
CA LYS A 56 12.93 -9.09 3.09
C LYS A 56 12.59 -8.10 4.19
N GLU A 57 13.61 -7.37 4.64
CA GLU A 57 13.45 -6.34 5.66
C GLU A 57 12.55 -5.23 5.14
N GLU A 58 12.66 -4.94 3.84
CA GLU A 58 11.84 -3.92 3.19
C GLU A 58 10.40 -4.37 3.18
N LEU A 59 10.19 -5.62 2.79
CA LEU A 59 8.86 -6.21 2.71
C LEU A 59 8.22 -6.23 4.08
N ASP A 60 9.00 -6.68 5.05
CA ASP A 60 8.51 -6.81 6.41
C ASP A 60 8.25 -5.44 7.04
N ALA A 61 9.15 -4.50 6.80
CA ALA A 61 9.04 -3.14 7.37
C ALA A 61 7.78 -2.43 6.89
N ILE A 62 7.56 -2.42 5.57
CA ILE A 62 6.40 -1.73 4.98
C ILE A 62 5.09 -2.30 5.53
N ILE A 63 5.09 -3.57 5.86
CA ILE A 63 3.92 -4.22 6.43
C ILE A 63 3.87 -3.99 7.95
N GLU A 64 5.02 -4.10 8.59
CA GLU A 64 5.16 -3.96 10.04
C GLU A 64 4.73 -2.58 10.54
N GLU A 65 5.09 -1.56 9.78
CA GLU A 65 4.77 -0.18 10.15
C GLU A 65 3.26 0.10 10.15
N VAL A 66 2.48 -0.85 9.65
CA VAL A 66 1.03 -0.70 9.62
C VAL A 66 0.32 -1.89 10.25
N ASP A 67 1.05 -2.97 10.42
CA ASP A 67 0.49 -4.18 11.01
C ASP A 67 0.41 -4.05 12.51
N GLU A 68 -0.75 -3.66 13.00
CA GLU A 68 -0.97 -3.47 14.41
C GLU A 68 -1.34 -4.77 15.11
N ASP A 69 -1.29 -5.87 14.38
CA ASP A 69 -1.58 -7.17 14.97
C ASP A 69 -0.28 -7.88 15.34
N GLY A 70 0.82 -7.12 15.30
CA GLY A 70 2.13 -7.63 15.72
C GLY A 70 2.65 -8.74 14.86
N SER A 71 2.77 -8.48 13.58
CA SER A 71 3.21 -9.44 12.63
C SER A 71 3.38 -8.74 11.32
N GLY A 72 3.47 -9.50 10.30
CA GLY A 72 3.17 -8.98 9.04
C GLY A 72 2.26 -9.96 8.40
N THR A 73 1.05 -9.53 8.21
CA THR A 73 0.03 -10.39 7.67
C THR A 73 -0.91 -9.60 6.83
N ILE A 74 -1.32 -10.16 5.72
CA ILE A 74 -2.36 -9.54 4.94
C ILE A 74 -3.69 -10.24 5.24
N ASP A 75 -4.78 -9.52 5.05
CA ASP A 75 -6.12 -10.03 5.34
C ASP A 75 -7.10 -9.21 4.52
N PHE A 76 -8.39 -9.36 4.75
CA PHE A 76 -9.40 -8.64 3.97
C PHE A 76 -9.19 -7.13 4.06
N GLU A 77 -9.13 -6.60 5.27
CA GLU A 77 -8.91 -5.16 5.44
C GLU A 77 -7.43 -4.81 5.34
N GLU A 78 -6.57 -5.73 5.76
CA GLU A 78 -5.13 -5.51 5.68
C GLU A 78 -4.70 -5.34 4.21
N PHE A 79 -5.44 -6.00 3.30
CA PHE A 79 -5.23 -5.84 1.85
C PHE A 79 -5.29 -4.37 1.46
N LEU A 80 -6.24 -3.65 2.05
CA LEU A 80 -6.42 -2.24 1.76
C LEU A 80 -5.21 -1.44 2.20
N VAL A 81 -4.82 -1.60 3.48
CA VAL A 81 -3.70 -0.84 4.07
C VAL A 81 -2.43 -0.98 3.23
N MET A 82 -2.24 -2.16 2.69
CA MET A 82 -1.09 -2.46 1.84
C MET A 82 -0.99 -1.45 0.70
N MET A 83 -2.11 -1.26 0.03
CA MET A 83 -2.17 -0.41 -1.14
C MET A 83 -2.20 1.05 -0.75
N VAL A 84 -2.82 1.33 0.39
CA VAL A 84 -2.89 2.68 0.91
C VAL A 84 -1.49 3.18 1.20
N ARG A 85 -0.62 2.27 1.58
CA ARG A 85 0.76 2.61 1.90
C ARG A 85 1.43 3.33 0.76
N GLN A 86 1.26 2.82 -0.45
CA GLN A 86 1.92 3.42 -1.59
C GLN A 86 1.26 4.73 -1.99
N MET A 87 -0.06 4.78 -1.95
CA MET A 87 -0.79 5.98 -2.33
C MET A 87 -0.69 7.08 -1.26
N LYS A 88 -0.70 6.69 0.01
CA LYS A 88 -0.61 7.65 1.11
C LYS A 88 0.68 8.46 1.05
N GLU A 89 1.79 7.79 0.81
CA GLU A 89 3.07 8.48 0.75
C GLU A 89 3.24 9.26 -0.56
N ASP A 90 2.58 8.76 -1.61
CA ASP A 90 2.63 9.42 -2.91
C ASP A 90 1.83 10.72 -2.89
N ALA A 91 0.77 10.74 -2.08
CA ALA A 91 -0.08 11.92 -1.97
C ALA A 91 0.50 12.95 -1.01
N GLY A 92 1.55 12.54 -0.28
CA GLY A 92 2.20 13.42 0.68
C GLY A 92 2.77 14.68 0.04
N GLY A 93 3.17 14.56 -1.21
CA GLY A 93 3.70 15.70 -1.93
C GLY A 93 5.19 15.62 -2.13
N ALA A 94 5.81 16.76 -2.37
CA ALA A 94 7.24 16.84 -2.58
C ALA A 94 7.71 18.28 -2.42
N GLY A 95 8.76 18.46 -1.65
CA GLY A 95 9.33 19.78 -1.42
C GLY A 95 10.21 20.22 -2.57
N GLY A 96 9.64 20.28 -3.74
CA GLY A 96 10.38 20.68 -4.92
C GLY A 96 9.78 20.07 -6.16
N LYS A 97 10.28 20.46 -7.32
CA LYS A 97 9.78 19.94 -8.57
C LYS A 97 10.38 18.57 -8.83
N LEU A 98 9.58 17.64 -9.31
CA LEU A 98 10.06 16.29 -9.55
C LEU A 98 10.68 16.18 -10.93
N PHE A 99 11.92 16.61 -11.03
CA PHE A 99 12.65 16.49 -12.27
C PHE A 99 13.46 15.22 -12.29
N ASP A 100 13.33 14.46 -13.36
CA ASP A 100 14.00 13.18 -13.47
C ASP A 100 14.86 13.14 -14.72
N LEU A 101 16.11 12.78 -14.55
CA LEU A 101 17.03 12.66 -15.67
C LEU A 101 16.79 11.33 -16.36
N ARG A 102 15.89 11.32 -17.30
CA ARG A 102 15.49 10.10 -17.97
C ARG A 102 16.09 10.02 -19.37
N GLY A 103 16.42 11.17 -19.94
CA GLY A 103 16.97 11.20 -21.28
C GLY A 103 18.46 10.93 -21.30
N LYS A 104 18.85 9.76 -20.83
CA LYS A 104 20.25 9.39 -20.79
C LYS A 104 20.58 8.42 -21.91
N PHE A 105 19.96 7.26 -21.89
CA PHE A 105 20.19 6.23 -22.91
C PHE A 105 18.86 5.68 -23.40
N LYS A 106 17.97 6.58 -23.84
CA LYS A 106 16.63 6.21 -24.28
C LYS A 106 15.87 5.53 -23.15
N ARG A 107 15.63 6.31 -22.07
CA ARG A 107 14.94 5.88 -20.83
C ARG A 107 15.58 4.64 -20.16
N PRO A 108 15.39 4.49 -18.83
CA PRO A 108 15.88 3.32 -18.10
C PRO A 108 15.09 2.06 -18.47
N PRO A 109 15.54 0.87 -18.03
CA PRO A 109 14.84 -0.39 -18.31
C PRO A 109 13.44 -0.45 -17.69
N LEU A 110 12.76 -1.57 -17.89
CA LEU A 110 11.41 -1.76 -17.38
C LEU A 110 11.43 -2.09 -15.88
N ARG A 111 12.46 -1.63 -15.18
CA ARG A 111 12.61 -1.91 -13.78
C ARG A 111 11.83 -0.89 -12.95
N ARG A 112 10.83 -1.36 -12.25
CA ARG A 112 10.03 -0.50 -11.41
C ARG A 112 10.59 -0.49 -10.00
N VAL A 113 11.42 0.49 -9.67
CA VAL A 113 11.98 0.58 -8.33
C VAL A 113 10.96 1.14 -7.36
N ARG A 114 10.14 2.01 -7.89
CA ARG A 114 9.05 2.65 -7.18
C ARG A 114 8.04 3.13 -8.19
N MET A 115 6.78 3.13 -7.81
CA MET A 115 5.71 3.57 -8.69
C MET A 115 4.49 3.92 -7.88
N SER A 116 3.56 4.63 -8.47
CA SER A 116 2.34 5.02 -7.78
C SER A 116 1.42 3.82 -7.62
N ALA A 117 0.50 3.92 -6.65
CA ALA A 117 -0.46 2.85 -6.39
C ALA A 117 -1.27 2.53 -7.64
N ASP A 118 -1.58 3.55 -8.43
CA ASP A 118 -2.34 3.36 -9.65
C ASP A 118 -1.51 2.59 -10.67
N ALA A 119 -0.26 3.02 -10.86
CA ALA A 119 0.64 2.38 -11.80
C ALA A 119 0.85 0.91 -11.47
N MET A 120 1.02 0.60 -10.19
CA MET A 120 1.20 -0.78 -9.77
C MET A 120 -0.11 -1.58 -9.86
N LEU A 121 -1.22 -1.01 -9.38
CA LEU A 121 -2.52 -1.70 -9.47
C LEU A 121 -2.87 -1.97 -10.92
N LYS A 122 -2.44 -1.08 -11.78
CA LYS A 122 -2.65 -1.18 -13.21
C LYS A 122 -1.91 -2.39 -13.77
N ALA A 123 -0.77 -2.69 -13.17
CA ALA A 123 0.03 -3.84 -13.57
C ALA A 123 -0.51 -5.12 -12.92
N LEU A 124 -0.78 -5.05 -11.61
CA LEU A 124 -1.30 -6.19 -10.85
C LEU A 124 -2.64 -6.69 -11.39
N LEU A 125 -3.57 -5.76 -11.59
CA LEU A 125 -4.92 -6.12 -12.05
C LEU A 125 -5.03 -6.13 -13.56
N GLY A 126 -4.26 -5.29 -14.22
CA GLY A 126 -4.33 -5.20 -15.66
C GLY A 126 -5.63 -4.59 -16.12
N SER A 127 -6.37 -5.34 -16.94
CA SER A 127 -7.65 -4.89 -17.47
C SER A 127 -8.70 -4.77 -16.36
N LYS A 128 -8.43 -5.40 -15.22
CA LYS A 128 -9.35 -5.36 -14.10
C LYS A 128 -9.41 -3.97 -13.48
N HIS A 129 -8.26 -3.29 -13.46
CA HIS A 129 -8.18 -1.96 -12.86
C HIS A 129 -8.86 -0.92 -13.73
N LYS A 130 -9.96 -0.41 -13.24
CA LYS A 130 -10.71 0.62 -13.95
C LYS A 130 -11.12 1.73 -13.00
N VAL A 131 -11.14 1.43 -11.70
CA VAL A 131 -11.56 2.40 -10.69
C VAL A 131 -10.58 3.55 -10.56
N CYS A 132 -10.93 4.49 -9.71
CA CYS A 132 -10.13 5.63 -9.44
C CYS A 132 -9.06 5.32 -8.40
N MET A 133 -8.03 6.15 -8.35
CA MET A 133 -6.95 5.97 -7.39
C MET A 133 -6.49 7.32 -6.86
N ASP A 134 -7.10 7.75 -5.77
CA ASP A 134 -6.75 9.02 -5.15
C ASP A 134 -6.92 8.94 -3.65
N LEU A 135 -5.87 9.29 -2.94
CA LEU A 135 -5.89 9.30 -1.49
C LEU A 135 -6.48 10.63 -1.02
N ARG A 136 -7.72 10.59 -0.57
CA ARG A 136 -8.42 11.80 -0.16
C ARG A 136 -8.00 12.28 1.23
N ALA A 137 -6.73 12.66 1.36
CA ALA A 137 -6.18 13.17 2.60
C ALA A 137 -4.72 13.56 2.41
N ASN A 138 -4.18 14.29 3.38
CA ASN A 138 -2.76 14.69 3.38
C ASN A 138 -2.41 15.57 2.18
N LEU A 139 -3.17 16.63 1.97
CA LEU A 139 -2.91 17.55 0.88
C LEU A 139 -1.81 18.55 1.26
N LYS A 140 -1.38 18.48 2.50
CA LYS A 140 -0.35 19.37 3.01
C LYS A 140 0.53 18.67 4.04
N GLN A 141 1.66 19.30 4.35
CA GLN A 141 2.61 18.79 5.30
C GLN A 141 3.43 19.94 5.85
N VAL A 142 4.30 19.67 6.82
CA VAL A 142 5.16 20.71 7.38
C VAL A 142 6.23 20.09 8.28
N LYS A 143 7.40 20.76 8.34
CA LYS A 143 8.52 20.37 9.21
C LYS A 143 9.14 19.02 8.80
N LYS A 144 8.80 18.57 7.62
CA LYS A 144 9.34 17.31 7.12
C LYS A 144 10.56 17.59 6.26
N GLU A 145 11.50 16.63 6.22
CA GLU A 145 12.72 16.78 5.44
C GLU A 145 12.45 16.57 3.94
N ASP A 146 11.24 16.88 3.51
CA ASP A 146 10.83 16.68 2.12
C ASP A 146 11.71 17.52 1.20
N HIS A 147 11.85 17.06 -0.03
CA HIS A 147 12.73 17.67 -1.00
C HIS A 147 12.42 17.15 -2.39
N HIS A 148 13.07 17.72 -3.40
CA HIS A 148 12.86 17.29 -4.78
C HIS A 148 13.20 15.80 -4.92
N HIS A 149 12.34 15.08 -5.59
CA HIS A 149 12.52 13.66 -5.80
C HIS A 149 13.68 13.43 -6.76
N HIS A 150 14.49 12.41 -6.50
CA HIS A 150 15.63 12.11 -7.37
C HIS A 150 15.23 11.13 -8.48
N HIS A 151 16.16 10.88 -9.40
CA HIS A 151 15.89 9.96 -10.53
C HIS A 151 15.52 8.57 -10.04
N HIS A 152 14.49 8.03 -10.61
CA HIS A 152 14.00 6.71 -10.25
C HIS A 152 13.67 5.91 -11.51
N MET A 1 4.34 5.02 11.30
CA MET A 1 4.12 6.46 11.53
C MET A 1 2.82 6.72 12.29
N ALA A 2 2.91 6.74 13.62
CA ALA A 2 1.78 7.05 14.52
C ALA A 2 0.58 6.13 14.31
N SER A 3 0.81 4.96 13.75
CA SER A 3 -0.27 4.03 13.50
C SER A 3 -0.56 3.21 14.75
N MET A 4 -1.43 3.74 15.59
CA MET A 4 -1.85 3.06 16.81
C MET A 4 -3.35 2.83 16.78
N THR A 5 -3.98 3.33 15.74
CA THR A 5 -5.40 3.20 15.57
C THR A 5 -5.72 2.04 14.64
N ASP A 6 -6.99 1.72 14.51
CA ASP A 6 -7.42 0.64 13.63
C ASP A 6 -7.44 1.13 12.18
N GLN A 7 -6.23 1.26 11.62
CA GLN A 7 -6.02 1.78 10.28
C GLN A 7 -6.75 0.96 9.21
N GLN A 8 -7.03 -0.30 9.53
CA GLN A 8 -7.72 -1.18 8.59
C GLN A 8 -9.15 -0.68 8.33
N ALA A 9 -9.81 -0.18 9.38
CA ALA A 9 -11.15 0.36 9.24
C ALA A 9 -11.08 1.75 8.62
N GLU A 10 -10.00 2.47 8.93
CA GLU A 10 -9.78 3.79 8.37
C GLU A 10 -9.63 3.72 6.87
N ALA A 11 -8.74 2.84 6.42
CA ALA A 11 -8.49 2.63 4.98
C ALA A 11 -9.77 2.29 4.25
N ARG A 12 -10.61 1.51 4.91
CA ARG A 12 -11.90 1.09 4.39
C ARG A 12 -12.77 2.30 4.03
N SER A 13 -12.59 3.39 4.77
CA SER A 13 -13.39 4.57 4.57
C SER A 13 -12.66 5.63 3.72
N TYR A 14 -11.39 5.38 3.41
CA TYR A 14 -10.63 6.31 2.59
C TYR A 14 -10.80 5.98 1.12
N LEU A 15 -11.32 4.80 0.86
CA LEU A 15 -11.51 4.34 -0.49
C LEU A 15 -12.98 4.42 -0.88
N SER A 16 -13.24 4.49 -2.17
CA SER A 16 -14.58 4.56 -2.68
C SER A 16 -15.10 3.16 -3.00
N GLU A 17 -16.43 3.00 -3.00
CA GLU A 17 -17.09 1.71 -3.28
C GLU A 17 -16.52 1.03 -4.53
N GLU A 18 -16.52 1.77 -5.64
CA GLU A 18 -16.02 1.25 -6.91
C GLU A 18 -14.55 0.81 -6.81
N MET A 19 -13.76 1.60 -6.08
CA MET A 19 -12.34 1.32 -5.92
C MET A 19 -12.09 0.09 -5.07
N ILE A 20 -12.85 -0.05 -4.00
CA ILE A 20 -12.74 -1.22 -3.13
C ILE A 20 -13.12 -2.47 -3.91
N ALA A 21 -14.15 -2.35 -4.74
CA ALA A 21 -14.62 -3.45 -5.56
C ALA A 21 -13.55 -3.87 -6.56
N GLU A 22 -12.76 -2.93 -7.01
CA GLU A 22 -11.69 -3.19 -7.96
C GLU A 22 -10.51 -3.87 -7.28
N PHE A 23 -10.23 -3.44 -6.05
CA PHE A 23 -9.14 -4.01 -5.26
C PHE A 23 -9.33 -5.51 -5.04
N LYS A 24 -10.58 -5.98 -5.06
CA LYS A 24 -10.89 -7.38 -4.85
C LYS A 24 -10.09 -8.29 -5.78
N ALA A 25 -9.78 -7.80 -6.98
CA ALA A 25 -9.02 -8.56 -7.97
C ALA A 25 -7.64 -8.96 -7.42
N ALA A 26 -7.13 -8.18 -6.46
CA ALA A 26 -5.81 -8.42 -5.83
C ALA A 26 -5.67 -9.86 -5.33
N PHE A 27 -6.79 -10.44 -4.89
CA PHE A 27 -6.83 -11.81 -4.38
C PHE A 27 -6.20 -12.82 -5.36
N ASP A 28 -6.31 -12.52 -6.65
CA ASP A 28 -5.81 -13.40 -7.69
C ASP A 28 -4.28 -13.27 -7.83
N MET A 29 -3.77 -12.10 -7.46
CA MET A 29 -2.35 -11.78 -7.60
C MET A 29 -1.44 -12.77 -6.89
N PHE A 30 -1.60 -12.89 -5.57
CA PHE A 30 -0.72 -13.75 -4.80
C PHE A 30 -1.04 -15.23 -5.01
N ASP A 31 -2.34 -15.57 -5.02
CA ASP A 31 -2.79 -16.97 -5.23
C ASP A 31 -1.97 -17.96 -4.37
N ALA A 32 -2.20 -17.94 -3.07
CA ALA A 32 -1.46 -18.82 -2.17
C ALA A 32 -2.36 -19.89 -1.56
N ASP A 33 -3.60 -19.52 -1.28
CA ASP A 33 -4.53 -20.44 -0.64
C ASP A 33 -5.97 -20.07 -0.96
N GLY A 34 -6.41 -18.96 -0.41
CA GLY A 34 -7.77 -18.52 -0.62
C GLY A 34 -8.39 -18.02 0.66
N GLY A 35 -8.11 -18.69 1.76
CA GLY A 35 -8.64 -18.30 3.03
C GLY A 35 -7.59 -18.25 4.10
N GLY A 36 -6.42 -17.77 3.74
CA GLY A 36 -5.31 -17.70 4.67
C GLY A 36 -4.68 -16.33 4.67
N ASP A 37 -3.74 -16.14 5.58
CA ASP A 37 -3.05 -14.86 5.70
C ASP A 37 -1.79 -14.86 4.85
N ILE A 38 -1.45 -13.70 4.31
CA ILE A 38 -0.29 -13.58 3.47
C ILE A 38 0.91 -13.10 4.27
N SER A 39 2.08 -13.55 3.89
CA SER A 39 3.30 -13.14 4.53
C SER A 39 4.24 -12.45 3.54
N VAL A 40 5.44 -12.11 4.01
CA VAL A 40 6.43 -11.40 3.19
C VAL A 40 6.82 -12.18 1.93
N LYS A 41 6.76 -13.50 2.01
CA LYS A 41 7.16 -14.32 0.87
C LYS A 41 6.17 -14.20 -0.27
N GLU A 42 4.94 -14.58 0.00
CA GLU A 42 3.84 -14.50 -0.96
C GLU A 42 3.73 -13.07 -1.54
N LEU A 43 3.73 -12.08 -0.66
CA LEU A 43 3.61 -10.69 -1.06
C LEU A 43 4.81 -10.26 -1.89
N GLY A 44 5.99 -10.62 -1.42
CA GLY A 44 7.21 -10.27 -2.11
C GLY A 44 7.24 -10.82 -3.52
N THR A 45 6.61 -11.95 -3.71
CA THR A 45 6.55 -12.57 -5.02
C THR A 45 5.78 -11.70 -6.01
N VAL A 46 4.61 -11.21 -5.59
CA VAL A 46 3.78 -10.37 -6.44
C VAL A 46 4.47 -9.07 -6.80
N MET A 47 4.99 -8.37 -5.80
CA MET A 47 5.63 -7.08 -6.05
C MET A 47 6.92 -7.23 -6.86
N ARG A 48 7.60 -8.34 -6.67
CA ARG A 48 8.83 -8.61 -7.40
C ARG A 48 8.51 -9.04 -8.83
N MET A 49 7.26 -9.44 -9.04
CA MET A 49 6.78 -9.88 -10.33
C MET A 49 6.67 -8.71 -11.32
N LEU A 50 6.36 -7.52 -10.80
CA LEU A 50 6.21 -6.34 -11.66
C LEU A 50 7.57 -5.90 -12.19
N GLY A 51 8.58 -6.01 -11.34
CA GLY A 51 9.91 -5.60 -11.73
C GLY A 51 10.74 -5.19 -10.54
N GLN A 52 10.07 -4.64 -9.52
CA GLN A 52 10.73 -4.21 -8.31
C GLN A 52 11.39 -5.40 -7.63
N THR A 53 12.51 -5.17 -7.00
CA THR A 53 13.21 -6.23 -6.33
C THR A 53 14.07 -5.69 -5.17
N PRO A 54 13.48 -5.62 -3.98
CA PRO A 54 14.15 -5.16 -2.77
C PRO A 54 14.66 -6.32 -1.93
N THR A 55 14.65 -6.15 -0.62
CA THR A 55 15.09 -7.18 0.30
C THR A 55 13.92 -7.66 1.16
N LYS A 56 14.05 -8.85 1.71
CA LYS A 56 13.03 -9.44 2.59
C LYS A 56 12.86 -8.56 3.83
N GLU A 57 13.95 -7.91 4.22
CA GLU A 57 13.97 -7.01 5.36
C GLU A 57 13.00 -5.85 5.12
N GLU A 58 12.97 -5.38 3.88
CA GLU A 58 12.09 -4.29 3.47
C GLU A 58 10.64 -4.70 3.63
N LEU A 59 10.35 -5.90 3.12
CA LEU A 59 9.00 -6.45 3.13
C LEU A 59 8.47 -6.58 4.55
N ASP A 60 9.28 -7.14 5.43
CA ASP A 60 8.88 -7.33 6.82
C ASP A 60 8.67 -6.00 7.53
N ALA A 61 9.57 -5.06 7.28
CA ALA A 61 9.52 -3.75 7.93
C ALA A 61 8.27 -2.97 7.52
N ILE A 62 8.02 -2.88 6.22
CA ILE A 62 6.86 -2.13 5.71
C ILE A 62 5.54 -2.69 6.25
N ILE A 63 5.48 -4.01 6.42
CA ILE A 63 4.30 -4.66 6.93
C ILE A 63 4.20 -4.51 8.45
N GLU A 64 5.33 -4.60 9.12
CA GLU A 64 5.41 -4.53 10.57
C GLU A 64 4.99 -3.17 11.10
N GLU A 65 5.49 -2.11 10.47
CA GLU A 65 5.23 -0.73 10.93
C GLU A 65 3.75 -0.33 10.82
N VAL A 66 2.98 -1.11 10.07
CA VAL A 66 1.56 -0.83 9.93
C VAL A 66 0.74 -1.89 10.62
N ASP A 67 1.38 -3.00 10.92
CA ASP A 67 0.73 -4.12 11.56
C ASP A 67 0.58 -3.87 13.05
N GLU A 68 -0.65 -3.87 13.51
CA GLU A 68 -0.92 -3.66 14.92
C GLU A 68 -1.48 -4.92 15.58
N ASP A 69 -1.53 -6.00 14.81
CA ASP A 69 -2.03 -7.27 15.34
C ASP A 69 -0.89 -8.15 15.83
N GLY A 70 0.33 -7.64 15.70
CA GLY A 70 1.50 -8.34 16.22
C GLY A 70 1.89 -9.56 15.40
N SER A 71 1.98 -9.37 14.11
CA SER A 71 2.32 -10.44 13.20
C SER A 71 2.36 -9.86 11.83
N GLY A 72 3.46 -9.93 11.08
CA GLY A 72 3.28 -9.39 9.78
C GLY A 72 2.39 -10.32 9.02
N THR A 73 1.22 -9.84 8.74
CA THR A 73 0.20 -10.60 8.10
C THR A 73 -0.61 -9.72 7.24
N ILE A 74 -0.96 -10.18 6.07
CA ILE A 74 -1.90 -9.46 5.27
C ILE A 74 -3.24 -10.19 5.41
N ASP A 75 -4.31 -9.46 5.22
CA ASP A 75 -5.65 -9.99 5.40
C ASP A 75 -6.56 -9.27 4.43
N PHE A 76 -7.82 -9.65 4.38
CA PHE A 76 -8.77 -8.96 3.53
C PHE A 76 -8.82 -7.49 3.91
N GLU A 77 -8.80 -7.23 5.21
CA GLU A 77 -8.82 -5.88 5.74
C GLU A 77 -7.42 -5.26 5.75
N GLU A 78 -6.43 -6.03 6.21
CA GLU A 78 -5.02 -5.57 6.25
C GLU A 78 -4.52 -5.21 4.83
N PHE A 79 -5.05 -5.92 3.83
CA PHE A 79 -4.70 -5.72 2.41
C PHE A 79 -4.91 -4.26 2.00
N LEU A 80 -6.03 -3.69 2.43
CA LEU A 80 -6.38 -2.32 2.11
C LEU A 80 -5.28 -1.36 2.50
N VAL A 81 -4.84 -1.45 3.75
CA VAL A 81 -3.81 -0.57 4.30
C VAL A 81 -2.55 -0.60 3.46
N MET A 82 -2.23 -1.76 2.92
CA MET A 82 -1.04 -1.93 2.10
C MET A 82 -1.13 -1.07 0.84
N MET A 83 -2.29 -1.04 0.23
CA MET A 83 -2.49 -0.32 -1.00
C MET A 83 -2.65 1.16 -0.72
N VAL A 84 -3.45 1.46 0.29
CA VAL A 84 -3.70 2.84 0.67
C VAL A 84 -2.43 3.50 1.14
N ARG A 85 -1.55 2.73 1.75
CA ARG A 85 -0.32 3.27 2.29
C ARG A 85 0.44 4.04 1.24
N GLN A 86 0.67 3.41 0.11
CA GLN A 86 1.48 4.00 -0.93
C GLN A 86 0.81 5.25 -1.51
N MET A 87 -0.50 5.20 -1.66
CA MET A 87 -1.23 6.35 -2.19
C MET A 87 -1.40 7.44 -1.12
N LYS A 88 -1.51 7.04 0.15
CA LYS A 88 -1.68 7.99 1.23
C LYS A 88 -0.37 8.68 1.60
N GLU A 89 0.77 8.02 1.34
CA GLU A 89 2.06 8.59 1.70
C GLU A 89 2.68 9.39 0.55
N ASP A 90 2.59 8.86 -0.68
CA ASP A 90 3.16 9.55 -1.85
C ASP A 90 2.39 10.84 -2.13
N ALA A 91 1.11 10.84 -1.78
CA ALA A 91 0.27 12.00 -1.98
C ALA A 91 0.24 12.86 -0.72
N GLY A 92 0.98 12.44 0.29
CA GLY A 92 1.02 13.16 1.54
C GLY A 92 2.36 13.84 1.77
N GLY A 93 3.43 13.23 1.24
CA GLY A 93 4.76 13.78 1.42
C GLY A 93 5.05 14.92 0.45
N ALA A 94 4.22 15.94 0.48
CA ALA A 94 4.39 17.10 -0.37
C ALA A 94 3.78 18.33 0.28
N GLY A 95 4.48 19.45 0.18
CA GLY A 95 3.98 20.68 0.74
C GLY A 95 4.27 20.82 2.22
N GLY A 96 3.62 19.99 3.03
CA GLY A 96 3.79 20.05 4.46
C GLY A 96 5.09 19.41 4.91
N LYS A 97 5.10 18.10 5.03
CA LYS A 97 6.29 17.39 5.46
C LYS A 97 6.60 16.26 4.49
N LEU A 98 7.87 16.03 4.27
CA LEU A 98 8.33 14.99 3.38
C LEU A 98 8.72 13.77 4.18
N PHE A 99 7.83 12.81 4.27
CA PHE A 99 8.10 11.61 5.03
C PHE A 99 8.92 10.63 4.20
N ASP A 100 8.31 10.13 3.14
CA ASP A 100 9.00 9.23 2.22
C ASP A 100 9.59 10.03 1.08
N LEU A 101 10.87 9.89 0.88
CA LEU A 101 11.56 10.63 -0.16
C LEU A 101 11.63 9.86 -1.46
N ARG A 102 11.05 8.64 -1.45
CA ARG A 102 11.00 7.71 -2.60
C ARG A 102 12.35 7.61 -3.34
N GLY A 103 13.44 7.87 -2.62
CA GLY A 103 14.75 7.80 -3.20
C GLY A 103 15.15 9.07 -3.93
N LYS A 104 14.24 9.58 -4.74
CA LYS A 104 14.51 10.77 -5.54
C LYS A 104 13.41 11.81 -5.33
N PHE A 105 13.78 13.08 -5.45
CA PHE A 105 12.83 14.19 -5.24
C PHE A 105 11.59 14.02 -6.10
N LYS A 106 11.78 13.72 -7.36
CA LYS A 106 10.68 13.45 -8.24
C LYS A 106 10.44 11.97 -8.28
N ARG A 107 9.20 11.54 -8.11
CA ARG A 107 8.89 10.12 -8.12
C ARG A 107 9.22 9.50 -9.48
N PRO A 108 9.76 8.27 -9.48
CA PRO A 108 10.12 7.55 -10.70
C PRO A 108 8.91 7.32 -11.63
N PRO A 109 9.16 6.97 -12.90
CA PRO A 109 8.11 6.76 -13.89
C PRO A 109 7.38 5.43 -13.73
N LEU A 110 6.50 5.15 -14.67
CA LEU A 110 5.69 3.92 -14.68
C LEU A 110 6.53 2.72 -15.17
N ARG A 111 7.83 2.78 -14.92
CA ARG A 111 8.78 1.76 -15.37
C ARG A 111 8.75 0.50 -14.47
N ARG A 112 7.68 0.34 -13.69
CA ARG A 112 7.52 -0.81 -12.77
C ARG A 112 8.60 -0.80 -11.70
N VAL A 113 9.10 0.38 -11.41
CA VAL A 113 10.11 0.60 -10.40
C VAL A 113 9.44 1.15 -9.14
N ARG A 114 10.18 1.95 -8.38
CA ARG A 114 9.65 2.59 -7.17
C ARG A 114 8.63 3.68 -7.54
N MET A 115 7.62 3.28 -8.29
CA MET A 115 6.61 4.17 -8.82
C MET A 115 5.45 4.37 -7.85
N SER A 116 4.45 5.11 -8.31
CA SER A 116 3.27 5.44 -7.52
C SER A 116 2.30 4.26 -7.40
N ALA A 117 1.36 4.39 -6.47
CA ALA A 117 0.35 3.35 -6.23
C ALA A 117 -0.55 3.17 -7.46
N ASP A 118 -0.81 4.25 -8.19
CA ASP A 118 -1.65 4.17 -9.37
C ASP A 118 -0.99 3.29 -10.41
N ALA A 119 0.32 3.41 -10.53
CA ALA A 119 1.09 2.61 -11.45
C ALA A 119 1.21 1.19 -10.95
N MET A 120 1.49 1.06 -9.66
CA MET A 120 1.61 -0.24 -9.00
C MET A 120 0.32 -1.06 -9.19
N LEU A 121 -0.82 -0.47 -8.83
CA LEU A 121 -2.12 -1.14 -8.98
C LEU A 121 -2.42 -1.41 -10.46
N LYS A 122 -2.00 -0.50 -11.31
CA LYS A 122 -2.20 -0.63 -12.75
C LYS A 122 -1.43 -1.83 -13.30
N ALA A 123 -0.29 -2.10 -12.71
CA ALA A 123 0.53 -3.22 -13.12
C ALA A 123 -0.05 -4.53 -12.60
N LEU A 124 -0.47 -4.53 -11.33
CA LEU A 124 -1.07 -5.71 -10.70
C LEU A 124 -2.31 -6.18 -11.46
N LEU A 125 -3.25 -5.27 -11.66
CA LEU A 125 -4.50 -5.58 -12.35
C LEU A 125 -4.31 -5.73 -13.85
N GLY A 126 -3.12 -5.43 -14.32
CA GLY A 126 -2.83 -5.52 -15.73
C GLY A 126 -3.70 -4.58 -16.56
N SER A 127 -3.63 -3.29 -16.23
CA SER A 127 -4.38 -2.25 -16.94
C SER A 127 -5.90 -2.35 -16.71
N LYS A 128 -6.29 -3.21 -15.77
CA LYS A 128 -7.70 -3.38 -15.43
C LYS A 128 -8.13 -2.40 -14.35
N HIS A 129 -7.23 -1.51 -13.99
CA HIS A 129 -7.51 -0.51 -12.97
C HIS A 129 -8.21 0.70 -13.60
N LYS A 130 -9.50 0.83 -13.35
CA LYS A 130 -10.29 1.90 -13.95
C LYS A 130 -10.46 3.06 -12.99
N VAL A 131 -10.48 2.76 -11.70
CA VAL A 131 -10.74 3.77 -10.70
C VAL A 131 -9.57 4.74 -10.56
N CYS A 132 -9.83 5.87 -9.93
CA CYS A 132 -8.82 6.89 -9.74
C CYS A 132 -8.34 6.88 -8.30
N MET A 133 -7.08 7.22 -8.10
CA MET A 133 -6.49 7.26 -6.77
C MET A 133 -6.90 8.52 -6.03
N ASP A 134 -8.09 8.50 -5.47
CA ASP A 134 -8.61 9.62 -4.73
C ASP A 134 -9.06 9.18 -3.35
N LEU A 135 -8.39 9.67 -2.33
CA LEU A 135 -8.78 9.36 -0.97
C LEU A 135 -9.14 10.63 -0.21
N ARG A 136 -9.65 10.46 0.99
CA ARG A 136 -10.02 11.57 1.82
C ARG A 136 -9.00 11.74 2.90
N ALA A 137 -8.84 12.94 3.38
CA ALA A 137 -7.89 13.21 4.41
C ALA A 137 -8.47 14.14 5.46
N ASN A 138 -7.66 14.52 6.41
CA ASN A 138 -8.07 15.38 7.49
C ASN A 138 -6.84 16.04 8.06
N LEU A 139 -7.05 17.09 8.83
CA LEU A 139 -5.95 17.82 9.47
C LEU A 139 -5.12 16.87 10.32
N LYS A 140 -5.80 16.09 11.15
CA LYS A 140 -5.16 15.12 12.02
C LYS A 140 -6.20 14.16 12.58
N GLN A 141 -5.81 12.92 12.79
CA GLN A 141 -6.71 11.93 13.34
C GLN A 141 -6.52 11.80 14.84
N VAL A 142 -7.58 11.45 15.54
CA VAL A 142 -7.52 11.34 16.99
C VAL A 142 -7.22 9.90 17.41
N LYS A 143 -6.68 9.77 18.61
CA LYS A 143 -6.37 8.47 19.18
C LYS A 143 -7.63 7.68 19.50
N LYS A 144 -7.54 6.36 19.42
CA LYS A 144 -8.64 5.49 19.79
C LYS A 144 -8.36 4.83 21.13
N GLU A 145 -7.18 5.14 21.68
CA GLU A 145 -6.72 4.67 22.99
C GLU A 145 -6.96 3.17 23.24
N ASP A 146 -6.87 2.36 22.20
CA ASP A 146 -7.05 0.91 22.35
C ASP A 146 -5.76 0.33 22.92
N HIS A 147 -5.66 0.37 24.23
CA HIS A 147 -4.47 -0.09 24.92
C HIS A 147 -4.69 -1.49 25.46
N HIS A 148 -4.06 -2.46 24.82
CA HIS A 148 -4.21 -3.85 25.24
C HIS A 148 -2.87 -4.57 25.28
N HIS A 149 -2.47 -4.99 26.46
CA HIS A 149 -1.22 -5.71 26.65
C HIS A 149 -1.42 -6.87 27.62
N HIS A 150 -1.29 -8.07 27.12
CA HIS A 150 -1.42 -9.25 27.94
C HIS A 150 -0.13 -10.05 27.95
N HIS A 151 0.16 -10.68 29.06
CA HIS A 151 1.36 -11.49 29.19
C HIS A 151 1.00 -12.96 29.04
N HIS A 152 2.00 -13.82 29.08
CA HIS A 152 1.74 -15.25 28.95
C HIS A 152 1.51 -15.88 30.32
N MET A 1 -3.99 -14.45 15.92
CA MET A 1 -3.80 -13.27 16.77
C MET A 1 -5.03 -12.39 16.73
N ALA A 2 -5.14 -11.48 17.68
CA ALA A 2 -6.26 -10.56 17.72
C ALA A 2 -6.06 -9.45 16.71
N SER A 3 -6.72 -9.57 15.58
CA SER A 3 -6.60 -8.60 14.51
C SER A 3 -7.33 -7.31 14.89
N MET A 4 -6.63 -6.43 15.57
CA MET A 4 -7.16 -5.15 15.96
C MET A 4 -6.57 -4.07 15.10
N THR A 5 -7.25 -3.74 14.03
CA THR A 5 -6.76 -2.74 13.11
C THR A 5 -7.60 -1.48 13.16
N ASP A 6 -6.94 -0.34 13.27
CA ASP A 6 -7.62 0.94 13.30
C ASP A 6 -7.49 1.60 11.93
N GLN A 7 -6.35 1.37 11.30
CA GLN A 7 -6.10 1.93 9.98
C GLN A 7 -7.06 1.33 8.96
N GLN A 8 -7.63 0.18 9.31
CA GLN A 8 -8.64 -0.47 8.46
C GLN A 8 -9.85 0.45 8.32
N ALA A 9 -10.21 1.11 9.43
CA ALA A 9 -11.33 2.03 9.44
C ALA A 9 -11.07 3.18 8.50
N GLU A 10 -9.82 3.64 8.44
CA GLU A 10 -9.45 4.71 7.55
C GLU A 10 -9.38 4.21 6.12
N ALA A 11 -8.83 3.02 5.95
CA ALA A 11 -8.67 2.44 4.63
C ALA A 11 -10.01 2.32 3.91
N ARG A 12 -11.00 1.74 4.58
CA ARG A 12 -12.32 1.56 3.98
C ARG A 12 -13.04 2.90 3.85
N SER A 13 -12.65 3.88 4.64
CA SER A 13 -13.28 5.19 4.63
C SER A 13 -12.66 6.09 3.55
N TYR A 14 -11.43 5.80 3.15
CA TYR A 14 -10.75 6.62 2.17
C TYR A 14 -10.84 6.03 0.79
N LEU A 15 -11.46 4.87 0.69
CA LEU A 15 -11.63 4.24 -0.59
C LEU A 15 -13.08 4.29 -1.00
N SER A 16 -13.30 4.61 -2.24
CA SER A 16 -14.63 4.63 -2.78
C SER A 16 -15.10 3.18 -2.95
N GLU A 17 -16.38 2.93 -2.73
CA GLU A 17 -16.94 1.59 -2.87
C GLU A 17 -16.69 1.05 -4.28
N GLU A 18 -16.62 1.96 -5.24
CA GLU A 18 -16.31 1.61 -6.62
C GLU A 18 -14.88 1.06 -6.70
N MET A 19 -13.97 1.73 -6.01
CA MET A 19 -12.56 1.36 -5.99
C MET A 19 -12.35 0.07 -5.21
N ILE A 20 -13.11 -0.11 -4.15
CA ILE A 20 -13.04 -1.34 -3.36
C ILE A 20 -13.47 -2.54 -4.22
N ALA A 21 -14.42 -2.31 -5.12
CA ALA A 21 -14.89 -3.35 -6.03
C ALA A 21 -13.76 -3.76 -6.99
N GLU A 22 -12.85 -2.83 -7.23
CA GLU A 22 -11.70 -3.09 -8.08
C GLU A 22 -10.64 -3.88 -7.31
N PHE A 23 -10.51 -3.54 -6.02
CA PHE A 23 -9.58 -4.23 -5.12
C PHE A 23 -9.93 -5.72 -5.04
N LYS A 24 -11.14 -6.07 -5.42
CA LYS A 24 -11.59 -7.45 -5.45
C LYS A 24 -10.66 -8.30 -6.33
N ALA A 25 -10.11 -7.69 -7.39
CA ALA A 25 -9.21 -8.40 -8.29
C ALA A 25 -7.83 -8.58 -7.68
N ALA A 26 -7.50 -7.75 -6.68
CA ALA A 26 -6.22 -7.82 -5.97
C ALA A 26 -6.03 -9.19 -5.29
N PHE A 27 -7.13 -9.78 -4.85
CA PHE A 27 -7.10 -11.09 -4.19
C PHE A 27 -6.40 -12.16 -5.06
N ASP A 28 -6.48 -11.99 -6.38
CA ASP A 28 -5.88 -12.95 -7.30
C ASP A 28 -4.36 -12.77 -7.42
N MET A 29 -3.87 -11.57 -7.05
CA MET A 29 -2.43 -11.24 -7.16
C MET A 29 -1.57 -12.31 -6.53
N PHE A 30 -1.82 -12.59 -5.28
CA PHE A 30 -1.05 -13.58 -4.56
C PHE A 30 -1.59 -14.99 -4.82
N ASP A 31 -2.93 -15.15 -4.66
CA ASP A 31 -3.59 -16.45 -4.88
C ASP A 31 -2.85 -17.58 -4.14
N ALA A 32 -2.33 -17.27 -2.97
CA ALA A 32 -1.54 -18.20 -2.19
C ALA A 32 -2.39 -19.26 -1.51
N ASP A 33 -3.64 -18.92 -1.22
CA ASP A 33 -4.56 -19.84 -0.55
C ASP A 33 -5.98 -19.33 -0.65
N GLY A 34 -6.23 -18.19 -0.04
CA GLY A 34 -7.55 -17.62 -0.03
C GLY A 34 -8.12 -17.52 1.36
N GLY A 35 -7.94 -18.55 2.15
CA GLY A 35 -8.45 -18.56 3.51
C GLY A 35 -7.33 -18.52 4.52
N GLY A 36 -6.24 -17.89 4.14
CA GLY A 36 -5.09 -17.80 5.01
C GLY A 36 -4.43 -16.44 4.93
N ASP A 37 -3.45 -16.22 5.77
CA ASP A 37 -2.75 -14.95 5.83
C ASP A 37 -1.52 -14.98 4.93
N ILE A 38 -1.22 -13.83 4.34
CA ILE A 38 -0.07 -13.73 3.46
C ILE A 38 1.17 -13.36 4.28
N SER A 39 2.32 -13.88 3.89
CA SER A 39 3.56 -13.59 4.56
C SER A 39 4.46 -12.73 3.67
N VAL A 40 5.68 -12.48 4.15
CA VAL A 40 6.65 -11.68 3.42
C VAL A 40 6.97 -12.24 2.04
N LYS A 41 6.98 -13.56 1.93
CA LYS A 41 7.34 -14.22 0.69
C LYS A 41 6.24 -14.10 -0.35
N GLU A 42 5.07 -14.61 -0.01
CA GLU A 42 3.91 -14.54 -0.89
C GLU A 42 3.67 -13.11 -1.39
N LEU A 43 3.74 -12.15 -0.47
CA LEU A 43 3.58 -10.75 -0.84
C LEU A 43 4.72 -10.30 -1.72
N GLY A 44 5.94 -10.61 -1.28
CA GLY A 44 7.12 -10.24 -2.00
C GLY A 44 7.12 -10.78 -3.41
N THR A 45 6.43 -11.90 -3.61
CA THR A 45 6.31 -12.50 -4.93
C THR A 45 5.58 -11.54 -5.87
N VAL A 46 4.45 -11.01 -5.43
CA VAL A 46 3.68 -10.08 -6.21
C VAL A 46 4.49 -8.83 -6.54
N MET A 47 5.09 -8.23 -5.52
CA MET A 47 5.81 -6.98 -5.71
C MET A 47 7.08 -7.14 -6.58
N ARG A 48 7.74 -8.30 -6.48
CA ARG A 48 8.92 -8.55 -7.30
C ARG A 48 8.51 -8.84 -8.73
N MET A 49 7.28 -9.32 -8.88
CA MET A 49 6.73 -9.65 -10.18
C MET A 49 6.65 -8.42 -11.10
N LEU A 50 6.62 -7.23 -10.51
CA LEU A 50 6.55 -6.02 -11.30
C LEU A 50 7.90 -5.65 -11.90
N GLY A 51 8.96 -6.33 -11.49
CA GLY A 51 10.27 -6.07 -12.07
C GLY A 51 11.38 -5.90 -11.06
N GLN A 52 11.09 -5.24 -9.96
CA GLN A 52 12.12 -5.02 -8.94
C GLN A 52 12.29 -6.25 -8.07
N THR A 53 13.38 -6.29 -7.32
CA THR A 53 13.65 -7.41 -6.46
C THR A 53 14.46 -6.97 -5.23
N PRO A 54 13.76 -6.72 -4.12
CA PRO A 54 14.38 -6.28 -2.88
C PRO A 54 14.78 -7.44 -1.98
N THR A 55 14.94 -7.14 -0.71
CA THR A 55 15.30 -8.13 0.28
C THR A 55 14.13 -8.34 1.24
N LYS A 56 14.13 -9.46 1.97
CA LYS A 56 13.06 -9.75 2.92
C LYS A 56 13.04 -8.68 4.01
N GLU A 57 14.20 -8.09 4.26
CA GLU A 57 14.34 -7.03 5.27
C GLU A 57 13.42 -5.87 4.93
N GLU A 58 13.34 -5.53 3.64
CA GLU A 58 12.49 -4.47 3.16
C GLU A 58 11.02 -4.81 3.42
N LEU A 59 10.67 -6.05 3.15
CA LEU A 59 9.31 -6.53 3.30
C LEU A 59 8.92 -6.57 4.78
N ASP A 60 9.78 -7.14 5.58
CA ASP A 60 9.56 -7.26 7.02
C ASP A 60 9.39 -5.87 7.67
N ALA A 61 10.20 -4.92 7.22
CA ALA A 61 10.18 -3.57 7.76
C ALA A 61 8.92 -2.82 7.38
N ILE A 62 8.50 -2.95 6.14
CA ILE A 62 7.30 -2.25 5.67
C ILE A 62 6.05 -2.85 6.29
N ILE A 63 6.01 -4.17 6.43
CA ILE A 63 4.86 -4.83 7.02
C ILE A 63 4.78 -4.54 8.52
N GLU A 64 5.94 -4.45 9.16
CA GLU A 64 6.02 -4.18 10.59
C GLU A 64 5.38 -2.85 10.95
N GLU A 65 5.66 -1.83 10.16
CA GLU A 65 5.15 -0.50 10.44
C GLU A 65 3.68 -0.34 10.03
N VAL A 66 3.13 -1.36 9.39
CA VAL A 66 1.73 -1.30 8.97
C VAL A 66 0.86 -2.28 9.76
N ASP A 67 1.46 -3.39 10.20
CA ASP A 67 0.72 -4.41 10.95
C ASP A 67 0.32 -3.88 12.33
N GLU A 68 -0.90 -4.18 12.76
CA GLU A 68 -1.38 -3.70 14.05
C GLU A 68 -1.69 -4.83 15.04
N ASP A 69 -1.47 -6.08 14.62
CA ASP A 69 -1.79 -7.22 15.49
C ASP A 69 -0.53 -7.79 16.15
N GLY A 70 0.62 -7.55 15.54
CA GLY A 70 1.87 -8.02 16.12
C GLY A 70 2.47 -9.17 15.35
N SER A 71 2.69 -8.95 14.07
CA SER A 71 3.22 -9.92 13.19
C SER A 71 3.47 -9.25 11.90
N GLY A 72 3.77 -9.99 10.91
CA GLY A 72 3.59 -9.46 9.62
C GLY A 72 2.66 -10.38 8.93
N THR A 73 1.49 -9.89 8.66
CA THR A 73 0.45 -10.65 8.05
C THR A 73 -0.40 -9.81 7.17
N ILE A 74 -0.78 -10.31 6.04
CA ILE A 74 -1.77 -9.62 5.27
C ILE A 74 -3.09 -10.34 5.49
N ASP A 75 -4.18 -9.63 5.33
CA ASP A 75 -5.50 -10.18 5.64
C ASP A 75 -6.52 -9.45 4.78
N PHE A 76 -7.79 -9.76 4.96
CA PHE A 76 -8.82 -9.06 4.22
C PHE A 76 -8.83 -7.59 4.62
N GLU A 77 -8.64 -7.37 5.91
CA GLU A 77 -8.58 -6.02 6.46
C GLU A 77 -7.17 -5.42 6.30
N GLU A 78 -6.15 -6.20 6.66
CA GLU A 78 -4.75 -5.74 6.58
C GLU A 78 -4.35 -5.41 5.13
N PHE A 79 -4.96 -6.09 4.16
CA PHE A 79 -4.67 -5.87 2.73
C PHE A 79 -4.91 -4.41 2.34
N LEU A 80 -6.04 -3.88 2.79
CA LEU A 80 -6.41 -2.50 2.45
C LEU A 80 -5.37 -1.49 2.90
N VAL A 81 -4.88 -1.63 4.13
CA VAL A 81 -3.97 -0.66 4.69
C VAL A 81 -2.65 -0.55 3.90
N MET A 82 -2.20 -1.66 3.32
CA MET A 82 -0.94 -1.65 2.55
C MET A 82 -1.13 -0.88 1.25
N MET A 83 -2.30 -1.01 0.67
CA MET A 83 -2.63 -0.38 -0.59
C MET A 83 -2.91 1.11 -0.40
N VAL A 84 -3.69 1.45 0.62
CA VAL A 84 -4.06 2.83 0.86
C VAL A 84 -2.90 3.68 1.37
N ARG A 85 -1.98 3.07 2.10
CA ARG A 85 -0.87 3.82 2.68
C ARG A 85 -0.05 4.59 1.65
N GLN A 86 0.25 3.96 0.52
CA GLN A 86 1.05 4.63 -0.50
C GLN A 86 0.30 5.82 -1.10
N MET A 87 -0.95 5.60 -1.50
CA MET A 87 -1.75 6.68 -2.06
C MET A 87 -2.07 7.74 -1.00
N LYS A 88 -2.17 7.30 0.26
CA LYS A 88 -2.44 8.21 1.36
C LYS A 88 -1.27 9.15 1.62
N GLU A 89 -0.04 8.63 1.59
CA GLU A 89 1.13 9.48 1.83
C GLU A 89 1.38 10.41 0.65
N ASP A 90 1.13 9.91 -0.56
CA ASP A 90 1.28 10.73 -1.77
C ASP A 90 0.28 11.87 -1.77
N ALA A 91 -0.88 11.62 -1.20
CA ALA A 91 -1.93 12.64 -1.12
C ALA A 91 -1.68 13.56 0.06
N GLY A 92 -1.18 13.00 1.15
CA GLY A 92 -0.89 13.77 2.34
C GLY A 92 0.21 14.78 2.10
N GLY A 93 1.27 14.33 1.44
CA GLY A 93 2.37 15.21 1.12
C GLY A 93 3.07 15.75 2.35
N ALA A 94 3.45 14.86 3.25
CA ALA A 94 4.14 15.26 4.46
C ALA A 94 5.64 15.19 4.24
N GLY A 95 6.19 16.25 3.70
CA GLY A 95 7.61 16.29 3.41
C GLY A 95 7.95 15.48 2.18
N GLY A 96 9.20 15.06 2.07
CA GLY A 96 9.61 14.25 0.94
C GLY A 96 9.70 15.05 -0.34
N LYS A 97 8.74 14.85 -1.22
CA LYS A 97 8.73 15.52 -2.50
C LYS A 97 7.29 15.79 -2.91
N LEU A 98 7.01 17.02 -3.31
CA LEU A 98 5.65 17.39 -3.67
C LEU A 98 5.51 17.66 -5.16
N PHE A 99 6.56 17.39 -5.91
CA PHE A 99 6.53 17.61 -7.35
C PHE A 99 6.83 16.32 -8.10
N ASP A 100 6.34 16.24 -9.33
CA ASP A 100 6.52 15.06 -10.17
C ASP A 100 7.91 15.09 -10.83
N LEU A 101 8.44 13.91 -11.14
CA LEU A 101 9.78 13.81 -11.72
C LEU A 101 9.74 13.84 -13.25
N ARG A 102 8.55 13.81 -13.82
CA ARG A 102 8.39 13.85 -15.26
C ARG A 102 8.21 15.28 -15.73
N GLY A 103 9.14 15.77 -16.52
CA GLY A 103 9.04 17.11 -17.05
C GLY A 103 8.27 17.11 -18.36
N LYS A 104 8.55 18.08 -19.21
CA LYS A 104 7.90 18.16 -20.50
C LYS A 104 8.36 16.99 -21.38
N PHE A 105 9.63 17.00 -21.71
CA PHE A 105 10.21 15.94 -22.54
C PHE A 105 11.31 15.22 -21.76
N LYS A 106 11.74 15.81 -20.65
CA LYS A 106 12.75 15.22 -19.80
C LYS A 106 12.07 14.33 -18.75
N ARG A 107 12.21 13.03 -18.90
CA ARG A 107 11.56 12.09 -18.01
C ARG A 107 12.54 11.01 -17.57
N PRO A 108 12.36 10.47 -16.35
CA PRO A 108 13.22 9.40 -15.82
C PRO A 108 13.10 8.11 -16.63
N PRO A 109 14.09 7.19 -16.49
CA PRO A 109 14.10 5.92 -17.21
C PRO A 109 13.05 4.94 -16.67
N LEU A 110 13.10 3.70 -17.14
CA LEU A 110 12.13 2.69 -16.74
C LEU A 110 12.62 1.91 -15.52
N ARG A 111 13.56 2.49 -14.78
CA ARG A 111 14.12 1.85 -13.59
C ARG A 111 13.02 1.54 -12.58
N ARG A 112 12.96 0.29 -12.12
CA ARG A 112 11.94 -0.14 -11.19
C ARG A 112 12.26 0.30 -9.76
N VAL A 113 11.95 1.55 -9.47
CA VAL A 113 12.15 2.13 -8.15
C VAL A 113 10.86 2.02 -7.33
N ARG A 114 10.91 2.40 -6.05
CA ARG A 114 9.72 2.44 -5.20
C ARG A 114 8.73 3.47 -5.76
N MET A 115 7.78 3.01 -6.55
CA MET A 115 6.82 3.91 -7.15
C MET A 115 5.51 3.95 -6.38
N SER A 116 4.65 4.89 -6.75
CA SER A 116 3.38 5.10 -6.08
C SER A 116 2.36 4.02 -6.41
N ALA A 117 1.19 4.13 -5.80
CA ALA A 117 0.10 3.20 -5.98
C ALA A 117 -0.43 3.25 -7.40
N ASP A 118 -0.28 4.42 -8.04
CA ASP A 118 -0.76 4.59 -9.41
C ASP A 118 -0.03 3.64 -10.35
N ALA A 119 1.29 3.61 -10.21
CA ALA A 119 2.11 2.77 -11.05
C ALA A 119 2.00 1.29 -10.66
N MET A 120 2.07 0.99 -9.35
CA MET A 120 2.02 -0.40 -8.91
C MET A 120 0.69 -1.06 -9.22
N LEU A 121 -0.41 -0.34 -9.04
CA LEU A 121 -1.72 -0.88 -9.33
C LEU A 121 -1.92 -1.07 -10.81
N LYS A 122 -1.28 -0.23 -11.59
CA LYS A 122 -1.39 -0.34 -13.04
C LYS A 122 -0.66 -1.59 -13.51
N ALA A 123 0.48 -1.87 -12.90
CA ALA A 123 1.27 -3.03 -13.24
C ALA A 123 0.66 -4.30 -12.65
N LEU A 124 0.14 -4.18 -11.42
CA LEU A 124 -0.52 -5.31 -10.74
C LEU A 124 -1.72 -5.80 -11.52
N LEU A 125 -2.61 -4.88 -11.86
CA LEU A 125 -3.82 -5.21 -12.59
C LEU A 125 -3.57 -5.34 -14.09
N GLY A 126 -2.36 -5.02 -14.52
CA GLY A 126 -2.03 -5.10 -15.93
C GLY A 126 -2.87 -4.15 -16.76
N SER A 127 -2.96 -2.91 -16.30
CA SER A 127 -3.74 -1.86 -16.96
C SER A 127 -5.25 -2.13 -16.89
N LYS A 128 -5.66 -3.11 -16.09
CA LYS A 128 -7.06 -3.44 -15.92
C LYS A 128 -7.67 -2.55 -14.84
N HIS A 129 -6.90 -1.59 -14.40
CA HIS A 129 -7.34 -0.63 -13.42
C HIS A 129 -8.37 0.28 -14.08
N LYS A 130 -9.56 0.33 -13.52
CA LYS A 130 -10.67 1.03 -14.17
C LYS A 130 -11.21 2.19 -13.34
N VAL A 131 -10.99 2.17 -12.04
CA VAL A 131 -11.53 3.21 -11.19
C VAL A 131 -10.59 4.41 -11.10
N CYS A 132 -11.08 5.48 -10.52
CA CYS A 132 -10.27 6.66 -10.32
C CYS A 132 -9.61 6.60 -8.95
N MET A 133 -8.30 6.67 -8.93
CA MET A 133 -7.55 6.59 -7.69
C MET A 133 -7.52 7.92 -6.96
N ASP A 134 -8.47 8.12 -6.06
CA ASP A 134 -8.55 9.33 -5.28
C ASP A 134 -9.04 9.06 -3.88
N LEU A 135 -8.44 9.72 -2.92
CA LEU A 135 -8.88 9.66 -1.56
C LEU A 135 -8.89 11.04 -0.96
N ARG A 136 -9.91 11.35 -0.18
CA ARG A 136 -10.00 12.64 0.48
C ARG A 136 -11.05 12.63 1.57
N ALA A 137 -10.70 13.15 2.71
CA ALA A 137 -11.58 13.23 3.85
C ALA A 137 -10.99 14.18 4.88
N ASN A 138 -11.82 14.72 5.73
CA ASN A 138 -11.36 15.65 6.75
C ASN A 138 -12.11 15.41 8.06
N LEU A 139 -12.26 14.15 8.41
CA LEU A 139 -12.95 13.78 9.65
C LEU A 139 -11.99 13.81 10.83
N LYS A 140 -10.93 13.02 10.74
CA LYS A 140 -9.95 12.94 11.80
C LYS A 140 -8.57 12.65 11.25
N GLN A 141 -7.55 13.01 12.01
CA GLN A 141 -6.17 12.79 11.61
C GLN A 141 -5.68 11.46 12.14
N VAL A 142 -4.63 10.96 11.54
CA VAL A 142 -4.05 9.70 11.92
C VAL A 142 -3.02 9.92 13.03
N LYS A 143 -2.72 8.85 13.74
CA LYS A 143 -1.69 8.89 14.77
C LYS A 143 -0.32 9.21 14.16
N LYS A 144 0.39 10.13 14.78
CA LYS A 144 1.68 10.55 14.25
C LYS A 144 2.81 9.78 14.94
N GLU A 145 4.04 10.12 14.62
CA GLU A 145 5.21 9.44 15.18
C GLU A 145 5.58 10.02 16.55
N ASP A 146 4.79 10.99 17.02
CA ASP A 146 5.06 11.64 18.29
C ASP A 146 4.53 10.82 19.46
N HIS A 147 5.41 9.99 20.02
CA HIS A 147 5.14 9.15 21.21
C HIS A 147 6.22 8.09 21.32
N HIS A 148 7.45 8.47 20.98
CA HIS A 148 8.58 7.54 20.98
C HIS A 148 8.86 6.98 22.37
N HIS A 149 8.30 5.81 22.64
CA HIS A 149 8.49 5.12 23.90
C HIS A 149 8.93 3.71 23.66
N HIS A 150 10.15 3.39 24.07
CA HIS A 150 10.69 2.06 23.87
C HIS A 150 11.67 1.72 24.97
N HIS A 151 11.35 0.71 25.74
CA HIS A 151 12.24 0.24 26.79
C HIS A 151 12.84 -1.09 26.38
N HIS A 152 13.81 -1.57 27.14
CA HIS A 152 14.44 -2.83 26.82
C HIS A 152 13.90 -3.93 27.71
N MET A 1 -1.61 9.08 12.17
CA MET A 1 -1.47 10.21 13.12
C MET A 1 -1.87 9.79 14.52
N ALA A 2 -3.02 9.14 14.63
CA ALA A 2 -3.49 8.65 15.91
C ALA A 2 -3.00 7.23 16.11
N SER A 3 -2.89 6.80 17.35
CA SER A 3 -2.44 5.45 17.67
C SER A 3 -3.41 4.43 17.09
N MET A 4 -3.03 3.83 15.98
CA MET A 4 -3.87 2.87 15.31
C MET A 4 -3.56 1.45 15.74
N THR A 5 -4.57 0.61 15.71
CA THR A 5 -4.44 -0.80 16.01
C THR A 5 -5.34 -1.58 15.06
N ASP A 6 -5.82 -0.87 14.05
CA ASP A 6 -6.72 -1.40 13.07
C ASP A 6 -6.60 -0.60 11.77
N GLN A 7 -7.02 0.67 11.84
CA GLN A 7 -6.89 1.63 10.72
C GLN A 7 -7.71 1.22 9.46
N GLN A 8 -8.61 0.25 9.60
CA GLN A 8 -9.45 -0.16 8.48
C GLN A 8 -10.44 0.97 8.19
N ALA A 9 -10.75 1.73 9.22
CA ALA A 9 -11.64 2.87 9.11
C ALA A 9 -11.06 3.91 8.17
N GLU A 10 -9.78 4.21 8.34
CA GLU A 10 -9.09 5.16 7.47
C GLU A 10 -9.12 4.68 6.03
N ALA A 11 -8.65 3.46 5.84
CA ALA A 11 -8.56 2.86 4.51
C ALA A 11 -9.91 2.87 3.79
N ARG A 12 -10.94 2.40 4.48
CA ARG A 12 -12.29 2.32 3.90
C ARG A 12 -12.88 3.72 3.67
N SER A 13 -12.39 4.72 4.40
CA SER A 13 -12.90 6.07 4.28
C SER A 13 -12.26 6.81 3.10
N TYR A 14 -11.07 6.36 2.69
CA TYR A 14 -10.38 7.01 1.58
C TYR A 14 -10.88 6.48 0.24
N LEU A 15 -11.40 5.27 0.27
CA LEU A 15 -11.82 4.62 -0.94
C LEU A 15 -13.33 4.62 -1.09
N SER A 16 -13.79 4.60 -2.32
CA SER A 16 -15.20 4.50 -2.62
C SER A 16 -15.52 3.04 -2.94
N GLU A 17 -16.81 2.68 -2.89
CA GLU A 17 -17.24 1.30 -3.14
C GLU A 17 -16.72 0.80 -4.48
N GLU A 18 -16.74 1.68 -5.47
CA GLU A 18 -16.28 1.35 -6.81
C GLU A 18 -14.83 0.84 -6.78
N MET A 19 -13.98 1.59 -6.10
CA MET A 19 -12.56 1.26 -6.02
C MET A 19 -12.31 0.08 -5.08
N ILE A 20 -13.07 0.01 -3.98
CA ILE A 20 -12.93 -1.10 -3.04
C ILE A 20 -13.27 -2.42 -3.72
N ALA A 21 -14.33 -2.40 -4.52
CA ALA A 21 -14.77 -3.60 -5.22
C ALA A 21 -13.71 -4.08 -6.20
N GLU A 22 -12.89 -3.15 -6.69
CA GLU A 22 -11.87 -3.50 -7.65
C GLU A 22 -10.62 -4.05 -6.95
N PHE A 23 -10.37 -3.60 -5.72
CA PHE A 23 -9.22 -4.08 -4.95
C PHE A 23 -9.39 -5.56 -4.60
N LYS A 24 -10.64 -6.04 -4.66
CA LYS A 24 -10.97 -7.44 -4.39
C LYS A 24 -10.09 -8.38 -5.24
N ALA A 25 -9.75 -7.94 -6.46
CA ALA A 25 -8.95 -8.74 -7.38
C ALA A 25 -7.51 -8.91 -6.89
N ALA A 26 -7.11 -8.09 -5.92
CA ALA A 26 -5.77 -8.15 -5.34
C ALA A 26 -5.48 -9.52 -4.73
N PHE A 27 -6.52 -10.15 -4.21
CA PHE A 27 -6.39 -11.48 -3.60
C PHE A 27 -5.82 -12.49 -4.61
N ASP A 28 -6.10 -12.26 -5.89
CA ASP A 28 -5.64 -13.15 -6.96
C ASP A 28 -4.15 -13.03 -7.20
N MET A 29 -3.57 -11.89 -6.80
CA MET A 29 -2.14 -11.62 -7.01
C MET A 29 -1.26 -12.71 -6.41
N PHE A 30 -1.47 -13.00 -5.14
CA PHE A 30 -0.68 -14.01 -4.47
C PHE A 30 -1.33 -15.39 -4.61
N ASP A 31 -2.65 -15.43 -4.33
CA ASP A 31 -3.48 -16.65 -4.36
C ASP A 31 -2.69 -17.91 -4.01
N ALA A 32 -2.37 -18.06 -2.74
CA ALA A 32 -1.62 -19.20 -2.27
C ALA A 32 -2.49 -20.44 -2.15
N ASP A 33 -3.63 -20.29 -1.50
CA ASP A 33 -4.54 -21.41 -1.26
C ASP A 33 -5.99 -21.02 -1.48
N GLY A 34 -6.22 -19.86 -2.07
CA GLY A 34 -7.59 -19.41 -2.29
C GLY A 34 -8.30 -19.06 -0.98
N GLY A 35 -7.52 -18.90 0.07
CA GLY A 35 -8.07 -18.58 1.37
C GLY A 35 -7.03 -18.69 2.45
N GLY A 36 -6.37 -17.58 2.73
CA GLY A 36 -5.35 -17.56 3.75
C GLY A 36 -4.77 -16.17 3.93
N ASP A 37 -3.92 -16.01 4.92
CA ASP A 37 -3.26 -14.73 5.18
C ASP A 37 -1.94 -14.66 4.46
N ILE A 38 -1.57 -13.48 4.01
CA ILE A 38 -0.34 -13.28 3.27
C ILE A 38 0.80 -12.98 4.21
N SER A 39 1.98 -13.41 3.84
CA SER A 39 3.17 -13.13 4.59
C SER A 39 4.20 -12.49 3.66
N VAL A 40 5.42 -12.28 4.15
CA VAL A 40 6.46 -11.63 3.35
C VAL A 40 6.79 -12.43 2.08
N LYS A 41 6.60 -13.74 2.12
CA LYS A 41 6.86 -14.60 0.96
C LYS A 41 5.86 -14.32 -0.16
N GLU A 42 4.59 -14.52 0.14
CA GLU A 42 3.53 -14.35 -0.82
C GLU A 42 3.50 -12.93 -1.37
N LEU A 43 3.66 -11.95 -0.49
CA LEU A 43 3.67 -10.56 -0.92
C LEU A 43 4.88 -10.24 -1.74
N GLY A 44 6.05 -10.61 -1.22
CA GLY A 44 7.29 -10.34 -1.88
C GLY A 44 7.33 -10.93 -3.28
N THR A 45 6.65 -12.04 -3.47
CA THR A 45 6.58 -12.67 -4.77
C THR A 45 5.83 -11.79 -5.76
N VAL A 46 4.70 -11.26 -5.33
CA VAL A 46 3.89 -10.38 -6.17
C VAL A 46 4.64 -9.13 -6.56
N MET A 47 5.23 -8.46 -5.58
CA MET A 47 5.95 -7.21 -5.85
C MET A 47 7.22 -7.47 -6.66
N ARG A 48 7.82 -8.64 -6.47
CA ARG A 48 9.00 -9.01 -7.23
C ARG A 48 8.62 -9.40 -8.65
N MET A 49 7.37 -9.83 -8.80
CA MET A 49 6.83 -10.21 -10.08
C MET A 49 6.84 -9.03 -11.06
N LEU A 50 6.74 -7.81 -10.53
CA LEU A 50 6.79 -6.62 -11.38
C LEU A 50 8.22 -6.34 -11.85
N GLY A 51 9.19 -7.02 -11.24
CA GLY A 51 10.58 -6.85 -11.64
C GLY A 51 11.48 -6.36 -10.53
N GLN A 52 10.90 -5.69 -9.56
CA GLN A 52 11.67 -5.14 -8.45
C GLN A 52 12.11 -6.23 -7.48
N THR A 53 13.20 -5.98 -6.79
CA THR A 53 13.73 -6.90 -5.80
C THR A 53 14.64 -6.15 -4.80
N PRO A 54 14.03 -5.60 -3.75
CA PRO A 54 14.74 -4.86 -2.73
C PRO A 54 15.32 -5.79 -1.66
N THR A 55 14.50 -6.13 -0.67
CA THR A 55 14.93 -7.01 0.40
C THR A 55 13.74 -7.47 1.23
N LYS A 56 13.89 -8.65 1.84
CA LYS A 56 12.86 -9.23 2.71
C LYS A 56 12.59 -8.29 3.88
N GLU A 57 13.62 -7.55 4.26
CA GLU A 57 13.55 -6.59 5.36
C GLU A 57 12.51 -5.52 5.08
N GLU A 58 12.49 -5.05 3.85
CA GLU A 58 11.57 -4.02 3.44
C GLU A 58 10.16 -4.54 3.41
N LEU A 59 10.00 -5.78 3.02
CA LEU A 59 8.70 -6.42 2.97
C LEU A 59 8.18 -6.57 4.39
N ASP A 60 9.06 -6.99 5.27
CA ASP A 60 8.72 -7.16 6.67
C ASP A 60 8.43 -5.81 7.32
N ALA A 61 9.22 -4.80 6.97
CA ALA A 61 9.08 -3.46 7.53
C ALA A 61 7.76 -2.81 7.13
N ILE A 62 7.43 -2.87 5.84
CA ILE A 62 6.20 -2.26 5.35
C ILE A 62 4.98 -2.93 5.98
N ILE A 63 5.06 -4.25 6.14
CA ILE A 63 3.97 -4.98 6.76
C ILE A 63 3.91 -4.68 8.26
N GLU A 64 5.05 -4.53 8.88
CA GLU A 64 5.15 -4.24 10.31
C GLU A 64 4.39 -2.97 10.69
N GLU A 65 4.65 -1.88 9.97
CA GLU A 65 4.02 -0.61 10.31
C GLU A 65 2.50 -0.62 10.10
N VAL A 66 2.01 -1.56 9.31
CA VAL A 66 0.57 -1.67 9.07
C VAL A 66 -0.03 -2.80 9.91
N ASP A 67 0.84 -3.67 10.39
CA ASP A 67 0.44 -4.83 11.16
C ASP A 67 0.13 -4.47 12.61
N GLU A 68 1.19 -4.33 13.40
CA GLU A 68 1.09 -3.99 14.82
C GLU A 68 0.33 -5.04 15.66
N ASP A 69 0.02 -6.19 15.07
CA ASP A 69 -0.64 -7.25 15.82
C ASP A 69 0.37 -8.25 16.34
N GLY A 70 1.62 -8.09 15.90
CA GLY A 70 2.71 -8.92 16.37
C GLY A 70 3.09 -10.00 15.40
N SER A 71 3.11 -9.66 14.12
CA SER A 71 3.43 -10.58 13.09
C SER A 71 3.66 -9.79 11.85
N GLY A 72 3.80 -10.47 10.78
CA GLY A 72 3.58 -9.84 9.55
C GLY A 72 2.55 -10.65 8.88
N THR A 73 1.41 -10.07 8.69
CA THR A 73 0.29 -10.75 8.10
C THR A 73 -0.51 -9.80 7.27
N ILE A 74 -0.89 -10.21 6.11
CA ILE A 74 -1.81 -9.42 5.35
C ILE A 74 -3.15 -10.15 5.30
N ASP A 75 -4.22 -9.40 5.15
CA ASP A 75 -5.57 -9.96 5.08
C ASP A 75 -6.51 -8.89 4.56
N PHE A 76 -7.81 -9.14 4.59
CA PHE A 76 -8.79 -8.19 4.07
C PHE A 76 -8.60 -6.80 4.70
N GLU A 77 -8.31 -6.75 6.00
CA GLU A 77 -8.09 -5.47 6.68
C GLU A 77 -6.67 -4.94 6.48
N GLU A 78 -5.66 -5.75 6.84
CA GLU A 78 -4.25 -5.33 6.73
C GLU A 78 -3.84 -5.01 5.27
N PHE A 79 -4.47 -5.68 4.30
CA PHE A 79 -4.16 -5.47 2.86
C PHE A 79 -4.65 -4.10 2.39
N LEU A 80 -5.87 -3.76 2.77
CA LEU A 80 -6.50 -2.52 2.36
C LEU A 80 -5.64 -1.32 2.82
N VAL A 81 -5.10 -1.44 4.00
CA VAL A 81 -4.25 -0.40 4.58
C VAL A 81 -2.95 -0.23 3.77
N MET A 82 -2.45 -1.34 3.22
CA MET A 82 -1.22 -1.31 2.43
C MET A 82 -1.42 -0.46 1.19
N MET A 83 -2.53 -0.67 0.54
CA MET A 83 -2.86 0.03 -0.68
C MET A 83 -3.06 1.52 -0.42
N VAL A 84 -3.85 1.86 0.60
CA VAL A 84 -4.16 3.25 0.89
C VAL A 84 -2.96 4.04 1.38
N ARG A 85 -2.03 3.38 2.09
CA ARG A 85 -0.87 4.08 2.61
C ARG A 85 0.01 4.63 1.49
N GLN A 86 0.34 3.79 0.53
CA GLN A 86 1.21 4.21 -0.57
C GLN A 86 0.56 5.35 -1.37
N MET A 87 -0.75 5.27 -1.58
CA MET A 87 -1.46 6.30 -2.34
C MET A 87 -1.70 7.57 -1.51
N LYS A 88 -1.86 7.43 -0.18
CA LYS A 88 -2.11 8.60 0.66
C LYS A 88 -0.84 9.46 0.77
N GLU A 89 0.32 8.82 0.76
CA GLU A 89 1.59 9.55 0.87
C GLU A 89 2.07 10.03 -0.49
N ASP A 90 1.71 9.30 -1.54
CA ASP A 90 2.09 9.66 -2.90
C ASP A 90 1.36 10.93 -3.35
N ALA A 91 0.21 11.19 -2.72
CA ALA A 91 -0.60 12.34 -3.06
C ALA A 91 -0.22 13.56 -2.23
N GLY A 92 0.62 13.37 -1.21
CA GLY A 92 1.02 14.49 -0.40
C GLY A 92 1.41 14.09 1.01
N GLY A 93 2.31 13.13 1.11
CA GLY A 93 2.78 12.69 2.39
C GLY A 93 4.29 12.65 2.46
N ALA A 94 4.89 13.62 3.11
CA ALA A 94 6.33 13.68 3.24
C ALA A 94 6.83 12.71 4.30
N GLY A 95 7.26 11.54 3.86
CA GLY A 95 7.76 10.54 4.78
C GLY A 95 9.19 10.80 5.19
N GLY A 96 9.43 11.94 5.83
CA GLY A 96 10.75 12.29 6.27
C GLY A 96 11.60 12.89 5.18
N LYS A 97 11.93 12.08 4.19
CA LYS A 97 12.76 12.53 3.08
C LYS A 97 12.38 11.80 1.80
N LEU A 98 12.66 12.42 0.69
CA LEU A 98 12.39 11.83 -0.60
C LEU A 98 13.63 11.93 -1.49
N PHE A 99 13.88 10.88 -2.25
CA PHE A 99 15.06 10.84 -3.12
C PHE A 99 14.66 11.02 -4.57
N ASP A 100 13.48 11.52 -4.79
CA ASP A 100 12.98 11.75 -6.14
C ASP A 100 12.50 13.19 -6.29
N LEU A 101 12.52 13.69 -7.50
CA LEU A 101 12.16 15.08 -7.78
C LEU A 101 10.71 15.23 -8.28
N ARG A 102 9.89 14.20 -8.06
CA ARG A 102 8.46 14.20 -8.46
C ARG A 102 7.79 15.55 -8.16
N GLY A 103 7.55 15.83 -6.88
CA GLY A 103 6.91 17.06 -6.48
C GLY A 103 5.50 17.18 -7.02
N LYS A 104 5.35 17.95 -8.09
CA LYS A 104 4.07 18.14 -8.74
C LYS A 104 4.27 18.32 -10.23
N PHE A 105 3.20 18.12 -11.01
CA PHE A 105 3.23 18.29 -12.47
C PHE A 105 4.06 17.19 -13.17
N LYS A 106 5.33 17.16 -12.86
CA LYS A 106 6.23 16.20 -13.45
C LYS A 106 6.29 14.93 -12.60
N ARG A 107 6.90 13.90 -13.14
CA ARG A 107 7.04 12.63 -12.45
C ARG A 107 8.30 11.93 -12.92
N PRO A 108 8.87 11.04 -12.07
CA PRO A 108 10.11 10.31 -12.37
C PRO A 108 10.04 9.55 -13.70
N PRO A 109 11.22 9.24 -14.28
CA PRO A 109 11.32 8.53 -15.55
C PRO A 109 10.96 7.05 -15.42
N LEU A 110 11.31 6.28 -16.43
CA LEU A 110 11.05 4.84 -16.44
C LEU A 110 12.16 4.12 -15.69
N ARG A 111 12.64 4.73 -14.61
CA ARG A 111 13.67 4.13 -13.78
C ARG A 111 13.09 2.98 -12.95
N ARG A 112 13.83 1.89 -12.87
CA ARG A 112 13.39 0.73 -12.12
C ARG A 112 13.46 0.99 -10.62
N VAL A 113 12.32 1.35 -10.06
CA VAL A 113 12.16 1.58 -8.64
C VAL A 113 10.67 1.51 -8.32
N ARG A 114 10.31 1.50 -7.05
CA ARG A 114 8.92 1.47 -6.70
C ARG A 114 8.24 2.80 -6.99
N MET A 115 7.45 2.81 -8.03
CA MET A 115 6.74 3.99 -8.47
C MET A 115 5.47 4.21 -7.67
N SER A 116 4.71 5.24 -8.06
CA SER A 116 3.47 5.60 -7.40
C SER A 116 2.47 4.45 -7.39
N ALA A 117 1.55 4.49 -6.43
CA ALA A 117 0.54 3.45 -6.26
C ALA A 117 -0.33 3.28 -7.51
N ASP A 118 -0.59 4.37 -8.22
CA ASP A 118 -1.43 4.33 -9.41
C ASP A 118 -0.81 3.44 -10.49
N ALA A 119 0.48 3.63 -10.72
CA ALA A 119 1.20 2.84 -11.71
C ALA A 119 1.43 1.43 -11.19
N MET A 120 1.65 1.32 -9.88
CA MET A 120 1.88 0.01 -9.25
C MET A 120 0.62 -0.85 -9.38
N LEU A 121 -0.53 -0.28 -9.05
CA LEU A 121 -1.81 -0.98 -9.18
C LEU A 121 -2.09 -1.30 -10.64
N LYS A 122 -1.61 -0.45 -11.53
CA LYS A 122 -1.77 -0.66 -12.96
C LYS A 122 -0.98 -1.89 -13.40
N ALA A 123 0.13 -2.14 -12.73
CA ALA A 123 0.95 -3.29 -13.04
C ALA A 123 0.32 -4.57 -12.47
N LEU A 124 -0.19 -4.48 -11.24
CA LEU A 124 -0.85 -5.61 -10.59
C LEU A 124 -2.12 -6.02 -11.32
N LEU A 125 -3.04 -5.07 -11.46
CA LEU A 125 -4.35 -5.32 -12.07
C LEU A 125 -4.31 -5.33 -13.59
N GLY A 126 -3.29 -4.70 -14.16
CA GLY A 126 -3.20 -4.62 -15.60
C GLY A 126 -4.34 -3.83 -16.19
N SER A 127 -5.15 -4.49 -17.00
CA SER A 127 -6.30 -3.85 -17.64
C SER A 127 -7.43 -3.64 -16.64
N LYS A 128 -7.37 -4.36 -15.52
CA LYS A 128 -8.37 -4.27 -14.47
C LYS A 128 -8.27 -2.95 -13.71
N HIS A 129 -7.19 -2.24 -13.91
CA HIS A 129 -7.00 -0.94 -13.29
C HIS A 129 -7.79 0.11 -14.05
N LYS A 130 -9.06 0.25 -13.71
CA LYS A 130 -9.94 1.19 -14.39
C LYS A 130 -10.51 2.25 -13.44
N VAL A 131 -10.57 1.93 -12.16
CA VAL A 131 -11.12 2.84 -11.17
C VAL A 131 -10.14 3.97 -10.85
N CYS A 132 -10.69 5.10 -10.44
CA CYS A 132 -9.88 6.25 -10.06
C CYS A 132 -9.39 6.09 -8.64
N MET A 133 -8.09 6.10 -8.47
CA MET A 133 -7.48 5.93 -7.18
C MET A 133 -6.75 7.21 -6.74
N ASP A 134 -7.42 8.32 -6.94
CA ASP A 134 -6.87 9.62 -6.58
C ASP A 134 -7.30 10.00 -5.19
N LEU A 135 -6.40 9.86 -4.25
CA LEU A 135 -6.68 10.18 -2.86
C LEU A 135 -6.29 11.65 -2.60
N ARG A 136 -7.26 12.45 -2.20
CA ARG A 136 -7.02 13.87 -1.95
C ARG A 136 -6.56 14.10 -0.52
N ALA A 137 -5.33 13.72 -0.26
CA ALA A 137 -4.75 13.86 1.08
C ALA A 137 -4.23 15.28 1.32
N ASN A 138 -5.15 16.20 1.55
CA ASN A 138 -4.81 17.61 1.78
C ASN A 138 -6.04 18.38 2.20
N LEU A 139 -7.15 18.08 1.55
CA LEU A 139 -8.41 18.75 1.82
C LEU A 139 -8.92 18.45 3.22
N LYS A 140 -9.42 17.26 3.42
CA LYS A 140 -9.96 16.87 4.70
C LYS A 140 -9.11 15.80 5.36
N GLN A 141 -8.73 16.06 6.58
CA GLN A 141 -7.97 15.13 7.38
C GLN A 141 -8.47 15.18 8.82
N VAL A 142 -8.95 14.07 9.31
CA VAL A 142 -9.51 14.04 10.64
C VAL A 142 -9.15 12.74 11.36
N LYS A 143 -9.43 12.73 12.64
CA LYS A 143 -9.18 11.61 13.49
C LYS A 143 -10.48 10.80 13.66
N LYS A 144 -10.50 9.91 14.63
CA LYS A 144 -11.68 9.15 14.90
C LYS A 144 -12.46 9.88 15.97
N GLU A 145 -13.74 10.10 15.72
CA GLU A 145 -14.56 10.81 16.67
C GLU A 145 -15.01 9.89 17.80
N ASP A 146 -14.03 9.45 18.58
CA ASP A 146 -14.27 8.59 19.70
C ASP A 146 -13.70 9.23 20.96
N HIS A 147 -14.46 9.23 22.03
CA HIS A 147 -14.04 9.88 23.26
C HIS A 147 -13.96 8.89 24.42
N HIS A 148 -13.36 7.73 24.16
CA HIS A 148 -13.19 6.72 25.21
C HIS A 148 -12.28 7.24 26.32
N HIS A 149 -12.66 6.98 27.55
CA HIS A 149 -11.90 7.43 28.69
C HIS A 149 -12.20 6.56 29.89
N HIS A 150 -11.37 5.56 30.10
CA HIS A 150 -11.54 4.65 31.21
C HIS A 150 -10.23 3.99 31.59
N HIS A 151 -9.87 4.08 32.84
CA HIS A 151 -8.66 3.45 33.33
C HIS A 151 -8.99 2.26 34.21
N HIS A 152 -7.97 1.58 34.65
CA HIS A 152 -8.12 0.40 35.48
C HIS A 152 -7.28 0.52 36.73
N MET A 1 -3.32 8.23 12.44
CA MET A 1 -3.08 6.80 12.12
C MET A 1 -2.31 6.11 13.23
N ALA A 2 -1.41 6.85 13.87
CA ALA A 2 -0.63 6.31 15.00
C ALA A 2 -1.40 6.55 16.29
N SER A 3 -2.71 6.55 16.17
CA SER A 3 -3.60 6.79 17.27
C SER A 3 -4.02 5.46 17.91
N MET A 4 -5.03 5.50 18.74
CA MET A 4 -5.57 4.30 19.37
C MET A 4 -6.83 3.85 18.64
N THR A 5 -6.97 4.31 17.41
CA THR A 5 -8.13 4.01 16.61
C THR A 5 -7.92 2.77 15.75
N ASP A 6 -9.02 2.21 15.27
CA ASP A 6 -8.99 1.05 14.41
C ASP A 6 -8.71 1.46 12.97
N GLN A 7 -7.43 1.46 12.63
CA GLN A 7 -6.95 1.91 11.32
C GLN A 7 -7.50 1.07 10.16
N GLN A 8 -7.81 -0.19 10.40
CA GLN A 8 -8.32 -1.04 9.33
C GLN A 8 -9.71 -0.56 8.89
N ALA A 9 -10.45 0.00 9.82
CA ALA A 9 -11.75 0.56 9.52
C ALA A 9 -11.58 1.91 8.86
N GLU A 10 -10.50 2.61 9.24
CA GLU A 10 -10.21 3.92 8.68
C GLU A 10 -9.83 3.77 7.22
N ALA A 11 -9.08 2.73 6.91
CA ALA A 11 -8.69 2.45 5.54
C ALA A 11 -9.93 2.30 4.67
N ARG A 12 -10.92 1.57 5.17
CA ARG A 12 -12.17 1.38 4.43
C ARG A 12 -12.85 2.72 4.17
N SER A 13 -12.68 3.65 5.09
CA SER A 13 -13.31 4.96 5.00
C SER A 13 -12.63 5.83 3.94
N TYR A 14 -11.41 5.48 3.57
CA TYR A 14 -10.68 6.27 2.59
C TYR A 14 -10.88 5.69 1.20
N LEU A 15 -11.28 4.43 1.17
CA LEU A 15 -11.46 3.71 -0.07
C LEU A 15 -12.89 3.82 -0.58
N SER A 16 -13.01 3.86 -1.88
CA SER A 16 -14.30 3.88 -2.52
C SER A 16 -14.75 2.46 -2.76
N GLU A 17 -16.06 2.25 -2.77
CA GLU A 17 -16.62 0.91 -2.96
C GLU A 17 -16.17 0.30 -4.28
N GLU A 18 -16.10 1.11 -5.33
CA GLU A 18 -15.66 0.63 -6.63
C GLU A 18 -14.20 0.17 -6.57
N MET A 19 -13.41 0.92 -5.80
CA MET A 19 -11.99 0.61 -5.66
C MET A 19 -11.80 -0.65 -4.84
N ILE A 20 -12.62 -0.82 -3.82
CA ILE A 20 -12.60 -2.03 -3.01
C ILE A 20 -12.98 -3.24 -3.86
N ALA A 21 -13.95 -3.06 -4.74
CA ALA A 21 -14.39 -4.12 -5.63
C ALA A 21 -13.26 -4.54 -6.56
N GLU A 22 -12.35 -3.61 -6.86
CA GLU A 22 -11.23 -3.88 -7.73
C GLU A 22 -10.10 -4.58 -6.96
N PHE A 23 -9.97 -4.26 -5.66
CA PHE A 23 -8.93 -4.88 -4.82
C PHE A 23 -9.19 -6.38 -4.66
N LYS A 24 -10.43 -6.79 -4.93
CA LYS A 24 -10.79 -8.20 -4.90
C LYS A 24 -9.89 -8.98 -5.87
N ALA A 25 -9.61 -8.37 -7.02
CA ALA A 25 -8.76 -8.98 -8.03
C ALA A 25 -7.28 -8.86 -7.64
N ALA A 26 -6.99 -7.97 -6.71
CA ALA A 26 -5.63 -7.78 -6.22
C ALA A 26 -5.21 -8.95 -5.34
N PHE A 27 -6.15 -9.51 -4.61
CA PHE A 27 -5.85 -10.67 -3.78
C PHE A 27 -5.49 -11.87 -4.67
N ASP A 28 -6.04 -11.85 -5.88
CA ASP A 28 -5.82 -12.89 -6.89
C ASP A 28 -4.37 -12.88 -7.40
N MET A 29 -3.69 -11.75 -7.23
CA MET A 29 -2.29 -11.60 -7.68
C MET A 29 -1.42 -12.64 -7.01
N PHE A 30 -1.57 -12.77 -5.71
CA PHE A 30 -0.76 -13.69 -4.94
C PHE A 30 -1.37 -15.09 -4.99
N ASP A 31 -2.68 -15.16 -4.72
CA ASP A 31 -3.41 -16.44 -4.67
C ASP A 31 -2.68 -17.46 -3.81
N ALA A 32 -2.67 -17.21 -2.53
CA ALA A 32 -1.99 -18.09 -1.58
C ALA A 32 -2.99 -19.04 -0.94
N ASP A 33 -4.27 -18.69 -1.05
CA ASP A 33 -5.33 -19.47 -0.43
C ASP A 33 -6.70 -18.95 -0.86
N GLY A 34 -7.03 -17.78 -0.37
CA GLY A 34 -8.32 -17.18 -0.67
C GLY A 34 -8.87 -16.45 0.54
N GLY A 35 -8.68 -17.04 1.70
CA GLY A 35 -9.12 -16.42 2.93
C GLY A 35 -7.99 -16.36 3.94
N GLY A 36 -6.99 -17.20 3.74
CA GLY A 36 -5.83 -17.23 4.60
C GLY A 36 -4.97 -15.98 4.47
N ASP A 37 -3.97 -15.88 5.32
CA ASP A 37 -3.10 -14.71 5.36
C ASP A 37 -1.89 -14.87 4.46
N ILE A 38 -1.45 -13.77 3.89
CA ILE A 38 -0.27 -13.74 3.05
C ILE A 38 0.94 -13.35 3.89
N SER A 39 2.11 -13.86 3.55
CA SER A 39 3.32 -13.54 4.30
C SER A 39 4.35 -12.88 3.39
N VAL A 40 5.53 -12.57 3.95
CA VAL A 40 6.62 -11.93 3.19
C VAL A 40 7.00 -12.73 1.95
N LYS A 41 6.84 -14.03 2.01
CA LYS A 41 7.20 -14.90 0.89
C LYS A 41 6.26 -14.68 -0.29
N GLU A 42 4.99 -14.90 -0.05
CA GLU A 42 3.96 -14.74 -1.07
C GLU A 42 3.88 -13.28 -1.54
N LEU A 43 3.96 -12.35 -0.59
CA LEU A 43 3.93 -10.91 -0.89
C LEU A 43 5.13 -10.54 -1.74
N GLY A 44 6.28 -11.09 -1.38
CA GLY A 44 7.49 -10.82 -2.11
C GLY A 44 7.37 -11.22 -3.56
N THR A 45 6.65 -12.30 -3.81
CA THR A 45 6.48 -12.81 -5.16
C THR A 45 5.84 -11.77 -6.08
N VAL A 46 4.68 -11.28 -5.70
CA VAL A 46 3.97 -10.29 -6.50
C VAL A 46 4.77 -8.99 -6.62
N MET A 47 5.28 -8.49 -5.51
CA MET A 47 5.99 -7.21 -5.54
C MET A 47 7.29 -7.28 -6.38
N ARG A 48 7.98 -8.42 -6.33
CA ARG A 48 9.21 -8.57 -7.11
C ARG A 48 8.88 -8.80 -8.58
N MET A 49 7.65 -9.26 -8.82
CA MET A 49 7.17 -9.54 -10.17
C MET A 49 7.15 -8.26 -11.03
N LEU A 50 6.96 -7.11 -10.39
CA LEU A 50 6.94 -5.84 -11.12
C LEU A 50 8.36 -5.40 -11.48
N GLY A 51 9.34 -6.03 -10.85
CA GLY A 51 10.72 -5.71 -11.14
C GLY A 51 11.39 -4.91 -10.04
N GLN A 52 10.76 -4.81 -8.88
CA GLN A 52 11.35 -4.07 -7.76
C GLN A 52 12.54 -4.80 -7.22
N THR A 53 12.32 -6.08 -6.99
CA THR A 53 13.34 -7.04 -6.55
C THR A 53 14.35 -6.48 -5.50
N PRO A 54 13.88 -6.16 -4.29
CA PRO A 54 14.73 -5.64 -3.24
C PRO A 54 15.28 -6.75 -2.31
N THR A 55 14.56 -7.04 -1.22
CA THR A 55 14.98 -8.03 -0.25
C THR A 55 13.88 -8.27 0.79
N LYS A 56 14.03 -9.35 1.57
CA LYS A 56 13.08 -9.72 2.61
C LYS A 56 12.93 -8.60 3.63
N GLU A 57 14.03 -7.89 3.87
CA GLU A 57 14.05 -6.77 4.82
C GLU A 57 13.05 -5.69 4.41
N GLU A 58 12.98 -5.43 3.11
CA GLU A 58 12.09 -4.42 2.56
C GLU A 58 10.64 -4.86 2.72
N LEU A 59 10.42 -6.16 2.58
CA LEU A 59 9.09 -6.73 2.68
C LEU A 59 8.56 -6.61 4.09
N ASP A 60 9.37 -6.98 5.06
CA ASP A 60 8.96 -6.87 6.46
C ASP A 60 8.73 -5.42 6.84
N ALA A 61 9.58 -4.55 6.33
CA ALA A 61 9.50 -3.12 6.63
C ALA A 61 8.14 -2.53 6.21
N ILE A 62 7.71 -2.82 4.98
CA ILE A 62 6.44 -2.29 4.47
C ILE A 62 5.25 -2.94 5.19
N ILE A 63 5.40 -4.19 5.59
CA ILE A 63 4.33 -4.87 6.30
C ILE A 63 4.30 -4.41 7.76
N GLU A 64 5.45 -4.09 8.29
CA GLU A 64 5.59 -3.65 9.67
C GLU A 64 4.88 -2.32 9.91
N GLU A 65 5.05 -1.39 8.98
CA GLU A 65 4.44 -0.06 9.11
C GLU A 65 2.91 -0.12 9.05
N VAL A 66 2.37 -1.24 8.57
CA VAL A 66 0.92 -1.39 8.45
C VAL A 66 0.35 -2.38 9.46
N ASP A 67 1.17 -3.32 9.88
CA ASP A 67 0.71 -4.39 10.76
C ASP A 67 0.63 -3.95 12.21
N GLU A 68 -0.51 -4.17 12.82
CA GLU A 68 -0.73 -3.83 14.23
C GLU A 68 -1.27 -5.01 15.03
N ASP A 69 -1.34 -6.19 14.42
CA ASP A 69 -1.88 -7.35 15.13
C ASP A 69 -0.76 -8.23 15.69
N GLY A 70 0.47 -7.79 15.50
CA GLY A 70 1.61 -8.49 16.05
C GLY A 70 2.00 -9.71 15.25
N SER A 71 1.92 -9.59 13.94
CA SER A 71 2.26 -10.66 13.03
C SER A 71 2.18 -10.11 11.64
N GLY A 72 3.29 -10.06 10.90
CA GLY A 72 3.09 -9.51 9.60
C GLY A 72 2.32 -10.51 8.80
N THR A 73 1.14 -10.09 8.47
CA THR A 73 0.21 -10.87 7.75
C THR A 73 -0.61 -9.98 6.89
N ILE A 74 -0.91 -10.39 5.69
CA ILE A 74 -1.85 -9.65 4.91
C ILE A 74 -3.21 -10.33 5.06
N ASP A 75 -4.28 -9.59 4.91
CA ASP A 75 -5.62 -10.12 5.12
C ASP A 75 -6.58 -9.22 4.35
N PHE A 76 -7.87 -9.40 4.52
CA PHE A 76 -8.84 -8.56 3.83
C PHE A 76 -8.73 -7.12 4.34
N GLU A 77 -8.57 -6.98 5.65
CA GLU A 77 -8.42 -5.68 6.28
C GLU A 77 -6.99 -5.17 6.13
N GLU A 78 -6.04 -6.04 6.42
CA GLU A 78 -4.61 -5.68 6.36
C GLU A 78 -4.18 -5.33 4.91
N PHE A 79 -4.84 -5.95 3.92
CA PHE A 79 -4.53 -5.71 2.50
C PHE A 79 -4.74 -4.24 2.13
N LEU A 80 -5.90 -3.70 2.51
CA LEU A 80 -6.24 -2.32 2.20
C LEU A 80 -5.17 -1.36 2.72
N VAL A 81 -4.77 -1.58 3.97
CA VAL A 81 -3.79 -0.72 4.60
C VAL A 81 -2.44 -0.74 3.86
N MET A 82 -2.13 -1.88 3.24
CA MET A 82 -0.91 -2.04 2.45
C MET A 82 -0.92 -1.07 1.28
N MET A 83 -2.06 -1.02 0.61
CA MET A 83 -2.20 -0.18 -0.56
C MET A 83 -2.36 1.29 -0.21
N VAL A 84 -3.09 1.58 0.88
CA VAL A 84 -3.34 2.96 1.28
C VAL A 84 -2.06 3.69 1.62
N ARG A 85 -1.07 2.99 2.14
CA ARG A 85 0.19 3.62 2.52
C ARG A 85 0.85 4.32 1.34
N GLN A 86 1.03 3.60 0.24
CA GLN A 86 1.67 4.14 -0.94
C GLN A 86 0.90 5.34 -1.49
N MET A 87 -0.41 5.19 -1.60
CA MET A 87 -1.26 6.28 -2.11
C MET A 87 -1.34 7.43 -1.11
N LYS A 88 -1.26 7.11 0.18
CA LYS A 88 -1.34 8.12 1.24
C LYS A 88 -0.08 8.98 1.26
N GLU A 89 1.09 8.34 1.14
CA GLU A 89 2.35 9.06 1.18
C GLU A 89 2.58 9.85 -0.12
N ASP A 90 2.27 9.22 -1.25
CA ASP A 90 2.49 9.85 -2.55
C ASP A 90 1.54 11.02 -2.78
N ALA A 91 0.40 10.98 -2.11
CA ALA A 91 -0.59 12.04 -2.23
C ALA A 91 -0.08 13.31 -1.57
N GLY A 92 0.70 13.13 -0.53
CA GLY A 92 1.26 14.26 0.18
C GLY A 92 2.62 14.64 -0.36
N GLY A 93 3.43 13.64 -0.63
CA GLY A 93 4.77 13.88 -1.14
C GLY A 93 5.72 14.30 -0.05
N ALA A 94 6.61 15.23 -0.38
CA ALA A 94 7.58 15.72 0.57
C ALA A 94 7.77 17.21 0.37
N GLY A 95 8.37 17.86 1.35
CA GLY A 95 8.62 19.28 1.25
C GLY A 95 10.10 19.60 1.41
N GLY A 96 10.42 20.87 1.50
CA GLY A 96 11.80 21.27 1.67
C GLY A 96 12.41 21.74 0.38
N LYS A 97 12.04 21.10 -0.71
CA LYS A 97 12.52 21.46 -2.03
C LYS A 97 11.64 20.80 -3.08
N LEU A 98 11.95 21.05 -4.33
CA LEU A 98 11.25 20.44 -5.44
C LEU A 98 11.51 18.95 -5.45
N PHE A 99 10.49 18.17 -5.73
CA PHE A 99 10.65 16.73 -5.82
C PHE A 99 10.59 16.28 -7.27
N ASP A 100 11.75 16.26 -7.90
CA ASP A 100 11.87 15.84 -9.27
C ASP A 100 12.65 14.54 -9.35
N LEU A 101 12.31 13.71 -10.33
CA LEU A 101 12.95 12.43 -10.50
C LEU A 101 14.38 12.59 -10.97
N ARG A 102 14.54 12.95 -12.23
CA ARG A 102 15.85 13.15 -12.82
C ARG A 102 15.72 13.84 -14.18
N GLY A 103 16.82 14.43 -14.66
CA GLY A 103 16.81 15.16 -15.92
C GLY A 103 16.63 14.28 -17.17
N LYS A 104 17.51 14.47 -18.16
CA LYS A 104 17.36 13.75 -19.43
C LYS A 104 18.70 13.25 -20.01
N PHE A 105 19.77 14.02 -19.82
CA PHE A 105 21.08 13.70 -20.42
C PHE A 105 21.52 12.25 -20.15
N LYS A 106 21.75 11.92 -18.89
CA LYS A 106 22.19 10.57 -18.54
C LYS A 106 21.29 9.98 -17.48
N ARG A 107 20.29 9.26 -17.93
CA ARG A 107 19.29 8.68 -17.05
C ARG A 107 19.23 7.16 -17.23
N PRO A 108 18.64 6.43 -16.26
CA PRO A 108 18.58 4.97 -16.30
C PRO A 108 17.46 4.47 -17.23
N PRO A 109 17.41 3.14 -17.48
CA PRO A 109 16.39 2.54 -18.35
C PRO A 109 14.99 2.68 -17.77
N LEU A 110 14.00 2.19 -18.49
CA LEU A 110 12.60 2.27 -18.07
C LEU A 110 12.25 1.16 -17.09
N ARG A 111 13.20 0.76 -16.26
CA ARG A 111 12.95 -0.25 -15.24
C ARG A 111 11.89 0.28 -14.27
N ARG A 112 10.87 -0.52 -14.02
CA ARG A 112 9.79 -0.11 -13.13
C ARG A 112 10.23 -0.18 -11.68
N VAL A 113 10.88 0.86 -11.20
CA VAL A 113 11.35 0.93 -9.82
C VAL A 113 10.66 2.06 -9.07
N ARG A 114 9.99 1.71 -7.98
CA ARG A 114 9.30 2.67 -7.10
C ARG A 114 8.37 3.62 -7.83
N MET A 115 7.09 3.29 -7.84
CA MET A 115 6.10 4.16 -8.43
C MET A 115 4.90 4.30 -7.50
N SER A 116 3.94 5.13 -7.89
CA SER A 116 2.77 5.39 -7.05
C SER A 116 1.81 4.19 -7.07
N ALA A 117 0.78 4.29 -6.25
CA ALA A 117 -0.23 3.25 -6.11
C ALA A 117 -1.03 3.08 -7.40
N ASP A 118 -1.19 4.18 -8.14
CA ASP A 118 -1.95 4.13 -9.39
C ASP A 118 -1.24 3.28 -10.42
N ALA A 119 0.07 3.48 -10.54
CA ALA A 119 0.89 2.69 -11.44
C ALA A 119 1.07 1.30 -10.88
N MET A 120 1.07 1.21 -9.57
CA MET A 120 1.19 -0.05 -8.86
C MET A 120 0.04 -0.97 -9.21
N LEU A 121 -1.19 -0.48 -9.02
CA LEU A 121 -2.39 -1.25 -9.36
C LEU A 121 -2.44 -1.51 -10.85
N LYS A 122 -1.90 -0.59 -11.63
CA LYS A 122 -1.87 -0.72 -13.07
C LYS A 122 -0.86 -1.79 -13.50
N ALA A 123 0.19 -1.95 -12.71
CA ALA A 123 1.18 -2.97 -12.97
C ALA A 123 0.66 -4.33 -12.55
N LEU A 124 -0.13 -4.35 -11.48
CA LEU A 124 -0.73 -5.58 -10.98
C LEU A 124 -1.86 -6.07 -11.90
N LEU A 125 -2.83 -5.18 -12.14
CA LEU A 125 -4.03 -5.52 -12.92
C LEU A 125 -3.84 -5.30 -14.41
N GLY A 126 -2.83 -4.55 -14.78
CA GLY A 126 -2.62 -4.25 -16.18
C GLY A 126 -3.60 -3.21 -16.68
N SER A 127 -4.46 -3.61 -17.58
CA SER A 127 -5.46 -2.72 -18.14
C SER A 127 -6.80 -2.90 -17.44
N LYS A 128 -6.84 -3.80 -16.46
CA LYS A 128 -8.06 -4.07 -15.69
C LYS A 128 -8.34 -2.99 -14.67
N HIS A 129 -7.33 -2.17 -14.38
CA HIS A 129 -7.47 -1.08 -13.43
C HIS A 129 -8.38 0.00 -14.03
N LYS A 130 -9.54 0.17 -13.45
CA LYS A 130 -10.51 1.12 -13.97
C LYS A 130 -10.86 2.19 -12.95
N VAL A 131 -10.78 1.86 -11.67
CA VAL A 131 -11.16 2.80 -10.62
C VAL A 131 -10.19 3.98 -10.53
N CYS A 132 -10.62 5.04 -9.85
CA CYS A 132 -9.81 6.23 -9.71
C CYS A 132 -8.94 6.12 -8.46
N MET A 133 -7.67 6.48 -8.59
CA MET A 133 -6.73 6.41 -7.49
C MET A 133 -6.58 7.77 -6.80
N ASP A 134 -7.36 7.97 -5.76
CA ASP A 134 -7.31 9.21 -4.98
C ASP A 134 -8.07 9.03 -3.67
N LEU A 135 -7.44 9.43 -2.56
CA LEU A 135 -8.06 9.34 -1.26
C LEU A 135 -7.65 10.53 -0.39
N ARG A 136 -8.39 10.77 0.68
CA ARG A 136 -8.06 11.85 1.60
C ARG A 136 -7.99 11.32 3.02
N ALA A 137 -6.82 11.38 3.62
CA ALA A 137 -6.63 10.88 4.96
C ALA A 137 -5.70 11.77 5.74
N ASN A 138 -6.00 11.94 7.03
CA ASN A 138 -5.19 12.75 7.95
C ASN A 138 -4.98 14.17 7.40
N LEU A 139 -6.01 14.99 7.51
CA LEU A 139 -5.93 16.35 7.02
C LEU A 139 -5.23 17.26 8.03
N LYS A 140 -5.43 16.96 9.31
CA LYS A 140 -4.84 17.75 10.38
C LYS A 140 -4.81 16.94 11.66
N GLN A 141 -3.97 17.37 12.59
CA GLN A 141 -3.89 16.73 13.89
C GLN A 141 -3.89 17.77 14.99
N VAL A 142 -3.88 17.33 16.23
CA VAL A 142 -3.93 18.24 17.35
C VAL A 142 -3.24 17.60 18.57
N LYS A 143 -2.96 18.40 19.58
CA LYS A 143 -2.36 17.90 20.81
C LYS A 143 -3.33 16.98 21.53
N LYS A 144 -2.86 15.77 21.84
CA LYS A 144 -3.66 14.75 22.48
C LYS A 144 -4.80 14.33 21.59
N GLU A 145 -4.48 13.51 20.61
CA GLU A 145 -5.47 13.00 19.67
C GLU A 145 -6.36 11.96 20.34
N ASP A 146 -6.10 11.75 21.63
CA ASP A 146 -6.87 10.86 22.47
C ASP A 146 -8.31 11.34 22.58
N HIS A 147 -9.22 10.61 21.99
CA HIS A 147 -10.62 10.96 22.04
C HIS A 147 -11.45 9.80 22.55
N HIS A 148 -11.26 8.63 21.95
CA HIS A 148 -11.96 7.43 22.36
C HIS A 148 -11.14 6.20 22.04
N HIS A 149 -11.34 5.14 22.82
CA HIS A 149 -10.60 3.90 22.62
C HIS A 149 -11.30 2.99 21.63
N HIS A 150 -12.55 3.34 21.32
CA HIS A 150 -13.37 2.62 20.34
C HIS A 150 -13.75 1.23 20.87
N HIS A 151 -14.12 1.17 22.13
CA HIS A 151 -14.55 -0.10 22.74
C HIS A 151 -15.90 -0.52 22.17
N HIS A 152 -16.60 0.45 21.62
CA HIS A 152 -17.89 0.20 21.00
C HIS A 152 -17.99 1.01 19.72
N MET A 1 -17.58 -0.38 15.64
CA MET A 1 -16.56 -0.17 16.69
C MET A 1 -15.42 0.66 16.15
N ALA A 2 -15.16 1.80 16.77
CA ALA A 2 -14.11 2.70 16.34
C ALA A 2 -13.67 3.59 17.48
N SER A 3 -12.41 3.48 17.86
CA SER A 3 -11.86 4.26 18.95
C SER A 3 -10.66 5.08 18.48
N MET A 4 -10.65 5.41 17.18
CA MET A 4 -9.58 6.25 16.56
C MET A 4 -8.25 5.50 16.49
N THR A 5 -8.28 4.24 16.85
CA THR A 5 -7.09 3.41 16.83
C THR A 5 -7.25 2.32 15.77
N ASP A 6 -8.39 2.38 15.11
CA ASP A 6 -8.74 1.42 14.09
C ASP A 6 -8.31 1.93 12.73
N GLN A 7 -7.12 1.53 12.32
CA GLN A 7 -6.58 1.99 11.05
C GLN A 7 -7.35 1.40 9.87
N GLN A 8 -7.86 0.19 10.05
CA GLN A 8 -8.63 -0.46 9.01
C GLN A 8 -9.96 0.22 8.80
N ALA A 9 -10.53 0.73 9.88
CA ALA A 9 -11.79 1.45 9.83
C ALA A 9 -11.59 2.73 9.03
N GLU A 10 -10.41 3.30 9.21
CA GLU A 10 -10.07 4.53 8.55
C GLU A 10 -9.83 4.31 7.08
N ALA A 11 -9.04 3.29 6.76
CA ALA A 11 -8.73 2.98 5.37
C ALA A 11 -10.01 2.74 4.57
N ARG A 12 -10.91 1.95 5.14
CA ARG A 12 -12.18 1.63 4.46
C ARG A 12 -12.97 2.89 4.16
N SER A 13 -12.82 3.90 5.00
CA SER A 13 -13.58 5.13 4.86
C SER A 13 -12.93 6.09 3.85
N TYR A 14 -11.72 5.77 3.40
CA TYR A 14 -11.02 6.64 2.46
C TYR A 14 -11.20 6.13 1.04
N LEU A 15 -11.63 4.89 0.92
CA LEU A 15 -11.80 4.25 -0.37
C LEU A 15 -13.24 4.33 -0.86
N SER A 16 -13.46 3.88 -2.08
CA SER A 16 -14.78 3.87 -2.68
C SER A 16 -15.12 2.43 -3.07
N GLU A 17 -16.41 2.08 -3.04
CA GLU A 17 -16.86 0.71 -3.32
C GLU A 17 -16.34 0.19 -4.65
N GLU A 18 -16.41 1.00 -5.69
CA GLU A 18 -15.95 0.58 -7.02
C GLU A 18 -14.45 0.27 -7.00
N MET A 19 -13.71 1.08 -6.27
CA MET A 19 -12.27 0.90 -6.15
C MET A 19 -11.94 -0.33 -5.32
N ILE A 20 -12.72 -0.52 -4.27
CA ILE A 20 -12.59 -1.70 -3.42
C ILE A 20 -12.88 -2.97 -4.22
N ALA A 21 -13.85 -2.89 -5.12
CA ALA A 21 -14.22 -4.01 -5.98
C ALA A 21 -13.04 -4.44 -6.85
N GLU A 22 -12.22 -3.47 -7.25
CA GLU A 22 -11.05 -3.75 -8.07
C GLU A 22 -9.93 -4.32 -7.19
N PHE A 23 -9.84 -3.82 -5.96
CA PHE A 23 -8.84 -4.29 -4.99
C PHE A 23 -9.04 -5.78 -4.67
N LYS A 24 -10.25 -6.27 -4.91
CA LYS A 24 -10.57 -7.68 -4.71
C LYS A 24 -9.70 -8.55 -5.62
N ALA A 25 -9.38 -8.04 -6.81
CA ALA A 25 -8.56 -8.77 -7.77
C ALA A 25 -7.10 -8.76 -7.33
N ALA A 26 -6.75 -7.80 -6.49
CA ALA A 26 -5.39 -7.67 -5.98
C ALA A 26 -5.00 -8.84 -5.08
N PHE A 27 -5.96 -9.37 -4.33
CA PHE A 27 -5.69 -10.51 -3.45
C PHE A 27 -5.43 -11.76 -4.27
N ASP A 28 -6.02 -11.79 -5.47
CA ASP A 28 -5.87 -12.91 -6.39
C ASP A 28 -4.47 -12.93 -7.02
N MET A 29 -3.79 -11.78 -6.99
CA MET A 29 -2.43 -11.67 -7.54
C MET A 29 -1.49 -12.61 -6.80
N PHE A 30 -1.62 -12.63 -5.49
CA PHE A 30 -0.76 -13.43 -4.65
C PHE A 30 -1.22 -14.86 -4.60
N ASP A 31 -2.55 -15.05 -4.77
CA ASP A 31 -3.19 -16.40 -4.77
C ASP A 31 -2.66 -17.29 -3.64
N ALA A 32 -2.39 -16.66 -2.49
CA ALA A 32 -1.80 -17.34 -1.35
C ALA A 32 -2.65 -18.49 -0.87
N ASP A 33 -3.98 -18.32 -0.90
CA ASP A 33 -4.90 -19.34 -0.42
C ASP A 33 -6.34 -18.91 -0.60
N GLY A 34 -6.65 -17.72 -0.14
CA GLY A 34 -8.01 -17.23 -0.21
C GLY A 34 -8.59 -17.01 1.16
N GLY A 35 -8.31 -17.94 2.06
CA GLY A 35 -8.75 -17.81 3.43
C GLY A 35 -7.57 -17.67 4.38
N GLY A 36 -6.41 -18.10 3.92
CA GLY A 36 -5.20 -17.98 4.69
C GLY A 36 -4.58 -16.60 4.58
N ASP A 37 -3.61 -16.33 5.42
CA ASP A 37 -2.93 -15.04 5.46
C ASP A 37 -1.70 -15.03 4.57
N ILE A 38 -1.42 -13.88 3.99
CA ILE A 38 -0.26 -13.73 3.12
C ILE A 38 0.95 -13.34 3.97
N SER A 39 2.12 -13.80 3.58
CA SER A 39 3.35 -13.48 4.28
C SER A 39 4.37 -12.86 3.31
N VAL A 40 5.58 -12.62 3.79
CA VAL A 40 6.65 -12.00 2.98
C VAL A 40 6.97 -12.82 1.73
N LYS A 41 6.78 -14.13 1.80
CA LYS A 41 7.07 -15.01 0.66
C LYS A 41 6.08 -14.74 -0.48
N GLU A 42 4.80 -14.84 -0.17
CA GLU A 42 3.75 -14.61 -1.14
C GLU A 42 3.75 -13.14 -1.60
N LEU A 43 3.89 -12.23 -0.64
CA LEU A 43 3.92 -10.79 -0.92
C LEU A 43 5.10 -10.46 -1.83
N GLY A 44 6.26 -11.02 -1.50
CA GLY A 44 7.45 -10.79 -2.28
C GLY A 44 7.32 -11.24 -3.71
N THR A 45 6.47 -12.23 -3.94
CA THR A 45 6.26 -12.76 -5.27
C THR A 45 5.63 -11.72 -6.19
N VAL A 46 4.46 -11.21 -5.80
CA VAL A 46 3.74 -10.23 -6.62
C VAL A 46 4.55 -8.96 -6.82
N MET A 47 5.10 -8.42 -5.75
CA MET A 47 5.82 -7.16 -5.83
C MET A 47 7.06 -7.25 -6.74
N ARG A 48 7.77 -8.37 -6.70
CA ARG A 48 8.95 -8.54 -7.54
C ARG A 48 8.54 -8.81 -8.99
N MET A 49 7.31 -9.28 -9.16
CA MET A 49 6.78 -9.59 -10.48
C MET A 49 6.72 -8.33 -11.36
N LEU A 50 6.53 -7.18 -10.75
CA LEU A 50 6.49 -5.94 -11.52
C LEU A 50 7.88 -5.51 -11.94
N GLY A 51 8.83 -5.63 -11.03
CA GLY A 51 10.20 -5.27 -11.34
C GLY A 51 11.01 -4.92 -10.12
N GLN A 52 10.49 -4.02 -9.30
CA GLN A 52 11.20 -3.61 -8.10
C GLN A 52 11.17 -4.70 -7.05
N THR A 53 12.29 -4.87 -6.39
CA THR A 53 12.44 -5.87 -5.35
C THR A 53 13.76 -5.69 -4.60
N PRO A 54 13.70 -5.12 -3.40
CA PRO A 54 14.88 -4.90 -2.59
C PRO A 54 15.37 -6.15 -1.87
N THR A 55 14.80 -6.46 -0.70
CA THR A 55 15.22 -7.60 0.08
C THR A 55 14.09 -8.06 1.01
N LYS A 56 14.28 -9.23 1.61
CA LYS A 56 13.33 -9.84 2.54
C LYS A 56 13.08 -8.93 3.74
N GLU A 57 14.13 -8.23 4.17
CA GLU A 57 14.05 -7.32 5.31
C GLU A 57 13.07 -6.17 5.04
N GLU A 58 13.03 -5.73 3.79
CA GLU A 58 12.12 -4.67 3.38
C GLU A 58 10.69 -5.18 3.35
N LEU A 59 10.54 -6.45 2.93
CA LEU A 59 9.23 -7.08 2.86
C LEU A 59 8.65 -7.21 4.25
N ASP A 60 9.48 -7.64 5.18
CA ASP A 60 9.06 -7.80 6.57
C ASP A 60 8.65 -6.46 7.16
N ALA A 61 9.48 -5.45 6.94
CA ALA A 61 9.24 -4.13 7.51
C ALA A 61 7.96 -3.49 6.98
N ILE A 62 7.78 -3.49 5.67
CA ILE A 62 6.59 -2.89 5.06
C ILE A 62 5.31 -3.55 5.61
N ILE A 63 5.38 -4.84 5.88
CA ILE A 63 4.24 -5.57 6.40
C ILE A 63 4.13 -5.40 7.92
N GLU A 64 5.27 -5.22 8.57
CA GLU A 64 5.33 -5.15 10.01
C GLU A 64 4.88 -3.77 10.53
N GLU A 65 5.05 -2.74 9.70
CA GLU A 65 4.63 -1.39 10.08
C GLU A 65 3.13 -1.22 9.92
N VAL A 66 2.52 -2.03 9.06
CA VAL A 66 1.08 -1.96 8.84
C VAL A 66 0.37 -2.96 9.72
N ASP A 67 1.13 -3.91 10.25
CA ASP A 67 0.58 -4.95 11.09
C ASP A 67 0.58 -4.53 12.54
N GLU A 68 -0.51 -4.84 13.25
CA GLU A 68 -0.62 -4.49 14.66
C GLU A 68 -1.13 -5.67 15.49
N ASP A 69 -0.94 -6.89 15.00
CA ASP A 69 -1.40 -8.08 15.74
C ASP A 69 -0.22 -8.94 16.20
N GLY A 70 0.99 -8.41 16.09
CA GLY A 70 2.17 -9.13 16.53
C GLY A 70 2.62 -10.16 15.53
N SER A 71 2.90 -9.72 14.32
CA SER A 71 3.30 -10.56 13.24
C SER A 71 3.45 -9.70 12.03
N GLY A 72 3.77 -10.30 10.95
CA GLY A 72 3.51 -9.65 9.73
C GLY A 72 2.64 -10.56 8.94
N THR A 73 1.44 -10.15 8.72
CA THR A 73 0.46 -10.93 8.02
C THR A 73 -0.45 -10.05 7.21
N ILE A 74 -0.80 -10.47 6.03
CA ILE A 74 -1.78 -9.71 5.27
C ILE A 74 -3.14 -10.41 5.39
N ASP A 75 -4.21 -9.66 5.24
CA ASP A 75 -5.56 -10.17 5.35
C ASP A 75 -6.48 -9.26 4.55
N PHE A 76 -7.74 -9.17 4.89
CA PHE A 76 -8.66 -8.30 4.17
C PHE A 76 -8.34 -6.84 4.47
N GLU A 77 -8.46 -6.47 5.74
CA GLU A 77 -8.20 -5.09 6.15
C GLU A 77 -6.71 -4.76 6.05
N GLU A 78 -5.88 -5.71 6.45
CA GLU A 78 -4.43 -5.54 6.40
C GLU A 78 -3.94 -5.30 4.96
N PHE A 79 -4.66 -5.86 3.99
CA PHE A 79 -4.32 -5.68 2.57
C PHE A 79 -4.69 -4.27 2.11
N LEU A 80 -5.89 -3.82 2.49
CA LEU A 80 -6.39 -2.53 2.10
C LEU A 80 -5.43 -1.41 2.45
N VAL A 81 -4.99 -1.36 3.70
CA VAL A 81 -4.07 -0.32 4.15
C VAL A 81 -2.78 -0.30 3.31
N MET A 82 -2.35 -1.47 2.83
CA MET A 82 -1.14 -1.58 2.00
C MET A 82 -1.27 -0.74 0.72
N MET A 83 -2.37 -0.93 0.02
CA MET A 83 -2.61 -0.25 -1.25
C MET A 83 -2.79 1.27 -1.03
N VAL A 84 -3.43 1.64 0.07
CA VAL A 84 -3.66 3.07 0.36
C VAL A 84 -2.35 3.80 0.64
N ARG A 85 -1.37 3.10 1.19
CA ARG A 85 -0.12 3.73 1.58
C ARG A 85 0.57 4.45 0.42
N GLN A 86 0.66 3.80 -0.74
CA GLN A 86 1.31 4.43 -1.89
C GLN A 86 0.50 5.63 -2.39
N MET A 87 -0.81 5.44 -2.62
CA MET A 87 -1.66 6.53 -3.09
C MET A 87 -1.65 7.71 -2.10
N LYS A 88 -1.48 7.38 -0.82
CA LYS A 88 -1.39 8.38 0.23
C LYS A 88 -0.17 9.28 0.05
N GLU A 89 1.00 8.68 -0.08
CA GLU A 89 2.23 9.43 -0.21
C GLU A 89 2.51 9.84 -1.66
N ASP A 90 1.68 9.36 -2.56
CA ASP A 90 1.77 9.73 -3.96
C ASP A 90 1.00 11.03 -4.18
N ALA A 91 -0.11 11.16 -3.45
CA ALA A 91 -0.93 12.35 -3.51
C ALA A 91 -0.29 13.45 -2.66
N GLY A 92 0.19 13.07 -1.49
CA GLY A 92 0.84 14.01 -0.61
C GLY A 92 2.34 13.93 -0.72
N GLY A 93 2.98 13.43 0.32
CA GLY A 93 4.41 13.29 0.32
C GLY A 93 5.10 14.39 1.10
N ALA A 94 6.24 14.08 1.68
CA ALA A 94 6.99 15.04 2.45
C ALA A 94 7.98 15.81 1.55
N GLY A 95 8.25 15.26 0.39
CA GLY A 95 9.15 15.89 -0.53
C GLY A 95 10.31 14.98 -0.90
N GLY A 96 10.79 15.11 -2.11
CA GLY A 96 11.88 14.28 -2.58
C GLY A 96 11.47 13.46 -3.77
N LYS A 97 10.18 13.19 -3.87
CA LYS A 97 9.65 12.45 -5.00
C LYS A 97 9.62 13.36 -6.22
N LEU A 98 10.03 12.84 -7.36
CA LEU A 98 10.08 13.63 -8.58
C LEU A 98 8.70 14.13 -8.98
N PHE A 99 8.63 15.39 -9.37
CA PHE A 99 7.38 16.00 -9.77
C PHE A 99 7.06 15.67 -11.21
N ASP A 100 6.51 14.49 -11.43
CA ASP A 100 6.18 14.03 -12.76
C ASP A 100 4.84 14.58 -13.21
N LEU A 101 4.80 15.06 -14.44
CA LEU A 101 3.58 15.60 -15.03
C LEU A 101 2.99 14.56 -15.98
N ARG A 102 3.39 13.32 -15.74
CA ARG A 102 3.02 12.18 -16.56
C ARG A 102 3.70 12.32 -17.91
N GLY A 103 5.01 12.50 -17.86
CA GLY A 103 5.79 12.70 -19.07
C GLY A 103 5.35 13.95 -19.80
N LYS A 104 5.00 13.80 -21.05
CA LYS A 104 4.51 14.91 -21.84
C LYS A 104 3.06 14.66 -22.18
N PHE A 105 2.22 14.76 -21.16
CA PHE A 105 0.77 14.53 -21.28
C PHE A 105 0.49 13.09 -21.73
N LYS A 106 1.44 12.20 -21.47
CA LYS A 106 1.31 10.80 -21.86
C LYS A 106 1.61 9.88 -20.72
N ARG A 107 2.87 9.67 -20.47
CA ARG A 107 3.32 8.79 -19.40
C ARG A 107 4.81 8.96 -19.16
N PRO A 108 5.25 8.73 -17.91
CA PRO A 108 6.67 8.81 -17.57
C PRO A 108 7.43 7.57 -18.05
N PRO A 109 8.77 7.61 -18.03
CA PRO A 109 9.61 6.49 -18.46
C PRO A 109 9.51 5.30 -17.51
N LEU A 110 10.19 4.22 -17.87
CA LEU A 110 10.22 3.03 -17.03
C LEU A 110 11.32 3.16 -15.97
N ARG A 111 11.38 4.34 -15.36
CA ARG A 111 12.34 4.61 -14.30
C ARG A 111 12.13 3.65 -13.13
N ARG A 112 13.23 3.08 -12.65
CA ARG A 112 13.16 2.14 -11.53
C ARG A 112 12.93 2.87 -10.22
N VAL A 113 11.68 3.05 -9.87
CA VAL A 113 11.31 3.75 -8.65
C VAL A 113 9.87 3.41 -8.29
N ARG A 114 9.49 3.64 -7.04
CA ARG A 114 8.11 3.42 -6.62
C ARG A 114 7.20 4.50 -7.18
N MET A 115 6.60 4.20 -8.31
CA MET A 115 5.73 5.15 -8.98
C MET A 115 4.34 5.20 -8.33
N SER A 116 3.45 5.99 -8.91
CA SER A 116 2.09 6.18 -8.42
C SER A 116 1.36 4.85 -8.24
N ALA A 117 0.42 4.82 -7.28
CA ALA A 117 -0.36 3.62 -7.01
C ALA A 117 -1.19 3.25 -8.22
N ASP A 118 -1.65 4.27 -8.94
CA ASP A 118 -2.42 4.06 -10.16
C ASP A 118 -1.62 3.28 -11.18
N ALA A 119 -0.34 3.62 -11.28
CA ALA A 119 0.55 2.97 -12.23
C ALA A 119 0.86 1.54 -11.81
N MET A 120 1.16 1.33 -10.53
CA MET A 120 1.46 -0.01 -10.04
C MET A 120 0.22 -0.90 -10.05
N LEU A 121 -0.94 -0.34 -9.69
CA LEU A 121 -2.20 -1.10 -9.74
C LEU A 121 -2.48 -1.48 -11.17
N LYS A 122 -2.11 -0.58 -12.07
CA LYS A 122 -2.28 -0.80 -13.50
C LYS A 122 -1.36 -1.92 -13.97
N ALA A 123 -0.20 -2.05 -13.33
CA ALA A 123 0.75 -3.10 -13.66
C ALA A 123 0.30 -4.42 -13.07
N LEU A 124 -0.22 -4.39 -11.84
CA LEU A 124 -0.75 -5.59 -11.18
C LEU A 124 -1.91 -6.18 -11.97
N LEU A 125 -2.95 -5.38 -12.17
CA LEU A 125 -4.15 -5.84 -12.87
C LEU A 125 -3.96 -5.93 -14.38
N GLY A 126 -2.94 -5.26 -14.87
CA GLY A 126 -2.65 -5.29 -16.28
C GLY A 126 -3.64 -4.47 -17.10
N SER A 127 -4.77 -5.08 -17.43
CA SER A 127 -5.78 -4.40 -18.23
C SER A 127 -7.12 -4.33 -17.48
N LYS A 128 -7.14 -4.83 -16.26
CA LYS A 128 -8.35 -4.84 -15.45
C LYS A 128 -8.50 -3.56 -14.62
N HIS A 129 -7.46 -2.75 -14.58
CA HIS A 129 -7.50 -1.50 -13.80
C HIS A 129 -8.33 -0.45 -14.52
N LYS A 130 -9.46 -0.10 -13.93
CA LYS A 130 -10.37 0.84 -14.55
C LYS A 130 -10.76 1.97 -13.60
N VAL A 131 -10.62 1.75 -12.30
CA VAL A 131 -11.01 2.74 -11.32
C VAL A 131 -9.99 3.87 -11.20
N CYS A 132 -10.42 4.98 -10.64
CA CYS A 132 -9.56 6.13 -10.42
C CYS A 132 -9.04 6.11 -9.00
N MET A 133 -7.74 6.17 -8.85
CA MET A 133 -7.11 6.11 -7.54
C MET A 133 -7.26 7.45 -6.84
N ASP A 134 -8.22 7.55 -5.95
CA ASP A 134 -8.46 8.77 -5.21
C ASP A 134 -8.55 8.51 -3.73
N LEU A 135 -7.64 9.11 -2.98
CA LEU A 135 -7.63 8.95 -1.54
C LEU A 135 -8.19 10.20 -0.90
N ARG A 136 -9.04 10.03 0.09
CA ARG A 136 -9.65 11.16 0.76
C ARG A 136 -9.29 11.19 2.24
N ALA A 137 -8.05 11.62 2.50
CA ALA A 137 -7.51 11.70 3.84
C ALA A 137 -6.24 12.53 3.83
N ASN A 138 -5.66 12.77 5.01
CA ASN A 138 -4.41 13.55 5.15
C ASN A 138 -4.60 14.95 4.55
N LEU A 139 -5.79 15.50 4.72
CA LEU A 139 -6.13 16.80 4.17
C LEU A 139 -5.31 17.90 4.83
N LYS A 140 -5.01 17.71 6.10
CA LYS A 140 -4.23 18.67 6.84
C LYS A 140 -3.10 17.98 7.58
N GLN A 141 -1.89 18.38 7.29
CA GLN A 141 -0.73 17.81 7.92
C GLN A 141 0.12 18.91 8.53
N VAL A 142 0.97 18.55 9.47
CA VAL A 142 1.82 19.50 10.14
C VAL A 142 2.96 18.78 10.86
N LYS A 143 3.97 19.52 11.24
CA LYS A 143 5.09 18.95 11.97
C LYS A 143 4.72 18.71 13.42
N LYS A 144 5.39 17.78 14.05
CA LYS A 144 5.16 17.50 15.46
C LYS A 144 6.24 18.14 16.30
N GLU A 145 5.88 18.54 17.51
CA GLU A 145 6.84 19.19 18.41
C GLU A 145 7.66 18.15 19.17
N ASP A 146 8.08 17.11 18.47
CA ASP A 146 8.86 16.04 19.08
C ASP A 146 10.26 16.53 19.44
N HIS A 147 10.44 16.86 20.72
CA HIS A 147 11.73 17.34 21.21
C HIS A 147 11.76 17.32 22.75
N HIS A 148 10.79 16.63 23.35
CA HIS A 148 10.68 16.56 24.80
C HIS A 148 11.73 15.60 25.37
N HIS A 149 12.58 16.11 26.25
CA HIS A 149 13.66 15.32 26.81
C HIS A 149 13.92 15.66 28.27
N HIS A 150 14.20 14.63 29.05
CA HIS A 150 14.51 14.76 30.48
C HIS A 150 15.50 13.68 30.88
N HIS A 151 15.90 13.68 32.14
CA HIS A 151 16.80 12.65 32.63
C HIS A 151 16.15 11.86 33.74
N HIS A 152 16.69 10.72 34.03
CA HIS A 152 16.23 9.93 35.13
C HIS A 152 17.38 9.79 36.12
N MET A 1 2.84 11.93 22.29
CA MET A 1 2.17 12.70 21.22
C MET A 1 0.83 12.06 20.86
N ALA A 2 0.88 10.84 20.34
CA ALA A 2 -0.32 10.13 19.95
C ALA A 2 -0.09 8.63 20.02
N SER A 3 -1.04 7.92 20.60
CA SER A 3 -0.95 6.48 20.72
C SER A 3 -1.33 5.80 19.41
N MET A 4 -0.94 4.55 19.26
CA MET A 4 -1.28 3.79 18.07
C MET A 4 -2.74 3.44 18.07
N THR A 5 -3.43 3.79 17.02
CA THR A 5 -4.85 3.54 16.92
C THR A 5 -5.20 2.80 15.64
N ASP A 6 -6.43 2.31 15.55
CA ASP A 6 -6.89 1.55 14.38
C ASP A 6 -6.87 2.40 13.12
N GLN A 7 -6.41 1.81 12.03
CA GLN A 7 -6.35 2.49 10.75
C GLN A 7 -6.99 1.61 9.67
N GLN A 8 -7.55 0.48 10.09
CA GLN A 8 -8.19 -0.44 9.16
C GLN A 8 -9.46 0.19 8.61
N ALA A 9 -10.22 0.84 9.49
CA ALA A 9 -11.44 1.52 9.09
C ALA A 9 -11.11 2.71 8.19
N GLU A 10 -9.98 3.36 8.47
CA GLU A 10 -9.53 4.50 7.69
C GLU A 10 -9.30 4.11 6.25
N ALA A 11 -8.70 2.95 6.06
CA ALA A 11 -8.37 2.46 4.74
C ALA A 11 -9.57 2.46 3.81
N ARG A 12 -10.67 1.88 4.27
CA ARG A 12 -11.87 1.82 3.44
C ARG A 12 -12.59 3.17 3.42
N SER A 13 -12.53 3.88 4.54
CA SER A 13 -13.21 5.16 4.66
C SER A 13 -12.61 6.20 3.70
N TYR A 14 -11.35 6.02 3.34
CA TYR A 14 -10.68 6.97 2.45
C TYR A 14 -10.68 6.47 1.02
N LEU A 15 -11.31 5.35 0.79
CA LEU A 15 -11.38 4.79 -0.55
C LEU A 15 -12.80 4.83 -1.08
N SER A 16 -12.94 4.44 -2.32
CA SER A 16 -14.23 4.38 -2.96
C SER A 16 -14.60 2.91 -3.19
N GLU A 17 -15.85 2.58 -2.97
CA GLU A 17 -16.34 1.20 -3.12
C GLU A 17 -15.95 0.60 -4.47
N GLU A 18 -15.99 1.41 -5.51
CA GLU A 18 -15.67 0.95 -6.86
C GLU A 18 -14.21 0.52 -6.98
N MET A 19 -13.29 1.24 -6.33
CA MET A 19 -11.88 0.89 -6.40
C MET A 19 -11.62 -0.36 -5.56
N ILE A 20 -12.42 -0.54 -4.52
CA ILE A 20 -12.31 -1.70 -3.65
C ILE A 20 -12.77 -2.95 -4.39
N ALA A 21 -13.76 -2.77 -5.27
CA ALA A 21 -14.26 -3.87 -6.10
C ALA A 21 -13.18 -4.32 -7.08
N GLU A 22 -12.25 -3.42 -7.37
CA GLU A 22 -11.14 -3.71 -8.25
C GLU A 22 -10.10 -4.55 -7.51
N PHE A 23 -9.94 -4.26 -6.21
CA PHE A 23 -8.97 -4.95 -5.35
C PHE A 23 -9.41 -6.38 -5.06
N LYS A 24 -10.68 -6.65 -5.27
CA LYS A 24 -11.25 -7.97 -5.06
C LYS A 24 -10.45 -9.02 -5.85
N ALA A 25 -10.05 -8.65 -7.05
CA ALA A 25 -9.29 -9.53 -7.93
C ALA A 25 -7.83 -9.65 -7.49
N ALA A 26 -7.39 -8.74 -6.63
CA ALA A 26 -6.02 -8.72 -6.13
C ALA A 26 -5.71 -9.96 -5.28
N PHE A 27 -6.72 -10.46 -4.59
CA PHE A 27 -6.57 -11.68 -3.76
C PHE A 27 -6.02 -12.85 -4.59
N ASP A 28 -6.29 -12.84 -5.89
CA ASP A 28 -5.84 -13.90 -6.80
C ASP A 28 -4.36 -13.78 -7.14
N MET A 29 -3.80 -12.57 -6.96
CA MET A 29 -2.37 -12.31 -7.27
C MET A 29 -1.47 -13.30 -6.55
N PHE A 30 -1.61 -13.33 -5.23
CA PHE A 30 -0.79 -14.17 -4.39
C PHE A 30 -1.41 -15.57 -4.21
N ASP A 31 -2.69 -15.59 -3.76
CA ASP A 31 -3.42 -16.83 -3.44
C ASP A 31 -2.57 -17.79 -2.61
N ALA A 32 -2.50 -17.55 -1.31
CA ALA A 32 -1.72 -18.38 -0.42
C ALA A 32 -2.51 -19.57 0.08
N ASP A 33 -3.42 -19.33 1.00
CA ASP A 33 -4.20 -20.41 1.60
C ASP A 33 -5.54 -20.63 0.89
N GLY A 34 -6.45 -19.68 1.00
CA GLY A 34 -7.77 -19.85 0.40
C GLY A 34 -8.46 -18.54 0.12
N GLY A 35 -8.77 -17.79 1.17
CA GLY A 35 -9.39 -16.50 0.99
C GLY A 35 -8.34 -15.53 0.60
N GLY A 36 -7.52 -15.21 1.55
CA GLY A 36 -6.36 -14.46 1.25
C GLY A 36 -5.57 -14.09 2.47
N ASP A 37 -4.33 -14.46 2.43
CA ASP A 37 -3.36 -14.13 3.45
C ASP A 37 -2.03 -13.98 2.78
N ILE A 38 -1.24 -13.03 3.21
CA ILE A 38 0.05 -12.86 2.61
C ILE A 38 1.13 -12.70 3.67
N SER A 39 2.30 -13.22 3.37
CA SER A 39 3.45 -13.05 4.21
C SER A 39 4.49 -12.25 3.41
N VAL A 40 5.66 -12.06 3.98
CA VAL A 40 6.71 -11.30 3.30
C VAL A 40 7.13 -11.97 1.98
N LYS A 41 7.01 -13.29 1.92
CA LYS A 41 7.38 -14.04 0.74
C LYS A 41 6.41 -13.80 -0.42
N GLU A 42 5.16 -14.16 -0.20
CA GLU A 42 4.10 -13.99 -1.19
C GLU A 42 3.99 -12.54 -1.64
N LEU A 43 4.14 -11.61 -0.70
CA LEU A 43 4.10 -10.18 -1.00
C LEU A 43 5.27 -9.82 -1.90
N GLY A 44 6.45 -10.32 -1.53
CA GLY A 44 7.63 -10.07 -2.31
C GLY A 44 7.54 -10.67 -3.71
N THR A 45 6.80 -11.75 -3.81
CA THR A 45 6.60 -12.41 -5.09
C THR A 45 5.76 -11.55 -6.03
N VAL A 46 4.60 -11.11 -5.55
CA VAL A 46 3.73 -10.28 -6.36
C VAL A 46 4.44 -8.98 -6.75
N MET A 47 5.15 -8.36 -5.81
CA MET A 47 5.82 -7.09 -6.09
C MET A 47 7.01 -7.26 -7.04
N ARG A 48 7.76 -8.36 -6.92
CA ARG A 48 8.89 -8.59 -7.83
C ARG A 48 8.39 -9.00 -9.19
N MET A 49 7.13 -9.42 -9.24
CA MET A 49 6.50 -9.81 -10.48
C MET A 49 6.35 -8.63 -11.43
N LEU A 50 6.21 -7.43 -10.86
CA LEU A 50 6.08 -6.24 -11.67
C LEU A 50 7.44 -5.80 -12.20
N GLY A 51 8.46 -5.91 -11.35
CA GLY A 51 9.80 -5.53 -11.76
C GLY A 51 10.66 -5.08 -10.61
N GLN A 52 10.04 -4.58 -9.55
CA GLN A 52 10.77 -4.10 -8.38
C GLN A 52 11.36 -5.29 -7.60
N THR A 53 12.40 -5.01 -6.82
CA THR A 53 13.04 -6.04 -6.01
C THR A 53 14.08 -5.42 -5.05
N PRO A 54 13.68 -5.16 -3.80
CA PRO A 54 14.55 -4.60 -2.79
C PRO A 54 15.19 -5.68 -1.90
N THR A 55 14.48 -6.09 -0.85
CA THR A 55 14.98 -7.09 0.07
C THR A 55 13.85 -7.51 1.03
N LYS A 56 14.07 -8.61 1.74
CA LYS A 56 13.08 -9.15 2.67
C LYS A 56 12.81 -8.16 3.80
N GLU A 57 13.85 -7.40 4.18
CA GLU A 57 13.69 -6.41 5.25
C GLU A 57 12.73 -5.32 4.84
N GLU A 58 12.74 -4.96 3.56
CA GLU A 58 11.85 -3.93 3.04
C GLU A 58 10.41 -4.42 3.12
N LEU A 59 10.24 -5.70 2.84
CA LEU A 59 8.93 -6.34 2.87
C LEU A 59 8.47 -6.48 4.30
N ASP A 60 9.41 -6.86 5.15
CA ASP A 60 9.14 -7.05 6.57
C ASP A 60 8.83 -5.73 7.27
N ALA A 61 9.62 -4.71 6.98
CA ALA A 61 9.47 -3.39 7.61
C ALA A 61 8.12 -2.76 7.31
N ILE A 62 7.72 -2.77 6.04
CA ILE A 62 6.45 -2.18 5.63
C ILE A 62 5.27 -2.89 6.31
N ILE A 63 5.43 -4.17 6.54
CA ILE A 63 4.38 -4.95 7.19
C ILE A 63 4.46 -4.77 8.72
N GLU A 64 5.66 -4.53 9.20
CA GLU A 64 5.93 -4.38 10.63
C GLU A 64 5.23 -3.14 11.20
N GLU A 65 5.32 -2.03 10.50
CA GLU A 65 4.74 -0.78 10.97
C GLU A 65 3.22 -0.76 10.84
N VAL A 66 2.67 -1.70 10.10
CA VAL A 66 1.23 -1.74 9.89
C VAL A 66 0.59 -2.89 10.66
N ASP A 67 1.38 -3.91 10.96
CA ASP A 67 0.85 -5.07 11.64
C ASP A 67 0.94 -4.91 13.15
N GLU A 68 -0.19 -4.66 13.76
CA GLU A 68 -0.26 -4.50 15.19
C GLU A 68 -0.79 -5.75 15.87
N ASP A 69 -1.29 -6.68 15.06
CA ASP A 69 -1.86 -7.94 15.57
C ASP A 69 -0.78 -8.89 16.08
N GLY A 70 0.47 -8.60 15.75
CA GLY A 70 1.57 -9.40 16.24
C GLY A 70 1.87 -10.58 15.36
N SER A 71 1.65 -10.41 14.09
CA SER A 71 1.89 -11.44 13.11
C SER A 71 1.85 -10.80 11.75
N GLY A 72 3.00 -10.58 11.10
CA GLY A 72 2.85 -9.89 9.87
C GLY A 72 2.17 -10.77 8.89
N THR A 73 1.00 -10.35 8.56
CA THR A 73 0.12 -11.04 7.70
C THR A 73 -0.66 -10.06 6.95
N ILE A 74 -0.90 -10.30 5.71
CA ILE A 74 -1.87 -9.54 5.02
C ILE A 74 -3.13 -10.43 4.96
N ASP A 75 -4.30 -9.84 4.88
CA ASP A 75 -5.55 -10.61 4.88
C ASP A 75 -6.63 -9.74 4.31
N PHE A 76 -7.90 -10.10 4.47
CA PHE A 76 -8.98 -9.29 3.89
C PHE A 76 -8.99 -7.87 4.48
N GLU A 77 -8.84 -7.78 5.80
CA GLU A 77 -8.84 -6.48 6.47
C GLU A 77 -7.46 -5.82 6.41
N GLU A 78 -6.42 -6.63 6.60
CA GLU A 78 -5.04 -6.15 6.57
C GLU A 78 -4.64 -5.67 5.14
N PHE A 79 -5.30 -6.25 4.13
CA PHE A 79 -5.03 -5.96 2.70
C PHE A 79 -5.14 -4.49 2.34
N LEU A 80 -6.30 -3.90 2.59
CA LEU A 80 -6.57 -2.50 2.20
C LEU A 80 -5.49 -1.55 2.70
N VAL A 81 -5.07 -1.72 3.94
CA VAL A 81 -4.07 -0.83 4.53
C VAL A 81 -2.77 -0.85 3.73
N MET A 82 -2.46 -2.00 3.11
CA MET A 82 -1.26 -2.15 2.30
C MET A 82 -1.31 -1.23 1.08
N MET A 83 -2.45 -1.18 0.42
CA MET A 83 -2.61 -0.39 -0.79
C MET A 83 -2.78 1.06 -0.46
N VAL A 84 -3.54 1.34 0.58
CA VAL A 84 -3.78 2.69 1.02
C VAL A 84 -2.49 3.31 1.52
N ARG A 85 -1.61 2.49 2.11
CA ARG A 85 -0.33 2.99 2.60
C ARG A 85 0.43 3.70 1.51
N GLN A 86 0.45 3.09 0.32
CA GLN A 86 1.17 3.64 -0.81
C GLN A 86 0.57 4.97 -1.25
N MET A 87 -0.75 5.00 -1.44
CA MET A 87 -1.41 6.21 -1.89
C MET A 87 -1.52 7.25 -0.77
N LYS A 88 -1.67 6.80 0.47
CA LYS A 88 -1.77 7.71 1.61
C LYS A 88 -0.49 8.53 1.79
N GLU A 89 0.67 7.90 1.53
CA GLU A 89 1.93 8.61 1.67
C GLU A 89 2.25 9.41 0.41
N ASP A 90 1.97 8.82 -0.74
CA ASP A 90 2.26 9.44 -2.04
C ASP A 90 1.39 10.68 -2.27
N ALA A 91 0.24 10.71 -1.64
CA ALA A 91 -0.68 11.85 -1.78
C ALA A 91 -0.31 12.96 -0.80
N GLY A 92 0.79 12.78 -0.09
CA GLY A 92 1.23 13.78 0.86
C GLY A 92 2.00 14.90 0.21
N GLY A 93 1.32 15.66 -0.62
CA GLY A 93 1.95 16.77 -1.30
C GLY A 93 1.73 16.70 -2.79
N ALA A 94 2.77 16.25 -3.51
CA ALA A 94 2.73 16.12 -4.97
C ALA A 94 2.50 17.46 -5.66
N GLY A 95 3.60 18.12 -6.02
CA GLY A 95 3.50 19.40 -6.67
C GLY A 95 4.58 19.58 -7.69
N GLY A 96 4.94 18.50 -8.35
CA GLY A 96 5.97 18.55 -9.36
C GLY A 96 5.70 17.57 -10.46
N LYS A 97 5.64 18.05 -11.68
CA LYS A 97 5.42 17.21 -12.84
C LYS A 97 5.95 17.89 -14.08
N LEU A 98 6.06 17.15 -15.15
CA LEU A 98 6.54 17.70 -16.40
C LEU A 98 5.38 17.86 -17.38
N PHE A 99 5.69 18.22 -18.61
CA PHE A 99 4.67 18.42 -19.63
C PHE A 99 4.00 17.10 -20.02
N ASP A 100 2.86 17.19 -20.68
CA ASP A 100 2.08 16.02 -21.08
C ASP A 100 2.81 15.27 -22.18
N LEU A 101 3.17 14.04 -21.91
CA LEU A 101 3.80 13.20 -22.88
C LEU A 101 3.04 11.87 -22.99
N ARG A 102 2.06 11.70 -22.11
CA ARG A 102 1.26 10.48 -22.07
C ARG A 102 -0.18 10.78 -22.48
N GLY A 103 -0.42 12.02 -22.86
CA GLY A 103 -1.77 12.43 -23.19
C GLY A 103 -2.54 12.86 -21.96
N LYS A 104 -1.81 13.03 -20.87
CA LYS A 104 -2.38 13.44 -19.60
C LYS A 104 -1.27 13.98 -18.71
N PHE A 105 -1.62 14.86 -17.78
CA PHE A 105 -0.67 15.45 -16.84
C PHE A 105 0.04 14.37 -16.03
N LYS A 106 -0.74 13.57 -15.32
CA LYS A 106 -0.20 12.53 -14.48
C LYS A 106 0.26 11.35 -15.32
N ARG A 107 1.55 11.28 -15.55
CA ARG A 107 2.14 10.22 -16.32
C ARG A 107 3.27 9.57 -15.55
N PRO A 108 3.45 8.25 -15.72
CA PRO A 108 4.53 7.52 -15.06
C PRO A 108 5.88 7.84 -15.69
N PRO A 109 6.97 7.63 -14.95
CA PRO A 109 8.31 7.89 -15.44
C PRO A 109 8.77 6.81 -16.42
N LEU A 110 9.86 7.06 -17.10
CA LEU A 110 10.38 6.11 -18.07
C LEU A 110 11.36 5.16 -17.41
N ARG A 111 11.31 5.09 -16.09
CA ARG A 111 12.18 4.24 -15.33
C ARG A 111 11.38 3.35 -14.39
N ARG A 112 11.67 2.07 -14.41
CA ARG A 112 11.00 1.10 -13.55
C ARG A 112 11.49 1.20 -12.11
N VAL A 113 10.72 1.89 -11.29
CA VAL A 113 11.02 2.08 -9.89
C VAL A 113 9.71 1.90 -9.11
N ARG A 114 9.72 2.11 -7.80
CA ARG A 114 8.49 2.00 -7.02
C ARG A 114 7.59 3.20 -7.28
N MET A 115 6.60 3.01 -8.14
CA MET A 115 5.68 4.07 -8.48
C MET A 115 4.46 4.06 -7.57
N SER A 116 3.54 5.00 -7.80
CA SER A 116 2.34 5.13 -7.00
C SER A 116 1.43 3.92 -7.16
N ALA A 117 0.41 3.86 -6.32
CA ALA A 117 -0.54 2.77 -6.30
C ALA A 117 -1.34 2.67 -7.60
N ASP A 118 -1.60 3.80 -8.23
CA ASP A 118 -2.38 3.81 -9.47
C ASP A 118 -1.64 3.09 -10.59
N ALA A 119 -0.38 3.42 -10.77
CA ALA A 119 0.43 2.79 -11.79
C ALA A 119 0.77 1.37 -11.39
N MET A 120 0.99 1.16 -10.09
CA MET A 120 1.34 -0.15 -9.57
C MET A 120 0.18 -1.13 -9.77
N LEU A 121 -1.02 -0.71 -9.38
CA LEU A 121 -2.21 -1.56 -9.54
C LEU A 121 -2.44 -1.89 -11.00
N LYS A 122 -2.05 -0.97 -11.87
CA LYS A 122 -2.18 -1.19 -13.31
C LYS A 122 -1.25 -2.32 -13.74
N ALA A 123 -0.13 -2.44 -13.06
CA ALA A 123 0.84 -3.49 -13.37
C ALA A 123 0.36 -4.83 -12.80
N LEU A 124 -0.21 -4.79 -11.60
CA LEU A 124 -0.75 -6.00 -10.96
C LEU A 124 -1.93 -6.57 -11.76
N LEU A 125 -2.90 -5.71 -12.05
CA LEU A 125 -4.12 -6.14 -12.74
C LEU A 125 -3.98 -6.09 -14.26
N GLY A 126 -2.94 -5.44 -14.73
CA GLY A 126 -2.76 -5.32 -16.16
C GLY A 126 -3.81 -4.41 -16.79
N SER A 127 -4.42 -4.86 -17.86
CA SER A 127 -5.43 -4.09 -18.55
C SER A 127 -6.79 -4.18 -17.82
N LYS A 128 -6.80 -4.91 -16.72
CA LYS A 128 -8.01 -5.07 -15.91
C LYS A 128 -8.24 -3.84 -15.04
N HIS A 129 -7.18 -3.09 -14.78
CA HIS A 129 -7.29 -1.93 -13.93
C HIS A 129 -7.90 -0.77 -14.68
N LYS A 130 -9.08 -0.36 -14.26
CA LYS A 130 -9.80 0.73 -14.91
C LYS A 130 -10.03 1.90 -13.96
N VAL A 131 -10.10 1.61 -12.66
CA VAL A 131 -10.37 2.66 -11.68
C VAL A 131 -9.13 3.53 -11.46
N CYS A 132 -9.36 4.74 -11.01
CA CYS A 132 -8.28 5.66 -10.74
C CYS A 132 -8.14 5.88 -9.25
N MET A 133 -6.92 6.13 -8.80
CA MET A 133 -6.65 6.37 -7.40
C MET A 133 -6.83 7.83 -7.10
N ASP A 134 -7.84 8.15 -6.34
CA ASP A 134 -8.09 9.54 -5.99
C ASP A 134 -8.38 9.67 -4.51
N LEU A 135 -7.44 10.26 -3.81
CA LEU A 135 -7.55 10.46 -2.38
C LEU A 135 -7.19 11.89 -2.03
N ARG A 136 -7.98 12.53 -1.18
CA ARG A 136 -7.71 13.90 -0.78
C ARG A 136 -7.67 14.00 0.75
N ALA A 137 -6.51 13.77 1.32
CA ALA A 137 -6.33 13.85 2.76
C ALA A 137 -4.87 13.78 3.13
N ASN A 138 -4.47 14.61 4.08
CA ASN A 138 -3.11 14.61 4.56
C ASN A 138 -3.04 15.23 5.95
N LEU A 139 -3.37 14.43 6.95
CA LEU A 139 -3.35 14.87 8.34
C LEU A 139 -2.34 14.06 9.14
N LYS A 140 -1.21 13.79 8.53
CA LYS A 140 -0.19 12.99 9.16
C LYS A 140 1.20 13.35 8.68
N GLN A 141 2.20 12.92 9.44
CA GLN A 141 3.60 13.14 9.13
C GLN A 141 4.43 12.26 10.04
N VAL A 142 5.61 11.88 9.59
CA VAL A 142 6.47 10.99 10.37
C VAL A 142 7.94 11.26 10.12
N LYS A 143 8.60 11.87 11.10
CA LYS A 143 10.01 12.17 10.99
C LYS A 143 10.64 12.21 12.38
N LYS A 144 11.62 11.36 12.60
CA LYS A 144 12.30 11.29 13.88
C LYS A 144 13.73 11.78 13.71
N GLU A 145 14.33 12.21 14.81
CA GLU A 145 15.70 12.70 14.77
C GLU A 145 16.68 11.54 14.82
N ASP A 146 16.17 10.33 14.99
CA ASP A 146 17.02 9.16 15.10
C ASP A 146 16.36 7.95 14.44
N HIS A 147 17.18 6.99 14.05
CA HIS A 147 16.71 5.77 13.43
C HIS A 147 17.70 4.64 13.72
N HIS A 148 18.49 4.82 14.77
CA HIS A 148 19.54 3.87 15.14
C HIS A 148 18.95 2.68 15.89
N HIS A 149 19.02 1.50 15.29
CA HIS A 149 18.47 0.29 15.89
C HIS A 149 19.50 -0.82 15.94
N HIS A 150 19.62 -1.47 17.08
CA HIS A 150 20.54 -2.60 17.24
C HIS A 150 20.22 -3.36 18.52
N HIS A 151 20.42 -4.65 18.49
CA HIS A 151 20.18 -5.49 19.64
C HIS A 151 21.50 -5.87 20.32
N HIS A 152 22.47 -6.28 19.52
CA HIS A 152 23.76 -6.68 20.04
C HIS A 152 24.79 -6.74 18.92
N MET A 1 -2.06 9.82 15.48
CA MET A 1 -0.78 9.99 16.20
C MET A 1 -0.54 8.81 17.14
N ALA A 2 -1.62 8.19 17.61
CA ALA A 2 -1.52 7.02 18.47
C ALA A 2 -1.35 5.75 17.63
N SER A 3 -1.76 4.62 18.20
CA SER A 3 -1.68 3.35 17.52
C SER A 3 -2.52 3.33 16.23
N MET A 4 -2.27 2.35 15.38
CA MET A 4 -2.99 2.23 14.13
C MET A 4 -4.01 1.10 14.22
N THR A 5 -4.28 0.70 15.46
CA THR A 5 -5.19 -0.40 15.75
C THR A 5 -6.61 -0.17 15.19
N ASP A 6 -6.98 1.09 14.99
CA ASP A 6 -8.29 1.39 14.46
C ASP A 6 -8.17 2.18 13.15
N GLN A 7 -6.95 2.24 12.64
CA GLN A 7 -6.68 2.97 11.39
C GLN A 7 -7.12 2.15 10.19
N GLN A 8 -7.30 0.85 10.41
CA GLN A 8 -7.74 -0.06 9.36
C GLN A 8 -9.09 0.37 8.79
N ALA A 9 -9.95 0.89 9.66
CA ALA A 9 -11.27 1.33 9.27
C ALA A 9 -11.19 2.59 8.40
N GLU A 10 -10.14 3.39 8.59
CA GLU A 10 -9.99 4.61 7.82
C GLU A 10 -9.57 4.29 6.41
N ALA A 11 -8.77 3.24 6.25
CA ALA A 11 -8.32 2.82 4.92
C ALA A 11 -9.53 2.49 4.05
N ARG A 12 -10.49 1.80 4.65
CA ARG A 12 -11.74 1.44 3.97
C ARG A 12 -12.58 2.71 3.70
N SER A 13 -12.33 3.75 4.47
CA SER A 13 -13.08 4.99 4.36
C SER A 13 -12.50 5.91 3.27
N TYR A 14 -11.25 5.69 2.88
CA TYR A 14 -10.63 6.52 1.85
C TYR A 14 -10.98 5.99 0.47
N LEU A 15 -11.37 4.73 0.43
CA LEU A 15 -11.65 4.05 -0.81
C LEU A 15 -13.14 3.96 -1.07
N SER A 16 -13.52 4.10 -2.32
CA SER A 16 -14.90 3.91 -2.73
C SER A 16 -15.10 2.43 -3.03
N GLU A 17 -16.30 1.92 -2.81
CA GLU A 17 -16.56 0.49 -2.99
C GLU A 17 -16.31 0.02 -4.43
N GLU A 18 -16.44 0.94 -5.39
CA GLU A 18 -16.14 0.63 -6.79
C GLU A 18 -14.67 0.22 -6.94
N MET A 19 -13.78 1.03 -6.36
CA MET A 19 -12.36 0.75 -6.44
C MET A 19 -11.98 -0.41 -5.53
N ILE A 20 -12.75 -0.60 -4.45
CA ILE A 20 -12.53 -1.71 -3.53
C ILE A 20 -12.78 -3.03 -4.25
N ALA A 21 -13.80 -3.02 -5.11
CA ALA A 21 -14.14 -4.20 -5.90
C ALA A 21 -12.98 -4.59 -6.80
N GLU A 22 -12.23 -3.59 -7.27
CA GLU A 22 -11.10 -3.84 -8.13
C GLU A 22 -9.93 -4.38 -7.31
N PHE A 23 -9.79 -3.89 -6.08
CA PHE A 23 -8.73 -4.35 -5.18
C PHE A 23 -8.92 -5.81 -4.81
N LYS A 24 -10.13 -6.32 -4.99
CA LYS A 24 -10.41 -7.72 -4.72
C LYS A 24 -9.58 -8.60 -5.65
N ALA A 25 -9.35 -8.11 -6.87
CA ALA A 25 -8.55 -8.83 -7.86
C ALA A 25 -7.08 -8.79 -7.45
N ALA A 26 -6.72 -7.81 -6.63
CA ALA A 26 -5.37 -7.67 -6.15
C ALA A 26 -5.01 -8.79 -5.19
N PHE A 27 -5.99 -9.26 -4.43
CA PHE A 27 -5.76 -10.36 -3.49
C PHE A 27 -5.50 -11.66 -4.28
N ASP A 28 -6.03 -11.71 -5.49
CA ASP A 28 -5.88 -12.87 -6.37
C ASP A 28 -4.45 -12.95 -6.94
N MET A 29 -3.76 -11.80 -6.95
CA MET A 29 -2.39 -11.71 -7.50
C MET A 29 -1.47 -12.66 -6.75
N PHE A 30 -1.51 -12.59 -5.43
CA PHE A 30 -0.65 -13.41 -4.58
C PHE A 30 -1.20 -14.81 -4.49
N ASP A 31 -2.52 -14.90 -4.27
CA ASP A 31 -3.21 -16.19 -4.12
C ASP A 31 -2.51 -17.05 -3.09
N ALA A 32 -2.40 -16.53 -1.87
CA ALA A 32 -1.74 -17.25 -0.78
C ALA A 32 -2.43 -18.57 -0.49
N ASP A 33 -3.75 -18.58 -0.65
CA ASP A 33 -4.55 -19.76 -0.40
C ASP A 33 -6.03 -19.44 -0.64
N GLY A 34 -6.41 -18.25 -0.20
CA GLY A 34 -7.79 -17.83 -0.35
C GLY A 34 -8.38 -17.53 1.00
N GLY A 35 -8.45 -18.55 1.83
CA GLY A 35 -8.94 -18.40 3.16
C GLY A 35 -7.80 -18.42 4.12
N GLY A 36 -6.83 -17.58 3.84
CA GLY A 36 -5.64 -17.54 4.63
C GLY A 36 -4.96 -16.20 4.55
N ASP A 37 -3.91 -16.03 5.33
CA ASP A 37 -3.15 -14.79 5.40
C ASP A 37 -1.98 -14.84 4.43
N ILE A 38 -1.61 -13.70 3.88
CA ILE A 38 -0.47 -13.64 2.96
C ILE A 38 0.81 -13.41 3.77
N SER A 39 1.89 -13.99 3.29
CA SER A 39 3.19 -13.86 3.93
C SER A 39 4.13 -13.00 3.11
N VAL A 40 5.33 -12.74 3.64
CA VAL A 40 6.34 -11.96 2.93
C VAL A 40 6.74 -12.64 1.63
N LYS A 41 6.61 -13.95 1.59
CA LYS A 41 6.97 -14.73 0.42
C LYS A 41 6.04 -14.41 -0.74
N GLU A 42 4.76 -14.64 -0.50
CA GLU A 42 3.71 -14.37 -1.46
C GLU A 42 3.71 -12.89 -1.86
N LEU A 43 3.81 -12.02 -0.85
CA LEU A 43 3.83 -10.57 -1.07
C LEU A 43 5.04 -10.16 -1.91
N GLY A 44 6.20 -10.68 -1.55
CA GLY A 44 7.43 -10.35 -2.26
C GLY A 44 7.39 -10.77 -3.71
N THR A 45 6.61 -11.78 -4.01
CA THR A 45 6.50 -12.26 -5.37
C THR A 45 5.77 -11.25 -6.26
N VAL A 46 4.55 -10.88 -5.87
CA VAL A 46 3.75 -9.95 -6.66
C VAL A 46 4.44 -8.59 -6.81
N MET A 47 4.94 -8.04 -5.70
CA MET A 47 5.58 -6.73 -5.76
C MET A 47 6.84 -6.76 -6.64
N ARG A 48 7.48 -7.91 -6.71
CA ARG A 48 8.67 -8.08 -7.53
C ARG A 48 8.28 -8.17 -8.99
N MET A 49 7.10 -8.71 -9.24
CA MET A 49 6.59 -8.90 -10.59
C MET A 49 6.45 -7.58 -11.36
N LEU A 50 6.28 -6.47 -10.64
CA LEU A 50 6.14 -5.17 -11.29
C LEU A 50 7.49 -4.61 -11.73
N GLY A 51 8.57 -5.21 -11.26
CA GLY A 51 9.89 -4.74 -11.61
C GLY A 51 10.76 -4.49 -10.40
N GLN A 52 10.16 -4.51 -9.22
CA GLN A 52 10.89 -4.31 -7.98
C GLN A 52 11.64 -5.57 -7.61
N THR A 53 12.62 -5.45 -6.71
CA THR A 53 13.38 -6.60 -6.24
C THR A 53 14.20 -6.24 -5.00
N PRO A 54 13.56 -6.23 -3.84
CA PRO A 54 14.20 -5.90 -2.58
C PRO A 54 14.62 -7.14 -1.79
N THR A 55 14.79 -6.98 -0.50
CA THR A 55 15.15 -8.06 0.37
C THR A 55 13.98 -8.41 1.30
N LYS A 56 14.10 -9.49 2.05
CA LYS A 56 13.06 -9.93 2.98
C LYS A 56 12.85 -8.87 4.06
N GLU A 57 13.96 -8.24 4.46
CA GLU A 57 13.92 -7.18 5.49
C GLU A 57 12.92 -6.11 5.10
N GLU A 58 12.89 -5.78 3.82
CA GLU A 58 11.96 -4.81 3.25
C GLU A 58 10.54 -5.28 3.44
N LEU A 59 10.29 -6.51 3.00
CA LEU A 59 8.97 -7.11 3.03
C LEU A 59 8.43 -7.16 4.45
N ASP A 60 9.24 -7.66 5.35
CA ASP A 60 8.86 -7.79 6.75
C ASP A 60 8.60 -6.42 7.38
N ALA A 61 9.51 -5.47 7.14
CA ALA A 61 9.41 -4.15 7.76
C ALA A 61 8.18 -3.39 7.29
N ILE A 62 7.97 -3.35 5.98
CA ILE A 62 6.84 -2.61 5.40
C ILE A 62 5.50 -3.14 5.90
N ILE A 63 5.43 -4.43 6.16
CA ILE A 63 4.21 -5.03 6.66
C ILE A 63 4.10 -4.84 8.17
N GLU A 64 5.23 -4.95 8.84
CA GLU A 64 5.32 -4.89 10.29
C GLU A 64 5.02 -3.49 10.86
N GLU A 65 5.56 -2.47 10.20
CA GLU A 65 5.39 -1.07 10.65
C GLU A 65 3.93 -0.68 10.81
N VAL A 66 3.05 -1.36 10.12
CA VAL A 66 1.63 -1.06 10.18
C VAL A 66 0.86 -2.19 10.83
N ASP A 67 1.53 -3.31 11.01
CA ASP A 67 0.91 -4.47 11.59
C ASP A 67 0.72 -4.29 13.09
N GLU A 68 -0.52 -4.09 13.49
CA GLU A 68 -0.85 -3.84 14.89
C GLU A 68 -1.22 -5.14 15.61
N ASP A 69 -1.47 -6.20 14.84
CA ASP A 69 -1.86 -7.49 15.41
C ASP A 69 -0.68 -8.25 15.98
N GLY A 70 0.52 -7.90 15.55
CA GLY A 70 1.71 -8.54 16.10
C GLY A 70 2.17 -9.70 15.27
N SER A 71 1.97 -9.59 13.97
CA SER A 71 2.32 -10.63 13.03
C SER A 71 2.20 -10.06 11.66
N GLY A 72 3.31 -9.81 10.94
CA GLY A 72 3.06 -9.22 9.67
C GLY A 72 2.42 -10.22 8.79
N THR A 73 1.21 -9.91 8.47
CA THR A 73 0.32 -10.73 7.70
C THR A 73 -0.53 -9.85 6.91
N ILE A 74 -0.82 -10.21 5.70
CA ILE A 74 -1.83 -9.48 4.99
C ILE A 74 -3.15 -10.24 5.18
N ASP A 75 -4.26 -9.54 5.10
CA ASP A 75 -5.58 -10.14 5.35
C ASP A 75 -6.63 -9.24 4.75
N PHE A 76 -7.90 -9.48 5.04
CA PHE A 76 -8.98 -8.67 4.49
C PHE A 76 -8.74 -7.14 4.69
N GLU A 77 -8.68 -6.70 5.95
CA GLU A 77 -8.43 -5.29 6.23
C GLU A 77 -6.93 -4.95 6.22
N GLU A 78 -6.08 -5.92 6.58
CA GLU A 78 -4.63 -5.70 6.56
C GLU A 78 -4.17 -5.37 5.13
N PHE A 79 -4.90 -5.91 4.15
CA PHE A 79 -4.61 -5.71 2.72
C PHE A 79 -4.86 -4.26 2.30
N LEU A 80 -5.95 -3.69 2.79
CA LEU A 80 -6.34 -2.32 2.41
C LEU A 80 -5.23 -1.31 2.70
N VAL A 81 -4.76 -1.28 3.94
CA VAL A 81 -3.72 -0.32 4.34
C VAL A 81 -2.49 -0.41 3.41
N MET A 82 -2.21 -1.60 2.92
CA MET A 82 -1.09 -1.82 2.01
C MET A 82 -1.25 -1.03 0.72
N MET A 83 -2.42 -1.13 0.10
CA MET A 83 -2.66 -0.50 -1.19
C MET A 83 -2.91 1.00 -1.01
N VAL A 84 -3.61 1.35 0.07
CA VAL A 84 -3.96 2.73 0.34
C VAL A 84 -2.76 3.57 0.69
N ARG A 85 -1.91 3.06 1.56
CA ARG A 85 -0.78 3.86 2.04
C ARG A 85 0.08 4.35 0.88
N GLN A 86 0.25 3.51 -0.15
CA GLN A 86 1.05 3.87 -1.30
C GLN A 86 0.40 5.02 -2.05
N MET A 87 -0.90 4.91 -2.33
CA MET A 87 -1.62 5.97 -3.02
C MET A 87 -1.78 7.18 -2.13
N LYS A 88 -1.96 6.95 -0.84
CA LYS A 88 -2.15 8.02 0.11
C LYS A 88 -0.90 8.89 0.23
N GLU A 89 0.26 8.28 0.46
CA GLU A 89 1.47 9.09 0.64
C GLU A 89 1.98 9.64 -0.69
N ASP A 90 1.71 8.92 -1.77
CA ASP A 90 2.13 9.36 -3.11
C ASP A 90 1.34 10.57 -3.56
N ALA A 91 0.09 10.67 -3.11
CA ALA A 91 -0.77 11.79 -3.44
C ALA A 91 -0.51 12.96 -2.51
N GLY A 92 -0.50 12.69 -1.22
CA GLY A 92 -0.27 13.73 -0.25
C GLY A 92 0.20 13.20 1.08
N GLY A 93 1.40 12.62 1.10
CA GLY A 93 1.93 12.08 2.32
C GLY A 93 2.89 13.03 3.01
N ALA A 94 3.63 12.51 3.98
CA ALA A 94 4.59 13.30 4.73
C ALA A 94 5.96 12.66 4.66
N GLY A 95 6.97 13.40 5.08
CA GLY A 95 8.32 12.88 5.03
C GLY A 95 9.08 13.11 6.32
N GLY A 96 9.76 12.08 6.79
CA GLY A 96 10.54 12.20 8.00
C GLY A 96 11.73 11.26 7.95
N LYS A 97 12.36 11.20 6.79
CA LYS A 97 13.49 10.31 6.59
C LYS A 97 14.79 11.10 6.66
N LEU A 98 15.86 10.43 7.04
CA LEU A 98 17.16 11.09 7.17
C LEU A 98 18.16 10.58 6.15
N PHE A 99 17.70 9.76 5.24
CA PHE A 99 18.59 9.15 4.26
C PHE A 99 18.19 9.49 2.82
N ASP A 100 17.36 10.51 2.67
CA ASP A 100 16.90 10.94 1.35
C ASP A 100 18.08 11.42 0.51
N LEU A 101 18.32 10.75 -0.60
CA LEU A 101 19.41 11.12 -1.50
C LEU A 101 19.16 12.46 -2.17
N ARG A 102 17.91 12.90 -2.15
CA ARG A 102 17.55 14.18 -2.73
C ARG A 102 17.67 15.28 -1.69
N GLY A 103 17.90 14.90 -0.44
CA GLY A 103 18.04 15.85 0.64
C GLY A 103 19.45 16.44 0.69
N LYS A 104 20.09 16.45 -0.46
CA LYS A 104 21.44 16.94 -0.61
C LYS A 104 21.53 17.77 -1.88
N PHE A 105 22.72 17.93 -2.43
CA PHE A 105 22.90 18.75 -3.63
C PHE A 105 22.66 17.93 -4.91
N LYS A 106 22.06 16.77 -4.77
CA LYS A 106 21.79 15.92 -5.92
C LYS A 106 20.33 15.47 -5.95
N ARG A 107 20.01 14.62 -6.93
CA ARG A 107 18.64 14.14 -7.12
C ARG A 107 18.67 12.65 -7.48
N PRO A 108 17.55 11.94 -7.27
CA PRO A 108 17.46 10.51 -7.57
C PRO A 108 17.40 10.22 -9.07
N PRO A 109 17.75 8.97 -9.47
CA PRO A 109 17.74 8.56 -10.88
C PRO A 109 16.32 8.33 -11.41
N LEU A 110 16.22 7.89 -12.66
CA LEU A 110 14.92 7.64 -13.29
C LEU A 110 14.35 6.28 -12.87
N ARG A 111 15.12 5.53 -12.09
CA ARG A 111 14.70 4.21 -11.63
C ARG A 111 13.36 4.30 -10.91
N ARG A 112 12.46 3.40 -11.25
CA ARG A 112 11.11 3.42 -10.70
C ARG A 112 11.08 2.92 -9.26
N VAL A 113 11.40 3.80 -8.34
CA VAL A 113 11.39 3.46 -6.94
C VAL A 113 10.08 3.92 -6.28
N ARG A 114 9.22 2.95 -5.98
CA ARG A 114 7.92 3.20 -5.35
C ARG A 114 7.10 4.24 -6.13
N MET A 115 6.67 3.85 -7.33
CA MET A 115 5.89 4.75 -8.19
C MET A 115 4.46 4.91 -7.68
N SER A 116 3.66 5.68 -8.41
CA SER A 116 2.28 5.90 -8.04
C SER A 116 1.54 4.58 -7.92
N ALA A 117 0.67 4.49 -6.93
CA ALA A 117 -0.08 3.27 -6.68
C ALA A 117 -1.01 2.96 -7.84
N ASP A 118 -1.54 4.00 -8.48
CA ASP A 118 -2.41 3.80 -9.62
C ASP A 118 -1.67 3.09 -10.75
N ALA A 119 -0.44 3.54 -10.99
CA ALA A 119 0.40 2.93 -12.01
C ALA A 119 0.76 1.52 -11.62
N MET A 120 1.08 1.34 -10.34
CA MET A 120 1.41 0.02 -9.83
C MET A 120 0.22 -0.93 -9.97
N LEU A 121 -0.96 -0.48 -9.53
CA LEU A 121 -2.18 -1.29 -9.66
C LEU A 121 -2.49 -1.54 -11.12
N LYS A 122 -2.21 -0.55 -11.94
CA LYS A 122 -2.39 -0.68 -13.38
C LYS A 122 -1.53 -1.83 -13.90
N ALA A 123 -0.35 -1.99 -13.32
CA ALA A 123 0.54 -3.06 -13.69
C ALA A 123 0.07 -4.39 -13.10
N LEU A 124 -0.40 -4.35 -11.84
CA LEU A 124 -0.94 -5.54 -11.19
C LEU A 124 -2.07 -6.16 -12.00
N LEU A 125 -3.10 -5.36 -12.27
CA LEU A 125 -4.25 -5.83 -13.03
C LEU A 125 -4.02 -5.82 -14.51
N GLY A 126 -2.93 -5.18 -14.92
CA GLY A 126 -2.57 -5.10 -16.32
C GLY A 126 -3.54 -4.28 -17.14
N SER A 127 -4.64 -4.88 -17.51
CA SER A 127 -5.65 -4.24 -18.31
C SER A 127 -6.99 -4.16 -17.57
N LYS A 128 -7.06 -4.81 -16.41
CA LYS A 128 -8.30 -4.86 -15.65
C LYS A 128 -8.49 -3.62 -14.77
N HIS A 129 -7.48 -2.78 -14.69
CA HIS A 129 -7.55 -1.53 -13.91
C HIS A 129 -8.53 -0.58 -14.59
N LYS A 130 -9.69 -0.43 -13.99
CA LYS A 130 -10.77 0.37 -14.57
C LYS A 130 -10.97 1.65 -13.79
N VAL A 131 -10.72 1.61 -12.50
CA VAL A 131 -10.93 2.76 -11.66
C VAL A 131 -9.73 3.71 -11.68
N CYS A 132 -9.92 4.89 -11.14
CA CYS A 132 -8.85 5.85 -11.04
C CYS A 132 -8.47 6.03 -9.58
N MET A 133 -7.22 5.78 -9.26
CA MET A 133 -6.73 5.86 -7.90
C MET A 133 -6.02 7.17 -7.66
N ASP A 134 -6.74 8.12 -7.10
CA ASP A 134 -6.18 9.45 -6.83
C ASP A 134 -5.84 9.65 -5.38
N LEU A 135 -6.78 9.27 -4.50
CA LEU A 135 -6.63 9.50 -3.05
C LEU A 135 -6.51 11.01 -2.82
N ARG A 136 -7.47 11.74 -3.35
CA ARG A 136 -7.47 13.20 -3.28
C ARG A 136 -8.20 13.68 -2.03
N ALA A 137 -8.59 12.76 -1.19
CA ALA A 137 -9.33 13.09 0.00
C ALA A 137 -8.40 13.16 1.19
N ASN A 138 -8.77 13.96 2.16
CA ASN A 138 -7.97 14.11 3.36
C ASN A 138 -8.80 13.72 4.58
N LEU A 139 -9.69 14.63 4.98
CA LEU A 139 -10.58 14.41 6.14
C LEU A 139 -9.80 14.25 7.44
N LYS A 140 -8.53 14.57 7.41
CA LYS A 140 -7.69 14.45 8.57
C LYS A 140 -7.37 15.81 9.12
N GLN A 141 -7.89 16.09 10.29
CA GLN A 141 -7.72 17.37 10.93
C GLN A 141 -6.52 17.37 11.86
N VAL A 142 -5.98 18.54 12.12
CA VAL A 142 -4.85 18.68 13.02
C VAL A 142 -5.32 18.63 14.48
N LYS A 143 -5.38 17.43 15.02
CA LYS A 143 -5.81 17.22 16.39
C LYS A 143 -5.17 15.96 16.93
N LYS A 144 -5.03 15.91 18.25
CA LYS A 144 -4.44 14.76 18.90
C LYS A 144 -5.50 13.95 19.60
N GLU A 145 -5.37 12.64 19.51
CA GLU A 145 -6.30 11.73 20.17
C GLU A 145 -5.81 11.45 21.59
N ASP A 146 -4.85 12.24 22.03
CA ASP A 146 -4.24 12.13 23.35
C ASP A 146 -5.27 12.35 24.46
N HIS A 147 -5.79 11.26 24.98
CA HIS A 147 -6.75 11.28 26.07
C HIS A 147 -6.51 10.08 26.96
N HIS A 148 -6.42 10.31 28.25
CA HIS A 148 -6.20 9.24 29.19
C HIS A 148 -7.44 8.37 29.31
N HIS A 149 -7.35 7.16 28.82
CA HIS A 149 -8.47 6.24 28.85
C HIS A 149 -7.98 4.85 29.23
N HIS A 150 -8.48 4.33 30.33
CA HIS A 150 -8.09 3.02 30.80
C HIS A 150 -9.29 2.26 31.33
N HIS A 151 -9.73 1.26 30.58
CA HIS A 151 -10.88 0.46 30.96
C HIS A 151 -10.49 -1.01 31.08
N HIS A 152 -10.96 -1.66 32.12
CA HIS A 152 -10.70 -3.08 32.30
C HIS A 152 -11.94 -3.90 32.01
N MET A 1 -1.75 13.24 18.37
CA MET A 1 -1.25 13.87 17.13
C MET A 1 -1.70 13.09 15.91
N ALA A 2 -1.43 11.79 15.92
CA ALA A 2 -1.84 10.91 14.85
C ALA A 2 -2.52 9.70 15.44
N SER A 3 -3.57 9.21 14.80
CA SER A 3 -4.28 8.08 15.32
C SER A 3 -3.59 6.77 14.95
N MET A 4 -3.91 6.24 13.76
CA MET A 4 -3.34 4.96 13.28
C MET A 4 -3.71 3.83 14.23
N THR A 5 -4.72 4.07 15.04
CA THR A 5 -5.17 3.10 16.03
C THR A 5 -6.07 2.07 15.37
N ASP A 6 -6.71 2.48 14.29
CA ASP A 6 -7.59 1.62 13.56
C ASP A 6 -7.39 1.86 12.09
N GLN A 7 -6.18 1.55 11.62
CA GLN A 7 -5.81 1.77 10.22
C GLN A 7 -6.77 1.06 9.28
N GLN A 8 -7.39 -0.01 9.76
CA GLN A 8 -8.35 -0.76 8.97
C GLN A 8 -9.58 0.08 8.65
N ALA A 9 -10.18 0.66 9.69
CA ALA A 9 -11.34 1.51 9.51
C ALA A 9 -10.95 2.80 8.79
N GLU A 10 -9.76 3.29 9.11
CA GLU A 10 -9.24 4.51 8.49
C GLU A 10 -9.08 4.33 6.97
N ALA A 11 -8.45 3.22 6.58
CA ALA A 11 -8.20 2.93 5.16
C ALA A 11 -9.51 2.81 4.37
N ARG A 12 -10.44 2.03 4.90
CA ARG A 12 -11.73 1.78 4.25
C ARG A 12 -12.56 3.05 4.10
N SER A 13 -12.29 4.05 4.93
CA SER A 13 -13.05 5.28 4.90
C SER A 13 -12.48 6.28 3.89
N TYR A 14 -11.29 6.00 3.38
CA TYR A 14 -10.66 6.88 2.41
C TYR A 14 -11.07 6.50 0.99
N LEU A 15 -11.50 5.25 0.84
CA LEU A 15 -11.83 4.72 -0.47
C LEU A 15 -13.32 4.77 -0.74
N SER A 16 -13.67 4.61 -2.00
CA SER A 16 -15.04 4.53 -2.42
C SER A 16 -15.34 3.08 -2.85
N GLU A 17 -16.60 2.70 -2.83
CA GLU A 17 -17.00 1.31 -3.10
C GLU A 17 -16.55 0.79 -4.48
N GLU A 18 -16.58 1.64 -5.49
CA GLU A 18 -16.19 1.24 -6.84
C GLU A 18 -14.69 0.96 -6.95
N MET A 19 -13.89 1.79 -6.30
CA MET A 19 -12.44 1.60 -6.33
C MET A 19 -12.03 0.40 -5.49
N ILE A 20 -12.78 0.15 -4.41
CA ILE A 20 -12.54 -1.02 -3.57
C ILE A 20 -12.83 -2.28 -4.37
N ALA A 21 -13.83 -2.20 -5.22
CA ALA A 21 -14.22 -3.31 -6.07
C ALA A 21 -13.08 -3.69 -7.02
N GLU A 22 -12.34 -2.69 -7.46
CA GLU A 22 -11.22 -2.90 -8.37
C GLU A 22 -10.06 -3.58 -7.64
N PHE A 23 -9.79 -3.12 -6.42
CA PHE A 23 -8.71 -3.67 -5.62
C PHE A 23 -8.95 -5.13 -5.24
N LYS A 24 -10.20 -5.56 -5.33
CA LYS A 24 -10.56 -6.94 -5.01
C LYS A 24 -9.83 -7.94 -5.91
N ALA A 25 -9.58 -7.52 -7.15
CA ALA A 25 -8.88 -8.38 -8.12
C ALA A 25 -7.46 -8.72 -7.65
N ALA A 26 -6.96 -7.95 -6.68
CA ALA A 26 -5.63 -8.18 -6.10
C ALA A 26 -5.50 -9.59 -5.53
N PHE A 27 -6.61 -10.13 -5.02
CA PHE A 27 -6.65 -11.48 -4.46
C PHE A 27 -6.08 -12.52 -5.46
N ASP A 28 -6.24 -12.24 -6.74
CA ASP A 28 -5.80 -13.15 -7.80
C ASP A 28 -4.28 -13.08 -8.01
N MET A 29 -3.66 -11.97 -7.59
CA MET A 29 -2.22 -11.76 -7.77
C MET A 29 -1.40 -12.88 -7.15
N PHE A 30 -1.56 -13.06 -5.84
CA PHE A 30 -0.80 -14.07 -5.14
C PHE A 30 -1.35 -15.47 -5.39
N ASP A 31 -2.68 -15.63 -5.22
CA ASP A 31 -3.34 -16.94 -5.36
C ASP A 31 -2.56 -18.04 -4.63
N ALA A 32 -2.59 -17.98 -3.31
CA ALA A 32 -1.84 -18.92 -2.49
C ALA A 32 -2.75 -19.99 -1.89
N ASP A 33 -3.87 -19.57 -1.34
CA ASP A 33 -4.81 -20.51 -0.70
C ASP A 33 -6.21 -19.93 -0.61
N GLY A 34 -6.34 -18.81 0.07
CA GLY A 34 -7.63 -18.18 0.20
C GLY A 34 -8.13 -18.16 1.63
N GLY A 35 -7.79 -19.19 2.38
CA GLY A 35 -8.23 -19.27 3.77
C GLY A 35 -7.08 -19.05 4.72
N GLY A 36 -5.95 -18.61 4.17
CA GLY A 36 -4.78 -18.36 4.97
C GLY A 36 -4.27 -16.96 4.81
N ASP A 37 -3.34 -16.59 5.66
CA ASP A 37 -2.77 -15.25 5.64
C ASP A 37 -1.51 -15.20 4.78
N ILE A 38 -1.28 -14.06 4.15
CA ILE A 38 -0.12 -13.89 3.30
C ILE A 38 1.09 -13.47 4.15
N SER A 39 2.25 -13.94 3.77
CA SER A 39 3.49 -13.60 4.45
C SER A 39 4.39 -12.80 3.51
N VAL A 40 5.62 -12.52 3.96
CA VAL A 40 6.61 -11.79 3.15
C VAL A 40 6.95 -12.56 1.87
N LYS A 41 6.78 -13.87 1.92
CA LYS A 41 7.10 -14.72 0.78
C LYS A 41 6.07 -14.54 -0.34
N GLU A 42 4.83 -14.90 -0.03
CA GLU A 42 3.72 -14.78 -0.98
C GLU A 42 3.58 -13.34 -1.50
N LEU A 43 3.72 -12.37 -0.60
CA LEU A 43 3.60 -10.97 -0.97
C LEU A 43 4.78 -10.53 -1.81
N GLY A 44 5.97 -10.85 -1.32
CA GLY A 44 7.18 -10.47 -1.98
C GLY A 44 7.23 -10.96 -3.41
N THR A 45 6.57 -12.08 -3.66
CA THR A 45 6.50 -12.64 -5.00
C THR A 45 5.76 -11.69 -5.95
N VAL A 46 4.62 -11.17 -5.48
CA VAL A 46 3.82 -10.25 -6.28
C VAL A 46 4.56 -8.95 -6.53
N MET A 47 5.10 -8.34 -5.49
CA MET A 47 5.79 -7.07 -5.63
C MET A 47 7.08 -7.21 -6.45
N ARG A 48 7.69 -8.38 -6.39
CA ARG A 48 8.89 -8.67 -7.17
C ARG A 48 8.51 -8.91 -8.63
N MET A 49 7.28 -9.35 -8.82
CA MET A 49 6.75 -9.63 -10.15
C MET A 49 6.69 -8.36 -11.01
N LEU A 50 6.56 -7.20 -10.37
CA LEU A 50 6.50 -5.95 -11.11
C LEU A 50 7.87 -5.59 -11.69
N GLY A 51 8.93 -6.23 -11.19
CA GLY A 51 10.24 -5.99 -11.75
C GLY A 51 11.29 -5.66 -10.71
N GLN A 52 10.92 -4.89 -9.71
CA GLN A 52 11.89 -4.51 -8.68
C GLN A 52 12.04 -5.58 -7.62
N THR A 53 13.19 -5.58 -6.98
CA THR A 53 13.48 -6.53 -5.93
C THR A 53 14.43 -5.91 -4.90
N PRO A 54 13.87 -5.46 -3.77
CA PRO A 54 14.65 -4.86 -2.69
C PRO A 54 15.34 -5.90 -1.81
N THR A 55 14.61 -6.40 -0.82
CA THR A 55 15.12 -7.40 0.09
C THR A 55 14.01 -7.79 1.08
N LYS A 56 14.24 -8.84 1.86
CA LYS A 56 13.26 -9.29 2.85
C LYS A 56 13.05 -8.22 3.90
N GLU A 57 14.12 -7.48 4.20
CA GLU A 57 14.07 -6.42 5.19
C GLU A 57 12.96 -5.43 4.87
N GLU A 58 12.87 -5.05 3.60
CA GLU A 58 11.85 -4.11 3.16
C GLU A 58 10.46 -4.71 3.34
N LEU A 59 10.32 -5.96 2.93
CA LEU A 59 9.04 -6.66 3.00
C LEU A 59 8.56 -6.75 4.44
N ASP A 60 9.43 -7.23 5.31
CA ASP A 60 9.08 -7.41 6.71
C ASP A 60 8.76 -6.08 7.37
N ALA A 61 9.56 -5.06 7.07
CA ALA A 61 9.38 -3.75 7.68
C ALA A 61 8.09 -3.08 7.21
N ILE A 62 7.82 -3.11 5.90
CA ILE A 62 6.62 -2.47 5.36
C ILE A 62 5.36 -3.14 5.94
N ILE A 63 5.42 -4.45 6.14
CA ILE A 63 4.28 -5.16 6.72
C ILE A 63 4.22 -4.89 8.22
N GLU A 64 5.37 -4.82 8.85
CA GLU A 64 5.47 -4.57 10.27
C GLU A 64 4.91 -3.21 10.66
N GLU A 65 5.26 -2.20 9.91
CA GLU A 65 4.83 -0.83 10.21
C GLU A 65 3.33 -0.64 9.97
N VAL A 66 2.69 -1.61 9.33
CA VAL A 66 1.26 -1.52 9.07
C VAL A 66 0.49 -2.56 9.91
N ASP A 67 1.20 -3.59 10.35
CA ASP A 67 0.58 -4.65 11.14
C ASP A 67 0.45 -4.23 12.58
N GLU A 68 -0.78 -4.24 13.09
CA GLU A 68 -1.03 -3.84 14.46
C GLU A 68 -1.38 -5.03 15.35
N ASP A 69 -1.32 -6.24 14.82
CA ASP A 69 -1.67 -7.41 15.63
C ASP A 69 -0.43 -8.03 16.27
N GLY A 70 0.73 -7.76 15.70
CA GLY A 70 1.98 -8.25 16.29
C GLY A 70 2.60 -9.36 15.49
N SER A 71 2.76 -9.13 14.21
CA SER A 71 3.32 -10.07 13.30
C SER A 71 3.41 -9.37 11.99
N GLY A 72 3.52 -10.11 10.95
CA GLY A 72 3.22 -9.56 9.70
C GLY A 72 2.39 -10.55 8.97
N THR A 73 1.18 -10.17 8.72
CA THR A 73 0.23 -11.00 8.04
C THR A 73 -0.66 -10.16 7.20
N ILE A 74 -0.99 -10.60 6.04
CA ILE A 74 -1.97 -9.90 5.28
C ILE A 74 -3.32 -10.63 5.41
N ASP A 75 -4.40 -9.91 5.27
CA ASP A 75 -5.75 -10.45 5.45
C ASP A 75 -6.71 -9.59 4.65
N PHE A 76 -7.98 -9.97 4.59
CA PHE A 76 -8.98 -9.18 3.88
C PHE A 76 -8.93 -7.72 4.35
N GLU A 77 -8.82 -7.54 5.66
CA GLU A 77 -8.76 -6.19 6.24
C GLU A 77 -7.34 -5.61 6.17
N GLU A 78 -6.34 -6.43 6.52
CA GLU A 78 -4.93 -5.98 6.53
C GLU A 78 -4.44 -5.60 5.11
N PHE A 79 -5.00 -6.27 4.10
CA PHE A 79 -4.62 -6.06 2.69
C PHE A 79 -4.97 -4.64 2.23
N LEU A 80 -6.14 -4.17 2.63
CA LEU A 80 -6.65 -2.89 2.21
C LEU A 80 -5.70 -1.74 2.57
N VAL A 81 -5.25 -1.73 3.82
CA VAL A 81 -4.39 -0.65 4.32
C VAL A 81 -3.09 -0.57 3.54
N MET A 82 -2.63 -1.72 3.05
CA MET A 82 -1.40 -1.80 2.28
C MET A 82 -1.47 -0.94 1.03
N MET A 83 -2.62 -0.99 0.37
CA MET A 83 -2.82 -0.25 -0.85
C MET A 83 -3.12 1.20 -0.57
N VAL A 84 -3.98 1.43 0.41
CA VAL A 84 -4.38 2.77 0.77
C VAL A 84 -3.23 3.56 1.32
N ARG A 85 -2.36 2.91 2.07
CA ARG A 85 -1.24 3.59 2.69
C ARG A 85 -0.40 4.33 1.68
N GLN A 86 -0.11 3.69 0.56
CA GLN A 86 0.73 4.29 -0.44
C GLN A 86 0.04 5.50 -1.07
N MET A 87 -1.22 5.32 -1.45
CA MET A 87 -1.98 6.40 -2.05
C MET A 87 -2.32 7.50 -1.04
N LYS A 88 -2.53 7.11 0.22
CA LYS A 88 -2.85 8.07 1.27
C LYS A 88 -1.66 8.98 1.57
N GLU A 89 -0.44 8.46 1.36
CA GLU A 89 0.74 9.27 1.58
C GLU A 89 1.21 9.94 0.28
N ASP A 90 0.82 9.35 -0.86
CA ASP A 90 1.11 9.94 -2.18
C ASP A 90 0.43 11.29 -2.29
N ALA A 91 -0.81 11.34 -1.82
CA ALA A 91 -1.62 12.55 -1.85
C ALA A 91 -1.29 13.47 -0.67
N GLY A 92 -0.38 13.03 0.17
CA GLY A 92 0.01 13.82 1.32
C GLY A 92 1.41 14.37 1.18
N GLY A 93 2.38 13.48 1.11
CA GLY A 93 3.77 13.88 0.98
C GLY A 93 4.29 14.52 2.26
N ALA A 94 4.83 13.70 3.15
CA ALA A 94 5.39 14.20 4.41
C ALA A 94 6.56 15.13 4.14
N GLY A 95 7.33 14.81 3.12
CA GLY A 95 8.46 15.61 2.75
C GLY A 95 9.20 14.99 1.59
N GLY A 96 9.77 15.80 0.73
CA GLY A 96 10.47 15.29 -0.42
C GLY A 96 9.54 15.04 -1.57
N LYS A 97 8.75 16.05 -1.91
CA LYS A 97 7.79 15.94 -2.99
C LYS A 97 8.45 16.15 -4.33
N LEU A 98 7.95 15.45 -5.32
CA LEU A 98 8.51 15.55 -6.66
C LEU A 98 7.83 16.66 -7.45
N PHE A 99 8.19 17.89 -7.14
CA PHE A 99 7.62 19.03 -7.83
C PHE A 99 8.39 19.36 -9.12
N ASP A 100 8.56 18.33 -9.95
CA ASP A 100 9.26 18.44 -11.25
C ASP A 100 10.71 18.87 -11.04
N LEU A 101 11.23 18.51 -9.87
CA LEU A 101 12.60 18.84 -9.48
C LEU A 101 13.64 17.86 -10.07
N ARG A 102 13.28 17.18 -11.14
CA ARG A 102 14.18 16.23 -11.75
C ARG A 102 15.12 16.95 -12.71
N GLY A 103 16.16 17.54 -12.15
CA GLY A 103 17.11 18.31 -12.94
C GLY A 103 16.52 19.61 -13.41
N LYS A 104 15.79 19.54 -14.49
CA LYS A 104 15.13 20.70 -15.08
C LYS A 104 14.13 20.23 -16.12
N PHE A 105 14.61 19.44 -17.06
CA PHE A 105 13.79 18.89 -18.10
C PHE A 105 14.33 17.50 -18.50
N LYS A 106 14.50 16.65 -17.51
CA LYS A 106 15.02 15.33 -17.76
C LYS A 106 14.44 14.36 -16.74
N ARG A 107 14.45 13.09 -17.06
CA ARG A 107 13.94 12.06 -16.17
C ARG A 107 14.49 10.70 -16.54
N PRO A 108 14.61 9.79 -15.57
CA PRO A 108 15.13 8.44 -15.80
C PRO A 108 14.16 7.59 -16.64
N PRO A 109 14.62 6.42 -17.12
CA PRO A 109 13.79 5.51 -17.92
C PRO A 109 12.72 4.81 -17.09
N LEU A 110 12.04 3.85 -17.70
CA LEU A 110 11.01 3.10 -17.00
C LEU A 110 11.62 1.93 -16.23
N ARG A 111 12.78 2.17 -15.64
CA ARG A 111 13.46 1.18 -14.81
C ARG A 111 12.56 0.81 -13.62
N ARG A 112 12.65 -0.43 -13.18
CA ARG A 112 11.83 -0.91 -12.08
C ARG A 112 12.35 -0.37 -10.74
N VAL A 113 11.79 0.77 -10.33
CA VAL A 113 12.18 1.41 -9.08
C VAL A 113 10.91 1.73 -8.26
N ARG A 114 11.08 2.29 -7.06
CA ARG A 114 9.94 2.68 -6.20
C ARG A 114 9.08 3.72 -6.91
N MET A 115 7.78 3.48 -6.97
CA MET A 115 6.87 4.42 -7.58
C MET A 115 5.57 4.55 -6.77
N SER A 116 4.72 5.49 -7.19
CA SER A 116 3.45 5.75 -6.53
C SER A 116 2.47 4.58 -6.63
N ALA A 117 1.43 4.62 -5.78
CA ALA A 117 0.41 3.57 -5.73
C ALA A 117 -0.28 3.36 -7.08
N ASP A 118 -0.59 4.46 -7.77
CA ASP A 118 -1.27 4.36 -9.06
C ASP A 118 -0.46 3.54 -10.05
N ALA A 119 0.83 3.82 -10.15
CA ALA A 119 1.70 3.10 -11.06
C ALA A 119 1.84 1.65 -10.62
N MET A 120 1.84 1.43 -9.31
CA MET A 120 1.95 0.09 -8.76
C MET A 120 0.70 -0.71 -9.11
N LEU A 121 -0.48 -0.12 -8.87
CA LEU A 121 -1.74 -0.76 -9.21
C LEU A 121 -1.87 -0.94 -10.72
N LYS A 122 -1.31 -0.02 -11.48
CA LYS A 122 -1.35 -0.10 -12.93
C LYS A 122 -0.49 -1.27 -13.42
N ALA A 123 0.57 -1.56 -12.69
CA ALA A 123 1.44 -2.67 -13.03
C ALA A 123 0.83 -4.00 -12.54
N LEU A 124 0.24 -3.95 -11.35
CA LEU A 124 -0.41 -5.12 -10.76
C LEU A 124 -1.63 -5.53 -11.57
N LEU A 125 -2.59 -4.61 -11.65
CA LEU A 125 -3.87 -4.84 -12.30
C LEU A 125 -3.77 -4.75 -13.82
N GLY A 126 -2.86 -3.94 -14.31
CA GLY A 126 -2.72 -3.77 -15.73
C GLY A 126 -3.90 -3.02 -16.31
N SER A 127 -4.56 -3.63 -17.28
CA SER A 127 -5.71 -3.03 -17.91
C SER A 127 -6.94 -3.06 -16.99
N LYS A 128 -6.83 -3.80 -15.90
CA LYS A 128 -7.92 -3.90 -14.92
C LYS A 128 -8.14 -2.57 -14.21
N HIS A 129 -7.06 -1.82 -14.04
CA HIS A 129 -7.10 -0.52 -13.36
C HIS A 129 -7.86 0.49 -14.21
N LYS A 130 -9.05 0.87 -13.75
CA LYS A 130 -9.89 1.79 -14.48
C LYS A 130 -10.31 2.99 -13.61
N VAL A 131 -10.27 2.83 -12.30
CA VAL A 131 -10.64 3.92 -11.40
C VAL A 131 -9.48 4.91 -11.22
N CYS A 132 -9.77 6.05 -10.63
CA CYS A 132 -8.78 7.07 -10.40
C CYS A 132 -8.35 7.06 -8.93
N MET A 133 -7.10 7.42 -8.67
CA MET A 133 -6.58 7.44 -7.31
C MET A 133 -6.94 8.74 -6.62
N ASP A 134 -8.15 8.80 -6.10
CA ASP A 134 -8.63 9.97 -5.39
C ASP A 134 -9.37 9.54 -4.14
N LEU A 135 -8.77 9.80 -3.00
CA LEU A 135 -9.35 9.43 -1.73
C LEU A 135 -9.81 10.63 -0.93
N ARG A 136 -10.48 10.37 0.19
CA ARG A 136 -11.04 11.41 1.05
C ARG A 136 -9.98 12.02 1.98
N ALA A 137 -8.78 12.16 1.49
CA ALA A 137 -7.71 12.74 2.28
C ALA A 137 -6.79 13.59 1.43
N ASN A 138 -6.29 14.65 2.01
CA ASN A 138 -5.38 15.56 1.35
C ASN A 138 -4.70 16.41 2.40
N LEU A 139 -3.59 15.88 2.93
CA LEU A 139 -2.84 16.51 4.03
C LEU A 139 -3.62 16.38 5.34
N LYS A 140 -4.80 16.97 5.36
CA LYS A 140 -5.66 16.93 6.52
C LYS A 140 -6.40 15.58 6.59
N GLN A 141 -6.61 15.11 7.81
CA GLN A 141 -7.29 13.85 8.03
C GLN A 141 -7.58 13.68 9.53
N VAL A 142 -8.47 12.77 9.87
CA VAL A 142 -8.83 12.55 11.26
C VAL A 142 -9.45 11.16 11.44
N LYS A 143 -9.56 10.70 12.70
CA LYS A 143 -10.13 9.40 13.01
C LYS A 143 -11.57 9.29 12.49
N LYS A 144 -11.95 8.11 12.05
CA LYS A 144 -13.28 7.88 11.51
C LYS A 144 -14.27 7.45 12.61
N GLU A 145 -13.91 7.75 13.86
CA GLU A 145 -14.73 7.43 15.06
C GLU A 145 -15.28 6.00 15.03
N ASP A 146 -14.54 5.10 14.39
CA ASP A 146 -14.96 3.72 14.28
C ASP A 146 -14.01 2.84 15.09
N HIS A 147 -14.22 1.54 15.06
CA HIS A 147 -13.37 0.63 15.83
C HIS A 147 -13.65 -0.82 15.46
N HIS A 148 -12.62 -1.51 14.99
CA HIS A 148 -12.73 -2.92 14.61
C HIS A 148 -12.70 -3.83 15.84
N HIS A 149 -12.62 -5.14 15.59
CA HIS A 149 -12.58 -6.17 16.64
C HIS A 149 -13.88 -6.21 17.43
N HIS A 150 -14.94 -6.72 16.78
CA HIS A 150 -16.26 -6.85 17.38
C HIS A 150 -16.73 -5.53 18.03
N HIS A 151 -17.29 -4.66 17.22
CA HIS A 151 -17.72 -3.35 17.68
C HIS A 151 -19.15 -3.40 18.25
N HIS A 152 -19.88 -4.45 17.91
CA HIS A 152 -21.24 -4.61 18.40
C HIS A 152 -21.29 -5.61 19.55
N MET A 1 -9.96 15.34 11.91
CA MET A 1 -10.05 14.04 12.58
C MET A 1 -9.08 13.04 11.96
N ALA A 2 -8.61 12.11 12.78
CA ALA A 2 -7.68 11.06 12.35
C ALA A 2 -7.40 10.15 13.53
N SER A 3 -7.20 8.88 13.28
CA SER A 3 -6.91 7.95 14.34
C SER A 3 -5.84 6.94 13.91
N MET A 4 -5.58 5.97 14.77
CA MET A 4 -4.62 4.90 14.49
C MET A 4 -5.22 3.56 14.90
N THR A 5 -6.11 3.60 15.87
CA THR A 5 -6.79 2.41 16.32
C THR A 5 -7.87 2.03 15.31
N ASP A 6 -7.80 0.79 14.82
CA ASP A 6 -8.75 0.30 13.80
C ASP A 6 -8.59 1.07 12.49
N GLN A 7 -7.35 1.48 12.19
CA GLN A 7 -7.09 2.24 10.96
C GLN A 7 -7.42 1.40 9.72
N GLN A 8 -7.57 0.10 9.90
CA GLN A 8 -7.96 -0.79 8.84
C GLN A 8 -9.31 -0.33 8.26
N ALA A 9 -10.19 0.16 9.14
CA ALA A 9 -11.49 0.68 8.72
C ALA A 9 -11.33 2.06 8.11
N GLU A 10 -10.39 2.84 8.64
CA GLU A 10 -10.11 4.17 8.11
C GLU A 10 -9.62 4.06 6.68
N ALA A 11 -8.89 3.00 6.41
CA ALA A 11 -8.40 2.73 5.06
C ALA A 11 -9.56 2.58 4.10
N ARG A 12 -10.56 1.76 4.46
CA ARG A 12 -11.74 1.57 3.63
C ARG A 12 -12.59 2.83 3.61
N SER A 13 -12.44 3.65 4.65
CA SER A 13 -13.18 4.89 4.74
C SER A 13 -12.59 5.96 3.81
N TYR A 14 -11.39 5.71 3.30
CA TYR A 14 -10.76 6.65 2.37
C TYR A 14 -11.11 6.27 0.94
N LEU A 15 -11.32 4.99 0.75
CA LEU A 15 -11.58 4.45 -0.57
C LEU A 15 -13.07 4.45 -0.88
N SER A 16 -13.40 4.08 -2.09
CA SER A 16 -14.76 3.97 -2.52
C SER A 16 -15.14 2.51 -2.63
N GLU A 17 -16.41 2.18 -2.45
CA GLU A 17 -16.89 0.79 -2.48
C GLU A 17 -16.46 0.06 -3.75
N GLU A 18 -16.68 0.69 -4.90
CA GLU A 18 -16.29 0.10 -6.18
C GLU A 18 -14.79 -0.12 -6.25
N MET A 19 -14.04 0.84 -5.73
CA MET A 19 -12.59 0.77 -5.73
C MET A 19 -12.10 -0.32 -4.77
N ILE A 20 -12.79 -0.48 -3.65
CA ILE A 20 -12.48 -1.55 -2.70
C ILE A 20 -12.76 -2.91 -3.35
N ALA A 21 -13.82 -2.98 -4.16
CA ALA A 21 -14.17 -4.19 -4.89
C ALA A 21 -13.09 -4.52 -5.90
N GLU A 22 -12.37 -3.49 -6.33
CA GLU A 22 -11.27 -3.65 -7.25
C GLU A 22 -10.08 -4.29 -6.53
N PHE A 23 -9.76 -3.75 -5.34
CA PHE A 23 -8.68 -4.30 -4.51
C PHE A 23 -9.00 -5.73 -4.07
N LYS A 24 -10.27 -6.08 -4.16
CA LYS A 24 -10.72 -7.42 -3.83
C LYS A 24 -10.12 -8.43 -4.81
N ALA A 25 -9.93 -8.00 -6.06
CA ALA A 25 -9.36 -8.87 -7.09
C ALA A 25 -7.85 -8.99 -6.91
N ALA A 26 -7.27 -8.02 -6.20
CA ALA A 26 -5.83 -7.97 -5.92
C ALA A 26 -5.32 -9.24 -5.24
N PHE A 27 -6.16 -9.88 -4.43
CA PHE A 27 -5.77 -11.12 -3.76
C PHE A 27 -5.34 -12.19 -4.78
N ASP A 28 -5.89 -12.10 -6.00
CA ASP A 28 -5.59 -13.04 -7.09
C ASP A 28 -4.12 -12.94 -7.48
N MET A 29 -3.58 -11.72 -7.37
CA MET A 29 -2.18 -11.44 -7.70
C MET A 29 -1.25 -12.41 -7.01
N PHE A 30 -1.47 -12.62 -5.71
CA PHE A 30 -0.63 -13.48 -4.92
C PHE A 30 -0.99 -14.94 -5.15
N ASP A 31 -2.31 -15.21 -5.19
CA ASP A 31 -2.82 -16.58 -5.37
C ASP A 31 -2.20 -17.52 -4.33
N ALA A 32 -2.13 -17.04 -3.10
CA ALA A 32 -1.54 -17.79 -2.01
C ALA A 32 -2.43 -18.93 -1.56
N ASP A 33 -3.73 -18.68 -1.56
CA ASP A 33 -4.69 -19.68 -1.12
C ASP A 33 -6.08 -19.36 -1.63
N GLY A 34 -6.60 -18.24 -1.17
CA GLY A 34 -7.94 -17.83 -1.51
C GLY A 34 -8.68 -17.37 -0.30
N GLY A 35 -8.45 -18.05 0.81
CA GLY A 35 -9.06 -17.68 2.07
C GLY A 35 -8.08 -17.79 3.21
N GLY A 36 -6.90 -17.25 3.00
CA GLY A 36 -5.85 -17.34 4.00
C GLY A 36 -5.06 -16.05 4.08
N ASP A 37 -4.15 -15.99 5.02
CA ASP A 37 -3.34 -14.79 5.23
C ASP A 37 -2.06 -14.86 4.41
N ILE A 38 -1.62 -13.72 3.94
CA ILE A 38 -0.42 -13.63 3.11
C ILE A 38 0.78 -13.19 3.97
N SER A 39 1.96 -13.67 3.64
CA SER A 39 3.16 -13.27 4.35
C SER A 39 4.18 -12.65 3.38
N VAL A 40 5.37 -12.36 3.89
CA VAL A 40 6.44 -11.70 3.14
C VAL A 40 6.85 -12.49 1.89
N LYS A 41 6.69 -13.80 1.93
CA LYS A 41 7.07 -14.64 0.80
C LYS A 41 6.09 -14.48 -0.35
N GLU A 42 4.84 -14.78 -0.07
CA GLU A 42 3.77 -14.64 -1.05
C GLU A 42 3.70 -13.21 -1.58
N LEU A 43 3.81 -12.23 -0.68
CA LEU A 43 3.81 -10.83 -1.07
C LEU A 43 5.02 -10.53 -1.93
N GLY A 44 6.16 -11.02 -1.48
CA GLY A 44 7.40 -10.84 -2.21
C GLY A 44 7.30 -11.31 -3.63
N THR A 45 6.51 -12.36 -3.84
CA THR A 45 6.31 -12.89 -5.17
C THR A 45 5.64 -11.85 -6.08
N VAL A 46 4.54 -11.28 -5.60
CA VAL A 46 3.83 -10.26 -6.35
C VAL A 46 4.70 -9.04 -6.65
N MET A 47 5.35 -8.52 -5.62
CA MET A 47 6.16 -7.31 -5.81
C MET A 47 7.37 -7.54 -6.72
N ARG A 48 7.97 -8.72 -6.63
CA ARG A 48 9.12 -9.04 -7.46
C ARG A 48 8.67 -9.34 -8.89
N MET A 49 7.38 -9.58 -9.04
CA MET A 49 6.79 -9.83 -10.33
C MET A 49 6.79 -8.55 -11.17
N LEU A 50 6.63 -7.39 -10.53
CA LEU A 50 6.63 -6.13 -11.26
C LEU A 50 8.04 -5.73 -11.66
N GLY A 51 9.04 -6.23 -10.93
CA GLY A 51 10.42 -5.93 -11.27
C GLY A 51 11.29 -5.63 -10.07
N GLN A 52 10.71 -5.02 -9.05
CA GLN A 52 11.47 -4.66 -7.86
C GLN A 52 11.73 -5.89 -6.98
N THR A 53 12.86 -5.89 -6.31
CA THR A 53 13.23 -6.99 -5.41
C THR A 53 14.46 -6.61 -4.56
N PRO A 54 14.22 -5.91 -3.44
CA PRO A 54 15.28 -5.48 -2.56
C PRO A 54 15.71 -6.55 -1.54
N THR A 55 15.06 -6.57 -0.39
CA THR A 55 15.42 -7.47 0.69
C THR A 55 14.18 -7.79 1.53
N LYS A 56 14.25 -8.89 2.29
CA LYS A 56 13.18 -9.32 3.17
C LYS A 56 12.85 -8.22 4.19
N GLU A 57 13.87 -7.48 4.57
CA GLU A 57 13.73 -6.37 5.53
C GLU A 57 12.71 -5.35 5.01
N GLU A 58 12.74 -5.12 3.72
CA GLU A 58 11.85 -4.17 3.07
C GLU A 58 10.42 -4.69 3.09
N LEU A 59 10.28 -6.00 2.87
CA LEU A 59 8.98 -6.66 2.87
C LEU A 59 8.41 -6.71 4.27
N ASP A 60 9.25 -7.14 5.20
CA ASP A 60 8.86 -7.27 6.60
C ASP A 60 8.47 -5.92 7.19
N ALA A 61 9.24 -4.89 6.87
CA ALA A 61 9.01 -3.55 7.41
C ALA A 61 7.73 -2.92 6.87
N ILE A 62 7.50 -3.07 5.57
CA ILE A 62 6.30 -2.50 4.96
C ILE A 62 5.04 -3.18 5.50
N ILE A 63 5.11 -4.48 5.68
CA ILE A 63 3.97 -5.22 6.20
C ILE A 63 3.83 -4.96 7.69
N GLU A 64 4.94 -4.71 8.34
CA GLU A 64 4.99 -4.45 9.77
C GLU A 64 4.18 -3.21 10.15
N GLU A 65 4.37 -2.13 9.41
CA GLU A 65 3.70 -0.87 9.70
C GLU A 65 2.21 -0.92 9.34
N VAL A 66 1.83 -1.85 8.49
CA VAL A 66 0.43 -2.00 8.13
C VAL A 66 -0.21 -3.06 9.01
N ASP A 67 0.64 -3.81 9.69
CA ASP A 67 0.21 -4.91 10.55
C ASP A 67 -0.04 -4.42 11.96
N GLU A 68 1.04 -4.26 12.73
CA GLU A 68 0.99 -3.82 14.13
C GLU A 68 0.18 -4.76 15.04
N ASP A 69 -0.17 -5.96 14.56
CA ASP A 69 -0.91 -6.90 15.39
C ASP A 69 0.04 -7.88 16.07
N GLY A 70 1.27 -7.93 15.58
CA GLY A 70 2.26 -8.79 16.17
C GLY A 70 2.71 -9.87 15.22
N SER A 71 2.82 -9.52 13.96
CA SER A 71 3.19 -10.43 12.94
C SER A 71 3.42 -9.61 11.71
N GLY A 72 3.61 -10.27 10.62
CA GLY A 72 3.39 -9.63 9.40
C GLY A 72 2.43 -10.51 8.67
N THR A 73 1.27 -10.00 8.46
CA THR A 73 0.21 -10.72 7.83
C THR A 73 -0.64 -9.84 7.00
N ILE A 74 -1.03 -10.27 5.84
CA ILE A 74 -2.00 -9.53 5.11
C ILE A 74 -3.36 -10.13 5.42
N ASP A 75 -4.41 -9.34 5.31
CA ASP A 75 -5.75 -9.78 5.67
C ASP A 75 -6.74 -8.85 5.01
N PHE A 76 -8.02 -9.19 5.04
CA PHE A 76 -9.05 -8.35 4.44
C PHE A 76 -8.98 -6.93 5.02
N GLU A 77 -8.62 -6.84 6.29
CA GLU A 77 -8.46 -5.57 6.97
C GLU A 77 -7.09 -4.95 6.68
N GLU A 78 -6.03 -5.74 6.92
CA GLU A 78 -4.65 -5.27 6.77
C GLU A 78 -4.31 -4.91 5.30
N PHE A 79 -4.94 -5.59 4.35
CA PHE A 79 -4.70 -5.41 2.91
C PHE A 79 -4.95 -3.96 2.46
N LEU A 80 -6.09 -3.40 2.84
CA LEU A 80 -6.46 -2.06 2.41
C LEU A 80 -5.45 -1.02 2.87
N VAL A 81 -4.92 -1.19 4.07
CA VAL A 81 -3.94 -0.26 4.62
C VAL A 81 -2.65 -0.27 3.77
N MET A 82 -2.33 -1.43 3.22
CA MET A 82 -1.15 -1.59 2.38
C MET A 82 -1.25 -0.73 1.13
N MET A 83 -2.42 -0.75 0.53
CA MET A 83 -2.67 -0.03 -0.71
C MET A 83 -2.74 1.47 -0.48
N VAL A 84 -3.45 1.90 0.59
CA VAL A 84 -3.63 3.32 0.85
C VAL A 84 -2.32 4.03 1.19
N ARG A 85 -1.38 3.31 1.80
CA ARG A 85 -0.12 3.92 2.19
C ARG A 85 0.72 4.34 0.99
N GLN A 86 0.74 3.52 -0.05
CA GLN A 86 1.50 3.83 -1.25
C GLN A 86 0.93 5.05 -1.97
N MET A 87 -0.40 5.11 -2.04
CA MET A 87 -1.06 6.23 -2.70
C MET A 87 -1.01 7.50 -1.84
N LYS A 88 -1.02 7.32 -0.52
CA LYS A 88 -1.03 8.47 0.39
C LYS A 88 0.36 9.10 0.53
N GLU A 89 1.41 8.29 0.43
CA GLU A 89 2.76 8.82 0.57
C GLU A 89 3.16 9.64 -0.65
N ASP A 90 2.62 9.28 -1.80
CA ASP A 90 2.92 9.99 -3.03
C ASP A 90 2.00 11.22 -3.18
N ALA A 91 0.84 11.15 -2.54
CA ALA A 91 -0.14 12.24 -2.59
C ALA A 91 0.24 13.31 -1.56
N GLY A 92 1.05 12.93 -0.59
CA GLY A 92 1.49 13.87 0.42
C GLY A 92 2.58 14.79 -0.08
N GLY A 93 3.11 14.47 -1.24
CA GLY A 93 4.16 15.29 -1.82
C GLY A 93 3.60 16.46 -2.59
N ALA A 94 4.48 17.33 -3.05
CA ALA A 94 4.05 18.50 -3.80
C ALA A 94 3.50 18.10 -5.16
N GLY A 95 2.25 18.40 -5.39
CA GLY A 95 1.59 18.07 -6.64
C GLY A 95 0.57 19.12 -7.02
N GLY A 96 -0.04 18.95 -8.17
CA GLY A 96 -1.03 19.91 -8.63
C GLY A 96 -2.38 19.69 -8.00
N LYS A 97 -2.64 18.47 -7.56
CA LYS A 97 -3.91 18.14 -6.96
C LYS A 97 -3.70 17.25 -5.73
N LEU A 98 -4.58 17.40 -4.75
CA LEU A 98 -4.51 16.58 -3.54
C LEU A 98 -5.59 15.51 -3.55
N PHE A 99 -6.38 15.50 -4.60
CA PHE A 99 -7.45 14.52 -4.74
C PHE A 99 -7.12 13.56 -5.87
N ASP A 100 -7.23 14.05 -7.09
CA ASP A 100 -6.88 13.26 -8.27
C ASP A 100 -5.42 13.47 -8.61
N LEU A 101 -4.62 12.43 -8.35
CA LEU A 101 -3.18 12.49 -8.57
C LEU A 101 -2.85 12.84 -10.00
N ARG A 102 -3.37 12.07 -10.92
CA ARG A 102 -3.13 12.28 -12.33
C ARG A 102 -4.42 12.12 -13.13
N GLY A 103 -4.33 12.34 -14.42
CA GLY A 103 -5.50 12.21 -15.28
C GLY A 103 -5.33 11.14 -16.32
N LYS A 104 -5.57 11.50 -17.57
CA LYS A 104 -5.44 10.57 -18.68
C LYS A 104 -4.14 10.83 -19.44
N PHE A 105 -3.91 12.07 -19.78
CA PHE A 105 -2.70 12.47 -20.47
C PHE A 105 -1.60 12.80 -19.46
N LYS A 106 -1.97 13.53 -18.43
CA LYS A 106 -1.02 13.90 -17.40
C LYS A 106 -0.89 12.77 -16.38
N ARG A 107 0.22 12.07 -16.43
CA ARG A 107 0.46 10.96 -15.52
C ARG A 107 1.96 10.71 -15.39
N PRO A 108 2.41 10.18 -14.24
CA PRO A 108 3.82 9.88 -14.00
C PRO A 108 4.36 8.82 -14.97
N PRO A 109 5.68 8.80 -15.17
CA PRO A 109 6.32 7.84 -16.08
C PRO A 109 6.27 6.42 -15.55
N LEU A 110 6.30 5.45 -16.45
CA LEU A 110 6.28 4.04 -16.08
C LEU A 110 7.67 3.56 -15.63
N ARG A 111 8.35 4.39 -14.85
CA ARG A 111 9.65 4.05 -14.31
C ARG A 111 9.51 2.89 -13.33
N ARG A 112 10.35 1.87 -13.50
CA ARG A 112 10.28 0.67 -12.67
C ARG A 112 10.93 0.89 -11.30
N VAL A 113 10.31 1.75 -10.52
CA VAL A 113 10.75 2.06 -9.16
C VAL A 113 9.51 2.31 -8.31
N ARG A 114 9.70 2.90 -7.15
CA ARG A 114 8.57 3.23 -6.29
C ARG A 114 7.71 4.30 -6.96
N MET A 115 6.66 3.89 -7.65
CA MET A 115 5.80 4.81 -8.37
C MET A 115 4.40 4.86 -7.75
N SER A 116 3.57 5.77 -8.28
CA SER A 116 2.20 5.96 -7.80
C SER A 116 1.41 4.64 -7.80
N ALA A 117 0.55 4.49 -6.81
CA ALA A 117 -0.26 3.28 -6.63
C ALA A 117 -1.07 2.93 -7.88
N ASP A 118 -1.54 3.93 -8.61
CA ASP A 118 -2.33 3.70 -9.82
C ASP A 118 -1.56 2.89 -10.86
N ALA A 119 -0.34 3.32 -11.14
CA ALA A 119 0.51 2.62 -12.10
C ALA A 119 0.86 1.22 -11.60
N MET A 120 1.10 1.10 -10.30
CA MET A 120 1.45 -0.19 -9.69
C MET A 120 0.24 -1.13 -9.74
N LEU A 121 -0.92 -0.63 -9.37
CA LEU A 121 -2.16 -1.42 -9.39
C LEU A 121 -2.49 -1.83 -10.82
N LYS A 122 -2.15 -0.98 -11.78
CA LYS A 122 -2.40 -1.28 -13.18
C LYS A 122 -1.60 -2.52 -13.58
N ALA A 123 -0.37 -2.60 -13.09
CA ALA A 123 0.49 -3.73 -13.39
C ALA A 123 -0.02 -4.98 -12.69
N LEU A 124 -0.46 -4.83 -11.44
CA LEU A 124 -1.02 -5.94 -10.67
C LEU A 124 -2.22 -6.55 -11.38
N LEU A 125 -3.19 -5.70 -11.69
CA LEU A 125 -4.44 -6.14 -12.33
C LEU A 125 -4.28 -6.41 -13.80
N GLY A 126 -3.13 -6.08 -14.35
CA GLY A 126 -2.90 -6.29 -15.77
C GLY A 126 -3.86 -5.48 -16.61
N SER A 127 -4.02 -4.21 -16.26
CA SER A 127 -4.90 -3.28 -16.96
C SER A 127 -6.40 -3.58 -16.70
N LYS A 128 -6.68 -4.43 -15.71
CA LYS A 128 -8.07 -4.71 -15.30
C LYS A 128 -8.56 -3.62 -14.38
N HIS A 129 -7.66 -2.71 -14.05
CA HIS A 129 -7.95 -1.61 -13.17
C HIS A 129 -8.76 -0.55 -13.91
N LYS A 130 -10.09 -0.66 -13.86
CA LYS A 130 -10.95 0.26 -14.57
C LYS A 130 -11.34 1.42 -13.69
N VAL A 131 -11.20 1.25 -12.39
CA VAL A 131 -11.52 2.30 -11.47
C VAL A 131 -10.36 3.29 -11.39
N CYS A 132 -10.59 4.41 -10.73
CA CYS A 132 -9.56 5.41 -10.59
C CYS A 132 -8.71 5.12 -9.35
N MET A 133 -7.87 6.05 -8.99
CA MET A 133 -7.01 5.92 -7.83
C MET A 133 -6.85 7.28 -7.18
N ASP A 134 -7.81 7.63 -6.35
CA ASP A 134 -7.82 8.93 -5.71
C ASP A 134 -7.96 8.78 -4.21
N LEU A 135 -7.51 9.77 -3.48
CA LEU A 135 -7.53 9.74 -2.04
C LEU A 135 -7.95 11.10 -1.49
N ARG A 136 -8.47 11.11 -0.27
CA ARG A 136 -8.81 12.35 0.40
C ARG A 136 -8.29 12.32 1.83
N ALA A 137 -6.99 12.53 1.96
CA ALA A 137 -6.29 12.55 3.23
C ALA A 137 -4.83 12.90 3.01
N ASN A 138 -4.33 13.84 3.76
CA ASN A 138 -2.97 14.29 3.58
C ASN A 138 -2.28 14.57 4.92
N LEU A 139 -1.32 13.71 5.24
CA LEU A 139 -0.52 13.85 6.44
C LEU A 139 0.89 13.53 6.04
N LYS A 140 1.74 14.48 6.17
CA LYS A 140 3.14 14.35 5.87
C LYS A 140 3.77 13.13 6.57
N GLN A 141 4.63 12.45 5.85
CA GLN A 141 5.31 11.27 6.35
C GLN A 141 6.63 11.08 5.62
N VAL A 142 7.70 10.84 6.38
CA VAL A 142 9.02 10.67 5.80
C VAL A 142 9.97 10.07 6.86
N LYS A 143 11.26 10.02 6.55
CA LYS A 143 12.26 9.45 7.43
C LYS A 143 12.52 10.34 8.65
N LYS A 144 13.18 9.78 9.65
CA LYS A 144 13.51 10.51 10.86
C LYS A 144 14.96 11.00 10.78
N GLU A 145 15.44 11.57 11.87
CA GLU A 145 16.79 12.12 11.92
C GLU A 145 17.78 11.08 12.46
N ASP A 146 17.42 9.82 12.38
CA ASP A 146 18.26 8.74 12.89
C ASP A 146 19.35 8.37 11.89
N HIS A 147 19.31 8.97 10.72
CA HIS A 147 20.29 8.69 9.69
C HIS A 147 21.51 9.60 9.82
N HIS A 148 22.45 9.17 10.65
CA HIS A 148 23.69 9.92 10.89
C HIS A 148 24.81 8.94 11.25
N HIS A 149 24.80 7.81 10.56
CA HIS A 149 25.76 6.75 10.79
C HIS A 149 26.71 6.64 9.60
N HIS A 150 27.96 7.02 9.81
CA HIS A 150 28.97 6.93 8.77
C HIS A 150 30.32 6.55 9.35
N HIS A 151 30.76 5.34 9.06
CA HIS A 151 32.05 4.86 9.54
C HIS A 151 33.14 5.20 8.54
N HIS A 152 34.27 5.67 9.05
CA HIS A 152 35.40 6.01 8.22
C HIS A 152 36.67 6.04 9.06
N MET A 1 -7.73 -5.77 20.34
CA MET A 1 -7.82 -6.14 18.91
C MET A 1 -9.27 -6.33 18.48
N ALA A 2 -10.20 -6.28 19.44
CA ALA A 2 -11.61 -6.49 19.15
C ALA A 2 -12.36 -5.17 19.15
N SER A 3 -13.37 -5.08 18.28
CA SER A 3 -14.25 -3.89 18.15
C SER A 3 -13.46 -2.58 17.98
N MET A 4 -12.29 -2.68 17.34
CA MET A 4 -11.46 -1.51 17.14
C MET A 4 -11.57 -1.00 15.72
N THR A 5 -11.52 0.30 15.57
CA THR A 5 -11.63 0.93 14.28
C THR A 5 -10.57 2.01 14.11
N ASP A 6 -9.32 1.58 14.00
CA ASP A 6 -8.20 2.48 13.83
C ASP A 6 -7.94 2.75 12.35
N GLN A 7 -6.67 2.84 11.96
CA GLN A 7 -6.28 3.12 10.57
C GLN A 7 -6.94 2.14 9.59
N GLN A 8 -7.23 0.92 10.06
CA GLN A 8 -7.86 -0.10 9.23
C GLN A 8 -9.22 0.38 8.70
N ALA A 9 -9.95 1.13 9.54
CA ALA A 9 -11.25 1.64 9.16
C ALA A 9 -11.09 2.81 8.20
N GLU A 10 -10.02 3.58 8.41
CA GLU A 10 -9.73 4.72 7.56
C GLU A 10 -9.45 4.27 6.14
N ALA A 11 -8.77 3.15 6.02
CA ALA A 11 -8.44 2.57 4.72
C ALA A 11 -9.70 2.35 3.88
N ARG A 12 -10.70 1.72 4.48
CA ARG A 12 -11.96 1.46 3.79
C ARG A 12 -12.78 2.73 3.61
N SER A 13 -12.54 3.72 4.46
CA SER A 13 -13.28 4.96 4.41
C SER A 13 -12.74 5.90 3.31
N TYR A 14 -11.54 5.64 2.83
CA TYR A 14 -10.96 6.49 1.79
C TYR A 14 -10.95 5.81 0.45
N LEU A 15 -11.63 4.69 0.35
CA LEU A 15 -11.74 3.98 -0.89
C LEU A 15 -13.19 3.83 -1.26
N SER A 16 -13.51 4.10 -2.50
CA SER A 16 -14.86 3.97 -2.99
C SER A 16 -15.23 2.50 -3.09
N GLU A 17 -16.51 2.19 -2.92
CA GLU A 17 -16.98 0.82 -3.00
C GLU A 17 -16.62 0.20 -4.34
N GLU A 18 -16.65 1.00 -5.39
CA GLU A 18 -16.29 0.54 -6.73
C GLU A 18 -14.80 0.22 -6.78
N MET A 19 -14.01 1.12 -6.21
CA MET A 19 -12.57 0.97 -6.18
C MET A 19 -12.16 -0.24 -5.34
N ILE A 20 -12.82 -0.42 -4.21
CA ILE A 20 -12.57 -1.57 -3.35
C ILE A 20 -12.92 -2.87 -4.08
N ALA A 21 -14.02 -2.83 -4.84
CA ALA A 21 -14.47 -3.98 -5.61
C ALA A 21 -13.47 -4.36 -6.68
N GLU A 22 -12.77 -3.37 -7.20
CA GLU A 22 -11.78 -3.59 -8.23
C GLU A 22 -10.48 -4.09 -7.61
N PHE A 23 -10.15 -3.55 -6.43
CA PHE A 23 -8.96 -3.96 -5.69
C PHE A 23 -9.04 -5.43 -5.28
N LYS A 24 -10.26 -5.97 -5.26
CA LYS A 24 -10.48 -7.37 -4.92
C LYS A 24 -9.64 -8.28 -5.81
N ALA A 25 -9.41 -7.86 -7.06
CA ALA A 25 -8.62 -8.63 -8.01
C ALA A 25 -7.20 -8.88 -7.49
N ALA A 26 -6.76 -8.07 -6.52
CA ALA A 26 -5.46 -8.25 -5.87
C ALA A 26 -5.34 -9.67 -5.28
N PHE A 27 -6.47 -10.19 -4.85
CA PHE A 27 -6.57 -11.54 -4.30
C PHE A 27 -5.95 -12.58 -5.27
N ASP A 28 -6.09 -12.32 -6.56
CA ASP A 28 -5.58 -13.23 -7.59
C ASP A 28 -4.07 -13.10 -7.79
N MET A 29 -3.51 -11.97 -7.37
CA MET A 29 -2.06 -11.70 -7.54
C MET A 29 -1.22 -12.75 -6.83
N PHE A 30 -1.52 -12.98 -5.56
CA PHE A 30 -0.76 -13.93 -4.78
C PHE A 30 -1.29 -15.35 -4.94
N ASP A 31 -2.64 -15.49 -4.98
CA ASP A 31 -3.33 -16.79 -5.14
C ASP A 31 -2.67 -17.91 -4.32
N ALA A 32 -2.33 -17.58 -3.08
CA ALA A 32 -1.60 -18.48 -2.21
C ALA A 32 -2.49 -19.53 -1.57
N ASP A 33 -3.63 -19.11 -1.07
CA ASP A 33 -4.53 -20.03 -0.37
C ASP A 33 -5.98 -19.74 -0.70
N GLY A 34 -6.45 -18.58 -0.29
CA GLY A 34 -7.83 -18.22 -0.51
C GLY A 34 -8.46 -17.65 0.73
N GLY A 35 -8.21 -18.29 1.86
CA GLY A 35 -8.76 -17.83 3.11
C GLY A 35 -7.69 -17.59 4.14
N GLY A 36 -6.47 -17.95 3.80
CA GLY A 36 -5.36 -17.78 4.70
C GLY A 36 -4.72 -16.42 4.60
N ASP A 37 -3.79 -16.16 5.48
CA ASP A 37 -3.09 -14.88 5.54
C ASP A 37 -1.81 -14.93 4.71
N ILE A 38 -1.47 -13.80 4.12
CA ILE A 38 -0.29 -13.71 3.27
C ILE A 38 0.95 -13.42 4.11
N SER A 39 2.08 -13.95 3.67
CA SER A 39 3.35 -13.74 4.34
C SER A 39 4.31 -12.99 3.41
N VAL A 40 5.55 -12.79 3.87
CA VAL A 40 6.57 -12.07 3.09
C VAL A 40 6.88 -12.78 1.78
N LYS A 41 6.78 -14.10 1.79
CA LYS A 41 7.08 -14.91 0.61
C LYS A 41 6.09 -14.60 -0.51
N GLU A 42 4.82 -14.71 -0.20
CA GLU A 42 3.75 -14.46 -1.16
C GLU A 42 3.73 -12.99 -1.59
N LEU A 43 3.81 -12.09 -0.62
CA LEU A 43 3.80 -10.66 -0.87
C LEU A 43 4.97 -10.25 -1.77
N GLY A 44 6.16 -10.76 -1.42
CA GLY A 44 7.34 -10.45 -2.19
C GLY A 44 7.21 -10.86 -3.64
N THR A 45 6.45 -11.93 -3.88
CA THR A 45 6.24 -12.43 -5.22
C THR A 45 5.49 -11.40 -6.07
N VAL A 46 4.39 -10.90 -5.52
CA VAL A 46 3.55 -9.95 -6.23
C VAL A 46 4.31 -8.66 -6.56
N MET A 47 4.98 -8.08 -5.56
CA MET A 47 5.69 -6.83 -5.77
C MET A 47 6.84 -6.97 -6.76
N ARG A 48 7.56 -8.09 -6.72
CA ARG A 48 8.69 -8.28 -7.63
C ARG A 48 8.18 -8.61 -9.02
N MET A 49 6.90 -8.95 -9.11
CA MET A 49 6.27 -9.25 -10.36
C MET A 49 6.10 -7.99 -11.23
N LEU A 50 6.01 -6.83 -10.58
CA LEU A 50 5.86 -5.58 -11.31
C LEU A 50 7.18 -5.08 -11.87
N GLY A 51 8.23 -5.20 -11.09
CA GLY A 51 9.53 -4.75 -11.55
C GLY A 51 10.57 -4.74 -10.46
N GLN A 52 10.31 -4.01 -9.39
CA GLN A 52 11.27 -3.93 -8.29
C GLN A 52 11.32 -5.24 -7.52
N THR A 53 12.48 -5.53 -7.00
CA THR A 53 12.68 -6.74 -6.26
C THR A 53 13.74 -6.53 -5.17
N PRO A 54 13.28 -6.28 -3.94
CA PRO A 54 14.15 -6.06 -2.80
C PRO A 54 14.49 -7.36 -2.06
N THR A 55 14.87 -7.22 -0.81
CA THR A 55 15.22 -8.34 0.02
C THR A 55 14.08 -8.66 0.99
N LYS A 56 14.16 -9.81 1.65
CA LYS A 56 13.13 -10.23 2.60
C LYS A 56 13.06 -9.22 3.75
N GLU A 57 14.18 -8.61 4.09
CA GLU A 57 14.24 -7.61 5.15
C GLU A 57 13.33 -6.43 4.83
N GLU A 58 13.27 -6.08 3.55
CA GLU A 58 12.42 -4.99 3.08
C GLU A 58 10.96 -5.36 3.29
N LEU A 59 10.63 -6.60 2.95
CA LEU A 59 9.27 -7.10 3.05
C LEU A 59 8.84 -7.11 4.52
N ASP A 60 9.69 -7.64 5.37
CA ASP A 60 9.41 -7.69 6.80
C ASP A 60 9.21 -6.30 7.38
N ALA A 61 10.04 -5.37 6.94
CA ALA A 61 9.99 -3.99 7.44
C ALA A 61 8.72 -3.27 7.02
N ILE A 62 8.34 -3.40 5.75
CA ILE A 62 7.14 -2.73 5.24
C ILE A 62 5.88 -3.31 5.88
N ILE A 63 5.89 -4.59 6.16
CA ILE A 63 4.75 -5.22 6.79
C ILE A 63 4.75 -4.95 8.30
N GLU A 64 5.94 -4.73 8.84
CA GLU A 64 6.10 -4.46 10.26
C GLU A 64 5.49 -3.13 10.66
N GLU A 65 5.72 -2.11 9.85
CA GLU A 65 5.21 -0.78 10.12
C GLU A 65 3.68 -0.70 10.04
N VAL A 66 3.07 -1.71 9.42
CA VAL A 66 1.62 -1.72 9.29
C VAL A 66 0.97 -2.76 10.21
N ASP A 67 1.72 -3.79 10.56
CA ASP A 67 1.20 -4.86 11.40
C ASP A 67 1.51 -4.62 12.87
N GLU A 68 0.48 -4.44 13.66
CA GLU A 68 0.66 -4.26 15.09
C GLU A 68 -0.14 -5.29 15.87
N ASP A 69 -0.51 -6.39 15.20
CA ASP A 69 -1.23 -7.46 15.89
C ASP A 69 -0.27 -8.45 16.50
N GLY A 70 0.98 -8.38 16.05
CA GLY A 70 2.01 -9.24 16.58
C GLY A 70 2.47 -10.28 15.59
N SER A 71 2.78 -9.83 14.38
CA SER A 71 3.19 -10.67 13.32
C SER A 71 3.48 -9.80 12.14
N GLY A 72 3.63 -10.42 11.03
CA GLY A 72 3.47 -9.72 9.83
C GLY A 72 2.53 -10.54 9.02
N THR A 73 1.38 -10.01 8.78
CA THR A 73 0.35 -10.72 8.09
C THR A 73 -0.48 -9.81 7.25
N ILE A 74 -0.84 -10.23 6.07
CA ILE A 74 -1.81 -9.47 5.34
C ILE A 74 -3.18 -10.04 5.70
N ASP A 75 -4.21 -9.22 5.60
CA ASP A 75 -5.56 -9.60 6.03
C ASP A 75 -6.53 -8.79 5.21
N PHE A 76 -7.82 -8.87 5.47
CA PHE A 76 -8.77 -8.07 4.73
C PHE A 76 -8.63 -6.60 5.14
N GLU A 77 -8.35 -6.39 6.42
CA GLU A 77 -8.10 -5.06 6.95
C GLU A 77 -6.66 -4.64 6.69
N GLU A 78 -5.72 -5.55 6.99
CA GLU A 78 -4.29 -5.29 6.81
C GLU A 78 -3.94 -5.06 5.33
N PHE A 79 -4.71 -5.66 4.42
CA PHE A 79 -4.50 -5.51 2.97
C PHE A 79 -4.69 -4.08 2.49
N LEU A 80 -5.83 -3.49 2.81
CA LEU A 80 -6.16 -2.16 2.32
C LEU A 80 -5.21 -1.10 2.84
N VAL A 81 -4.74 -1.23 4.07
CA VAL A 81 -3.82 -0.25 4.64
C VAL A 81 -2.51 -0.23 3.84
N MET A 82 -2.15 -1.40 3.29
CA MET A 82 -0.94 -1.54 2.48
C MET A 82 -1.05 -0.70 1.22
N MET A 83 -2.21 -0.73 0.61
CA MET A 83 -2.45 -0.02 -0.63
C MET A 83 -2.67 1.48 -0.40
N VAL A 84 -3.53 1.80 0.57
CA VAL A 84 -3.85 3.21 0.82
C VAL A 84 -2.66 4.00 1.32
N ARG A 85 -1.76 3.34 2.06
CA ARG A 85 -0.62 4.04 2.67
C ARG A 85 0.22 4.80 1.65
N GLN A 86 0.64 4.13 0.58
CA GLN A 86 1.47 4.78 -0.42
C GLN A 86 0.75 5.95 -1.08
N MET A 87 -0.48 5.72 -1.54
CA MET A 87 -1.25 6.77 -2.20
C MET A 87 -1.64 7.89 -1.24
N LYS A 88 -1.86 7.53 0.02
CA LYS A 88 -2.25 8.47 1.04
C LYS A 88 -1.13 9.44 1.36
N GLU A 89 0.04 8.91 1.68
CA GLU A 89 1.16 9.75 2.07
C GLU A 89 1.78 10.42 0.87
N ASP A 90 1.59 9.85 -0.31
CA ASP A 90 2.10 10.46 -1.54
C ASP A 90 1.37 11.77 -1.79
N ALA A 91 0.08 11.77 -1.53
CA ALA A 91 -0.75 12.94 -1.71
C ALA A 91 -0.70 13.84 -0.48
N GLY A 92 -0.61 13.22 0.69
CA GLY A 92 -0.59 13.97 1.93
C GLY A 92 0.73 14.68 2.17
N GLY A 93 1.83 14.00 1.90
CA GLY A 93 3.14 14.58 2.11
C GLY A 93 3.97 13.76 3.07
N ALA A 94 5.05 13.19 2.55
CA ALA A 94 5.95 12.37 3.37
C ALA A 94 7.36 12.40 2.79
N GLY A 95 8.32 11.96 3.59
CA GLY A 95 9.69 11.93 3.15
C GLY A 95 10.55 11.03 4.01
N GLY A 96 11.85 11.13 3.85
CA GLY A 96 12.76 10.32 4.63
C GLY A 96 13.41 9.22 3.81
N LYS A 97 14.66 9.44 3.44
CA LYS A 97 15.41 8.45 2.69
C LYS A 97 16.55 7.89 3.49
N LEU A 98 16.75 6.60 3.38
CA LEU A 98 17.82 5.93 4.08
C LEU A 98 18.88 5.48 3.08
N PHE A 99 20.15 5.55 3.48
CA PHE A 99 21.27 5.19 2.61
C PHE A 99 21.26 6.08 1.35
N ASP A 100 20.76 7.30 1.54
CA ASP A 100 20.63 8.28 0.45
C ASP A 100 21.98 8.95 0.19
N LEU A 101 22.88 8.75 1.09
CA LEU A 101 24.21 9.33 0.97
C LEU A 101 25.08 8.53 0.00
N ARG A 102 24.89 8.81 -1.27
CA ARG A 102 25.63 8.14 -2.32
C ARG A 102 26.63 9.10 -2.96
N GLY A 103 26.14 10.21 -3.46
CA GLY A 103 26.98 11.18 -4.10
C GLY A 103 26.16 12.22 -4.83
N LYS A 104 26.63 13.45 -4.81
CA LYS A 104 25.94 14.54 -5.46
C LYS A 104 26.24 14.58 -6.96
N PHE A 105 27.51 14.61 -7.31
CA PHE A 105 27.92 14.62 -8.72
C PHE A 105 28.40 13.25 -9.17
N LYS A 106 29.04 12.52 -8.29
CA LYS A 106 29.55 11.20 -8.64
C LYS A 106 28.70 10.14 -7.98
N ARG A 107 27.94 9.41 -8.78
CA ARG A 107 27.08 8.36 -8.28
C ARG A 107 26.56 7.49 -9.42
N PRO A 108 26.24 6.23 -9.13
CA PRO A 108 25.61 5.35 -10.09
C PRO A 108 24.12 5.70 -10.24
N PRO A 109 23.47 5.17 -11.29
CA PRO A 109 22.06 5.44 -11.59
C PRO A 109 21.13 5.23 -10.41
N LEU A 110 21.34 4.14 -9.71
CA LEU A 110 20.51 3.76 -8.57
C LEU A 110 19.07 3.50 -9.02
N ARG A 111 18.94 2.72 -10.08
CA ARG A 111 17.63 2.37 -10.60
C ARG A 111 16.93 1.35 -9.67
N ARG A 112 15.80 0.81 -10.13
CA ARG A 112 14.96 -0.10 -9.32
C ARG A 112 14.34 0.69 -8.16
N VAL A 113 13.98 1.92 -8.47
CA VAL A 113 13.41 2.85 -7.50
C VAL A 113 11.94 2.50 -7.24
N ARG A 114 11.36 3.09 -6.20
CA ARG A 114 9.94 2.88 -5.86
C ARG A 114 9.06 3.47 -6.96
N MET A 115 7.81 3.07 -6.98
CA MET A 115 6.87 3.59 -7.95
C MET A 115 5.57 3.94 -7.24
N SER A 116 4.75 4.75 -7.88
CA SER A 116 3.49 5.16 -7.30
C SER A 116 2.51 4.00 -7.26
N ALA A 117 1.60 4.03 -6.28
CA ALA A 117 0.59 2.99 -6.14
C ALA A 117 -0.28 2.93 -7.40
N ASP A 118 -0.55 4.10 -7.97
CA ASP A 118 -1.34 4.20 -9.19
C ASP A 118 -0.68 3.43 -10.32
N ALA A 119 0.63 3.61 -10.47
CA ALA A 119 1.38 2.92 -11.50
C ALA A 119 1.52 1.44 -11.17
N MET A 120 1.81 1.14 -9.91
CA MET A 120 1.96 -0.24 -9.47
C MET A 120 0.67 -1.04 -9.68
N LEU A 121 -0.45 -0.48 -9.23
CA LEU A 121 -1.73 -1.14 -9.37
C LEU A 121 -2.14 -1.25 -10.82
N LYS A 122 -1.70 -0.30 -11.64
CA LYS A 122 -1.93 -0.36 -13.07
C LYS A 122 -1.30 -1.62 -13.65
N ALA A 123 -0.15 -2.00 -13.10
CA ALA A 123 0.54 -3.21 -13.54
C ALA A 123 -0.08 -4.44 -12.86
N LEU A 124 -0.48 -4.28 -11.61
CA LEU A 124 -1.10 -5.36 -10.84
C LEU A 124 -2.42 -5.78 -11.49
N LEU A 125 -3.33 -4.82 -11.58
CA LEU A 125 -4.68 -5.06 -12.11
C LEU A 125 -4.69 -5.08 -13.63
N GLY A 126 -3.73 -4.42 -14.25
CA GLY A 126 -3.67 -4.37 -15.68
C GLY A 126 -4.77 -3.50 -16.25
N SER A 127 -5.53 -4.05 -17.17
CA SER A 127 -6.62 -3.32 -17.81
C SER A 127 -7.78 -3.06 -16.84
N LYS A 128 -7.75 -3.72 -15.69
CA LYS A 128 -8.80 -3.55 -14.71
C LYS A 128 -8.61 -2.25 -13.92
N HIS A 129 -7.44 -1.64 -14.09
CA HIS A 129 -7.14 -0.38 -13.42
C HIS A 129 -7.87 0.77 -14.12
N LYS A 130 -9.14 0.93 -13.80
CA LYS A 130 -9.95 1.97 -14.39
C LYS A 130 -10.55 2.89 -13.33
N VAL A 131 -10.61 2.40 -12.10
CA VAL A 131 -11.15 3.19 -11.00
C VAL A 131 -10.23 4.36 -10.65
N CYS A 132 -10.81 5.40 -10.08
CA CYS A 132 -10.07 6.61 -9.75
C CYS A 132 -9.44 6.48 -8.37
N MET A 133 -8.13 6.32 -8.35
CA MET A 133 -7.38 6.18 -7.11
C MET A 133 -6.95 7.54 -6.58
N ASP A 134 -7.87 8.46 -6.53
CA ASP A 134 -7.58 9.80 -6.09
C ASP A 134 -7.91 10.02 -4.64
N LEU A 135 -6.92 9.90 -3.79
CA LEU A 135 -7.09 10.14 -2.38
C LEU A 135 -6.83 11.62 -2.12
N ARG A 136 -7.70 12.27 -1.38
CA ARG A 136 -7.57 13.68 -1.13
C ARG A 136 -6.57 13.98 -0.03
N ALA A 137 -6.97 13.72 1.17
CA ALA A 137 -6.13 13.97 2.33
C ALA A 137 -6.61 13.19 3.53
N ASN A 138 -5.68 12.87 4.42
CA ASN A 138 -5.98 12.14 5.63
C ASN A 138 -4.90 12.37 6.66
N LEU A 139 -5.30 12.83 7.82
CA LEU A 139 -4.37 13.05 8.90
C LEU A 139 -4.27 11.78 9.73
N LYS A 140 -5.28 11.55 10.55
CA LYS A 140 -5.37 10.35 11.38
C LYS A 140 -6.66 10.34 12.18
N GLN A 141 -7.28 9.18 12.27
CA GLN A 141 -8.48 9.00 13.06
C GLN A 141 -8.20 7.98 14.14
N VAL A 142 -6.96 7.63 14.25
CA VAL A 142 -6.50 6.63 15.20
C VAL A 142 -5.92 7.28 16.47
N LYS A 143 -6.75 7.35 17.51
CA LYS A 143 -6.38 7.90 18.82
C LYS A 143 -7.61 8.00 19.69
N LYS A 144 -7.40 8.17 20.99
CA LYS A 144 -8.50 8.29 21.93
C LYS A 144 -7.98 8.90 23.22
N GLU A 145 -8.84 9.59 23.94
CA GLU A 145 -8.46 10.20 25.20
C GLU A 145 -8.60 9.20 26.34
N ASP A 146 -9.00 7.99 26.00
CA ASP A 146 -9.14 6.93 26.98
C ASP A 146 -7.89 6.07 27.01
N HIS A 147 -7.32 5.91 28.19
CA HIS A 147 -6.10 5.15 28.33
C HIS A 147 -6.37 3.81 29.01
N HIS A 148 -6.64 2.79 28.21
CA HIS A 148 -6.89 1.45 28.73
C HIS A 148 -6.14 0.42 27.90
N HIS A 149 -5.53 -0.54 28.59
CA HIS A 149 -4.79 -1.59 27.93
C HIS A 149 -4.72 -2.84 28.80
N HIS A 150 -5.32 -3.91 28.32
CA HIS A 150 -5.32 -5.19 29.00
C HIS A 150 -5.25 -6.32 28.00
N HIS A 151 -5.09 -7.53 28.50
CA HIS A 151 -5.03 -8.70 27.65
C HIS A 151 -5.28 -9.95 28.50
N HIS A 152 -6.02 -10.88 27.94
CA HIS A 152 -6.31 -12.12 28.64
C HIS A 152 -6.47 -13.25 27.64
N MET A 1 -7.75 -4.51 18.55
CA MET A 1 -8.96 -4.53 19.40
C MET A 1 -10.08 -3.75 18.74
N ALA A 2 -11.31 -4.06 19.11
CA ALA A 2 -12.46 -3.39 18.53
C ALA A 2 -13.07 -2.40 19.52
N SER A 3 -12.39 -2.17 20.63
CA SER A 3 -12.85 -1.22 21.63
C SER A 3 -12.91 0.19 21.05
N MET A 4 -11.78 0.66 20.56
CA MET A 4 -11.71 1.94 19.89
C MET A 4 -11.74 1.74 18.39
N THR A 5 -11.84 2.81 17.64
CA THR A 5 -11.82 2.72 16.20
C THR A 5 -10.41 2.33 15.73
N ASP A 6 -10.31 1.23 15.02
CA ASP A 6 -9.03 0.72 14.57
C ASP A 6 -8.58 1.43 13.29
N GLN A 7 -7.29 1.36 12.99
CA GLN A 7 -6.73 2.02 11.82
C GLN A 7 -7.30 1.40 10.54
N GLN A 8 -7.65 0.11 10.61
CA GLN A 8 -8.24 -0.59 9.48
C GLN A 8 -9.54 0.10 9.05
N ALA A 9 -10.27 0.61 10.05
CA ALA A 9 -11.52 1.29 9.81
C ALA A 9 -11.30 2.59 9.06
N GLU A 10 -10.13 3.20 9.28
CA GLU A 10 -9.80 4.45 8.61
C GLU A 10 -9.42 4.22 7.17
N ALA A 11 -8.63 3.17 6.93
CA ALA A 11 -8.20 2.84 5.57
C ALA A 11 -9.41 2.54 4.70
N ARG A 12 -10.39 1.88 5.29
CA ARG A 12 -11.62 1.53 4.62
C ARG A 12 -12.43 2.81 4.30
N SER A 13 -12.16 3.86 5.06
CA SER A 13 -12.85 5.13 4.89
C SER A 13 -12.11 6.03 3.89
N TYR A 14 -10.87 5.66 3.57
CA TYR A 14 -10.08 6.45 2.62
C TYR A 14 -10.36 5.97 1.20
N LEU A 15 -11.15 4.92 1.09
CA LEU A 15 -11.44 4.33 -0.19
C LEU A 15 -12.92 4.47 -0.54
N SER A 16 -13.18 4.79 -1.79
CA SER A 16 -14.52 4.89 -2.29
C SER A 16 -14.97 3.51 -2.80
N GLU A 17 -16.28 3.27 -2.82
CA GLU A 17 -16.81 1.96 -3.26
C GLU A 17 -16.26 1.58 -4.63
N GLU A 18 -16.23 2.56 -5.53
CA GLU A 18 -15.72 2.36 -6.88
C GLU A 18 -14.30 1.80 -6.84
N MET A 19 -13.47 2.40 -6.00
CA MET A 19 -12.07 2.00 -5.88
C MET A 19 -11.92 0.68 -5.12
N ILE A 20 -12.76 0.46 -4.13
CA ILE A 20 -12.74 -0.79 -3.37
C ILE A 20 -13.05 -1.99 -4.27
N ALA A 21 -13.92 -1.77 -5.25
CA ALA A 21 -14.29 -2.82 -6.20
C ALA A 21 -13.07 -3.28 -7.00
N GLU A 22 -12.13 -2.37 -7.18
CA GLU A 22 -10.90 -2.66 -7.90
C GLU A 22 -9.99 -3.57 -7.04
N PHE A 23 -10.06 -3.37 -5.73
CA PHE A 23 -9.26 -4.13 -4.78
C PHE A 23 -9.65 -5.61 -4.77
N LYS A 24 -10.86 -5.90 -5.24
CA LYS A 24 -11.36 -7.28 -5.28
C LYS A 24 -10.41 -8.17 -6.08
N ALA A 25 -9.92 -7.66 -7.20
CA ALA A 25 -9.01 -8.41 -8.06
C ALA A 25 -7.60 -8.42 -7.48
N ALA A 26 -7.32 -7.45 -6.63
CA ALA A 26 -6.01 -7.31 -6.00
C ALA A 26 -5.75 -8.44 -5.00
N PHE A 27 -6.78 -8.89 -4.34
CA PHE A 27 -6.64 -9.98 -3.37
C PHE A 27 -6.22 -11.26 -4.06
N ASP A 28 -6.59 -11.39 -5.34
CA ASP A 28 -6.26 -12.59 -6.11
C ASP A 28 -4.78 -12.67 -6.44
N MET A 29 -4.10 -11.51 -6.39
CA MET A 29 -2.67 -11.42 -6.70
C MET A 29 -1.86 -12.37 -5.84
N PHE A 30 -1.90 -12.15 -4.53
CA PHE A 30 -1.09 -12.92 -3.61
C PHE A 30 -1.90 -14.10 -3.03
N ASP A 31 -3.13 -14.25 -3.48
CA ASP A 31 -3.98 -15.36 -3.03
C ASP A 31 -3.43 -16.67 -3.53
N ALA A 32 -2.54 -17.23 -2.77
CA ALA A 32 -1.91 -18.48 -3.10
C ALA A 32 -2.84 -19.63 -2.78
N ASP A 33 -3.87 -19.34 -1.99
CA ASP A 33 -4.88 -20.30 -1.59
C ASP A 33 -4.28 -21.37 -0.68
N GLY A 34 -3.36 -20.95 0.16
CA GLY A 34 -2.75 -21.85 1.09
C GLY A 34 -3.65 -22.07 2.30
N GLY A 35 -4.76 -21.34 2.32
CA GLY A 35 -5.69 -21.43 3.42
C GLY A 35 -5.21 -20.60 4.56
N GLY A 36 -4.63 -19.47 4.22
CA GLY A 36 -4.04 -18.62 5.19
C GLY A 36 -3.87 -17.20 4.68
N ASP A 37 -3.38 -16.34 5.55
CA ASP A 37 -3.16 -14.95 5.19
C ASP A 37 -1.77 -14.77 4.60
N ILE A 38 -1.65 -13.83 3.68
CA ILE A 38 -0.42 -13.64 2.91
C ILE A 38 0.77 -13.31 3.81
N SER A 39 1.91 -13.81 3.42
CA SER A 39 3.14 -13.59 4.13
C SER A 39 4.10 -12.77 3.26
N VAL A 40 5.30 -12.50 3.78
CA VAL A 40 6.31 -11.74 3.05
C VAL A 40 6.70 -12.45 1.75
N LYS A 41 6.64 -13.78 1.76
CA LYS A 41 7.00 -14.58 0.60
C LYS A 41 5.98 -14.41 -0.52
N GLU A 42 4.74 -14.75 -0.22
CA GLU A 42 3.63 -14.64 -1.17
C GLU A 42 3.50 -13.20 -1.69
N LEU A 43 3.58 -12.23 -0.79
CA LEU A 43 3.51 -10.83 -1.16
C LEU A 43 4.67 -10.46 -2.07
N GLY A 44 5.86 -10.79 -1.62
CA GLY A 44 7.05 -10.46 -2.35
C GLY A 44 7.08 -11.10 -3.72
N THR A 45 6.37 -12.21 -3.87
CA THR A 45 6.31 -12.90 -5.14
C THR A 45 5.64 -12.03 -6.20
N VAL A 46 4.50 -11.46 -5.86
CA VAL A 46 3.75 -10.64 -6.80
C VAL A 46 4.55 -9.40 -7.22
N MET A 47 5.11 -8.67 -6.27
CA MET A 47 5.91 -7.49 -6.62
C MET A 47 7.16 -7.89 -7.41
N ARG A 48 7.72 -9.04 -7.08
CA ARG A 48 8.88 -9.58 -7.77
C ARG A 48 8.51 -9.93 -9.21
N MET A 49 7.23 -10.23 -9.40
CA MET A 49 6.68 -10.54 -10.71
C MET A 49 6.69 -9.30 -11.62
N LEU A 50 6.57 -8.11 -11.02
CA LEU A 50 6.59 -6.88 -11.81
C LEU A 50 8.01 -6.49 -12.19
N GLY A 51 8.97 -6.77 -11.30
CA GLY A 51 10.34 -6.45 -11.62
C GLY A 51 11.22 -6.27 -10.40
N GLN A 52 10.92 -5.26 -9.58
CA GLN A 52 11.76 -4.95 -8.42
C GLN A 52 11.67 -6.02 -7.35
N THR A 53 12.79 -6.30 -6.72
CA THR A 53 12.87 -7.26 -5.66
C THR A 53 14.08 -6.96 -4.75
N PRO A 54 13.88 -6.07 -3.76
CA PRO A 54 14.94 -5.63 -2.86
C PRO A 54 15.36 -6.70 -1.83
N THR A 55 14.58 -6.83 -0.77
CA THR A 55 14.90 -7.74 0.31
C THR A 55 13.67 -7.97 1.20
N LYS A 56 13.74 -9.00 2.04
CA LYS A 56 12.64 -9.32 2.96
C LYS A 56 12.46 -8.16 3.94
N GLU A 57 13.57 -7.49 4.25
CA GLU A 57 13.56 -6.35 5.17
C GLU A 57 12.56 -5.28 4.73
N GLU A 58 12.53 -5.02 3.43
CA GLU A 58 11.61 -4.05 2.84
C GLU A 58 10.17 -4.53 3.03
N LEU A 59 9.96 -5.81 2.78
CA LEU A 59 8.63 -6.42 2.87
C LEU A 59 8.14 -6.43 4.31
N ASP A 60 8.98 -6.87 5.20
CA ASP A 60 8.63 -6.97 6.63
C ASP A 60 8.33 -5.60 7.22
N ALA A 61 9.14 -4.62 6.87
CA ALA A 61 8.99 -3.26 7.41
C ALA A 61 7.71 -2.60 6.91
N ILE A 62 7.38 -2.81 5.65
CA ILE A 62 6.18 -2.20 5.08
C ILE A 62 4.92 -2.85 5.68
N ILE A 63 4.99 -4.16 5.92
CA ILE A 63 3.87 -4.86 6.51
C ILE A 63 3.78 -4.54 8.00
N GLU A 64 4.94 -4.35 8.61
CA GLU A 64 5.03 -4.08 10.04
C GLU A 64 4.19 -2.87 10.45
N GLU A 65 4.35 -1.77 9.75
CA GLU A 65 3.64 -0.53 10.09
C GLU A 65 2.14 -0.61 9.80
N VAL A 66 1.73 -1.65 9.10
CA VAL A 66 0.32 -1.82 8.76
C VAL A 66 -0.27 -3.07 9.43
N ASP A 67 0.61 -3.87 10.03
CA ASP A 67 0.22 -5.14 10.64
C ASP A 67 -0.41 -4.92 12.02
N GLU A 68 0.42 -4.54 12.99
CA GLU A 68 -0.01 -4.28 14.35
C GLU A 68 -0.67 -5.50 15.05
N ASP A 69 -0.42 -6.71 14.56
CA ASP A 69 -0.93 -7.88 15.27
C ASP A 69 0.21 -8.72 15.83
N GLY A 70 1.42 -8.42 15.40
CA GLY A 70 2.58 -9.11 15.92
C GLY A 70 3.17 -10.10 14.94
N SER A 71 3.17 -9.72 13.68
CA SER A 71 3.68 -10.55 12.64
C SER A 71 3.75 -9.70 11.41
N GLY A 72 3.77 -10.34 10.30
CA GLY A 72 3.43 -9.65 9.11
C GLY A 72 2.55 -10.55 8.33
N THR A 73 1.34 -10.11 8.15
CA THR A 73 0.34 -10.87 7.43
C THR A 73 -0.51 -9.91 6.68
N ILE A 74 -0.90 -10.26 5.49
CA ILE A 74 -1.88 -9.45 4.82
C ILE A 74 -3.23 -10.14 4.98
N ASP A 75 -4.29 -9.38 4.93
CA ASP A 75 -5.63 -9.91 5.15
C ASP A 75 -6.57 -9.12 4.26
N PHE A 76 -7.79 -8.93 4.67
CA PHE A 76 -8.71 -8.09 3.94
C PHE A 76 -8.53 -6.66 4.40
N GLU A 77 -8.45 -6.48 5.71
CA GLU A 77 -8.24 -5.17 6.31
C GLU A 77 -6.78 -4.74 6.16
N GLU A 78 -5.87 -5.64 6.54
CA GLU A 78 -4.43 -5.39 6.42
C GLU A 78 -4.08 -5.04 4.95
N PHE A 79 -4.85 -5.60 4.02
CA PHE A 79 -4.65 -5.38 2.59
C PHE A 79 -4.95 -3.94 2.20
N LEU A 80 -6.10 -3.43 2.64
CA LEU A 80 -6.53 -2.07 2.32
C LEU A 80 -5.49 -1.04 2.73
N VAL A 81 -4.91 -1.26 3.90
CA VAL A 81 -3.90 -0.36 4.43
C VAL A 81 -2.65 -0.35 3.54
N MET A 82 -2.34 -1.48 2.92
CA MET A 82 -1.19 -1.60 2.03
C MET A 82 -1.37 -0.70 0.83
N MET A 83 -2.55 -0.75 0.26
CA MET A 83 -2.89 0.04 -0.92
C MET A 83 -2.88 1.53 -0.62
N VAL A 84 -3.54 1.92 0.48
CA VAL A 84 -3.61 3.33 0.84
C VAL A 84 -2.23 3.90 1.11
N ARG A 85 -1.33 3.07 1.63
CA ARG A 85 0.01 3.52 1.99
C ARG A 85 0.82 4.07 0.81
N GLN A 86 0.92 3.32 -0.26
CA GLN A 86 1.75 3.76 -1.39
C GLN A 86 1.17 5.02 -2.05
N MET A 87 -0.13 5.04 -2.27
CA MET A 87 -0.79 6.21 -2.85
C MET A 87 -0.74 7.41 -1.91
N LYS A 88 -0.74 7.12 -0.61
CA LYS A 88 -0.68 8.13 0.44
C LYS A 88 0.61 8.94 0.34
N GLU A 89 1.73 8.25 0.29
CA GLU A 89 3.03 8.91 0.22
C GLU A 89 3.36 9.37 -1.20
N ASP A 90 2.60 8.89 -2.16
CA ASP A 90 2.79 9.27 -3.55
C ASP A 90 2.11 10.61 -3.82
N ALA A 91 1.01 10.85 -3.12
CA ALA A 91 0.26 12.09 -3.25
C ALA A 91 0.99 13.23 -2.54
N GLY A 92 1.73 12.87 -1.50
CA GLY A 92 2.46 13.86 -0.75
C GLY A 92 3.96 13.60 -0.79
N GLY A 93 4.52 13.65 -1.98
CA GLY A 93 5.94 13.41 -2.14
C GLY A 93 6.74 14.69 -2.13
N ALA A 94 8.04 14.57 -2.40
CA ALA A 94 8.93 15.72 -2.42
C ALA A 94 8.81 16.46 -3.74
N GLY A 95 8.80 17.78 -3.66
CA GLY A 95 8.68 18.60 -4.84
C GLY A 95 7.63 19.67 -4.67
N GLY A 96 7.05 20.12 -5.77
CA GLY A 96 6.02 21.13 -5.71
C GLY A 96 6.32 22.31 -6.60
N LYS A 97 7.60 22.51 -6.89
CA LYS A 97 8.03 23.60 -7.75
C LYS A 97 8.08 23.12 -9.20
N LEU A 98 7.79 24.01 -10.14
CA LEU A 98 7.80 23.65 -11.56
C LEU A 98 9.21 23.56 -12.13
N PHE A 99 10.19 23.86 -11.32
CA PHE A 99 11.58 23.80 -11.74
C PHE A 99 12.14 22.41 -11.47
N ASP A 100 11.89 21.50 -12.39
CA ASP A 100 12.33 20.12 -12.27
C ASP A 100 12.60 19.55 -13.66
N LEU A 101 13.46 18.54 -13.73
CA LEU A 101 13.82 17.94 -15.01
C LEU A 101 12.86 16.83 -15.38
N ARG A 102 11.74 17.22 -15.93
CA ARG A 102 10.70 16.29 -16.39
C ARG A 102 9.96 16.89 -17.59
N GLY A 103 9.54 18.14 -17.44
CA GLY A 103 8.84 18.80 -18.53
C GLY A 103 7.34 18.84 -18.31
N LYS A 104 6.85 17.90 -17.52
CA LYS A 104 5.43 17.83 -17.22
C LYS A 104 5.13 18.40 -15.85
N PHE A 105 3.86 18.53 -15.52
CA PHE A 105 3.45 19.06 -14.23
C PHE A 105 3.38 17.94 -13.20
N LYS A 106 3.35 16.72 -13.68
CA LYS A 106 3.35 15.56 -12.83
C LYS A 106 4.66 14.81 -13.00
N ARG A 107 5.37 14.63 -11.91
CA ARG A 107 6.64 13.92 -11.94
C ARG A 107 6.60 12.76 -10.95
N PRO A 108 7.39 11.71 -11.23
CA PRO A 108 7.43 10.53 -10.35
C PRO A 108 8.22 10.80 -9.06
N PRO A 109 8.15 9.89 -8.09
CA PRO A 109 8.87 10.05 -6.83
C PRO A 109 10.39 10.04 -7.03
N LEU A 110 11.12 10.53 -6.03
CA LEU A 110 12.58 10.61 -6.11
C LEU A 110 13.21 9.24 -5.80
N ARG A 111 12.37 8.24 -5.65
CA ARG A 111 12.83 6.89 -5.38
C ARG A 111 12.43 5.99 -6.56
N ARG A 112 13.39 5.72 -7.44
CA ARG A 112 13.13 4.94 -8.66
C ARG A 112 12.84 3.47 -8.39
N VAL A 113 13.10 3.04 -7.19
CA VAL A 113 12.85 1.64 -6.81
C VAL A 113 11.48 1.49 -6.20
N ARG A 114 10.79 2.58 -6.16
CA ARG A 114 9.46 2.62 -5.60
C ARG A 114 8.51 3.25 -6.59
N MET A 115 7.85 2.43 -7.35
CA MET A 115 6.90 2.90 -8.33
C MET A 115 5.62 3.32 -7.62
N SER A 116 4.93 4.26 -8.21
CA SER A 116 3.72 4.78 -7.64
C SER A 116 2.60 3.74 -7.69
N ALA A 117 1.58 3.92 -6.83
CA ALA A 117 0.46 3.00 -6.77
C ALA A 117 -0.26 2.89 -8.10
N ASP A 118 -0.26 3.97 -8.87
CA ASP A 118 -0.91 3.96 -10.18
C ASP A 118 -0.12 3.09 -11.16
N ALA A 119 1.20 3.16 -11.06
CA ALA A 119 2.09 2.41 -11.92
C ALA A 119 2.07 0.93 -11.57
N MET A 120 2.13 0.61 -10.28
CA MET A 120 2.15 -0.78 -9.86
C MET A 120 0.80 -1.47 -10.08
N LEU A 121 -0.29 -0.81 -9.71
CA LEU A 121 -1.62 -1.37 -9.90
C LEU A 121 -1.93 -1.58 -11.36
N LYS A 122 -1.35 -0.73 -12.19
CA LYS A 122 -1.51 -0.85 -13.64
C LYS A 122 -0.90 -2.18 -14.12
N ALA A 123 0.19 -2.58 -13.47
CA ALA A 123 0.87 -3.81 -13.83
C ALA A 123 0.19 -5.03 -13.18
N LEU A 124 -0.19 -4.90 -11.91
CA LEU A 124 -0.87 -5.99 -11.20
C LEU A 124 -2.22 -6.31 -11.84
N LEU A 125 -3.04 -5.29 -12.01
CA LEU A 125 -4.39 -5.47 -12.54
C LEU A 125 -4.41 -5.51 -14.07
N GLY A 126 -3.28 -5.18 -14.68
CA GLY A 126 -3.19 -5.21 -16.13
C GLY A 126 -4.18 -4.26 -16.79
N SER A 127 -5.20 -4.83 -17.39
CA SER A 127 -6.19 -4.04 -18.11
C SER A 127 -7.47 -3.88 -17.28
N LYS A 128 -7.50 -4.50 -16.10
CA LYS A 128 -8.65 -4.40 -15.21
C LYS A 128 -8.71 -3.02 -14.59
N HIS A 129 -7.54 -2.47 -14.29
CA HIS A 129 -7.42 -1.17 -13.64
C HIS A 129 -8.19 -0.09 -14.38
N LYS A 130 -9.23 0.41 -13.74
CA LYS A 130 -10.08 1.43 -14.32
C LYS A 130 -10.24 2.62 -13.39
N VAL A 131 -10.06 2.42 -12.10
CA VAL A 131 -10.24 3.50 -11.12
C VAL A 131 -8.96 4.29 -10.90
N CYS A 132 -9.13 5.53 -10.47
CA CYS A 132 -8.01 6.38 -10.14
C CYS A 132 -7.84 6.40 -8.63
N MET A 133 -6.64 6.05 -8.16
CA MET A 133 -6.38 6.00 -6.73
C MET A 133 -6.17 7.38 -6.14
N ASP A 134 -7.17 7.84 -5.43
CA ASP A 134 -7.14 9.12 -4.75
C ASP A 134 -7.80 9.00 -3.39
N LEU A 135 -7.12 9.45 -2.35
CA LEU A 135 -7.65 9.37 -1.00
C LEU A 135 -7.52 10.69 -0.27
N ARG A 136 -8.14 10.75 0.90
CA ARG A 136 -8.06 11.92 1.77
C ARG A 136 -6.94 11.71 2.78
N ALA A 137 -6.01 12.63 2.83
CA ALA A 137 -4.87 12.48 3.71
C ALA A 137 -4.56 13.75 4.49
N ASN A 138 -3.63 13.63 5.41
CA ASN A 138 -3.21 14.73 6.25
C ASN A 138 -1.69 14.71 6.34
N LEU A 139 -1.07 15.74 5.79
CA LEU A 139 0.40 15.80 5.71
C LEU A 139 1.00 16.49 6.94
N LYS A 140 0.16 17.16 7.71
CA LYS A 140 0.65 17.85 8.89
C LYS A 140 0.47 17.03 10.14
N GLN A 141 1.54 16.50 10.62
CA GLN A 141 1.53 15.66 11.80
C GLN A 141 2.80 15.88 12.62
N VAL A 142 2.75 15.58 13.89
CA VAL A 142 3.89 15.75 14.77
C VAL A 142 4.16 14.44 15.52
N LYS A 143 5.18 14.44 16.37
CA LYS A 143 5.56 13.26 17.16
C LYS A 143 4.36 12.76 17.97
N LYS A 144 4.02 11.50 17.77
CA LYS A 144 2.91 10.90 18.49
C LYS A 144 3.35 9.63 19.19
N GLU A 145 2.72 9.34 20.32
CA GLU A 145 3.05 8.17 21.10
C GLU A 145 2.13 7.00 20.77
N ASP A 146 1.62 6.99 19.55
CA ASP A 146 0.70 5.96 19.10
C ASP A 146 1.43 4.66 18.73
N HIS A 147 2.71 4.60 19.06
CA HIS A 147 3.50 3.39 18.82
C HIS A 147 3.01 2.27 19.72
N HIS A 148 2.57 1.19 19.13
CA HIS A 148 2.03 0.08 19.88
C HIS A 148 2.66 -1.23 19.45
N HIS A 149 2.92 -2.08 20.41
CA HIS A 149 3.46 -3.41 20.17
C HIS A 149 2.84 -4.37 21.15
N HIS A 150 2.85 -5.65 20.81
CA HIS A 150 2.27 -6.67 21.68
C HIS A 150 2.71 -8.06 21.24
N HIS A 151 3.20 -8.83 22.19
CA HIS A 151 3.66 -10.18 21.93
C HIS A 151 3.31 -11.09 23.09
N HIS A 152 2.50 -12.09 22.82
CA HIS A 152 2.11 -13.04 23.84
C HIS A 152 2.94 -14.30 23.71
N MET A 1 -12.68 -12.47 16.30
CA MET A 1 -12.08 -12.29 14.96
C MET A 1 -12.49 -10.96 14.34
N ALA A 2 -13.43 -10.26 14.97
CA ALA A 2 -13.90 -8.99 14.46
C ALA A 2 -12.93 -7.87 14.82
N SER A 3 -12.15 -7.47 13.85
CA SER A 3 -11.19 -6.42 14.05
C SER A 3 -11.72 -5.10 13.51
N MET A 4 -11.42 -4.02 14.23
CA MET A 4 -11.86 -2.66 13.87
C MET A 4 -10.88 -1.65 14.44
N THR A 5 -9.65 -2.07 14.67
CA THR A 5 -8.67 -1.24 15.34
C THR A 5 -7.66 -0.58 14.38
N ASP A 6 -6.86 -1.40 13.73
CA ASP A 6 -5.72 -0.93 12.93
C ASP A 6 -6.09 -0.21 11.63
N GLN A 7 -6.56 1.04 11.79
CA GLN A 7 -6.85 1.97 10.68
C GLN A 7 -7.78 1.38 9.59
N GLN A 8 -8.45 0.28 9.91
CA GLN A 8 -9.35 -0.38 8.98
C GLN A 8 -10.44 0.58 8.49
N ALA A 9 -11.08 1.27 9.43
CA ALA A 9 -12.15 2.20 9.11
C ALA A 9 -11.65 3.37 8.27
N GLU A 10 -10.43 3.81 8.53
CA GLU A 10 -9.88 4.95 7.81
C GLU A 10 -9.49 4.55 6.40
N ALA A 11 -8.91 3.37 6.25
CA ALA A 11 -8.51 2.87 4.95
C ALA A 11 -9.71 2.78 4.02
N ARG A 12 -10.79 2.20 4.54
CA ARG A 12 -12.02 2.08 3.77
C ARG A 12 -12.66 3.45 3.54
N SER A 13 -12.34 4.40 4.40
CA SER A 13 -12.89 5.76 4.27
C SER A 13 -12.19 6.52 3.14
N TYR A 14 -11.09 5.99 2.65
CA TYR A 14 -10.37 6.63 1.55
C TYR A 14 -10.86 6.09 0.22
N LEU A 15 -11.53 4.95 0.27
CA LEU A 15 -11.91 4.26 -0.94
C LEU A 15 -13.42 4.17 -1.09
N SER A 16 -13.88 4.31 -2.32
CA SER A 16 -15.28 4.14 -2.62
C SER A 16 -15.55 2.66 -2.84
N GLU A 17 -16.79 2.22 -2.61
CA GLU A 17 -17.13 0.80 -2.76
C GLU A 17 -16.86 0.28 -4.16
N GLU A 18 -16.91 1.17 -5.16
CA GLU A 18 -16.61 0.80 -6.54
C GLU A 18 -15.15 0.35 -6.64
N MET A 19 -14.29 1.15 -6.02
CA MET A 19 -12.86 0.88 -6.02
C MET A 19 -12.54 -0.32 -5.13
N ILE A 20 -13.25 -0.42 -4.02
CA ILE A 20 -13.09 -1.54 -3.09
C ILE A 20 -13.47 -2.86 -3.79
N ALA A 21 -14.48 -2.81 -4.65
CA ALA A 21 -14.91 -3.97 -5.39
C ALA A 21 -13.80 -4.48 -6.30
N GLU A 22 -13.00 -3.55 -6.80
CA GLU A 22 -11.88 -3.90 -7.67
C GLU A 22 -10.76 -4.50 -6.82
N PHE A 23 -10.54 -3.92 -5.63
CA PHE A 23 -9.53 -4.39 -4.70
C PHE A 23 -9.79 -5.85 -4.25
N LYS A 24 -11.05 -6.27 -4.31
CA LYS A 24 -11.42 -7.64 -3.95
C LYS A 24 -10.60 -8.67 -4.73
N ALA A 25 -10.24 -8.31 -5.96
CA ALA A 25 -9.47 -9.19 -6.84
C ALA A 25 -8.04 -9.39 -6.34
N ALA A 26 -7.63 -8.59 -5.35
CA ALA A 26 -6.29 -8.66 -4.76
C ALA A 26 -5.90 -10.08 -4.34
N PHE A 27 -6.89 -10.86 -3.92
CA PHE A 27 -6.64 -12.24 -3.49
C PHE A 27 -5.99 -13.05 -4.64
N ASP A 28 -6.25 -12.63 -5.87
CA ASP A 28 -5.75 -13.33 -7.06
C ASP A 28 -4.26 -13.03 -7.32
N MET A 29 -3.78 -11.88 -6.79
CA MET A 29 -2.39 -11.45 -6.97
C MET A 29 -1.39 -12.58 -6.70
N PHE A 30 -1.42 -13.12 -5.49
CA PHE A 30 -0.56 -14.24 -5.16
C PHE A 30 -1.35 -15.53 -5.21
N ASP A 31 -2.56 -15.47 -4.65
CA ASP A 31 -3.47 -16.61 -4.57
C ASP A 31 -2.97 -17.67 -3.59
N ALA A 32 -3.36 -17.49 -2.34
CA ALA A 32 -3.07 -18.46 -1.29
C ALA A 32 -4.10 -19.58 -1.30
N ASP A 33 -5.03 -19.49 -2.27
CA ASP A 33 -6.07 -20.47 -2.50
C ASP A 33 -7.24 -20.37 -1.52
N GLY A 34 -6.94 -20.24 -0.25
CA GLY A 34 -7.98 -20.22 0.78
C GLY A 34 -8.59 -18.85 0.95
N GLY A 35 -7.97 -17.89 0.32
CA GLY A 35 -8.40 -16.54 0.37
C GLY A 35 -7.21 -15.67 0.26
N GLY A 36 -6.69 -15.25 1.37
CA GLY A 36 -5.47 -14.53 1.34
C GLY A 36 -5.03 -13.98 2.67
N ASP A 37 -3.80 -14.29 3.01
CA ASP A 37 -3.09 -13.70 4.11
C ASP A 37 -1.65 -13.62 3.70
N ILE A 38 -1.23 -12.45 3.40
CA ILE A 38 0.08 -12.25 2.84
C ILE A 38 1.11 -12.11 3.93
N SER A 39 2.29 -12.59 3.66
CA SER A 39 3.41 -12.44 4.52
C SER A 39 4.58 -12.00 3.65
N VAL A 40 5.79 -12.07 4.16
CA VAL A 40 6.95 -11.65 3.39
C VAL A 40 7.20 -12.57 2.18
N LYS A 41 6.57 -13.74 2.20
CA LYS A 41 6.71 -14.70 1.13
C LYS A 41 5.77 -14.39 -0.04
N GLU A 42 4.47 -14.38 0.26
CA GLU A 42 3.44 -14.10 -0.72
C GLU A 42 3.60 -12.69 -1.28
N LEU A 43 3.94 -11.75 -0.39
CA LEU A 43 4.12 -10.35 -0.79
C LEU A 43 5.37 -10.21 -1.63
N GLY A 44 6.46 -10.81 -1.15
CA GLY A 44 7.73 -10.74 -1.84
C GLY A 44 7.66 -11.29 -3.25
N THR A 45 6.78 -12.26 -3.46
CA THR A 45 6.61 -12.86 -4.76
C THR A 45 5.90 -11.91 -5.71
N VAL A 46 4.72 -11.45 -5.30
CA VAL A 46 3.92 -10.54 -6.11
C VAL A 46 4.69 -9.27 -6.43
N MET A 47 5.40 -8.72 -5.45
CA MET A 47 6.12 -7.46 -5.65
C MET A 47 7.29 -7.63 -6.64
N ARG A 48 8.01 -8.76 -6.58
CA ARG A 48 9.12 -8.97 -7.51
C ARG A 48 8.60 -9.34 -8.89
N MET A 49 7.34 -9.72 -8.94
CA MET A 49 6.71 -10.07 -10.19
C MET A 49 6.59 -8.83 -11.09
N LEU A 50 6.50 -7.64 -10.47
CA LEU A 50 6.42 -6.42 -11.24
C LEU A 50 7.80 -5.97 -11.70
N GLY A 51 8.83 -6.34 -10.93
CA GLY A 51 10.18 -5.99 -11.31
C GLY A 51 11.07 -5.65 -10.13
N GLN A 52 10.50 -4.97 -9.13
CA GLN A 52 11.25 -4.55 -7.96
C GLN A 52 11.69 -5.75 -7.12
N THR A 53 12.81 -5.60 -6.42
CA THR A 53 13.32 -6.66 -5.56
C THR A 53 14.50 -6.16 -4.71
N PRO A 54 14.21 -5.76 -3.46
CA PRO A 54 15.22 -5.30 -2.53
C PRO A 54 15.77 -6.43 -1.65
N THR A 55 15.05 -6.78 -0.59
CA THR A 55 15.48 -7.82 0.33
C THR A 55 14.33 -8.18 1.28
N LYS A 56 14.46 -9.33 1.94
CA LYS A 56 13.47 -9.82 2.90
C LYS A 56 13.30 -8.83 4.05
N GLU A 57 14.41 -8.22 4.44
CA GLU A 57 14.41 -7.27 5.54
C GLU A 57 13.56 -6.05 5.23
N GLU A 58 13.56 -5.65 3.96
CA GLU A 58 12.79 -4.52 3.50
C GLU A 58 11.30 -4.86 3.59
N LEU A 59 10.99 -6.12 3.28
CA LEU A 59 9.62 -6.61 3.34
C LEU A 59 9.16 -6.66 4.78
N ASP A 60 10.01 -7.19 5.64
CA ASP A 60 9.74 -7.31 7.06
C ASP A 60 9.48 -5.95 7.70
N ALA A 61 10.37 -5.00 7.42
CA ALA A 61 10.30 -3.65 8.00
C ALA A 61 9.05 -2.89 7.57
N ILE A 62 8.73 -2.94 6.28
CA ILE A 62 7.56 -2.22 5.76
C ILE A 62 6.26 -2.80 6.34
N ILE A 63 6.24 -4.12 6.54
CA ILE A 63 5.06 -4.77 7.09
C ILE A 63 5.01 -4.59 8.61
N GLU A 64 6.18 -4.52 9.21
CA GLU A 64 6.32 -4.37 10.64
C GLU A 64 5.78 -3.03 11.14
N GLU A 65 6.06 -1.97 10.42
CA GLU A 65 5.62 -0.63 10.83
C GLU A 65 4.10 -0.45 10.66
N VAL A 66 3.44 -1.41 10.02
CA VAL A 66 1.99 -1.32 9.81
C VAL A 66 1.24 -2.40 10.58
N ASP A 67 1.92 -3.50 10.87
CA ASP A 67 1.28 -4.62 11.56
C ASP A 67 1.51 -4.52 13.06
N GLU A 68 0.42 -4.50 13.82
CA GLU A 68 0.53 -4.46 15.27
C GLU A 68 -0.19 -5.64 15.93
N ASP A 69 -0.47 -6.69 15.16
CA ASP A 69 -1.15 -7.87 15.73
C ASP A 69 -0.15 -8.97 16.09
N GLY A 70 1.13 -8.61 16.10
CA GLY A 70 2.17 -9.54 16.49
C GLY A 70 2.52 -10.51 15.38
N SER A 71 2.64 -9.99 14.18
CA SER A 71 2.93 -10.77 13.03
C SER A 71 3.26 -9.82 11.94
N GLY A 72 3.40 -10.35 10.78
CA GLY A 72 3.26 -9.54 9.64
C GLY A 72 2.30 -10.25 8.77
N THR A 73 1.18 -9.64 8.56
CA THR A 73 0.14 -10.24 7.80
C THR A 73 -0.62 -9.23 6.99
N ILE A 74 -0.85 -9.54 5.77
CA ILE A 74 -1.75 -8.77 4.97
C ILE A 74 -2.98 -9.65 4.75
N ASP A 75 -4.14 -9.09 4.53
CA ASP A 75 -5.34 -9.92 4.31
C ASP A 75 -6.41 -9.23 3.50
N PHE A 76 -7.29 -8.54 4.18
CA PHE A 76 -8.33 -7.78 3.56
C PHE A 76 -8.41 -6.43 4.24
N GLU A 77 -8.38 -6.45 5.56
CA GLU A 77 -8.37 -5.23 6.32
C GLU A 77 -6.96 -4.68 6.42
N GLU A 78 -6.00 -5.59 6.65
CA GLU A 78 -4.60 -5.19 6.67
C GLU A 78 -4.16 -4.86 5.24
N PHE A 79 -4.81 -5.52 4.29
CA PHE A 79 -4.55 -5.32 2.86
C PHE A 79 -4.95 -3.90 2.44
N LEU A 80 -6.12 -3.44 2.93
CA LEU A 80 -6.62 -2.10 2.61
C LEU A 80 -5.60 -1.03 2.96
N VAL A 81 -5.10 -1.07 4.19
CA VAL A 81 -4.14 -0.08 4.67
C VAL A 81 -2.89 -0.05 3.78
N MET A 82 -2.51 -1.21 3.24
CA MET A 82 -1.35 -1.30 2.34
C MET A 82 -1.58 -0.49 1.06
N MET A 83 -2.69 -0.76 0.40
CA MET A 83 -3.03 -0.12 -0.87
C MET A 83 -3.23 1.38 -0.71
N VAL A 84 -3.91 1.78 0.35
CA VAL A 84 -4.17 3.20 0.58
C VAL A 84 -2.88 3.96 0.88
N ARG A 85 -1.90 3.27 1.47
CA ARG A 85 -0.63 3.90 1.80
C ARG A 85 0.04 4.50 0.59
N GLN A 86 0.22 3.70 -0.46
CA GLN A 86 0.90 4.18 -1.64
C GLN A 86 0.15 5.34 -2.28
N MET A 87 -1.15 5.19 -2.47
CA MET A 87 -1.95 6.23 -3.09
C MET A 87 -2.00 7.51 -2.25
N LYS A 88 -1.95 7.39 -0.91
CA LYS A 88 -2.01 8.56 -0.06
C LYS A 88 -0.67 9.33 -0.04
N GLU A 89 0.45 8.61 -0.05
CA GLU A 89 1.76 9.27 -0.02
C GLU A 89 2.26 9.59 -1.42
N ASP A 90 1.64 8.99 -2.43
CA ASP A 90 1.96 9.29 -3.82
C ASP A 90 1.37 10.65 -4.19
N ALA A 91 0.17 10.90 -3.68
CA ALA A 91 -0.49 12.17 -3.92
C ALA A 91 0.13 13.24 -3.04
N GLY A 92 0.49 12.86 -1.83
CA GLY A 92 1.11 13.79 -0.91
C GLY A 92 2.63 13.72 -0.95
N GLY A 93 3.17 13.48 -2.13
CA GLY A 93 4.60 13.39 -2.28
C GLY A 93 5.03 13.28 -3.73
N ALA A 94 4.97 12.06 -4.26
CA ALA A 94 5.37 11.77 -5.65
C ALA A 94 6.81 12.15 -5.93
N GLY A 95 7.73 11.26 -5.61
CA GLY A 95 9.14 11.51 -5.83
C GLY A 95 9.95 10.24 -5.85
N GLY A 96 10.28 9.77 -7.04
CA GLY A 96 11.05 8.55 -7.18
C GLY A 96 12.52 8.85 -7.40
N LYS A 97 13.31 8.66 -6.37
CA LYS A 97 14.74 8.89 -6.44
C LYS A 97 15.47 7.79 -5.69
N LEU A 98 16.66 7.45 -6.15
CA LEU A 98 17.43 6.40 -5.51
C LEU A 98 18.93 6.62 -5.65
N PHE A 99 19.66 5.99 -4.76
CA PHE A 99 21.12 6.02 -4.76
C PHE A 99 21.65 4.62 -5.05
N ASP A 100 20.76 3.65 -4.88
CA ASP A 100 21.09 2.24 -5.09
C ASP A 100 21.52 1.97 -6.52
N LEU A 101 22.66 1.29 -6.66
CA LEU A 101 23.23 0.93 -7.95
C LEU A 101 23.52 2.15 -8.83
N ARG A 102 23.65 3.31 -8.20
CA ARG A 102 23.97 4.52 -8.92
C ARG A 102 25.48 4.61 -9.11
N GLY A 103 25.98 3.90 -10.10
CA GLY A 103 27.40 3.90 -10.36
C GLY A 103 27.72 4.39 -11.74
N LYS A 104 27.63 5.68 -11.93
CA LYS A 104 27.92 6.32 -13.20
C LYS A 104 27.97 7.83 -13.02
N PHE A 105 28.43 8.54 -14.04
CA PHE A 105 28.52 10.01 -13.98
C PHE A 105 27.15 10.63 -13.76
N LYS A 106 26.16 10.14 -14.49
CA LYS A 106 24.80 10.66 -14.39
C LYS A 106 23.96 9.77 -13.47
N ARG A 107 22.67 10.02 -13.42
CA ARG A 107 21.76 9.23 -12.58
C ARG A 107 20.87 8.36 -13.47
N PRO A 108 20.43 7.19 -12.96
CA PRO A 108 19.52 6.32 -13.68
C PRO A 108 18.09 6.88 -13.67
N PRO A 109 17.17 6.28 -14.48
CA PRO A 109 15.78 6.72 -14.54
C PRO A 109 14.98 6.34 -13.29
N LEU A 110 13.64 6.43 -13.38
CA LEU A 110 12.76 6.13 -12.26
C LEU A 110 12.90 4.68 -11.81
N ARG A 111 13.28 3.80 -12.74
CA ARG A 111 13.53 2.38 -12.46
C ARG A 111 12.23 1.61 -12.14
N ARG A 112 11.10 2.33 -12.17
CA ARG A 112 9.78 1.76 -11.86
C ARG A 112 9.69 1.28 -10.42
N VAL A 113 10.45 1.90 -9.55
CA VAL A 113 10.43 1.53 -8.14
C VAL A 113 9.51 2.46 -7.34
N ARG A 114 8.60 1.86 -6.57
CA ARG A 114 7.66 2.59 -5.73
C ARG A 114 6.82 3.61 -6.53
N MET A 115 6.44 3.24 -7.75
CA MET A 115 5.64 4.13 -8.58
C MET A 115 4.20 4.22 -8.10
N SER A 116 3.46 5.18 -8.63
CA SER A 116 2.08 5.47 -8.23
C SER A 116 1.19 4.21 -8.20
N ALA A 117 0.22 4.22 -7.27
CA ALA A 117 -0.69 3.08 -7.10
C ALA A 117 -1.40 2.71 -8.41
N ASP A 118 -1.78 3.71 -9.19
CA ASP A 118 -2.40 3.47 -10.51
C ASP A 118 -1.55 2.56 -11.37
N ALA A 119 -0.26 2.88 -11.44
CA ALA A 119 0.67 2.13 -12.27
C ALA A 119 0.86 0.70 -11.76
N MET A 120 1.04 0.55 -10.45
CA MET A 120 1.22 -0.77 -9.87
C MET A 120 -0.05 -1.62 -9.98
N LEU A 121 -1.20 -1.03 -9.65
CA LEU A 121 -2.48 -1.76 -9.76
C LEU A 121 -2.72 -2.16 -11.20
N LYS A 122 -2.22 -1.34 -12.11
CA LYS A 122 -2.34 -1.62 -13.53
C LYS A 122 -1.59 -2.91 -13.89
N ALA A 123 -0.49 -3.15 -13.17
CA ALA A 123 0.30 -4.35 -13.38
C ALA A 123 -0.28 -5.55 -12.61
N LEU A 124 -0.60 -5.33 -11.33
CA LEU A 124 -1.15 -6.38 -10.47
C LEU A 124 -2.51 -6.89 -10.96
N LEU A 125 -3.38 -5.97 -11.33
CA LEU A 125 -4.74 -6.32 -11.79
C LEU A 125 -4.82 -6.46 -13.30
N GLY A 126 -3.96 -5.77 -14.02
CA GLY A 126 -3.99 -5.82 -15.46
C GLY A 126 -5.25 -5.19 -16.02
N SER A 127 -6.05 -6.00 -16.71
CA SER A 127 -7.29 -5.53 -17.33
C SER A 127 -8.39 -5.33 -16.29
N LYS A 128 -8.22 -5.94 -15.12
CA LYS A 128 -9.21 -5.84 -14.05
C LYS A 128 -9.26 -4.44 -13.47
N HIS A 129 -8.15 -3.72 -13.59
CA HIS A 129 -8.08 -2.36 -13.09
C HIS A 129 -8.80 -1.41 -14.03
N LYS A 130 -9.79 -0.70 -13.51
CA LYS A 130 -10.58 0.21 -14.32
C LYS A 130 -11.02 1.45 -13.54
N VAL A 131 -10.88 1.41 -12.22
CA VAL A 131 -11.28 2.57 -11.40
C VAL A 131 -10.15 3.61 -11.32
N CYS A 132 -10.52 4.83 -10.97
CA CYS A 132 -9.56 5.91 -10.85
C CYS A 132 -9.11 6.07 -9.41
N MET A 133 -7.81 6.26 -9.21
CA MET A 133 -7.25 6.41 -7.88
C MET A 133 -7.29 7.86 -7.43
N ASP A 134 -8.20 8.17 -6.55
CA ASP A 134 -8.29 9.51 -5.99
C ASP A 134 -8.99 9.47 -4.65
N LEU A 135 -8.30 9.91 -3.63
CA LEU A 135 -8.85 9.97 -2.31
C LEU A 135 -8.79 11.40 -1.82
N ARG A 136 -9.67 11.75 -0.91
CA ARG A 136 -9.72 13.10 -0.38
C ARG A 136 -10.61 13.16 0.87
N ALA A 137 -9.96 13.31 2.01
CA ALA A 137 -10.65 13.39 3.29
C ALA A 137 -9.69 13.89 4.35
N ASN A 138 -10.22 14.59 5.35
CA ASN A 138 -9.41 15.14 6.42
C ASN A 138 -10.29 15.67 7.53
N LEU A 139 -9.96 15.32 8.76
CA LEU A 139 -10.71 15.78 9.93
C LEU A 139 -9.80 16.55 10.87
N LYS A 140 -8.91 15.83 11.56
CA LYS A 140 -7.97 16.46 12.47
C LYS A 140 -6.69 15.65 12.63
N GLN A 141 -6.80 14.35 12.40
CA GLN A 141 -5.67 13.39 12.40
C GLN A 141 -4.84 13.43 13.69
N VAL A 142 -5.41 13.98 14.75
CA VAL A 142 -4.74 14.06 16.02
C VAL A 142 -5.38 13.07 17.00
N LYS A 143 -4.67 12.77 18.09
CA LYS A 143 -5.17 11.86 19.10
C LYS A 143 -6.46 12.39 19.73
N LYS A 144 -7.38 11.50 20.04
CA LYS A 144 -8.63 11.86 20.64
C LYS A 144 -9.01 10.83 21.69
N GLU A 145 -9.60 11.28 22.77
CA GLU A 145 -9.99 10.38 23.85
C GLU A 145 -11.34 9.73 23.53
N ASP A 146 -11.51 9.31 22.29
CA ASP A 146 -12.74 8.70 21.85
C ASP A 146 -12.66 7.19 21.99
N HIS A 147 -13.66 6.61 22.62
CA HIS A 147 -13.69 5.17 22.83
C HIS A 147 -15.12 4.67 22.91
N HIS A 148 -15.43 3.65 22.13
CA HIS A 148 -16.75 3.07 22.11
C HIS A 148 -16.71 1.72 21.37
N HIS A 149 -16.34 0.67 22.08
CA HIS A 149 -16.27 -0.64 21.47
C HIS A 149 -17.64 -1.30 21.46
N HIS A 150 -18.45 -0.89 20.50
CA HIS A 150 -19.80 -1.42 20.33
C HIS A 150 -20.38 -0.95 19.01
N HIS A 151 -21.01 -1.86 18.31
CA HIS A 151 -21.67 -1.54 17.06
C HIS A 151 -23.01 -2.25 17.02
N HIS A 152 -23.71 -2.12 15.92
CA HIS A 152 -24.97 -2.80 15.75
C HIS A 152 -24.97 -3.56 14.44
N MET A 1 -16.70 -5.82 20.24
CA MET A 1 -15.46 -5.35 19.60
C MET A 1 -15.13 -3.92 20.03
N ALA A 2 -16.03 -2.99 19.70
CA ALA A 2 -15.88 -1.57 20.03
C ALA A 2 -14.68 -0.96 19.32
N SER A 3 -14.26 -1.60 18.26
CA SER A 3 -13.12 -1.15 17.50
C SER A 3 -13.51 -0.09 16.47
N MET A 4 -13.49 1.16 16.90
CA MET A 4 -13.79 2.28 16.02
C MET A 4 -12.64 3.28 16.07
N THR A 5 -11.58 2.90 16.74
CA THR A 5 -10.43 3.76 16.94
C THR A 5 -9.17 3.14 16.34
N ASP A 6 -9.35 2.13 15.50
CA ASP A 6 -8.22 1.47 14.87
C ASP A 6 -7.91 2.07 13.50
N GLN A 7 -6.68 1.91 13.06
CA GLN A 7 -6.23 2.49 11.79
C GLN A 7 -6.73 1.68 10.58
N GLN A 8 -6.97 0.39 10.76
CA GLN A 8 -7.39 -0.46 9.65
C GLN A 8 -8.75 -0.04 9.10
N ALA A 9 -9.69 0.24 10.00
CA ALA A 9 -11.02 0.70 9.59
C ALA A 9 -10.94 2.06 8.94
N GLU A 10 -9.95 2.85 9.35
CA GLU A 10 -9.77 4.18 8.80
C GLU A 10 -9.24 4.10 7.40
N ALA A 11 -8.38 3.12 7.15
CA ALA A 11 -7.84 2.89 5.82
C ALA A 11 -8.96 2.56 4.88
N ARG A 12 -9.80 1.64 5.30
CA ARG A 12 -10.95 1.17 4.52
C ARG A 12 -11.91 2.33 4.23
N SER A 13 -11.86 3.37 5.04
CA SER A 13 -12.75 4.52 4.87
C SER A 13 -12.18 5.55 3.88
N TYR A 14 -11.02 5.28 3.29
CA TYR A 14 -10.43 6.21 2.32
C TYR A 14 -10.89 5.87 0.92
N LEU A 15 -11.15 4.59 0.71
CA LEU A 15 -11.47 4.08 -0.61
C LEU A 15 -12.97 4.00 -0.82
N SER A 16 -13.40 4.35 -2.01
CA SER A 16 -14.79 4.28 -2.36
C SER A 16 -15.13 2.86 -2.84
N GLU A 17 -16.43 2.55 -2.83
CA GLU A 17 -16.93 1.20 -3.17
C GLU A 17 -16.38 0.64 -4.48
N GLU A 18 -16.45 1.43 -5.54
CA GLU A 18 -16.01 0.95 -6.86
C GLU A 18 -14.52 0.69 -6.90
N MET A 19 -13.77 1.51 -6.19
CA MET A 19 -12.33 1.34 -6.14
C MET A 19 -11.97 0.08 -5.35
N ILE A 20 -12.69 -0.16 -4.26
CA ILE A 20 -12.50 -1.36 -3.45
C ILE A 20 -12.91 -2.61 -4.23
N ALA A 21 -13.97 -2.47 -5.03
CA ALA A 21 -14.49 -3.57 -5.84
C ALA A 21 -13.46 -4.03 -6.87
N GLU A 22 -12.63 -3.10 -7.29
CA GLU A 22 -11.60 -3.41 -8.28
C GLU A 22 -10.41 -4.09 -7.60
N PHE A 23 -10.19 -3.77 -6.33
CA PHE A 23 -9.10 -4.36 -5.56
C PHE A 23 -9.35 -5.84 -5.30
N LYS A 24 -10.59 -6.28 -5.45
CA LYS A 24 -10.95 -7.68 -5.30
C LYS A 24 -10.10 -8.57 -6.21
N ALA A 25 -9.73 -8.02 -7.37
CA ALA A 25 -8.92 -8.76 -8.34
C ALA A 25 -7.49 -9.00 -7.82
N ALA A 26 -7.09 -8.23 -6.81
CA ALA A 26 -5.77 -8.36 -6.19
C ALA A 26 -5.61 -9.73 -5.54
N PHE A 27 -6.71 -10.27 -5.04
CA PHE A 27 -6.71 -11.59 -4.40
C PHE A 27 -6.11 -12.66 -5.34
N ASP A 28 -6.26 -12.43 -6.64
CA ASP A 28 -5.79 -13.36 -7.66
C ASP A 28 -4.26 -13.28 -7.86
N MET A 29 -3.67 -12.15 -7.45
CA MET A 29 -2.22 -11.92 -7.62
C MET A 29 -1.41 -13.04 -6.96
N PHE A 30 -1.66 -13.25 -5.68
CA PHE A 30 -0.93 -14.26 -4.93
C PHE A 30 -1.57 -15.63 -5.06
N ASP A 31 -2.92 -15.70 -4.89
CA ASP A 31 -3.70 -16.97 -4.93
C ASP A 31 -2.98 -18.13 -4.22
N ALA A 32 -2.34 -17.79 -3.10
CA ALA A 32 -1.53 -18.74 -2.35
C ALA A 32 -2.32 -19.92 -1.78
N ASP A 33 -3.61 -19.69 -1.52
CA ASP A 33 -4.43 -20.74 -0.92
C ASP A 33 -5.90 -20.47 -1.17
N GLY A 34 -6.35 -19.32 -0.75
CA GLY A 34 -7.75 -18.96 -0.90
C GLY A 34 -8.36 -18.61 0.44
N GLY A 35 -7.95 -19.33 1.46
CA GLY A 35 -8.44 -19.09 2.79
C GLY A 35 -7.32 -19.04 3.79
N GLY A 36 -6.42 -18.08 3.62
CA GLY A 36 -5.30 -17.95 4.50
C GLY A 36 -4.71 -16.57 4.47
N ASP A 37 -3.79 -16.32 5.39
CA ASP A 37 -3.13 -15.02 5.51
C ASP A 37 -1.82 -15.00 4.72
N ILE A 38 -1.49 -13.85 4.17
CA ILE A 38 -0.28 -13.71 3.34
C ILE A 38 0.92 -13.32 4.19
N SER A 39 2.10 -13.78 3.77
CA SER A 39 3.34 -13.46 4.43
C SER A 39 4.28 -12.73 3.44
N VAL A 40 5.48 -12.37 3.92
CA VAL A 40 6.46 -11.62 3.10
C VAL A 40 6.82 -12.38 1.82
N LYS A 41 6.84 -13.71 1.90
CA LYS A 41 7.18 -14.55 0.76
C LYS A 41 6.15 -14.36 -0.37
N GLU A 42 4.91 -14.61 -0.04
CA GLU A 42 3.83 -14.52 -0.99
C GLU A 42 3.63 -13.11 -1.53
N LEU A 43 3.79 -12.11 -0.66
CA LEU A 43 3.64 -10.73 -1.08
C LEU A 43 4.84 -10.31 -1.94
N GLY A 44 6.03 -10.70 -1.49
CA GLY A 44 7.25 -10.40 -2.21
C GLY A 44 7.24 -10.98 -3.61
N THR A 45 6.49 -12.05 -3.80
CA THR A 45 6.40 -12.71 -5.08
C THR A 45 5.68 -11.83 -6.11
N VAL A 46 4.48 -11.35 -5.75
CA VAL A 46 3.71 -10.53 -6.67
C VAL A 46 4.38 -9.19 -6.96
N MET A 47 4.94 -8.57 -5.95
CA MET A 47 5.59 -7.27 -6.13
C MET A 47 6.83 -7.37 -7.06
N ARG A 48 7.59 -8.46 -6.93
CA ARG A 48 8.75 -8.62 -7.80
C ARG A 48 8.31 -9.03 -9.18
N MET A 49 7.07 -9.52 -9.28
CA MET A 49 6.48 -9.91 -10.53
C MET A 49 6.32 -8.70 -11.46
N LEU A 50 6.24 -7.49 -10.89
CA LEU A 50 6.12 -6.30 -11.71
C LEU A 50 7.50 -5.87 -12.23
N GLY A 51 8.50 -5.91 -11.36
CA GLY A 51 9.83 -5.51 -11.78
C GLY A 51 10.84 -5.48 -10.65
N GLN A 52 10.69 -4.54 -9.72
CA GLN A 52 11.66 -4.39 -8.63
C GLN A 52 11.63 -5.56 -7.67
N THR A 53 12.73 -5.76 -6.99
CA THR A 53 12.86 -6.83 -6.04
C THR A 53 13.84 -6.46 -4.92
N PRO A 54 13.32 -5.84 -3.86
CA PRO A 54 14.11 -5.46 -2.69
C PRO A 54 14.47 -6.66 -1.81
N THR A 55 14.86 -6.40 -0.58
CA THR A 55 15.21 -7.44 0.34
C THR A 55 14.03 -7.75 1.28
N LYS A 56 14.13 -8.85 2.04
CA LYS A 56 13.08 -9.25 2.96
C LYS A 56 12.84 -8.15 3.99
N GLU A 57 13.90 -7.46 4.37
CA GLU A 57 13.82 -6.39 5.36
C GLU A 57 12.82 -5.32 4.95
N GLU A 58 12.80 -4.99 3.65
CA GLU A 58 11.89 -3.98 3.12
C GLU A 58 10.45 -4.49 3.19
N LEU A 59 10.26 -5.74 2.76
CA LEU A 59 8.94 -6.38 2.76
C LEU A 59 8.42 -6.46 4.18
N ASP A 60 9.30 -6.89 5.07
CA ASP A 60 8.98 -7.05 6.47
C ASP A 60 8.64 -5.70 7.09
N ALA A 61 9.42 -4.67 6.72
CA ALA A 61 9.24 -3.32 7.24
C ALA A 61 7.87 -2.74 6.89
N ILE A 62 7.57 -2.70 5.59
CA ILE A 62 6.30 -2.12 5.11
C ILE A 62 5.10 -2.80 5.76
N ILE A 63 5.23 -4.08 6.06
CA ILE A 63 4.17 -4.83 6.72
C ILE A 63 4.18 -4.58 8.23
N GLU A 64 5.37 -4.58 8.80
CA GLU A 64 5.56 -4.40 10.24
C GLU A 64 5.04 -3.05 10.74
N GLU A 65 5.35 -1.99 10.03
CA GLU A 65 4.93 -0.66 10.44
C GLU A 65 3.41 -0.52 10.50
N VAL A 66 2.73 -1.22 9.60
CA VAL A 66 1.27 -1.14 9.51
C VAL A 66 0.61 -2.23 10.35
N ASP A 67 1.34 -3.30 10.59
CA ASP A 67 0.83 -4.43 11.33
C ASP A 67 0.75 -4.12 12.81
N GLU A 68 -0.46 -3.95 13.31
CA GLU A 68 -0.65 -3.67 14.72
C GLU A 68 -1.14 -4.91 15.45
N ASP A 69 -1.22 -6.03 14.73
CA ASP A 69 -1.66 -7.28 15.32
C ASP A 69 -0.47 -8.16 15.75
N GLY A 70 0.73 -7.59 15.68
CA GLY A 70 1.94 -8.27 16.16
C GLY A 70 2.25 -9.56 15.41
N SER A 71 2.20 -9.50 14.11
CA SER A 71 2.46 -10.64 13.26
C SER A 71 2.47 -10.13 11.86
N GLY A 72 3.58 -10.20 11.11
CA GLY A 72 3.40 -9.66 9.80
C GLY A 72 2.51 -10.59 9.04
N THR A 73 1.33 -10.09 8.77
CA THR A 73 0.29 -10.81 8.13
C THR A 73 -0.52 -9.90 7.29
N ILE A 74 -0.89 -10.32 6.11
CA ILE A 74 -1.82 -9.55 5.35
C ILE A 74 -3.21 -10.17 5.54
N ASP A 75 -4.23 -9.36 5.40
CA ASP A 75 -5.61 -9.80 5.58
C ASP A 75 -6.49 -8.88 4.77
N PHE A 76 -7.79 -9.09 4.76
CA PHE A 76 -8.69 -8.24 3.99
C PHE A 76 -8.55 -6.79 4.41
N GLU A 77 -8.41 -6.56 5.71
CA GLU A 77 -8.27 -5.22 6.24
C GLU A 77 -6.81 -4.73 6.10
N GLU A 78 -5.86 -5.58 6.52
CA GLU A 78 -4.43 -5.23 6.47
C GLU A 78 -3.99 -4.96 5.01
N PHE A 79 -4.61 -5.67 4.08
CA PHE A 79 -4.33 -5.54 2.64
C PHE A 79 -4.63 -4.14 2.14
N LEU A 80 -5.71 -3.58 2.62
CA LEU A 80 -6.13 -2.27 2.19
C LEU A 80 -5.15 -1.20 2.63
N VAL A 81 -4.59 -1.37 3.83
CA VAL A 81 -3.61 -0.43 4.35
C VAL A 81 -2.36 -0.44 3.47
N MET A 82 -2.05 -1.61 2.92
CA MET A 82 -0.89 -1.77 2.05
C MET A 82 -1.02 -0.88 0.82
N MET A 83 -2.22 -0.83 0.27
CA MET A 83 -2.48 -0.06 -0.92
C MET A 83 -2.59 1.43 -0.61
N VAL A 84 -3.30 1.78 0.46
CA VAL A 84 -3.46 3.19 0.82
C VAL A 84 -2.15 3.81 1.25
N ARG A 85 -1.27 3.01 1.83
CA ARG A 85 0.00 3.50 2.32
C ARG A 85 0.83 4.15 1.22
N GLN A 86 0.92 3.50 0.07
CA GLN A 86 1.73 4.02 -1.02
C GLN A 86 1.12 5.31 -1.60
N MET A 87 -0.21 5.35 -1.69
CA MET A 87 -0.88 6.55 -2.19
C MET A 87 -0.88 7.66 -1.14
N LYS A 88 -0.91 7.27 0.13
CA LYS A 88 -0.90 8.21 1.24
C LYS A 88 0.47 8.88 1.36
N GLU A 89 1.54 8.12 1.12
CA GLU A 89 2.90 8.68 1.20
C GLU A 89 3.18 9.57 0.00
N ASP A 90 2.61 9.22 -1.15
CA ASP A 90 2.76 10.01 -2.37
C ASP A 90 2.09 11.36 -2.20
N ALA A 91 0.99 11.36 -1.45
CA ALA A 91 0.23 12.56 -1.18
C ALA A 91 0.86 13.37 -0.06
N GLY A 92 2.05 12.97 0.36
CA GLY A 92 2.74 13.66 1.42
C GLY A 92 3.33 14.97 0.94
N GLY A 93 4.38 14.88 0.12
CA GLY A 93 5.01 16.07 -0.40
C GLY A 93 5.91 16.75 0.62
N ALA A 94 7.21 16.63 0.44
CA ALA A 94 8.19 17.23 1.35
C ALA A 94 9.58 17.18 0.74
N GLY A 95 10.39 18.17 1.04
CA GLY A 95 11.74 18.21 0.54
C GLY A 95 11.99 19.41 -0.35
N GLY A 96 12.95 20.24 0.03
CA GLY A 96 13.26 21.41 -0.74
C GLY A 96 14.64 21.94 -0.46
N LYS A 97 15.46 22.02 -1.51
CA LYS A 97 16.82 22.52 -1.39
C LYS A 97 17.35 22.92 -2.77
N LEU A 98 18.41 23.69 -2.79
CA LEU A 98 18.98 24.16 -4.05
C LEU A 98 20.20 23.34 -4.44
N PHE A 99 20.85 22.80 -3.46
CA PHE A 99 22.03 21.99 -3.69
C PHE A 99 21.76 20.53 -3.41
N ASP A 100 21.66 19.75 -4.46
CA ASP A 100 21.46 18.32 -4.33
C ASP A 100 22.79 17.67 -3.99
N LEU A 101 22.75 16.67 -3.14
CA LEU A 101 23.96 16.00 -2.73
C LEU A 101 24.47 15.07 -3.83
N ARG A 102 25.26 15.62 -4.72
CA ARG A 102 25.81 14.85 -5.83
C ARG A 102 27.15 14.26 -5.43
N GLY A 103 28.17 15.11 -5.34
CA GLY A 103 29.50 14.65 -5.00
C GLY A 103 30.15 13.91 -6.14
N LYS A 104 29.83 14.34 -7.36
CA LYS A 104 30.32 13.69 -8.56
C LYS A 104 30.14 14.63 -9.75
N PHE A 105 30.75 14.28 -10.89
CA PHE A 105 30.63 15.09 -12.11
C PHE A 105 29.22 15.01 -12.67
N LYS A 106 28.52 13.94 -12.35
CA LYS A 106 27.17 13.73 -12.81
C LYS A 106 26.22 13.70 -11.62
N ARG A 107 24.93 13.79 -11.91
CA ARG A 107 23.91 13.78 -10.87
C ARG A 107 23.37 12.36 -10.69
N PRO A 108 23.01 11.99 -9.44
CA PRO A 108 22.45 10.67 -9.15
C PRO A 108 21.04 10.49 -9.74
N PRO A 109 20.57 9.23 -9.86
CA PRO A 109 19.24 8.94 -10.42
C PRO A 109 18.12 9.35 -9.47
N LEU A 110 16.90 9.31 -9.97
CA LEU A 110 15.73 9.71 -9.18
C LEU A 110 14.93 8.48 -8.77
N ARG A 111 15.46 7.30 -9.03
CA ARG A 111 14.77 6.08 -8.71
C ARG A 111 15.04 5.67 -7.28
N ARG A 112 14.03 5.81 -6.44
CA ARG A 112 14.14 5.42 -5.04
C ARG A 112 13.46 4.07 -4.83
N VAL A 113 13.41 3.26 -5.91
CA VAL A 113 12.84 1.88 -5.96
C VAL A 113 11.35 1.82 -5.65
N ARG A 114 10.83 2.90 -5.24
CA ARG A 114 9.44 3.02 -4.88
C ARG A 114 8.68 3.65 -6.03
N MET A 115 7.51 3.14 -6.33
CA MET A 115 6.72 3.66 -7.43
C MET A 115 5.36 4.08 -6.94
N SER A 116 4.64 4.83 -7.76
CA SER A 116 3.34 5.31 -7.40
C SER A 116 2.35 4.15 -7.31
N ALA A 117 1.44 4.24 -6.35
CA ALA A 117 0.45 3.19 -6.11
C ALA A 117 -0.38 2.92 -7.35
N ASP A 118 -0.77 3.97 -8.04
CA ASP A 118 -1.60 3.83 -9.24
C ASP A 118 -0.82 3.13 -10.34
N ALA A 119 0.48 3.42 -10.42
CA ALA A 119 1.35 2.80 -11.40
C ALA A 119 1.55 1.33 -11.07
N MET A 120 1.79 1.04 -9.79
CA MET A 120 1.97 -0.34 -9.34
C MET A 120 0.68 -1.11 -9.59
N LEU A 121 -0.45 -0.52 -9.22
CA LEU A 121 -1.77 -1.13 -9.44
C LEU A 121 -2.03 -1.32 -10.94
N LYS A 122 -1.48 -0.42 -11.74
CA LYS A 122 -1.61 -0.50 -13.18
C LYS A 122 -0.92 -1.75 -13.70
N ALA A 123 0.21 -2.08 -13.09
CA ALA A 123 0.96 -3.26 -13.48
C ALA A 123 0.32 -4.51 -12.87
N LEU A 124 -0.15 -4.39 -11.63
CA LEU A 124 -0.81 -5.49 -10.94
C LEU A 124 -2.10 -5.89 -11.66
N LEU A 125 -3.04 -4.97 -11.73
CA LEU A 125 -4.34 -5.23 -12.34
C LEU A 125 -4.25 -5.26 -13.87
N GLY A 126 -3.30 -4.53 -14.42
CA GLY A 126 -3.15 -4.47 -15.85
C GLY A 126 -4.23 -3.61 -16.48
N SER A 127 -4.98 -4.18 -17.39
CA SER A 127 -6.06 -3.47 -18.05
C SER A 127 -7.28 -3.39 -17.12
N LYS A 128 -7.17 -4.02 -15.97
CA LYS A 128 -8.22 -4.01 -14.97
C LYS A 128 -8.22 -2.71 -14.16
N HIS A 129 -7.13 -1.96 -14.25
CA HIS A 129 -7.01 -0.70 -13.54
C HIS A 129 -7.77 0.40 -14.27
N LYS A 130 -9.07 0.47 -14.04
CA LYS A 130 -9.89 1.48 -14.67
C LYS A 130 -10.36 2.53 -13.67
N VAL A 131 -10.39 2.15 -12.39
CA VAL A 131 -10.82 3.07 -11.35
C VAL A 131 -9.76 4.13 -11.08
N CYS A 132 -10.21 5.29 -10.65
CA CYS A 132 -9.33 6.39 -10.32
C CYS A 132 -8.82 6.21 -8.91
N MET A 133 -7.57 6.54 -8.68
CA MET A 133 -6.96 6.37 -7.37
C MET A 133 -6.60 7.72 -6.77
N ASP A 134 -7.40 8.15 -5.79
CA ASP A 134 -7.15 9.41 -5.10
C ASP A 134 -7.82 9.41 -3.73
N LEU A 135 -7.09 9.84 -2.71
CA LEU A 135 -7.61 9.93 -1.37
C LEU A 135 -7.08 11.18 -0.68
N ARG A 136 -7.65 11.53 0.45
CA ARG A 136 -7.22 12.72 1.17
C ARG A 136 -6.78 12.37 2.59
N ALA A 137 -5.49 12.45 2.83
CA ALA A 137 -4.92 12.18 4.14
C ALA A 137 -3.44 12.54 4.16
N ASN A 138 -2.98 13.06 5.28
CA ASN A 138 -1.60 13.44 5.43
C ASN A 138 -1.20 13.41 6.90
N LEU A 139 -0.43 12.42 7.28
CA LEU A 139 0.01 12.30 8.66
C LEU A 139 1.53 12.38 8.76
N LYS A 140 2.17 11.21 8.76
CA LYS A 140 3.62 11.13 8.88
C LYS A 140 4.09 9.72 8.61
N GLN A 141 5.41 9.54 8.54
CA GLN A 141 6.01 8.24 8.37
C GLN A 141 7.45 8.27 8.85
N VAL A 142 7.93 7.15 9.35
CA VAL A 142 9.29 7.06 9.85
C VAL A 142 9.71 5.59 9.90
N LYS A 143 11.00 5.35 10.02
CA LYS A 143 11.52 3.99 10.07
C LYS A 143 11.08 3.26 11.33
N LYS A 144 11.29 1.95 11.34
CA LYS A 144 10.95 1.12 12.46
C LYS A 144 11.96 0.01 12.61
N GLU A 145 11.77 -0.85 13.59
CA GLU A 145 12.68 -1.94 13.83
C GLU A 145 12.28 -3.15 13.00
N ASP A 146 12.59 -3.08 11.73
CA ASP A 146 12.25 -4.12 10.78
C ASP A 146 13.29 -5.22 10.79
N HIS A 147 12.84 -6.43 11.12
CA HIS A 147 13.70 -7.62 11.13
C HIS A 147 12.97 -8.80 11.77
N HIS A 148 11.73 -8.99 11.39
CA HIS A 148 10.97 -10.10 11.92
C HIS A 148 11.31 -11.37 11.15
N HIS A 149 11.80 -12.37 11.86
CA HIS A 149 12.17 -13.62 11.22
C HIS A 149 10.97 -14.25 10.54
N HIS A 150 11.11 -14.54 9.27
CA HIS A 150 10.03 -15.11 8.50
C HIS A 150 10.48 -16.31 7.69
N HIS A 151 9.52 -17.13 7.32
CA HIS A 151 9.75 -18.33 6.55
C HIS A 151 10.18 -17.96 5.12
N HIS A 152 10.94 -18.85 4.50
CA HIS A 152 11.36 -18.64 3.12
C HIS A 152 10.36 -19.33 2.19
N MET A 1 -14.44 12.37 14.39
CA MET A 1 -14.54 11.53 13.19
C MET A 1 -13.16 11.14 12.70
N ALA A 2 -12.45 10.39 13.53
CA ALA A 2 -11.09 9.94 13.22
C ALA A 2 -10.63 8.92 14.23
N SER A 3 -10.14 7.80 13.76
CA SER A 3 -9.66 6.77 14.63
C SER A 3 -8.30 6.24 14.16
N MET A 4 -7.24 6.68 14.82
CA MET A 4 -5.89 6.23 14.51
C MET A 4 -5.50 5.13 15.47
N THR A 5 -6.49 4.66 16.23
CA THR A 5 -6.30 3.58 17.18
C THR A 5 -5.89 2.29 16.46
N ASP A 6 -6.33 2.17 15.24
CA ASP A 6 -5.99 1.03 14.41
C ASP A 6 -5.83 1.48 12.97
N GLN A 7 -5.07 0.74 12.21
CA GLN A 7 -4.79 1.09 10.83
C GLN A 7 -5.86 0.55 9.88
N GLN A 8 -6.67 -0.36 10.38
CA GLN A 8 -7.70 -1.02 9.57
C GLN A 8 -8.84 -0.06 9.24
N ALA A 9 -9.22 0.75 10.21
CA ALA A 9 -10.29 1.72 10.03
C ALA A 9 -9.96 2.69 8.90
N GLU A 10 -8.71 3.17 8.86
CA GLU A 10 -8.26 4.12 7.85
C GLU A 10 -8.55 3.63 6.44
N ALA A 11 -8.07 2.46 6.11
CA ALA A 11 -8.21 1.92 4.77
C ALA A 11 -9.67 1.92 4.30
N ARG A 12 -10.56 1.39 5.12
CA ARG A 12 -11.98 1.32 4.76
C ARG A 12 -12.64 2.71 4.76
N SER A 13 -12.07 3.64 5.51
CA SER A 13 -12.61 4.98 5.60
C SER A 13 -12.15 5.84 4.40
N TYR A 14 -10.96 5.59 3.90
CA TYR A 14 -10.38 6.41 2.85
C TYR A 14 -10.76 5.92 1.47
N LEU A 15 -10.90 4.62 1.34
CA LEU A 15 -11.21 4.02 0.06
C LEU A 15 -12.70 4.06 -0.24
N SER A 16 -13.04 3.89 -1.50
CA SER A 16 -14.40 3.84 -1.93
C SER A 16 -14.76 2.39 -2.25
N GLU A 17 -16.06 2.07 -2.19
CA GLU A 17 -16.50 0.68 -2.35
C GLU A 17 -16.10 0.08 -3.70
N GLU A 18 -16.29 0.82 -4.78
CA GLU A 18 -15.91 0.34 -6.11
C GLU A 18 -14.40 0.14 -6.22
N MET A 19 -13.67 1.02 -5.57
CA MET A 19 -12.21 0.92 -5.56
C MET A 19 -11.77 -0.30 -4.75
N ILE A 20 -12.47 -0.56 -3.67
CA ILE A 20 -12.21 -1.74 -2.86
C ILE A 20 -12.52 -3.01 -3.67
N ALA A 21 -13.58 -2.94 -4.48
CA ALA A 21 -13.95 -4.04 -5.35
C ALA A 21 -12.84 -4.32 -6.37
N GLU A 22 -12.15 -3.26 -6.77
CA GLU A 22 -11.03 -3.37 -7.69
C GLU A 22 -9.92 -4.22 -7.08
N PHE A 23 -9.69 -4.01 -5.78
CA PHE A 23 -8.64 -4.72 -5.05
C PHE A 23 -9.02 -6.17 -4.80
N LYS A 24 -10.30 -6.49 -4.90
CA LYS A 24 -10.76 -7.84 -4.72
C LYS A 24 -10.16 -8.77 -5.77
N ALA A 25 -9.95 -8.23 -6.97
CA ALA A 25 -9.34 -9.00 -8.04
C ALA A 25 -7.83 -9.14 -7.83
N ALA A 26 -7.30 -8.30 -6.94
CA ALA A 26 -5.88 -8.31 -6.60
C ALA A 26 -5.49 -9.56 -5.85
N PHE A 27 -6.43 -10.11 -5.07
CA PHE A 27 -6.19 -11.36 -4.34
C PHE A 27 -5.68 -12.47 -5.26
N ASP A 28 -6.04 -12.38 -6.54
CA ASP A 28 -5.58 -13.37 -7.53
C ASP A 28 -4.07 -13.27 -7.75
N MET A 29 -3.52 -12.08 -7.54
CA MET A 29 -2.10 -11.83 -7.70
C MET A 29 -1.32 -12.55 -6.61
N PHE A 30 -1.68 -12.27 -5.37
CA PHE A 30 -0.99 -12.85 -4.21
C PHE A 30 -1.73 -14.10 -3.74
N ASP A 31 -2.47 -14.72 -4.65
CA ASP A 31 -3.24 -15.92 -4.37
C ASP A 31 -2.36 -17.05 -3.90
N ALA A 32 -2.23 -17.14 -2.62
CA ALA A 32 -1.44 -18.16 -2.00
C ALA A 32 -2.33 -19.28 -1.47
N ASP A 33 -3.34 -18.91 -0.70
CA ASP A 33 -4.26 -19.89 -0.12
C ASP A 33 -5.70 -19.61 -0.55
N GLY A 34 -5.94 -18.41 -1.05
CA GLY A 34 -7.28 -18.04 -1.46
C GLY A 34 -7.99 -17.25 -0.38
N GLY A 35 -8.02 -17.82 0.82
CA GLY A 35 -8.65 -17.16 1.94
C GLY A 35 -7.76 -17.17 3.16
N GLY A 36 -6.51 -17.55 2.96
CA GLY A 36 -5.54 -17.59 4.03
C GLY A 36 -4.79 -16.29 4.15
N ASP A 37 -3.92 -16.18 5.13
CA ASP A 37 -3.17 -14.95 5.34
C ASP A 37 -1.88 -14.98 4.56
N ILE A 38 -1.48 -13.83 4.09
CA ILE A 38 -0.28 -13.71 3.28
C ILE A 38 0.84 -13.09 4.10
N SER A 39 2.06 -13.50 3.80
CA SER A 39 3.24 -12.96 4.47
C SER A 39 4.15 -12.27 3.46
N VAL A 40 5.32 -11.87 3.91
CA VAL A 40 6.30 -11.17 3.09
C VAL A 40 6.74 -11.98 1.87
N LYS A 41 6.76 -13.31 2.02
CA LYS A 41 7.20 -14.17 0.94
C LYS A 41 6.24 -14.09 -0.24
N GLU A 42 5.02 -14.46 0.01
CA GLU A 42 3.97 -14.44 -0.98
C GLU A 42 3.73 -13.02 -1.51
N LEU A 43 3.80 -12.03 -0.64
CA LEU A 43 3.62 -10.64 -1.04
C LEU A 43 4.75 -10.22 -1.97
N GLY A 44 5.99 -10.47 -1.53
CA GLY A 44 7.16 -10.09 -2.29
C GLY A 44 7.18 -10.70 -3.67
N THR A 45 6.54 -11.86 -3.80
CA THR A 45 6.48 -12.54 -5.08
C THR A 45 5.78 -11.68 -6.14
N VAL A 46 4.62 -11.15 -5.78
CA VAL A 46 3.86 -10.33 -6.71
C VAL A 46 4.62 -9.09 -7.13
N MET A 47 5.15 -8.32 -6.19
CA MET A 47 5.85 -7.09 -6.52
C MET A 47 7.12 -7.37 -7.34
N ARG A 48 7.77 -8.49 -7.04
CA ARG A 48 8.97 -8.90 -7.74
C ARG A 48 8.62 -9.32 -9.17
N MET A 49 7.37 -9.70 -9.35
CA MET A 49 6.87 -10.12 -10.65
C MET A 49 6.81 -8.93 -11.62
N LEU A 50 6.59 -7.73 -11.09
CA LEU A 50 6.57 -6.54 -11.93
C LEU A 50 7.98 -6.08 -12.26
N GLY A 51 8.86 -6.14 -11.28
CA GLY A 51 10.23 -5.74 -11.50
C GLY A 51 10.94 -5.30 -10.24
N GLN A 52 10.30 -4.41 -9.48
CA GLN A 52 10.90 -3.91 -8.25
C GLN A 52 11.11 -5.03 -7.25
N THR A 53 12.20 -4.97 -6.55
CA THR A 53 12.55 -5.99 -5.59
C THR A 53 13.77 -5.54 -4.75
N PRO A 54 13.49 -4.98 -3.56
CA PRO A 54 14.52 -4.56 -2.64
C PRO A 54 15.04 -5.73 -1.79
N THR A 55 14.24 -6.13 -0.81
CA THR A 55 14.60 -7.23 0.06
C THR A 55 13.43 -7.56 0.98
N LYS A 56 13.53 -8.67 1.68
CA LYS A 56 12.50 -9.13 2.59
C LYS A 56 12.36 -8.17 3.77
N GLU A 57 13.48 -7.55 4.14
CA GLU A 57 13.51 -6.62 5.27
C GLU A 57 12.53 -5.47 5.04
N GLU A 58 12.53 -4.96 3.82
CA GLU A 58 11.66 -3.89 3.41
C GLU A 58 10.20 -4.31 3.54
N LEU A 59 9.92 -5.54 3.14
CA LEU A 59 8.58 -6.08 3.14
C LEU A 59 8.08 -6.26 4.57
N ASP A 60 8.91 -6.85 5.39
CA ASP A 60 8.55 -7.09 6.79
C ASP A 60 8.29 -5.77 7.51
N ALA A 61 9.13 -4.78 7.25
CA ALA A 61 9.03 -3.48 7.87
C ALA A 61 7.78 -2.71 7.43
N ILE A 62 7.44 -2.77 6.14
CA ILE A 62 6.27 -2.06 5.62
C ILE A 62 4.98 -2.69 6.15
N ILE A 63 5.00 -3.99 6.35
CA ILE A 63 3.83 -4.68 6.89
C ILE A 63 3.75 -4.45 8.40
N GLU A 64 4.90 -4.41 9.05
CA GLU A 64 4.99 -4.23 10.49
C GLU A 64 4.53 -2.85 10.95
N GLU A 65 4.91 -1.82 10.21
CA GLU A 65 4.55 -0.45 10.58
C GLU A 65 3.04 -0.21 10.57
N VAL A 66 2.33 -1.02 9.80
CA VAL A 66 0.88 -0.87 9.68
C VAL A 66 0.14 -1.96 10.43
N ASP A 67 0.82 -3.04 10.72
CA ASP A 67 0.18 -4.16 11.39
C ASP A 67 -0.03 -3.87 12.86
N GLU A 68 -1.29 -3.65 13.23
CA GLU A 68 -1.63 -3.35 14.61
C GLU A 68 -1.98 -4.61 15.39
N ASP A 69 -2.12 -5.72 14.68
CA ASP A 69 -2.46 -7.00 15.32
C ASP A 69 -1.22 -7.73 15.84
N GLY A 70 -0.04 -7.21 15.49
CA GLY A 70 1.20 -7.79 15.98
C GLY A 70 1.56 -9.06 15.25
N SER A 71 1.29 -9.09 13.97
CA SER A 71 1.56 -10.24 13.14
C SER A 71 1.45 -9.79 11.71
N GLY A 72 2.56 -9.68 10.97
CA GLY A 72 2.35 -9.21 9.65
C GLY A 72 1.65 -10.27 8.87
N THR A 73 0.47 -9.94 8.52
CA THR A 73 -0.42 -10.80 7.84
C THR A 73 -1.24 -9.99 6.94
N ILE A 74 -1.49 -10.47 5.76
CA ILE A 74 -2.46 -9.83 4.93
C ILE A 74 -3.80 -10.55 5.15
N ASP A 75 -4.88 -9.85 4.91
CA ASP A 75 -6.22 -10.40 5.09
C ASP A 75 -7.12 -9.66 4.12
N PHE A 76 -8.40 -9.59 4.40
CA PHE A 76 -9.30 -8.85 3.55
C PHE A 76 -9.18 -7.36 3.85
N GLU A 77 -9.19 -7.02 5.14
CA GLU A 77 -9.03 -5.64 5.55
C GLU A 77 -7.56 -5.25 5.58
N GLU A 78 -6.69 -6.16 6.05
CA GLU A 78 -5.25 -5.92 6.08
C GLU A 78 -4.72 -5.69 4.65
N PHE A 79 -5.40 -6.31 3.67
CA PHE A 79 -5.04 -6.18 2.24
C PHE A 79 -5.10 -4.73 1.78
N LEU A 80 -6.16 -4.05 2.18
CA LEU A 80 -6.35 -2.65 1.80
C LEU A 80 -5.18 -1.81 2.26
N VAL A 81 -4.75 -2.05 3.49
CA VAL A 81 -3.67 -1.29 4.11
C VAL A 81 -2.40 -1.40 3.29
N MET A 82 -2.19 -2.56 2.67
CA MET A 82 -1.04 -2.79 1.82
C MET A 82 -0.99 -1.76 0.70
N MET A 83 -2.10 -1.65 0.01
CA MET A 83 -2.19 -0.80 -1.15
C MET A 83 -2.32 0.68 -0.80
N VAL A 84 -2.97 0.99 0.32
CA VAL A 84 -3.13 2.38 0.72
C VAL A 84 -1.78 3.05 0.97
N ARG A 85 -0.79 2.26 1.40
CA ARG A 85 0.54 2.79 1.68
C ARG A 85 1.14 3.52 0.47
N GLN A 86 1.18 2.85 -0.67
CA GLN A 86 1.78 3.43 -1.86
C GLN A 86 0.98 4.64 -2.38
N MET A 87 -0.34 4.57 -2.29
CA MET A 87 -1.18 5.68 -2.73
C MET A 87 -1.17 6.84 -1.72
N LYS A 88 -1.05 6.50 -0.44
CA LYS A 88 -1.04 7.50 0.63
C LYS A 88 0.23 8.35 0.57
N GLU A 89 1.38 7.71 0.34
CA GLU A 89 2.63 8.43 0.25
C GLU A 89 2.68 9.26 -1.03
N ASP A 90 2.04 8.75 -2.08
CA ASP A 90 1.97 9.46 -3.36
C ASP A 90 1.14 10.72 -3.23
N ALA A 91 0.12 10.65 -2.39
CA ALA A 91 -0.77 11.78 -2.15
C ALA A 91 -0.17 12.75 -1.14
N GLY A 92 1.07 12.51 -0.76
CA GLY A 92 1.73 13.38 0.18
C GLY A 92 3.06 13.88 -0.36
N GLY A 93 3.91 12.96 -0.76
CA GLY A 93 5.21 13.33 -1.27
C GLY A 93 5.20 13.57 -2.77
N ALA A 94 4.59 14.66 -3.17
CA ALA A 94 4.51 15.03 -4.58
C ALA A 94 5.69 15.91 -4.97
N GLY A 95 6.19 15.72 -6.17
CA GLY A 95 7.31 16.50 -6.64
C GLY A 95 6.98 17.31 -7.87
N GLY A 96 7.76 17.12 -8.92
CA GLY A 96 7.55 17.85 -10.14
C GLY A 96 8.78 18.61 -10.57
N LYS A 97 9.93 17.98 -10.42
CA LYS A 97 11.20 18.59 -10.79
C LYS A 97 11.94 17.67 -11.74
N LEU A 98 13.03 18.17 -12.29
CA LEU A 98 13.83 17.37 -13.20
C LEU A 98 14.71 16.38 -12.44
N PHE A 99 14.35 15.13 -12.50
CA PHE A 99 15.09 14.08 -11.83
C PHE A 99 16.27 13.62 -12.66
N ASP A 100 16.39 14.17 -13.84
CA ASP A 100 17.47 13.85 -14.76
C ASP A 100 17.60 14.95 -15.80
N LEU A 101 18.81 15.15 -16.31
CA LEU A 101 19.04 16.17 -17.32
C LEU A 101 18.59 15.70 -18.68
N ARG A 102 17.31 15.75 -18.89
CA ARG A 102 16.71 15.35 -20.14
C ARG A 102 16.95 16.41 -21.21
N GLY A 103 17.89 16.15 -22.08
CA GLY A 103 18.21 17.07 -23.13
C GLY A 103 17.64 16.64 -24.46
N LYS A 104 18.38 16.88 -25.52
CA LYS A 104 17.94 16.51 -26.84
C LYS A 104 18.60 15.21 -27.29
N PHE A 105 19.91 15.09 -27.06
CA PHE A 105 20.65 13.90 -27.48
C PHE A 105 20.59 12.79 -26.43
N LYS A 106 20.14 13.12 -25.23
CA LYS A 106 20.08 12.13 -24.17
C LYS A 106 18.84 12.31 -23.32
N ARG A 107 18.29 11.20 -22.86
CA ARG A 107 17.08 11.20 -22.05
C ARG A 107 17.19 10.13 -20.97
N PRO A 108 16.51 10.33 -19.83
CA PRO A 108 16.49 9.34 -18.75
C PRO A 108 15.78 8.04 -19.16
N PRO A 109 16.02 6.94 -18.41
CA PRO A 109 15.42 5.63 -18.69
C PRO A 109 13.93 5.59 -18.44
N LEU A 110 13.51 6.41 -17.51
CA LEU A 110 12.11 6.51 -17.11
C LEU A 110 11.62 5.24 -16.43
N ARG A 111 12.53 4.53 -15.74
CA ARG A 111 12.14 3.30 -15.01
C ARG A 111 11.02 3.58 -14.02
N ARG A 112 11.08 4.76 -13.41
CA ARG A 112 10.05 5.22 -12.46
C ARG A 112 9.84 4.21 -11.32
N VAL A 113 10.91 3.89 -10.61
CA VAL A 113 10.83 2.97 -9.48
C VAL A 113 10.06 3.63 -8.35
N ARG A 114 9.15 2.88 -7.72
CA ARG A 114 8.30 3.39 -6.65
C ARG A 114 7.36 4.46 -7.20
N MET A 115 6.48 4.06 -8.09
CA MET A 115 5.54 4.97 -8.69
C MET A 115 4.19 4.92 -7.98
N SER A 116 3.26 5.72 -8.45
CA SER A 116 1.93 5.79 -7.88
C SER A 116 1.23 4.41 -7.91
N ALA A 117 0.34 4.20 -6.95
CA ALA A 117 -0.36 2.93 -6.81
C ALA A 117 -1.20 2.57 -8.05
N ASP A 118 -1.65 3.58 -8.78
CA ASP A 118 -2.47 3.33 -9.97
C ASP A 118 -1.65 2.65 -11.05
N ALA A 119 -0.41 3.08 -11.22
CA ALA A 119 0.48 2.51 -12.22
C ALA A 119 0.84 1.07 -11.88
N MET A 120 1.10 0.80 -10.61
CA MET A 120 1.44 -0.56 -10.19
C MET A 120 0.20 -1.45 -10.20
N LEU A 121 -0.95 -0.91 -9.76
CA LEU A 121 -2.20 -1.67 -9.80
C LEU A 121 -2.55 -2.02 -11.22
N LYS A 122 -2.17 -1.16 -12.14
CA LYS A 122 -2.42 -1.40 -13.55
C LYS A 122 -1.54 -2.53 -14.04
N ALA A 123 -0.36 -2.67 -13.46
CA ALA A 123 0.55 -3.74 -13.80
C ALA A 123 0.04 -5.07 -13.21
N LEU A 124 -0.51 -4.99 -12.00
CA LEU A 124 -1.10 -6.16 -11.34
C LEU A 124 -2.38 -6.62 -12.02
N LEU A 125 -3.30 -5.68 -12.26
CA LEU A 125 -4.62 -5.98 -12.83
C LEU A 125 -4.62 -6.02 -14.35
N GLY A 126 -3.54 -5.55 -14.96
CA GLY A 126 -3.47 -5.51 -16.40
C GLY A 126 -4.46 -4.51 -16.99
N SER A 127 -5.50 -5.03 -17.62
CA SER A 127 -6.51 -4.19 -18.24
C SER A 127 -7.82 -4.22 -17.44
N LYS A 128 -7.80 -4.91 -16.31
CA LYS A 128 -8.98 -4.99 -15.45
C LYS A 128 -9.13 -3.72 -14.63
N HIS A 129 -8.03 -3.02 -14.41
CA HIS A 129 -8.01 -1.79 -13.63
C HIS A 129 -8.80 -0.69 -14.35
N LYS A 130 -9.76 -0.11 -13.66
CA LYS A 130 -10.60 0.92 -14.26
C LYS A 130 -10.74 2.14 -13.35
N VAL A 131 -10.76 1.94 -12.05
CA VAL A 131 -11.00 3.04 -11.11
C VAL A 131 -9.81 3.99 -10.99
N CYS A 132 -10.07 5.16 -10.45
CA CYS A 132 -9.05 6.16 -10.22
C CYS A 132 -8.46 5.95 -8.82
N MET A 133 -7.16 6.02 -8.72
CA MET A 133 -6.48 5.79 -7.46
C MET A 133 -6.28 7.08 -6.70
N ASP A 134 -7.09 7.28 -5.68
CA ASP A 134 -6.98 8.47 -4.84
C ASP A 134 -7.80 8.29 -3.56
N LEU A 135 -7.32 8.87 -2.48
CA LEU A 135 -7.99 8.74 -1.19
C LEU A 135 -8.15 10.09 -0.49
N ARG A 136 -8.11 11.15 -1.27
CA ARG A 136 -8.19 12.50 -0.70
C ARG A 136 -9.64 12.93 -0.48
N ALA A 137 -10.54 11.97 -0.50
CA ALA A 137 -11.95 12.23 -0.27
C ALA A 137 -12.30 12.00 1.19
N ASN A 138 -12.41 10.73 1.57
CA ASN A 138 -12.74 10.32 2.95
C ASN A 138 -13.97 11.07 3.46
N LEU A 139 -15.11 10.78 2.87
CA LEU A 139 -16.36 11.43 3.22
C LEU A 139 -17.14 10.62 4.23
N LYS A 140 -16.61 9.48 4.59
CA LYS A 140 -17.30 8.58 5.51
C LYS A 140 -16.32 7.71 6.25
N GLN A 141 -16.59 7.46 7.52
CA GLN A 141 -15.77 6.56 8.32
C GLN A 141 -16.60 5.34 8.69
N VAL A 142 -17.87 5.39 8.27
CA VAL A 142 -18.90 4.34 8.52
C VAL A 142 -18.99 3.90 9.99
N LYS A 143 -18.47 4.73 10.85
CA LYS A 143 -18.42 4.45 12.27
C LYS A 143 -18.64 5.72 13.07
N LYS A 144 -18.50 5.61 14.38
CA LYS A 144 -18.65 6.74 15.28
C LYS A 144 -17.45 6.79 16.20
N GLU A 145 -17.39 7.80 17.05
CA GLU A 145 -16.27 7.94 17.97
C GLU A 145 -16.43 6.99 19.14
N ASP A 146 -17.65 6.51 19.34
CA ASP A 146 -17.94 5.55 20.39
C ASP A 146 -17.62 4.15 19.93
N HIS A 147 -16.41 3.72 20.22
CA HIS A 147 -15.97 2.38 19.84
C HIS A 147 -15.06 1.79 20.89
N HIS A 148 -15.46 0.64 21.40
CA HIS A 148 -14.69 -0.07 22.41
C HIS A 148 -14.57 -1.52 22.03
N HIS A 149 -13.51 -2.16 22.48
CA HIS A 149 -13.28 -3.57 22.19
C HIS A 149 -12.24 -4.16 23.13
N HIS A 150 -12.70 -4.69 24.24
CA HIS A 150 -11.82 -5.30 25.22
C HIS A 150 -11.31 -6.62 24.68
N HIS A 151 -10.05 -6.66 24.32
CA HIS A 151 -9.45 -7.83 23.73
C HIS A 151 -9.04 -8.82 24.82
N HIS A 152 -9.53 -10.02 24.71
CA HIS A 152 -9.20 -11.08 25.65
C HIS A 152 -8.73 -12.29 24.88
N MET A 1 -11.31 6.44 23.00
CA MET A 1 -11.71 5.06 23.33
C MET A 1 -11.96 4.27 22.06
N ALA A 2 -12.29 2.98 22.23
CA ALA A 2 -12.60 2.07 21.12
C ALA A 2 -11.41 1.88 20.17
N SER A 3 -10.21 2.18 20.66
CA SER A 3 -9.01 2.06 19.86
C SER A 3 -8.54 0.61 19.77
N MET A 4 -9.38 -0.23 19.21
CA MET A 4 -9.07 -1.63 19.00
C MET A 4 -9.48 -2.04 17.59
N THR A 5 -10.01 -1.07 16.86
CA THR A 5 -10.45 -1.30 15.51
C THR A 5 -9.29 -1.20 14.54
N ASP A 6 -9.23 -2.13 13.60
CA ASP A 6 -8.16 -2.15 12.60
C ASP A 6 -8.16 -0.85 11.80
N GLN A 7 -6.97 -0.43 11.37
CA GLN A 7 -6.80 0.82 10.61
C GLN A 7 -7.44 0.72 9.22
N GLN A 8 -8.01 -0.45 8.93
CA GLN A 8 -8.70 -0.68 7.68
C GLN A 8 -9.87 0.30 7.53
N ALA A 9 -10.50 0.63 8.66
CA ALA A 9 -11.62 1.57 8.66
C ALA A 9 -11.17 2.94 8.18
N GLU A 10 -9.98 3.34 8.60
CA GLU A 10 -9.42 4.62 8.19
C GLU A 10 -9.06 4.58 6.72
N ALA A 11 -8.40 3.49 6.33
CA ALA A 11 -7.96 3.31 4.95
C ALA A 11 -9.13 3.37 3.95
N ARG A 12 -10.24 2.72 4.29
CA ARG A 12 -11.41 2.71 3.41
C ARG A 12 -12.06 4.08 3.32
N SER A 13 -11.83 4.91 4.33
CA SER A 13 -12.43 6.24 4.40
C SER A 13 -11.79 7.21 3.40
N TYR A 14 -10.67 6.80 2.82
CA TYR A 14 -9.98 7.62 1.84
C TYR A 14 -10.20 7.05 0.45
N LEU A 15 -11.04 6.03 0.36
CA LEU A 15 -11.30 5.36 -0.90
C LEU A 15 -12.79 5.42 -1.23
N SER A 16 -13.17 4.82 -2.32
CA SER A 16 -14.55 4.74 -2.71
C SER A 16 -14.99 3.27 -2.69
N GLU A 17 -16.27 3.02 -2.62
CA GLU A 17 -16.79 1.66 -2.51
C GLU A 17 -16.54 0.83 -3.78
N GLU A 18 -16.65 1.44 -4.95
CA GLU A 18 -16.44 0.71 -6.20
C GLU A 18 -14.98 0.31 -6.37
N MET A 19 -14.06 1.17 -5.93
CA MET A 19 -12.63 0.86 -6.03
C MET A 19 -12.25 -0.23 -5.03
N ILE A 20 -12.98 -0.28 -3.91
CA ILE A 20 -12.76 -1.32 -2.92
C ILE A 20 -13.22 -2.67 -3.48
N ALA A 21 -14.31 -2.63 -4.24
CA ALA A 21 -14.85 -3.83 -4.86
C ALA A 21 -13.87 -4.40 -5.89
N GLU A 22 -13.08 -3.52 -6.48
CA GLU A 22 -12.07 -3.92 -7.45
C GLU A 22 -10.86 -4.53 -6.75
N PHE A 23 -10.44 -3.88 -5.66
CA PHE A 23 -9.30 -4.33 -4.86
C PHE A 23 -9.53 -5.74 -4.32
N LYS A 24 -10.78 -6.18 -4.28
CA LYS A 24 -11.14 -7.51 -3.81
C LYS A 24 -10.31 -8.59 -4.53
N ALA A 25 -10.08 -8.39 -5.82
CA ALA A 25 -9.37 -9.36 -6.65
C ALA A 25 -7.91 -9.52 -6.25
N ALA A 26 -7.41 -8.58 -5.43
CA ALA A 26 -6.03 -8.59 -4.95
C ALA A 26 -5.64 -9.94 -4.32
N PHE A 27 -6.59 -10.61 -3.69
CA PHE A 27 -6.30 -11.90 -3.03
C PHE A 27 -5.78 -12.93 -4.06
N ASP A 28 -6.17 -12.75 -5.32
CA ASP A 28 -5.81 -13.68 -6.40
C ASP A 28 -4.35 -13.49 -6.80
N MET A 29 -3.81 -12.32 -6.52
CA MET A 29 -2.41 -12.00 -6.85
C MET A 29 -1.44 -13.01 -6.23
N PHE A 30 -1.67 -13.34 -4.97
CA PHE A 30 -0.76 -14.21 -4.23
C PHE A 30 -1.35 -15.61 -4.04
N ASP A 31 -2.69 -15.68 -3.91
CA ASP A 31 -3.44 -16.93 -3.67
C ASP A 31 -2.73 -17.89 -2.70
N ALA A 32 -2.84 -17.61 -1.40
CA ALA A 32 -2.19 -18.41 -0.39
C ALA A 32 -2.99 -19.68 -0.08
N ASP A 33 -4.22 -19.51 0.38
CA ASP A 33 -5.05 -20.65 0.79
C ASP A 33 -6.42 -20.60 0.11
N GLY A 34 -7.19 -19.60 0.46
CA GLY A 34 -8.52 -19.43 -0.10
C GLY A 34 -8.89 -17.98 -0.18
N GLY A 35 -8.86 -17.32 0.97
CA GLY A 35 -9.05 -15.91 1.00
C GLY A 35 -7.72 -15.27 0.86
N GLY A 36 -7.11 -14.93 1.97
CA GLY A 36 -5.76 -14.49 1.87
C GLY A 36 -5.15 -14.02 3.16
N ASP A 37 -3.98 -14.55 3.44
CA ASP A 37 -3.11 -14.11 4.49
C ASP A 37 -1.71 -14.23 3.97
N ILE A 38 -1.08 -13.12 3.78
CA ILE A 38 0.18 -13.08 3.07
C ILE A 38 1.36 -12.81 3.99
N SER A 39 2.49 -13.40 3.65
CA SER A 39 3.73 -13.19 4.36
C SER A 39 4.78 -12.59 3.42
N VAL A 40 6.00 -12.40 3.91
CA VAL A 40 7.06 -11.77 3.12
C VAL A 40 7.38 -12.53 1.82
N LYS A 41 7.17 -13.84 1.81
CA LYS A 41 7.48 -14.64 0.62
C LYS A 41 6.42 -14.42 -0.45
N GLU A 42 5.19 -14.74 -0.12
CA GLU A 42 4.05 -14.55 -1.03
C GLU A 42 4.01 -13.10 -1.54
N LEU A 43 4.22 -12.15 -0.63
CA LEU A 43 4.22 -10.73 -0.98
C LEU A 43 5.39 -10.42 -1.91
N GLY A 44 6.58 -10.89 -1.52
CA GLY A 44 7.77 -10.69 -2.32
C GLY A 44 7.63 -11.27 -3.70
N THR A 45 6.86 -12.33 -3.82
CA THR A 45 6.63 -12.98 -5.10
C THR A 45 5.89 -12.05 -6.04
N VAL A 46 4.73 -11.57 -5.61
CA VAL A 46 3.94 -10.69 -6.44
C VAL A 46 4.65 -9.39 -6.76
N MET A 47 5.25 -8.76 -5.76
CA MET A 47 5.91 -7.48 -5.99
C MET A 47 7.12 -7.61 -6.91
N ARG A 48 7.85 -8.72 -6.82
CA ARG A 48 9.01 -8.93 -7.68
C ARG A 48 8.55 -9.31 -9.07
N MET A 49 7.31 -9.78 -9.18
CA MET A 49 6.73 -10.17 -10.44
C MET A 49 6.59 -8.96 -11.38
N LEU A 50 6.41 -7.77 -10.80
CA LEU A 50 6.31 -6.58 -11.62
C LEU A 50 7.69 -6.12 -12.08
N GLY A 51 8.71 -6.42 -11.28
CA GLY A 51 10.06 -6.06 -11.66
C GLY A 51 10.90 -5.54 -10.51
N GLN A 52 10.26 -4.91 -9.55
CA GLN A 52 10.96 -4.34 -8.41
C GLN A 52 11.32 -5.42 -7.38
N THR A 53 12.42 -5.22 -6.68
CA THR A 53 12.87 -6.15 -5.65
C THR A 53 14.05 -5.57 -4.85
N PRO A 54 13.75 -4.94 -3.70
CA PRO A 54 14.79 -4.36 -2.86
C PRO A 54 15.46 -5.38 -1.94
N THR A 55 14.74 -5.83 -0.91
CA THR A 55 15.27 -6.77 0.06
C THR A 55 14.17 -7.22 1.03
N LYS A 56 14.41 -8.34 1.71
CA LYS A 56 13.48 -8.89 2.71
C LYS A 56 13.24 -7.86 3.81
N GLU A 57 14.29 -7.08 4.12
CA GLU A 57 14.23 -6.05 5.15
C GLU A 57 13.08 -5.08 4.88
N GLU A 58 12.97 -4.66 3.62
CA GLU A 58 11.94 -3.74 3.22
C GLU A 58 10.56 -4.38 3.36
N LEU A 59 10.47 -5.65 3.02
CA LEU A 59 9.21 -6.38 3.09
C LEU A 59 8.77 -6.55 4.53
N ASP A 60 9.68 -7.05 5.36
CA ASP A 60 9.40 -7.28 6.77
C ASP A 60 9.01 -5.99 7.48
N ALA A 61 9.75 -4.92 7.19
CA ALA A 61 9.53 -3.63 7.84
C ALA A 61 8.18 -3.01 7.43
N ILE A 62 7.88 -3.01 6.13
CA ILE A 62 6.63 -2.41 5.65
C ILE A 62 5.43 -3.16 6.20
N ILE A 63 5.54 -4.47 6.32
CA ILE A 63 4.45 -5.28 6.85
C ILE A 63 4.39 -5.14 8.38
N GLU A 64 5.55 -5.01 8.99
CA GLU A 64 5.66 -4.90 10.43
C GLU A 64 5.08 -3.58 10.97
N GLU A 65 5.37 -2.48 10.29
CA GLU A 65 4.90 -1.17 10.73
C GLU A 65 3.37 -1.06 10.70
N VAL A 66 2.75 -1.82 9.80
CA VAL A 66 1.30 -1.79 9.65
C VAL A 66 0.62 -2.90 10.46
N ASP A 67 1.32 -4.01 10.65
CA ASP A 67 0.77 -5.15 11.39
C ASP A 67 0.80 -4.89 12.87
N GLU A 68 -0.37 -4.80 13.47
CA GLU A 68 -0.49 -4.57 14.90
C GLU A 68 -1.16 -5.73 15.60
N ASP A 69 -1.22 -6.88 14.95
CA ASP A 69 -1.85 -8.04 15.56
C ASP A 69 -0.80 -8.95 16.18
N GLY A 70 0.45 -8.82 15.74
CA GLY A 70 1.53 -9.60 16.31
C GLY A 70 2.05 -10.64 15.35
N SER A 71 2.38 -10.21 14.15
CA SER A 71 2.86 -11.05 13.13
C SER A 71 3.25 -10.17 11.99
N GLY A 72 3.50 -10.76 10.89
CA GLY A 72 3.43 -10.01 9.72
C GLY A 72 2.51 -10.77 8.84
N THR A 73 1.40 -10.19 8.57
CA THR A 73 0.39 -10.82 7.78
C THR A 73 -0.34 -9.81 6.96
N ILE A 74 -0.62 -10.13 5.75
CA ILE A 74 -1.51 -9.32 5.01
C ILE A 74 -2.85 -10.03 5.03
N ASP A 75 -3.92 -9.30 4.90
CA ASP A 75 -5.26 -9.88 5.01
C ASP A 75 -6.15 -9.12 4.04
N PHE A 76 -7.43 -9.04 4.31
CA PHE A 76 -8.31 -8.23 3.51
C PHE A 76 -8.31 -6.84 4.09
N GLU A 77 -8.27 -6.78 5.42
CA GLU A 77 -8.24 -5.52 6.13
C GLU A 77 -6.83 -4.94 6.20
N GLU A 78 -5.86 -5.78 6.57
CA GLU A 78 -4.46 -5.36 6.62
C GLU A 78 -3.99 -4.91 5.22
N PHE A 79 -4.61 -5.49 4.19
CA PHE A 79 -4.28 -5.22 2.78
C PHE A 79 -4.55 -3.75 2.41
N LEU A 80 -5.71 -3.23 2.80
CA LEU A 80 -6.12 -1.87 2.42
C LEU A 80 -5.05 -0.83 2.77
N VAL A 81 -4.53 -0.87 3.99
CA VAL A 81 -3.53 0.11 4.43
C VAL A 81 -2.30 0.09 3.50
N MET A 82 -1.97 -1.09 2.99
CA MET A 82 -0.83 -1.27 2.09
C MET A 82 -1.05 -0.52 0.77
N MET A 83 -2.24 -0.65 0.22
CA MET A 83 -2.54 -0.06 -1.08
C MET A 83 -2.76 1.43 -0.95
N VAL A 84 -3.45 1.82 0.12
CA VAL A 84 -3.72 3.21 0.40
C VAL A 84 -2.44 3.95 0.68
N ARG A 85 -1.50 3.29 1.37
CA ARG A 85 -0.25 3.94 1.72
C ARG A 85 0.43 4.51 0.50
N GLN A 86 0.50 3.72 -0.56
CA GLN A 86 1.18 4.14 -1.79
C GLN A 86 0.52 5.37 -2.39
N MET A 87 -0.80 5.39 -2.44
CA MET A 87 -1.53 6.53 -2.98
C MET A 87 -1.57 7.69 -1.97
N LYS A 88 -1.61 7.36 -0.68
CA LYS A 88 -1.65 8.35 0.36
C LYS A 88 -0.36 9.17 0.42
N GLU A 89 0.79 8.49 0.24
CA GLU A 89 2.08 9.16 0.25
C GLU A 89 2.35 9.88 -1.08
N ASP A 90 1.61 9.48 -2.11
CA ASP A 90 1.74 10.08 -3.44
C ASP A 90 1.03 11.43 -3.46
N ALA A 91 -0.08 11.51 -2.73
CA ALA A 91 -0.93 12.69 -2.69
C ALA A 91 -0.47 13.67 -1.62
N GLY A 92 0.82 13.73 -1.40
CA GLY A 92 1.37 14.61 -0.38
C GLY A 92 0.97 16.08 -0.58
N GLY A 93 0.70 16.46 -1.82
CA GLY A 93 0.26 17.81 -2.14
C GLY A 93 1.17 18.89 -1.60
N ALA A 94 2.35 19.01 -2.17
CA ALA A 94 3.30 20.02 -1.74
C ALA A 94 3.28 21.21 -2.68
N GLY A 95 2.89 20.96 -3.92
CA GLY A 95 2.87 22.01 -4.91
C GLY A 95 4.14 22.03 -5.74
N GLY A 96 5.28 21.93 -5.06
CA GLY A 96 6.54 21.92 -5.75
C GLY A 96 7.13 20.53 -5.85
N LYS A 97 7.51 19.96 -4.72
CA LYS A 97 8.11 18.62 -4.70
C LYS A 97 8.03 17.98 -3.32
N LEU A 98 8.21 16.67 -3.30
CA LEU A 98 8.27 15.88 -2.06
C LEU A 98 9.60 15.14 -2.05
N PHE A 99 10.61 15.79 -2.65
CA PHE A 99 11.93 15.21 -2.87
C PHE A 99 11.83 14.23 -4.04
N ASP A 100 10.74 14.37 -4.77
CA ASP A 100 10.42 13.56 -5.92
C ASP A 100 10.96 14.20 -7.19
N LEU A 101 11.27 13.38 -8.19
CA LEU A 101 11.84 13.86 -9.44
C LEU A 101 11.13 13.24 -10.65
N ARG A 102 9.99 12.61 -10.41
CA ARG A 102 9.24 11.95 -11.49
C ARG A 102 8.61 12.98 -12.43
N GLY A 103 8.22 14.13 -11.87
CA GLY A 103 7.62 15.18 -12.67
C GLY A 103 6.57 15.94 -11.90
N LYS A 104 6.41 17.22 -12.24
CA LYS A 104 5.44 18.06 -11.55
C LYS A 104 4.08 18.01 -12.24
N PHE A 105 4.09 18.16 -13.56
CA PHE A 105 2.85 18.17 -14.32
C PHE A 105 2.77 16.96 -15.25
N LYS A 106 3.73 16.06 -15.10
CA LYS A 106 3.78 14.87 -15.93
C LYS A 106 4.51 13.75 -15.20
N ARG A 107 3.93 12.57 -15.19
CA ARG A 107 4.55 11.43 -14.56
C ARG A 107 4.99 10.40 -15.60
N PRO A 108 6.08 9.65 -15.31
CA PRO A 108 6.63 8.64 -16.23
C PRO A 108 5.64 7.51 -16.54
N PRO A 109 5.97 6.66 -17.56
CA PRO A 109 5.13 5.53 -17.95
C PRO A 109 5.03 4.46 -16.86
N LEU A 110 4.33 3.38 -17.18
CA LEU A 110 4.12 2.27 -16.25
C LEU A 110 5.35 1.35 -16.23
N ARG A 111 6.52 1.94 -16.36
CA ARG A 111 7.78 1.19 -16.37
C ARG A 111 8.01 0.49 -15.01
N ARG A 112 8.85 -0.56 -15.02
CA ARG A 112 9.15 -1.33 -13.82
C ARG A 112 10.00 -0.52 -12.84
N VAL A 113 9.33 0.26 -12.01
CA VAL A 113 9.98 1.09 -11.01
C VAL A 113 8.97 1.46 -9.92
N ARG A 114 9.42 2.07 -8.83
CA ARG A 114 8.51 2.52 -7.77
C ARG A 114 7.56 3.57 -8.33
N MET A 115 6.31 3.20 -8.49
CA MET A 115 5.33 4.09 -9.09
C MET A 115 4.05 4.14 -8.26
N SER A 116 3.09 4.90 -8.74
CA SER A 116 1.83 5.11 -8.05
C SER A 116 0.97 3.84 -8.00
N ALA A 117 0.08 3.80 -7.00
CA ALA A 117 -0.85 2.68 -6.81
C ALA A 117 -1.62 2.36 -8.06
N ASP A 118 -2.09 3.40 -8.75
CA ASP A 118 -2.87 3.22 -9.98
C ASP A 118 -2.08 2.43 -11.02
N ALA A 119 -0.82 2.81 -11.19
CA ALA A 119 0.04 2.18 -12.16
C ALA A 119 0.36 0.74 -11.78
N MET A 120 0.84 0.55 -10.55
CA MET A 120 1.19 -0.80 -10.08
C MET A 120 -0.03 -1.71 -10.02
N LEU A 121 -1.14 -1.19 -9.51
CA LEU A 121 -2.35 -1.97 -9.37
C LEU A 121 -2.88 -2.41 -10.72
N LYS A 122 -2.63 -1.59 -11.73
CA LYS A 122 -3.05 -1.92 -13.08
C LYS A 122 -2.27 -3.14 -13.58
N ALA A 123 -1.02 -3.25 -13.16
CA ALA A 123 -0.18 -4.37 -13.56
C ALA A 123 -0.56 -5.63 -12.78
N LEU A 124 -0.83 -5.46 -11.49
CA LEU A 124 -1.26 -6.59 -10.64
C LEU A 124 -2.59 -7.17 -11.13
N LEU A 125 -3.50 -6.29 -11.53
CA LEU A 125 -4.81 -6.70 -12.01
C LEU A 125 -4.82 -6.98 -13.51
N GLY A 126 -3.69 -6.75 -14.16
CA GLY A 126 -3.58 -6.98 -15.59
C GLY A 126 -4.41 -5.99 -16.41
N SER A 127 -5.70 -6.23 -16.46
CA SER A 127 -6.62 -5.36 -17.18
C SER A 127 -7.95 -5.24 -16.45
N LYS A 128 -8.00 -5.74 -15.21
CA LYS A 128 -9.22 -5.69 -14.41
C LYS A 128 -9.37 -4.32 -13.75
N HIS A 129 -8.28 -3.55 -13.73
CA HIS A 129 -8.29 -2.21 -13.14
C HIS A 129 -9.13 -1.27 -13.99
N LYS A 130 -10.33 -0.98 -13.52
CA LYS A 130 -11.27 -0.18 -14.24
C LYS A 130 -11.57 1.13 -13.51
N VAL A 131 -11.41 1.15 -12.21
CA VAL A 131 -11.70 2.34 -11.42
C VAL A 131 -10.53 3.33 -11.45
N CYS A 132 -10.78 4.52 -10.94
CA CYS A 132 -9.76 5.54 -10.87
C CYS A 132 -9.16 5.58 -9.46
N MET A 133 -7.85 5.69 -9.39
CA MET A 133 -7.17 5.76 -8.12
C MET A 133 -7.21 7.19 -7.60
N ASP A 134 -8.20 7.49 -6.78
CA ASP A 134 -8.37 8.82 -6.27
C ASP A 134 -8.49 8.80 -4.76
N LEU A 135 -7.69 9.63 -4.11
CA LEU A 135 -7.71 9.72 -2.66
C LEU A 135 -8.80 10.70 -2.23
N ARG A 136 -9.73 10.21 -1.44
CA ARG A 136 -10.84 11.02 -1.00
C ARG A 136 -10.50 11.75 0.28
N ALA A 137 -11.15 12.90 0.49
CA ALA A 137 -10.99 13.72 1.69
C ALA A 137 -9.57 14.26 1.82
N ASN A 138 -8.92 14.48 0.69
CA ASN A 138 -7.57 15.00 0.70
C ASN A 138 -7.38 16.05 -0.39
N LEU A 139 -7.21 17.28 0.02
CA LEU A 139 -7.01 18.38 -0.90
C LEU A 139 -5.66 19.04 -0.59
N LYS A 140 -5.54 19.50 0.64
CA LYS A 140 -4.32 20.15 1.10
C LYS A 140 -4.21 20.01 2.61
N GLN A 141 -2.99 19.91 3.11
CA GLN A 141 -2.76 19.78 4.53
C GLN A 141 -1.66 20.73 4.98
N VAL A 142 -1.71 21.12 6.25
CA VAL A 142 -0.72 22.04 6.84
C VAL A 142 0.55 21.27 7.20
N LYS A 143 0.54 20.03 6.86
CA LYS A 143 1.64 19.14 7.15
C LYS A 143 2.26 18.65 5.87
N LYS A 144 3.57 18.61 5.85
CA LYS A 144 4.28 18.12 4.70
C LYS A 144 5.41 17.23 5.16
N GLU A 145 5.25 15.95 4.98
CA GLU A 145 6.26 14.99 5.42
C GLU A 145 7.45 14.93 4.46
N ASP A 146 7.72 16.05 3.80
CA ASP A 146 8.85 16.17 2.91
C ASP A 146 10.11 16.39 3.73
N HIS A 147 10.51 15.36 4.42
CA HIS A 147 11.67 15.38 5.25
C HIS A 147 12.53 14.16 4.97
N HIS A 148 13.49 14.33 4.10
CA HIS A 148 14.35 13.23 3.71
C HIS A 148 15.79 13.56 4.02
N HIS A 149 16.60 12.53 4.21
CA HIS A 149 17.98 12.71 4.56
C HIS A 149 18.87 11.80 3.72
N HIS A 150 20.17 11.95 3.87
CA HIS A 150 21.12 11.13 3.15
C HIS A 150 21.52 9.95 4.00
N HIS A 151 21.35 8.76 3.47
CA HIS A 151 21.70 7.55 4.19
C HIS A 151 22.13 6.46 3.22
N HIS A 152 23.28 5.86 3.50
CA HIS A 152 23.81 4.78 2.69
C HIS A 152 24.74 3.93 3.53
N MET A 1 -17.58 0.60 16.60
CA MET A 1 -17.41 0.33 15.16
C MET A 1 -16.84 1.56 14.45
N ALA A 2 -17.44 2.70 14.69
CA ALA A 2 -17.00 3.94 14.07
C ALA A 2 -16.08 4.72 15.00
N SER A 3 -15.31 5.64 14.41
CA SER A 3 -14.36 6.50 15.15
C SER A 3 -13.44 5.70 16.08
N MET A 4 -12.39 5.12 15.52
CA MET A 4 -11.45 4.33 16.29
C MET A 4 -10.01 4.53 15.84
N THR A 5 -9.09 3.93 16.58
CA THR A 5 -7.67 4.03 16.32
C THR A 5 -7.25 3.14 15.15
N ASP A 6 -8.10 2.17 14.83
CA ASP A 6 -7.82 1.22 13.75
C ASP A 6 -7.57 1.91 12.43
N GLN A 7 -6.36 1.74 11.90
CA GLN A 7 -6.04 2.30 10.60
C GLN A 7 -6.77 1.51 9.52
N GLN A 8 -7.24 0.32 9.91
CA GLN A 8 -8.04 -0.53 9.03
C GLN A 8 -9.26 0.26 8.57
N ALA A 9 -9.85 1.00 9.52
CA ALA A 9 -11.02 1.80 9.24
C ALA A 9 -10.64 3.08 8.49
N GLU A 10 -9.49 3.66 8.85
CA GLU A 10 -9.02 4.90 8.21
C GLU A 10 -8.82 4.68 6.71
N ALA A 11 -8.23 3.55 6.38
CA ALA A 11 -7.96 3.21 5.00
C ALA A 11 -9.25 2.88 4.25
N ARG A 12 -10.06 2.02 4.84
CA ARG A 12 -11.30 1.55 4.22
C ARG A 12 -12.31 2.69 4.06
N SER A 13 -12.24 3.68 4.92
CA SER A 13 -13.20 4.78 4.90
C SER A 13 -12.91 5.78 3.78
N TYR A 14 -11.71 5.70 3.20
CA TYR A 14 -11.35 6.63 2.14
C TYR A 14 -11.38 5.97 0.78
N LEU A 15 -11.86 4.74 0.74
CA LEU A 15 -11.99 4.02 -0.49
C LEU A 15 -13.45 3.89 -0.87
N SER A 16 -13.75 4.13 -2.12
CA SER A 16 -15.10 4.02 -2.61
C SER A 16 -15.40 2.59 -3.04
N GLU A 17 -16.67 2.19 -2.99
CA GLU A 17 -17.08 0.84 -3.34
C GLU A 17 -16.62 0.44 -4.75
N GLU A 18 -16.56 1.42 -5.65
CA GLU A 18 -16.12 1.16 -7.02
C GLU A 18 -14.68 0.66 -7.03
N MET A 19 -13.81 1.36 -6.32
CA MET A 19 -12.39 0.99 -6.28
C MET A 19 -12.17 -0.24 -5.41
N ILE A 20 -13.05 -0.44 -4.42
CA ILE A 20 -12.97 -1.62 -3.57
C ILE A 20 -13.34 -2.87 -4.38
N ALA A 21 -14.27 -2.71 -5.31
CA ALA A 21 -14.66 -3.80 -6.19
C ALA A 21 -13.49 -4.21 -7.07
N GLU A 22 -12.66 -3.22 -7.41
CA GLU A 22 -11.45 -3.46 -8.20
C GLU A 22 -10.43 -4.23 -7.36
N PHE A 23 -10.32 -3.82 -6.09
CA PHE A 23 -9.40 -4.44 -5.15
C PHE A 23 -9.75 -5.92 -4.92
N LYS A 24 -10.99 -6.30 -5.24
CA LYS A 24 -11.40 -7.69 -5.11
C LYS A 24 -10.52 -8.58 -5.99
N ALA A 25 -10.08 -8.04 -7.11
CA ALA A 25 -9.24 -8.79 -8.05
C ALA A 25 -7.85 -9.05 -7.47
N ALA A 26 -7.41 -8.16 -6.55
CA ALA A 26 -6.09 -8.29 -5.89
C ALA A 26 -5.90 -9.68 -5.29
N PHE A 27 -7.00 -10.26 -4.88
CA PHE A 27 -7.06 -11.61 -4.30
C PHE A 27 -6.34 -12.65 -5.19
N ASP A 28 -6.41 -12.48 -6.51
CA ASP A 28 -5.79 -13.45 -7.43
C ASP A 28 -4.27 -13.21 -7.57
N MET A 29 -3.81 -12.00 -7.23
CA MET A 29 -2.38 -11.63 -7.33
C MET A 29 -1.48 -12.66 -6.66
N PHE A 30 -1.75 -12.94 -5.39
CA PHE A 30 -0.91 -13.85 -4.62
C PHE A 30 -1.38 -15.29 -4.76
N ASP A 31 -2.72 -15.51 -4.66
CA ASP A 31 -3.35 -16.86 -4.75
C ASP A 31 -2.61 -17.96 -3.95
N ALA A 32 -1.91 -17.54 -2.89
CA ALA A 32 -1.12 -18.45 -2.05
C ALA A 32 -1.94 -19.66 -1.58
N ASP A 33 -2.89 -19.41 -0.69
CA ASP A 33 -3.76 -20.47 -0.19
C ASP A 33 -5.19 -20.19 -0.61
N GLY A 34 -5.38 -19.07 -1.26
CA GLY A 34 -6.68 -18.66 -1.69
C GLY A 34 -7.39 -17.96 -0.59
N GLY A 35 -7.68 -18.69 0.43
CA GLY A 35 -8.38 -18.16 1.56
C GLY A 35 -7.52 -18.17 2.78
N GLY A 36 -6.41 -17.47 2.69
CA GLY A 36 -5.50 -17.43 3.78
C GLY A 36 -4.81 -16.09 3.90
N ASP A 37 -4.03 -15.93 4.95
CA ASP A 37 -3.33 -14.69 5.19
C ASP A 37 -1.95 -14.73 4.56
N ILE A 38 -1.55 -13.60 4.00
CA ILE A 38 -0.30 -13.50 3.25
C ILE A 38 0.88 -13.19 4.17
N SER A 39 2.05 -13.69 3.79
CA SER A 39 3.28 -13.41 4.50
C SER A 39 4.26 -12.65 3.60
N VAL A 40 5.43 -12.33 4.16
CA VAL A 40 6.46 -11.55 3.47
C VAL A 40 6.83 -12.11 2.08
N LYS A 41 6.90 -13.42 1.98
CA LYS A 41 7.33 -14.06 0.74
C LYS A 41 6.30 -13.91 -0.36
N GLU A 42 5.09 -14.36 -0.07
CA GLU A 42 3.97 -14.29 -1.01
C GLU A 42 3.77 -12.86 -1.51
N LEU A 43 3.83 -11.89 -0.59
CA LEU A 43 3.67 -10.49 -0.95
C LEU A 43 4.86 -10.04 -1.81
N GLY A 44 6.06 -10.39 -1.36
CA GLY A 44 7.26 -10.05 -2.09
C GLY A 44 7.25 -10.60 -3.49
N THR A 45 6.58 -11.73 -3.67
CA THR A 45 6.47 -12.35 -4.97
C THR A 45 5.70 -11.45 -5.94
N VAL A 46 4.51 -11.01 -5.53
CA VAL A 46 3.68 -10.15 -6.38
C VAL A 46 4.42 -8.88 -6.79
N MET A 47 5.00 -8.18 -5.83
CA MET A 47 5.70 -6.92 -6.12
C MET A 47 6.94 -7.16 -6.98
N ARG A 48 7.61 -8.28 -6.77
CA ARG A 48 8.80 -8.62 -7.55
C ARG A 48 8.40 -9.03 -8.96
N MET A 49 7.17 -9.49 -9.10
CA MET A 49 6.62 -9.92 -10.37
C MET A 49 6.52 -8.76 -11.37
N LEU A 50 6.29 -7.55 -10.87
CA LEU A 50 6.17 -6.38 -11.75
C LEU A 50 7.55 -5.96 -12.28
N GLY A 51 8.60 -6.31 -11.55
CA GLY A 51 9.93 -5.95 -11.96
C GLY A 51 10.75 -5.38 -10.82
N GLN A 52 10.08 -5.01 -9.73
CA GLN A 52 10.76 -4.49 -8.56
C GLN A 52 11.51 -5.60 -7.84
N THR A 53 12.53 -5.23 -7.09
CA THR A 53 13.31 -6.22 -6.39
C THR A 53 13.78 -5.69 -5.02
N PRO A 54 13.01 -6.00 -3.97
CA PRO A 54 13.33 -5.62 -2.60
C PRO A 54 14.11 -6.71 -1.85
N THR A 55 14.13 -6.59 -0.54
CA THR A 55 14.76 -7.57 0.32
C THR A 55 13.76 -7.99 1.40
N LYS A 56 13.98 -9.16 2.00
CA LYS A 56 13.05 -9.69 3.01
C LYS A 56 12.89 -8.73 4.17
N GLU A 57 13.99 -8.13 4.62
CA GLU A 57 13.95 -7.18 5.73
C GLU A 57 13.07 -5.98 5.41
N GLU A 58 13.06 -5.58 4.15
CA GLU A 58 12.23 -4.48 3.70
C GLU A 58 10.77 -4.89 3.81
N LEU A 59 10.48 -6.10 3.33
CA LEU A 59 9.12 -6.64 3.34
C LEU A 59 8.64 -6.80 4.77
N ASP A 60 9.49 -7.38 5.59
CA ASP A 60 9.18 -7.60 6.99
C ASP A 60 8.88 -6.28 7.69
N ALA A 61 9.67 -5.26 7.37
CA ALA A 61 9.51 -3.94 7.97
C ALA A 61 8.24 -3.22 7.48
N ILE A 62 8.04 -3.17 6.16
CA ILE A 62 6.88 -2.47 5.57
C ILE A 62 5.56 -3.09 6.07
N ILE A 63 5.59 -4.35 6.38
CA ILE A 63 4.41 -5.01 6.92
C ILE A 63 4.33 -4.79 8.44
N GLU A 64 5.47 -4.83 9.08
CA GLU A 64 5.57 -4.70 10.53
C GLU A 64 5.22 -3.31 11.04
N GLU A 65 5.59 -2.28 10.29
CA GLU A 65 5.33 -0.89 10.69
C GLU A 65 3.85 -0.65 10.95
N VAL A 66 2.99 -1.44 10.31
CA VAL A 66 1.56 -1.30 10.48
C VAL A 66 0.97 -2.50 11.23
N ASP A 67 1.58 -3.66 11.08
CA ASP A 67 1.10 -4.86 11.74
C ASP A 67 1.66 -4.94 13.14
N GLU A 68 0.86 -4.52 14.09
CA GLU A 68 1.26 -4.60 15.48
C GLU A 68 0.40 -5.58 16.23
N ASP A 69 -0.23 -6.50 15.51
CA ASP A 69 -1.05 -7.53 16.15
C ASP A 69 -0.15 -8.61 16.72
N GLY A 70 1.06 -8.70 16.20
CA GLY A 70 2.01 -9.66 16.69
C GLY A 70 2.45 -10.64 15.63
N SER A 71 2.62 -10.13 14.42
CA SER A 71 2.99 -10.92 13.30
C SER A 71 3.24 -9.98 12.16
N GLY A 72 3.40 -10.53 11.02
CA GLY A 72 3.20 -9.78 9.86
C GLY A 72 2.27 -10.60 9.04
N THR A 73 1.10 -10.09 8.84
CA THR A 73 0.08 -10.80 8.14
C THR A 73 -0.75 -9.87 7.33
N ILE A 74 -1.12 -10.27 6.14
CA ILE A 74 -2.04 -9.48 5.36
C ILE A 74 -3.42 -10.16 5.41
N ASP A 75 -4.46 -9.38 5.23
CA ASP A 75 -5.85 -9.85 5.30
C ASP A 75 -6.71 -8.90 4.53
N PHE A 76 -8.00 -9.19 4.38
CA PHE A 76 -8.92 -8.30 3.65
C PHE A 76 -8.80 -6.86 4.20
N GLU A 77 -8.73 -6.73 5.51
CA GLU A 77 -8.61 -5.44 6.17
C GLU A 77 -7.17 -4.90 6.07
N GLU A 78 -6.21 -5.73 6.47
CA GLU A 78 -4.78 -5.35 6.46
C GLU A 78 -4.29 -5.01 5.02
N PHE A 79 -4.89 -5.68 4.03
CA PHE A 79 -4.55 -5.49 2.61
C PHE A 79 -4.79 -4.06 2.17
N LEU A 80 -5.92 -3.49 2.61
CA LEU A 80 -6.28 -2.13 2.25
C LEU A 80 -5.19 -1.15 2.64
N VAL A 81 -4.75 -1.24 3.89
CA VAL A 81 -3.71 -0.34 4.41
C VAL A 81 -2.45 -0.39 3.54
N MET A 82 -2.19 -1.55 2.94
CA MET A 82 -1.04 -1.72 2.05
C MET A 82 -1.20 -0.88 0.78
N MET A 83 -2.37 -0.95 0.19
CA MET A 83 -2.62 -0.28 -1.08
C MET A 83 -2.80 1.21 -0.86
N VAL A 84 -3.49 1.56 0.21
CA VAL A 84 -3.76 2.93 0.54
C VAL A 84 -2.50 3.68 0.93
N ARG A 85 -1.57 3.02 1.61
CA ARG A 85 -0.35 3.69 2.06
C ARG A 85 0.40 4.34 0.91
N GLN A 86 0.43 3.68 -0.24
CA GLN A 86 1.13 4.24 -1.38
C GLN A 86 0.44 5.53 -1.84
N MET A 87 -0.87 5.45 -2.04
CA MET A 87 -1.63 6.61 -2.49
C MET A 87 -1.75 7.67 -1.40
N LYS A 88 -1.80 7.23 -0.15
CA LYS A 88 -1.88 8.12 1.00
C LYS A 88 -0.64 9.02 1.10
N GLU A 89 0.54 8.46 0.86
CA GLU A 89 1.77 9.24 0.98
C GLU A 89 2.17 9.89 -0.35
N ASP A 90 1.87 9.21 -1.45
CA ASP A 90 2.25 9.67 -2.79
C ASP A 90 1.25 10.68 -3.33
N ALA A 91 0.30 11.07 -2.48
CA ALA A 91 -0.70 12.06 -2.86
C ALA A 91 -0.07 13.44 -2.96
N GLY A 92 1.16 13.54 -2.51
CA GLY A 92 1.89 14.77 -2.57
C GLY A 92 2.38 15.21 -1.23
N GLY A 93 1.60 14.96 -0.20
CA GLY A 93 1.98 15.36 1.13
C GLY A 93 1.69 16.82 1.39
N ALA A 94 2.57 17.68 0.91
CA ALA A 94 2.41 19.11 1.09
C ALA A 94 3.13 19.87 -0.02
N GLY A 95 2.64 21.08 -0.31
CA GLY A 95 3.28 21.93 -1.30
C GLY A 95 2.96 21.54 -2.73
N GLY A 96 3.32 20.33 -3.10
CA GLY A 96 3.12 19.86 -4.47
C GLY A 96 1.69 19.48 -4.77
N LYS A 97 1.40 18.18 -4.66
CA LYS A 97 0.07 17.63 -4.98
C LYS A 97 -0.25 17.82 -6.43
N LEU A 98 0.74 17.55 -7.22
CA LEU A 98 0.66 17.70 -8.67
C LEU A 98 0.96 16.37 -9.34
N PHE A 99 0.26 16.10 -10.43
CA PHE A 99 0.45 14.85 -11.18
C PHE A 99 1.40 15.05 -12.36
N ASP A 100 2.03 16.21 -12.42
CA ASP A 100 2.96 16.54 -13.49
C ASP A 100 4.17 17.27 -12.94
N LEU A 101 5.35 16.90 -13.43
CA LEU A 101 6.64 17.48 -13.02
C LEU A 101 6.75 17.70 -11.52
N ARG A 102 7.02 16.62 -10.81
CA ARG A 102 7.18 16.68 -9.37
C ARG A 102 8.64 16.86 -8.97
N GLY A 103 8.93 17.99 -8.37
CA GLY A 103 10.26 18.25 -7.90
C GLY A 103 11.14 18.88 -8.95
N LYS A 104 12.15 19.62 -8.49
CA LYS A 104 13.09 20.32 -9.37
C LYS A 104 14.08 19.35 -10.04
N PHE A 105 13.88 18.07 -9.82
CA PHE A 105 14.76 17.04 -10.35
C PHE A 105 14.23 16.49 -11.68
N LYS A 106 13.29 17.22 -12.30
CA LYS A 106 12.68 16.80 -13.58
C LYS A 106 11.93 15.49 -13.43
N ARG A 107 11.34 15.30 -12.24
CA ARG A 107 10.55 14.11 -11.86
C ARG A 107 11.37 12.79 -11.97
N PRO A 108 10.92 11.71 -11.29
CA PRO A 108 11.64 10.42 -11.29
C PRO A 108 11.85 9.85 -12.69
N PRO A 109 12.87 9.00 -12.84
CA PRO A 109 13.18 8.34 -14.11
C PRO A 109 12.29 7.12 -14.35
N LEU A 110 12.62 6.36 -15.38
CA LEU A 110 11.85 5.17 -15.75
C LEU A 110 12.44 3.92 -15.09
N ARG A 111 12.94 4.10 -13.87
CA ARG A 111 13.50 2.98 -13.11
C ARG A 111 12.41 1.99 -12.70
N ARG A 112 12.83 0.84 -12.18
CA ARG A 112 11.90 -0.20 -11.74
C ARG A 112 11.70 -0.14 -10.22
N VAL A 113 11.81 1.06 -9.67
CA VAL A 113 11.58 1.28 -8.25
C VAL A 113 10.06 1.39 -7.99
N ARG A 114 9.64 1.44 -6.72
CA ARG A 114 8.23 1.57 -6.40
C ARG A 114 7.65 2.85 -7.01
N MET A 115 6.46 2.75 -7.55
CA MET A 115 5.83 3.88 -8.20
C MET A 115 4.43 4.10 -7.66
N SER A 116 3.74 5.08 -8.23
CA SER A 116 2.41 5.44 -7.81
C SER A 116 1.46 4.24 -7.88
N ALA A 117 0.55 4.15 -6.90
CA ALA A 117 -0.41 3.05 -6.81
C ALA A 117 -1.18 2.84 -8.11
N ASP A 118 -1.54 3.94 -8.77
CA ASP A 118 -2.31 3.84 -10.02
C ASP A 118 -1.48 3.18 -11.11
N ALA A 119 -0.22 3.55 -11.17
CA ALA A 119 0.69 2.97 -12.13
C ALA A 119 1.03 1.54 -11.74
N MET A 120 1.15 1.30 -10.44
CA MET A 120 1.46 -0.02 -9.93
C MET A 120 0.31 -1.00 -10.19
N LEU A 121 -0.91 -0.59 -9.81
CA LEU A 121 -2.11 -1.42 -10.05
C LEU A 121 -2.28 -1.71 -11.52
N LYS A 122 -1.84 -0.76 -12.34
CA LYS A 122 -1.91 -0.91 -13.78
C LYS A 122 -1.07 -2.11 -14.23
N ALA A 123 -0.01 -2.39 -13.49
CA ALA A 123 0.84 -3.54 -13.78
C ALA A 123 0.25 -4.81 -13.17
N LEU A 124 -0.17 -4.74 -11.91
CA LEU A 124 -0.77 -5.89 -11.21
C LEU A 124 -2.03 -6.40 -11.93
N LEU A 125 -2.92 -5.49 -12.29
CA LEU A 125 -4.17 -5.85 -12.95
C LEU A 125 -4.02 -5.86 -14.46
N GLY A 126 -3.03 -5.16 -14.97
CA GLY A 126 -2.83 -5.09 -16.39
C GLY A 126 -3.96 -4.39 -17.10
N SER A 127 -4.69 -5.12 -17.92
CA SER A 127 -5.81 -4.57 -18.65
C SER A 127 -7.10 -4.73 -17.85
N LYS A 128 -6.99 -5.32 -16.67
CA LYS A 128 -8.15 -5.53 -15.81
C LYS A 128 -8.39 -4.31 -14.92
N HIS A 129 -7.56 -3.30 -15.08
CA HIS A 129 -7.68 -2.08 -14.29
C HIS A 129 -8.60 -1.08 -14.98
N LYS A 130 -9.62 -0.63 -14.27
CA LYS A 130 -10.56 0.33 -14.81
C LYS A 130 -10.70 1.56 -13.90
N VAL A 131 -10.66 1.34 -12.59
CA VAL A 131 -10.88 2.43 -11.64
C VAL A 131 -9.67 3.31 -11.45
N CYS A 132 -9.90 4.50 -10.93
CA CYS A 132 -8.85 5.43 -10.63
C CYS A 132 -8.72 5.57 -9.11
N MET A 133 -7.55 5.31 -8.59
CA MET A 133 -7.34 5.39 -7.15
C MET A 133 -6.89 6.77 -6.72
N ASP A 134 -7.84 7.65 -6.55
CA ASP A 134 -7.57 8.97 -6.04
C ASP A 134 -8.44 9.24 -4.84
N LEU A 135 -7.88 9.83 -3.81
CA LEU A 135 -8.61 10.08 -2.59
C LEU A 135 -8.46 11.53 -2.17
N ARG A 136 -9.35 11.98 -1.32
CA ARG A 136 -9.33 13.34 -0.82
C ARG A 136 -9.46 13.33 0.69
N ALA A 137 -9.34 14.51 1.31
CA ALA A 137 -9.43 14.63 2.79
C ALA A 137 -8.31 13.86 3.47
N ASN A 138 -7.25 13.60 2.73
CA ASN A 138 -6.10 12.87 3.24
C ASN A 138 -4.85 13.70 3.06
N LEU A 139 -4.41 14.30 4.14
CA LEU A 139 -3.21 15.11 4.11
C LEU A 139 -2.09 14.41 4.86
N LYS A 140 -2.39 14.02 6.09
CA LYS A 140 -1.44 13.33 6.93
C LYS A 140 -2.15 12.59 8.05
N GLN A 141 -1.44 11.71 8.71
CA GLN A 141 -2.01 10.97 9.82
C GLN A 141 -1.47 11.50 11.14
N VAL A 142 -2.21 11.30 12.22
CA VAL A 142 -1.82 11.83 13.52
C VAL A 142 -0.89 10.84 14.25
N LYS A 143 -0.46 9.86 13.53
CA LYS A 143 0.38 8.81 14.06
C LYS A 143 1.63 8.67 13.22
N LYS A 144 2.70 8.19 13.83
CA LYS A 144 3.93 7.98 13.13
C LYS A 144 4.05 6.53 12.73
N GLU A 145 4.43 6.30 11.49
CA GLU A 145 4.61 4.94 11.00
C GLU A 145 5.83 4.29 11.66
N ASP A 146 6.62 5.12 12.31
CA ASP A 146 7.79 4.64 13.01
C ASP A 146 7.43 4.29 14.44
N HIS A 147 6.95 3.09 14.63
CA HIS A 147 6.54 2.63 15.94
C HIS A 147 7.00 1.20 16.15
N HIS A 148 6.67 0.34 15.20
CA HIS A 148 7.06 -1.04 15.27
C HIS A 148 8.39 -1.21 14.55
N HIS A 149 9.37 -1.78 15.23
CA HIS A 149 10.72 -1.91 14.66
C HIS A 149 11.37 -3.21 15.11
N HIS A 150 12.46 -3.57 14.43
CA HIS A 150 13.21 -4.78 14.76
C HIS A 150 14.66 -4.65 14.33
N HIS A 151 15.52 -5.51 14.87
CA HIS A 151 16.94 -5.50 14.53
C HIS A 151 17.58 -6.81 14.95
N HIS A 152 18.52 -7.30 14.15
CA HIS A 152 19.20 -8.54 14.46
C HIS A 152 20.70 -8.33 14.36
N MET A 1 -16.95 -1.13 12.09
CA MET A 1 -17.81 -0.13 12.76
C MET A 1 -17.80 -0.32 14.27
N ALA A 2 -17.62 -1.55 14.72
CA ALA A 2 -17.58 -1.85 16.14
C ALA A 2 -16.29 -1.28 16.75
N SER A 3 -15.23 -1.35 15.98
CA SER A 3 -13.95 -0.80 16.38
C SER A 3 -13.66 0.45 15.58
N MET A 4 -13.59 1.58 16.25
CA MET A 4 -13.33 2.85 15.58
C MET A 4 -11.98 3.41 15.99
N THR A 5 -11.19 2.59 16.66
CA THR A 5 -9.91 3.03 17.16
C THR A 5 -8.75 2.46 16.33
N ASP A 6 -9.07 1.90 15.19
CA ASP A 6 -8.06 1.33 14.31
C ASP A 6 -8.05 2.05 12.96
N GLN A 7 -6.97 1.90 12.21
CA GLN A 7 -6.85 2.56 10.93
C GLN A 7 -7.38 1.68 9.80
N GLN A 8 -7.76 0.46 10.13
CA GLN A 8 -8.33 -0.45 9.14
C GLN A 8 -9.66 0.10 8.68
N ALA A 9 -10.42 0.64 9.63
CA ALA A 9 -11.70 1.26 9.34
C ALA A 9 -11.50 2.53 8.50
N GLU A 10 -10.43 3.27 8.81
CA GLU A 10 -10.12 4.50 8.09
C GLU A 10 -9.81 4.19 6.64
N ALA A 11 -8.95 3.20 6.41
CA ALA A 11 -8.56 2.80 5.07
C ALA A 11 -9.77 2.47 4.21
N ARG A 12 -10.71 1.73 4.77
CA ARG A 12 -11.90 1.33 4.04
C ARG A 12 -12.86 2.52 3.86
N SER A 13 -12.72 3.51 4.72
CA SER A 13 -13.58 4.68 4.68
C SER A 13 -13.11 5.68 3.61
N TYR A 14 -11.89 5.51 3.12
CA TYR A 14 -11.36 6.42 2.12
C TYR A 14 -11.32 5.79 0.75
N LEU A 15 -11.89 4.61 0.63
CA LEU A 15 -11.93 3.92 -0.64
C LEU A 15 -13.36 3.80 -1.13
N SER A 16 -13.55 4.15 -2.39
CA SER A 16 -14.86 4.07 -2.99
C SER A 16 -15.14 2.63 -3.43
N GLU A 17 -16.41 2.34 -3.74
CA GLU A 17 -16.85 0.99 -4.07
C GLU A 17 -16.05 0.35 -5.22
N GLU A 18 -15.82 1.11 -6.28
CA GLU A 18 -15.08 0.57 -7.43
C GLU A 18 -13.63 0.34 -7.08
N MET A 19 -13.08 1.20 -6.26
CA MET A 19 -11.69 1.05 -5.82
C MET A 19 -11.55 -0.23 -5.01
N ILE A 20 -12.55 -0.51 -4.20
CA ILE A 20 -12.58 -1.73 -3.41
C ILE A 20 -12.84 -2.94 -4.32
N ALA A 21 -13.53 -2.71 -5.43
CA ALA A 21 -13.80 -3.77 -6.39
C ALA A 21 -12.49 -4.30 -6.98
N GLU A 22 -11.51 -3.41 -7.12
CA GLU A 22 -10.19 -3.81 -7.60
C GLU A 22 -9.44 -4.56 -6.52
N PHE A 23 -9.79 -4.30 -5.26
CA PHE A 23 -9.23 -5.03 -4.14
C PHE A 23 -9.77 -6.46 -4.12
N LYS A 24 -10.95 -6.64 -4.70
CA LYS A 24 -11.53 -7.97 -4.85
C LYS A 24 -10.69 -8.77 -5.84
N ALA A 25 -10.22 -8.09 -6.88
CA ALA A 25 -9.39 -8.71 -7.90
C ALA A 25 -7.97 -8.89 -7.38
N ALA A 26 -7.62 -8.11 -6.36
CA ALA A 26 -6.31 -8.18 -5.70
C ALA A 26 -5.96 -9.61 -5.27
N PHE A 27 -6.98 -10.38 -4.92
CA PHE A 27 -6.80 -11.78 -4.54
C PHE A 27 -6.04 -12.57 -5.63
N ASP A 28 -6.25 -12.16 -6.88
CA ASP A 28 -5.64 -12.82 -8.03
C ASP A 28 -4.14 -12.51 -8.15
N MET A 29 -3.73 -11.40 -7.52
CA MET A 29 -2.31 -11.00 -7.53
C MET A 29 -1.42 -12.12 -6.98
N PHE A 30 -1.74 -12.58 -5.78
CA PHE A 30 -0.95 -13.62 -5.15
C PHE A 30 -1.48 -15.02 -5.46
N ASP A 31 -2.80 -15.22 -5.24
CA ASP A 31 -3.45 -16.53 -5.39
C ASP A 31 -2.62 -17.64 -4.76
N ALA A 32 -2.71 -17.77 -3.45
CA ALA A 32 -1.93 -18.74 -2.72
C ALA A 32 -2.80 -19.86 -2.16
N ASP A 33 -3.77 -19.50 -1.34
CA ASP A 33 -4.63 -20.47 -0.69
C ASP A 33 -6.10 -20.19 -0.94
N GLY A 34 -6.59 -19.13 -0.32
CA GLY A 34 -7.98 -18.77 -0.46
C GLY A 34 -8.58 -18.36 0.86
N GLY A 35 -8.17 -19.04 1.91
CA GLY A 35 -8.67 -18.73 3.23
C GLY A 35 -7.55 -18.64 4.24
N GLY A 36 -6.65 -17.72 4.00
CA GLY A 36 -5.52 -17.54 4.88
C GLY A 36 -4.92 -16.17 4.74
N ASP A 37 -3.98 -15.86 5.60
CA ASP A 37 -3.32 -14.56 5.59
C ASP A 37 -2.05 -14.62 4.75
N ILE A 38 -1.74 -13.50 4.10
CA ILE A 38 -0.57 -13.44 3.23
C ILE A 38 0.69 -13.19 4.05
N SER A 39 1.80 -13.75 3.62
CA SER A 39 3.08 -13.59 4.29
C SER A 39 4.07 -12.88 3.35
N VAL A 40 5.32 -12.73 3.82
CA VAL A 40 6.36 -12.05 3.03
C VAL A 40 6.66 -12.81 1.74
N LYS A 41 6.41 -14.11 1.74
CA LYS A 41 6.63 -14.94 0.56
C LYS A 41 5.67 -14.54 -0.56
N GLU A 42 4.38 -14.68 -0.27
CA GLU A 42 3.34 -14.36 -1.22
C GLU A 42 3.39 -12.88 -1.63
N LEU A 43 3.57 -11.99 -0.65
CA LEU A 43 3.61 -10.56 -0.90
C LEU A 43 4.84 -10.20 -1.72
N GLY A 44 5.98 -10.74 -1.33
CA GLY A 44 7.22 -10.47 -2.02
C GLY A 44 7.14 -10.88 -3.47
N THR A 45 6.39 -11.93 -3.76
CA THR A 45 6.25 -12.42 -5.11
C THR A 45 5.56 -11.39 -6.00
N VAL A 46 4.43 -10.87 -5.52
CA VAL A 46 3.66 -9.90 -6.29
C VAL A 46 4.46 -8.62 -6.51
N MET A 47 5.03 -8.07 -5.44
CA MET A 47 5.75 -6.81 -5.54
C MET A 47 7.00 -6.93 -6.43
N ARG A 48 7.68 -8.08 -6.36
CA ARG A 48 8.88 -8.28 -7.18
C ARG A 48 8.49 -8.55 -8.62
N MET A 49 7.23 -8.90 -8.83
CA MET A 49 6.73 -9.18 -10.15
C MET A 49 6.65 -7.90 -11.00
N LEU A 50 6.50 -6.74 -10.35
CA LEU A 50 6.43 -5.48 -11.07
C LEU A 50 7.80 -5.02 -11.53
N GLY A 51 8.85 -5.53 -10.90
CA GLY A 51 10.20 -5.16 -11.28
C GLY A 51 11.11 -4.93 -10.10
N GLN A 52 10.55 -4.46 -9.00
CA GLN A 52 11.33 -4.21 -7.79
C GLN A 52 11.49 -5.50 -7.04
N THR A 53 12.71 -5.92 -6.89
CA THR A 53 12.99 -7.17 -6.23
C THR A 53 14.09 -6.99 -5.17
N PRO A 54 13.67 -6.60 -3.96
CA PRO A 54 14.58 -6.32 -2.86
C PRO A 54 14.86 -7.56 -2.00
N THR A 55 15.14 -7.32 -0.73
CA THR A 55 15.45 -8.35 0.23
C THR A 55 14.25 -8.61 1.14
N LYS A 56 14.28 -9.75 1.84
CA LYS A 56 13.24 -10.12 2.78
C LYS A 56 13.15 -9.09 3.89
N GLU A 57 14.30 -8.50 4.22
CA GLU A 57 14.40 -7.47 5.24
C GLU A 57 13.51 -6.27 4.89
N GLU A 58 13.46 -5.95 3.60
CA GLU A 58 12.68 -4.83 3.10
C GLU A 58 11.19 -5.14 3.21
N LEU A 59 10.83 -6.38 2.89
CA LEU A 59 9.44 -6.83 2.92
C LEU A 59 8.93 -6.81 4.35
N ASP A 60 9.71 -7.38 5.24
CA ASP A 60 9.37 -7.44 6.65
C ASP A 60 9.20 -6.04 7.24
N ALA A 61 10.12 -5.15 6.90
CA ALA A 61 10.14 -3.79 7.42
C ALA A 61 8.91 -2.99 6.98
N ILE A 62 8.52 -3.14 5.71
CA ILE A 62 7.39 -2.39 5.18
C ILE A 62 6.07 -2.93 5.74
N ILE A 63 6.01 -4.22 6.01
CA ILE A 63 4.80 -4.82 6.55
C ILE A 63 4.72 -4.56 8.06
N GLU A 64 5.88 -4.50 8.70
CA GLU A 64 5.97 -4.29 10.14
C GLU A 64 5.38 -2.93 10.55
N GLU A 65 5.72 -1.88 9.80
CA GLU A 65 5.27 -0.53 10.12
C GLU A 65 3.74 -0.39 10.05
N VAL A 66 3.10 -1.26 9.29
CA VAL A 66 1.65 -1.19 9.14
C VAL A 66 0.94 -2.26 9.97
N ASP A 67 1.65 -3.33 10.28
CA ASP A 67 1.07 -4.44 11.03
C ASP A 67 1.12 -4.17 12.54
N GLU A 68 0.02 -4.43 13.22
CA GLU A 68 -0.05 -4.18 14.66
C GLU A 68 -0.35 -5.45 15.46
N ASP A 69 -0.34 -6.60 14.82
CA ASP A 69 -0.61 -7.85 15.55
C ASP A 69 0.67 -8.63 15.83
N GLY A 70 1.81 -7.96 15.71
CA GLY A 70 3.10 -8.57 16.02
C GLY A 70 3.48 -9.63 15.02
N SER A 71 3.57 -9.24 13.76
CA SER A 71 3.85 -10.15 12.69
C SER A 71 3.84 -9.34 11.44
N GLY A 72 4.18 -9.95 10.37
CA GLY A 72 3.78 -9.37 9.15
C GLY A 72 2.76 -10.29 8.56
N THR A 73 1.57 -9.78 8.44
CA THR A 73 0.46 -10.53 7.92
C THR A 73 -0.44 -9.64 7.15
N ILE A 74 -0.94 -10.10 6.03
CA ILE A 74 -1.93 -9.34 5.33
C ILE A 74 -3.28 -10.03 5.50
N ASP A 75 -4.34 -9.27 5.41
CA ASP A 75 -5.68 -9.79 5.61
C ASP A 75 -6.64 -8.90 4.85
N PHE A 76 -7.93 -9.15 4.96
CA PHE A 76 -8.91 -8.34 4.25
C PHE A 76 -8.84 -6.89 4.71
N GLU A 77 -8.73 -6.69 6.02
CA GLU A 77 -8.62 -5.35 6.57
C GLU A 77 -7.18 -4.81 6.47
N GLU A 78 -6.21 -5.68 6.75
CA GLU A 78 -4.79 -5.29 6.68
C GLU A 78 -4.39 -4.92 5.24
N PHE A 79 -5.02 -5.56 4.26
CA PHE A 79 -4.75 -5.32 2.84
C PHE A 79 -5.09 -3.89 2.46
N LEU A 80 -6.23 -3.40 2.96
CA LEU A 80 -6.69 -2.06 2.66
C LEU A 80 -5.65 -1.01 3.07
N VAL A 81 -5.10 -1.17 4.26
CA VAL A 81 -4.11 -0.24 4.78
C VAL A 81 -2.87 -0.21 3.88
N MET A 82 -2.50 -1.38 3.35
CA MET A 82 -1.35 -1.50 2.44
C MET A 82 -1.55 -0.63 1.21
N MET A 83 -2.69 -0.77 0.59
CA MET A 83 -2.99 -0.04 -0.64
C MET A 83 -3.07 1.47 -0.39
N VAL A 84 -3.70 1.87 0.72
CA VAL A 84 -3.84 3.28 1.04
C VAL A 84 -2.51 3.91 1.42
N ARG A 85 -1.63 3.12 2.01
CA ARG A 85 -0.32 3.62 2.45
C ARG A 85 0.44 4.29 1.32
N GLN A 86 0.54 3.60 0.19
CA GLN A 86 1.29 4.11 -0.94
C GLN A 86 0.64 5.37 -1.50
N MET A 87 -0.67 5.33 -1.75
CA MET A 87 -1.39 6.47 -2.32
C MET A 87 -1.44 7.65 -1.34
N LYS A 88 -1.47 7.34 -0.05
CA LYS A 88 -1.55 8.37 0.99
C LYS A 88 -0.27 9.21 1.06
N GLU A 89 0.89 8.56 1.04
CA GLU A 89 2.14 9.30 1.13
C GLU A 89 2.56 9.85 -0.24
N ASP A 90 2.04 9.23 -1.30
CA ASP A 90 2.30 9.67 -2.67
C ASP A 90 1.67 11.04 -2.91
N ALA A 91 0.57 11.29 -2.20
CA ALA A 91 -0.15 12.54 -2.31
C ALA A 91 0.25 13.53 -1.21
N GLY A 92 1.14 13.10 -0.32
CA GLY A 92 1.54 13.95 0.77
C GLY A 92 3.01 13.81 1.11
N GLY A 93 3.29 13.50 2.37
CA GLY A 93 4.66 13.37 2.82
C GLY A 93 5.21 14.67 3.35
N ALA A 94 6.08 15.31 2.56
CA ALA A 94 6.72 16.59 2.91
C ALA A 94 7.55 16.48 4.19
N GLY A 95 8.81 16.10 4.03
CA GLY A 95 9.70 15.97 5.17
C GLY A 95 10.70 17.10 5.26
N GLY A 96 11.88 16.82 5.76
CA GLY A 96 12.91 17.83 5.88
C GLY A 96 14.28 17.28 5.55
N LYS A 97 15.28 18.18 5.54
CA LYS A 97 16.67 17.82 5.26
C LYS A 97 16.87 17.44 3.80
N LEU A 98 16.18 18.15 2.96
CA LEU A 98 16.29 17.97 1.51
C LEU A 98 17.35 18.91 0.96
N PHE A 99 17.90 19.74 1.84
CA PHE A 99 18.95 20.70 1.52
C PHE A 99 18.55 21.65 0.38
N ASP A 100 17.23 21.83 0.21
CA ASP A 100 16.67 22.72 -0.82
C ASP A 100 17.13 22.34 -2.21
N LEU A 101 17.51 21.08 -2.37
CA LEU A 101 18.02 20.57 -3.65
C LEU A 101 16.93 20.44 -4.70
N ARG A 102 16.56 21.58 -5.28
CA ARG A 102 15.59 21.71 -6.37
C ARG A 102 15.08 23.15 -6.45
N GLY A 103 14.49 23.59 -5.36
CA GLY A 103 13.94 24.91 -5.30
C GLY A 103 13.56 25.27 -3.88
N LYS A 104 12.64 26.20 -3.73
CA LYS A 104 12.23 26.64 -2.41
C LYS A 104 10.77 26.31 -2.11
N PHE A 105 10.02 25.98 -3.14
CA PHE A 105 8.62 25.65 -2.97
C PHE A 105 8.42 24.18 -2.68
N LYS A 106 8.82 23.34 -3.62
CA LYS A 106 8.65 21.87 -3.52
C LYS A 106 9.49 21.18 -4.57
N ARG A 107 9.48 19.85 -4.57
CA ARG A 107 10.23 19.08 -5.56
C ARG A 107 9.60 17.70 -5.74
N PRO A 108 9.76 17.12 -6.94
CA PRO A 108 9.25 15.77 -7.25
C PRO A 108 10.02 14.68 -6.50
N PRO A 109 9.47 13.45 -6.45
CA PRO A 109 10.10 12.33 -5.76
C PRO A 109 11.43 11.93 -6.37
N LEU A 110 11.46 11.94 -7.69
CA LEU A 110 12.66 11.60 -8.46
C LEU A 110 13.10 10.16 -8.17
N ARG A 111 12.10 9.31 -7.95
CA ARG A 111 12.36 7.93 -7.60
C ARG A 111 12.41 7.02 -8.81
N ARG A 112 13.44 6.19 -8.87
CA ARG A 112 13.61 5.23 -9.96
C ARG A 112 13.13 3.85 -9.50
N VAL A 113 12.48 3.81 -8.35
CA VAL A 113 12.01 2.56 -7.77
C VAL A 113 10.55 2.61 -7.43
N ARG A 114 10.26 3.28 -6.37
CA ARG A 114 8.91 3.40 -5.87
C ARG A 114 8.14 4.45 -6.68
N MET A 115 6.90 4.14 -7.02
CA MET A 115 6.07 5.06 -7.80
C MET A 115 4.68 5.17 -7.21
N SER A 116 3.84 5.97 -7.85
CA SER A 116 2.46 6.17 -7.40
C SER A 116 1.66 4.87 -7.40
N ALA A 117 0.72 4.78 -6.48
CA ALA A 117 -0.10 3.57 -6.32
C ALA A 117 -1.00 3.31 -7.53
N ASP A 118 -1.43 4.36 -8.21
CA ASP A 118 -2.31 4.20 -9.37
C ASP A 118 -1.56 3.54 -10.51
N ALA A 119 -0.32 3.94 -10.69
CA ALA A 119 0.53 3.34 -11.72
C ALA A 119 0.86 1.90 -11.34
N MET A 120 1.14 1.69 -10.04
CA MET A 120 1.42 0.36 -9.53
C MET A 120 0.25 -0.59 -9.78
N LEU A 121 -0.96 -0.18 -9.38
CA LEU A 121 -2.16 -1.00 -9.57
C LEU A 121 -2.36 -1.37 -11.01
N LYS A 122 -2.03 -0.44 -11.90
CA LYS A 122 -2.15 -0.69 -13.33
C LYS A 122 -1.22 -1.82 -13.76
N ALA A 123 -0.10 -1.94 -13.08
CA ALA A 123 0.86 -2.98 -13.37
C ALA A 123 0.42 -4.33 -12.77
N LEU A 124 -0.17 -4.28 -11.58
CA LEU A 124 -0.66 -5.50 -10.92
C LEU A 124 -1.82 -6.14 -11.70
N LEU A 125 -2.84 -5.35 -12.00
CA LEU A 125 -4.03 -5.88 -12.71
C LEU A 125 -3.87 -5.84 -14.21
N GLY A 126 -2.90 -5.09 -14.70
CA GLY A 126 -2.67 -5.00 -16.12
C GLY A 126 -3.78 -4.25 -16.85
N SER A 127 -4.70 -4.99 -17.43
CA SER A 127 -5.80 -4.39 -18.18
C SER A 127 -7.08 -4.34 -17.34
N LYS A 128 -7.07 -5.02 -16.20
CA LYS A 128 -8.26 -5.06 -15.34
C LYS A 128 -8.36 -3.82 -14.45
N HIS A 129 -7.31 -3.02 -14.44
CA HIS A 129 -7.29 -1.79 -13.64
C HIS A 129 -8.15 -0.72 -14.30
N LYS A 130 -8.93 -0.02 -13.52
CA LYS A 130 -9.82 1.01 -14.06
C LYS A 130 -9.97 2.20 -13.10
N VAL A 131 -9.78 1.97 -11.81
CA VAL A 131 -9.99 3.01 -10.82
C VAL A 131 -8.79 3.95 -10.70
N CYS A 132 -9.01 5.07 -10.05
CA CYS A 132 -7.97 6.04 -9.85
C CYS A 132 -7.76 6.27 -8.36
N MET A 133 -6.53 6.58 -7.97
CA MET A 133 -6.19 6.78 -6.57
C MET A 133 -6.53 8.20 -6.13
N ASP A 134 -7.68 8.36 -5.53
CA ASP A 134 -8.13 9.65 -5.07
C ASP A 134 -8.73 9.57 -3.68
N LEU A 135 -8.03 10.11 -2.71
CA LEU A 135 -8.52 10.21 -1.36
C LEU A 135 -8.42 11.64 -0.86
N ARG A 136 -9.33 12.04 -0.01
CA ARG A 136 -9.34 13.39 0.51
C ARG A 136 -9.05 13.38 2.00
N ALA A 137 -7.80 13.17 2.35
CA ALA A 137 -7.39 13.10 3.75
C ALA A 137 -5.89 13.26 3.88
N ASN A 138 -5.45 14.51 3.96
CA ASN A 138 -4.03 14.81 4.09
C ASN A 138 -3.83 16.24 4.56
N LEU A 139 -3.20 16.39 5.70
CA LEU A 139 -2.89 17.70 6.24
C LEU A 139 -1.39 17.81 6.48
N LYS A 140 -0.89 16.86 7.26
CA LYS A 140 0.53 16.76 7.56
C LYS A 140 0.79 15.48 8.32
N GLN A 141 1.88 14.81 7.99
CA GLN A 141 2.25 13.58 8.67
C GLN A 141 3.71 13.27 8.40
N VAL A 142 4.24 12.30 9.14
CA VAL A 142 5.61 11.88 8.96
C VAL A 142 5.78 10.48 9.50
N LYS A 143 6.85 9.82 9.11
CA LYS A 143 7.14 8.48 9.59
C LYS A 143 7.64 8.54 11.02
N LYS A 144 7.55 7.42 11.72
CA LYS A 144 8.01 7.36 13.10
C LYS A 144 9.52 7.27 13.15
N GLU A 145 10.08 7.67 14.29
CA GLU A 145 11.53 7.68 14.47
C GLU A 145 12.04 6.32 14.95
N ASP A 146 11.22 5.30 14.77
CA ASP A 146 11.58 3.96 15.19
C ASP A 146 12.15 3.17 14.02
N HIS A 147 13.45 3.03 14.00
CA HIS A 147 14.10 2.29 12.95
C HIS A 147 14.03 0.80 13.26
N HIS A 148 12.86 0.21 13.02
CA HIS A 148 12.65 -1.20 13.26
C HIS A 148 13.57 -2.02 12.38
N HIS A 149 14.22 -2.98 12.98
CA HIS A 149 15.21 -3.77 12.28
C HIS A 149 15.13 -5.24 12.66
N HIS A 150 15.21 -6.09 11.67
CA HIS A 150 15.19 -7.53 11.88
C HIS A 150 16.31 -8.20 11.11
N HIS A 151 16.96 -9.15 11.72
CA HIS A 151 18.04 -9.88 11.09
C HIS A 151 17.71 -11.36 11.00
N HIS A 152 16.48 -11.67 11.35
CA HIS A 152 16.01 -13.05 11.33
C HIS A 152 14.63 -13.10 10.71
#